data_4K2H
#
_entry.id   4K2H
#
_cell.length_a   179.662
_cell.length_b   113.751
_cell.length_c   175.710
_cell.angle_alpha   90.000
_cell.angle_beta   109.330
_cell.angle_gamma   90.000
#
_symmetry.space_group_name_H-M   'C 1 2 1'
#
loop_
_entity.id
_entity.type
_entity.pdbx_description
1 polymer 'Intracellular protease/amidase'
2 non-polymer 'ZINC ION'
3 water water
#
_entity_poly.entity_id   1
_entity_poly.type   'polypeptide(L)'
_entity_poly.pdbx_seq_one_letter_code
;SNAMKKVAVLLAPGFEEAEAIVTLDILRRLHIDVETLACAESRAVVSYHDIPMVADSTLSERQQALFDAVVLPGGPQGSA
NLAANPAVIAFVARHDAAGKLICPIASAAARVLGAHGLLKGRRYVCSGDLWKAVPEGVYVDAPVVEDGNLISGKGLGHVF
DFALTLSARLLGDDAPVREQAEHIYYPW
;
_entity_poly.pdbx_strand_id   A,B,C,D,E,F,G,H,I,J,K,L,M,N
#
loop_
_chem_comp.id
_chem_comp.type
_chem_comp.name
_chem_comp.formula
ZN non-polymer 'ZINC ION' 'Zn 2'
#
# COMPACT_ATOMS: atom_id res chain seq x y z
N MET A 4 -44.32 -52.10 21.38
CA MET A 4 -42.94 -52.17 21.89
C MET A 4 -42.89 -52.91 23.22
N LYS A 5 -41.96 -53.85 23.33
CA LYS A 5 -41.88 -54.73 24.47
C LYS A 5 -41.15 -54.08 25.65
N LYS A 6 -41.45 -54.56 26.87
CA LYS A 6 -40.83 -54.06 28.13
C LYS A 6 -40.19 -55.17 28.96
N VAL A 7 -38.96 -54.95 29.41
CA VAL A 7 -38.24 -55.90 30.22
C VAL A 7 -37.82 -55.25 31.54
N ALA A 8 -38.03 -55.96 32.64
CA ALA A 8 -37.53 -55.59 33.97
C ALA A 8 -36.27 -56.41 34.31
N VAL A 9 -35.21 -55.73 34.73
CA VAL A 9 -34.00 -56.43 35.18
C VAL A 9 -33.91 -56.17 36.66
N LEU A 10 -33.96 -57.22 37.45
CA LEU A 10 -33.96 -57.05 38.90
C LEU A 10 -32.54 -56.97 39.41
N LEU A 11 -32.27 -55.96 40.21
CA LEU A 11 -30.94 -55.71 40.72
C LEU A 11 -30.90 -55.76 42.25
N ALA A 12 -30.47 -56.87 42.81
CA ALA A 12 -30.31 -56.96 44.27
C ALA A 12 -28.84 -56.68 44.65
N PRO A 13 -28.56 -56.40 45.93
CA PRO A 13 -27.14 -56.16 46.28
C PRO A 13 -26.33 -57.38 45.95
N GLY A 14 -25.18 -57.19 45.29
CA GLY A 14 -24.39 -58.33 44.84
C GLY A 14 -24.75 -58.96 43.50
N PHE A 15 -25.64 -58.35 42.75
CA PHE A 15 -26.01 -58.83 41.42
C PHE A 15 -24.78 -58.91 40.55
N GLU A 16 -24.72 -59.92 39.66
CA GLU A 16 -23.61 -60.10 38.79
C GLU A 16 -23.77 -59.07 37.68
N GLU A 17 -22.89 -58.06 37.67
CA GLU A 17 -23.04 -56.94 36.77
C GLU A 17 -22.83 -57.28 35.32
N ALA A 18 -21.91 -58.18 35.05
CA ALA A 18 -21.61 -58.52 33.67
C ALA A 18 -22.83 -59.20 33.02
N GLU A 19 -23.49 -60.08 33.77
CA GLU A 19 -24.65 -60.81 33.28
C GLU A 19 -25.79 -59.85 32.96
N ALA A 20 -26.13 -59.01 33.95
CA ALA A 20 -27.12 -58.00 33.83
C ALA A 20 -26.81 -56.94 32.77
N ILE A 21 -25.59 -56.43 32.77
CA ILE A 21 -25.29 -55.33 31.84
C ILE A 21 -25.24 -55.77 30.37
N VAL A 22 -24.69 -56.96 30.07
CA VAL A 22 -24.67 -57.42 28.67
C VAL A 22 -26.11 -57.61 28.21
N THR A 23 -26.99 -58.17 29.06
CA THR A 23 -28.36 -58.43 28.66
C THR A 23 -29.07 -57.11 28.40
N LEU A 24 -28.83 -56.15 29.29
CA LEU A 24 -29.42 -54.86 29.14
C LEU A 24 -28.93 -54.16 27.86
N ASP A 25 -27.64 -54.23 27.62
CA ASP A 25 -27.07 -53.62 26.42
C ASP A 25 -27.72 -54.23 25.14
N ILE A 26 -27.81 -55.55 25.09
CA ILE A 26 -28.36 -56.19 23.88
C ILE A 26 -29.80 -55.74 23.66
N LEU A 27 -30.61 -55.85 24.71
CA LEU A 27 -32.01 -55.46 24.65
C LEU A 27 -32.15 -54.00 24.19
N ARG A 28 -31.36 -53.11 24.76
CA ARG A 28 -31.47 -51.70 24.43
C ARG A 28 -30.93 -51.39 23.03
N ARG A 29 -30.00 -52.18 22.51
CA ARG A 29 -29.56 -52.00 21.11
C ARG A 29 -30.71 -52.26 20.16
N LEU A 30 -31.57 -53.21 20.52
CA LEU A 30 -32.77 -53.53 19.74
C LEU A 30 -33.96 -52.67 20.10
N HIS A 31 -33.72 -51.54 20.78
CA HIS A 31 -34.78 -50.63 21.19
C HIS A 31 -35.93 -51.33 21.92
N ILE A 32 -35.66 -52.48 22.55
CA ILE A 32 -36.58 -53.05 23.53
C ILE A 32 -36.50 -52.20 24.80
N ASP A 33 -37.64 -51.79 25.34
CA ASP A 33 -37.69 -51.01 26.59
C ASP A 33 -37.17 -51.83 27.76
N VAL A 34 -36.18 -51.29 28.47
CA VAL A 34 -35.62 -51.96 29.66
C VAL A 34 -35.74 -51.04 30.88
N GLU A 35 -36.22 -51.57 32.00
CA GLU A 35 -36.15 -50.89 33.30
C GLU A 35 -35.38 -51.72 34.30
N THR A 36 -34.30 -51.17 34.82
CA THR A 36 -33.60 -51.80 35.94
C THR A 36 -34.40 -51.48 37.21
N LEU A 37 -34.68 -52.49 38.01
CA LEU A 37 -35.41 -52.31 39.22
C LEU A 37 -34.60 -52.83 40.39
N ALA A 38 -34.37 -51.97 41.38
CA ALA A 38 -33.80 -52.39 42.64
C ALA A 38 -34.88 -53.01 43.50
N CYS A 39 -34.51 -53.83 44.46
CA CYS A 39 -35.53 -54.67 45.11
C CYS A 39 -35.98 -54.27 46.50
N ALA A 40 -35.24 -53.41 47.16
CA ALA A 40 -35.67 -52.95 48.46
C ALA A 40 -35.81 -51.42 48.40
N GLU A 41 -35.25 -50.71 49.36
CA GLU A 41 -35.60 -49.29 49.60
C GLU A 41 -34.66 -48.28 48.91
N SER A 42 -33.80 -48.76 48.03
CA SER A 42 -32.71 -47.94 47.54
C SER A 42 -32.61 -48.07 46.02
N ARG A 43 -32.30 -46.99 45.32
CA ARG A 43 -32.06 -47.05 43.89
C ARG A 43 -30.62 -47.33 43.53
N ALA A 44 -29.70 -46.90 44.38
CA ALA A 44 -28.29 -47.26 44.20
C ALA A 44 -28.10 -48.69 44.64
N VAL A 45 -27.43 -49.49 43.82
CA VAL A 45 -27.17 -50.89 44.19
C VAL A 45 -25.76 -51.25 43.79
N VAL A 46 -25.04 -51.91 44.68
CA VAL A 46 -23.67 -52.29 44.40
C VAL A 46 -23.57 -53.75 43.92
N SER A 47 -22.97 -53.95 42.76
CA SER A 47 -22.85 -55.28 42.14
C SER A 47 -21.84 -56.18 42.85
N TYR A 48 -21.85 -57.45 42.44
CA TYR A 48 -20.90 -58.47 42.92
C TYR A 48 -19.45 -57.99 42.85
N HIS A 49 -19.05 -57.47 41.70
CA HIS A 49 -17.70 -56.92 41.51
C HIS A 49 -17.60 -55.41 41.77
N ASP A 50 -18.38 -54.94 42.73
CA ASP A 50 -18.28 -53.63 43.34
C ASP A 50 -18.54 -52.44 42.45
N ILE A 51 -19.47 -52.55 41.53
CA ILE A 51 -19.83 -51.38 40.75
C ILE A 51 -21.15 -50.86 41.24
N PRO A 52 -21.18 -49.60 41.69
CA PRO A 52 -22.45 -49.08 42.11
C PRO A 52 -23.17 -48.53 40.90
N MET A 53 -24.44 -48.84 40.84
CA MET A 53 -25.30 -48.42 39.74
C MET A 53 -26.62 -47.91 40.25
N VAL A 54 -27.14 -46.91 39.58
CA VAL A 54 -28.43 -46.41 39.94
C VAL A 54 -29.49 -47.10 39.07
N ALA A 55 -30.30 -47.96 39.68
CA ALA A 55 -31.49 -48.51 39.00
C ALA A 55 -32.48 -47.46 38.49
N ASP A 56 -33.16 -47.79 37.42
CA ASP A 56 -34.21 -46.89 36.91
C ASP A 56 -35.33 -46.67 37.94
N SER A 57 -35.68 -47.72 38.67
CA SER A 57 -36.77 -47.59 39.63
C SER A 57 -36.65 -48.72 40.64
N THR A 58 -37.73 -48.99 41.36
CA THR A 58 -37.73 -50.01 42.39
C THR A 58 -38.93 -50.87 42.22
N LEU A 59 -38.86 -52.05 42.81
CA LEU A 59 -39.94 -53.01 42.76
C LEU A 59 -41.17 -52.43 43.40
N SER A 60 -40.95 -51.66 44.47
CA SER A 60 -42.05 -51.04 45.22
C SER A 60 -42.89 -50.07 44.38
N GLU A 61 -42.31 -49.50 43.33
CA GLU A 61 -43.05 -48.65 42.38
C GLU A 61 -43.67 -49.41 41.20
N ARG A 62 -43.55 -50.73 41.16
CA ARG A 62 -43.99 -51.47 39.99
C ARG A 62 -44.86 -52.65 40.34
N GLN A 63 -45.61 -52.55 41.42
CA GLN A 63 -46.31 -53.73 41.90
C GLN A 63 -47.46 -54.19 41.02
N GLN A 64 -48.09 -53.26 40.29
CA GLN A 64 -49.14 -53.62 39.31
C GLN A 64 -48.66 -53.57 37.85
N ALA A 65 -47.38 -53.26 37.66
CA ALA A 65 -46.81 -53.20 36.32
C ALA A 65 -46.57 -54.62 35.85
N LEU A 66 -46.76 -54.83 34.57
CA LEU A 66 -46.67 -56.15 34.01
C LEU A 66 -45.75 -56.07 32.80
N PHE A 67 -44.53 -56.51 33.01
CA PHE A 67 -43.49 -56.54 31.99
C PHE A 67 -43.65 -57.78 31.13
N ASP A 68 -43.11 -57.73 29.93
CA ASP A 68 -43.13 -58.87 29.02
C ASP A 68 -42.06 -59.87 29.39
N ALA A 69 -41.00 -59.40 30.05
CA ALA A 69 -39.97 -60.29 30.57
C ALA A 69 -39.37 -59.76 31.85
N VAL A 70 -38.93 -60.69 32.67
CA VAL A 70 -38.20 -60.37 33.92
C VAL A 70 -36.88 -61.11 33.93
N VAL A 71 -35.80 -60.36 33.87
CA VAL A 71 -34.46 -60.94 33.96
C VAL A 71 -34.00 -61.04 35.40
N LEU A 72 -33.53 -62.22 35.78
CA LEU A 72 -33.01 -62.47 37.13
C LEU A 72 -31.52 -62.77 37.03
N PRO A 73 -30.67 -61.76 37.22
CA PRO A 73 -29.22 -62.00 37.19
C PRO A 73 -28.76 -62.90 38.32
N GLY A 74 -27.55 -63.41 38.22
CA GLY A 74 -26.94 -64.21 39.26
C GLY A 74 -26.09 -63.37 40.16
N GLY A 75 -24.94 -63.94 40.53
CA GLY A 75 -24.11 -63.45 41.63
C GLY A 75 -24.46 -64.15 42.94
N PRO A 76 -23.45 -64.58 43.71
CA PRO A 76 -23.76 -65.42 44.88
C PRO A 76 -24.64 -64.72 45.90
N GLN A 77 -24.30 -63.49 46.28
CA GLN A 77 -25.20 -62.71 47.14
C GLN A 77 -26.37 -62.15 46.37
N GLY A 78 -26.22 -61.86 45.10
CA GLY A 78 -27.32 -61.29 44.36
C GLY A 78 -28.49 -62.25 44.38
N SER A 79 -28.23 -63.51 44.06
CA SER A 79 -29.31 -64.45 43.94
C SER A 79 -29.86 -64.82 45.35
N ALA A 80 -28.99 -64.89 46.36
CA ALA A 80 -29.47 -65.06 47.74
C ALA A 80 -30.34 -63.89 48.18
N ASN A 81 -29.97 -62.67 47.81
CA ASN A 81 -30.76 -61.52 48.20
C ASN A 81 -32.08 -61.45 47.41
N LEU A 82 -32.07 -61.82 46.14
CA LEU A 82 -33.38 -61.97 45.42
C LEU A 82 -34.29 -62.96 46.14
N ALA A 83 -33.72 -64.13 46.48
CA ALA A 83 -34.51 -65.24 47.04
C ALA A 83 -35.10 -64.91 48.42
N ALA A 84 -34.42 -64.06 49.18
CA ALA A 84 -34.85 -63.70 50.53
C ALA A 84 -35.89 -62.60 50.57
N ASN A 85 -36.25 -62.07 49.42
CA ASN A 85 -37.10 -60.90 49.34
C ASN A 85 -38.52 -61.23 48.87
N PRO A 86 -39.53 -61.05 49.74
CA PRO A 86 -40.87 -61.47 49.36
C PRO A 86 -41.47 -60.65 48.23
N ALA A 87 -41.05 -59.40 48.08
CA ALA A 87 -41.50 -58.60 46.97
C ALA A 87 -40.99 -59.15 45.65
N VAL A 88 -39.78 -59.71 45.66
CA VAL A 88 -39.26 -60.40 44.48
C VAL A 88 -40.09 -61.65 44.16
N ILE A 89 -40.35 -62.46 45.17
CA ILE A 89 -41.11 -63.69 44.96
C ILE A 89 -42.50 -63.32 44.39
N ALA A 90 -43.17 -62.32 44.98
CA ALA A 90 -44.49 -61.90 44.47
C ALA A 90 -44.45 -61.38 43.04
N PHE A 91 -43.42 -60.61 42.72
CA PHE A 91 -43.27 -60.03 41.39
C PHE A 91 -43.06 -61.10 40.34
N VAL A 92 -42.16 -62.02 40.63
CA VAL A 92 -41.92 -63.16 39.75
C VAL A 92 -43.15 -64.08 39.65
N ALA A 93 -43.86 -64.31 40.75
CA ALA A 93 -44.94 -65.29 40.71
C ALA A 93 -46.05 -64.76 39.83
N ARG A 94 -46.35 -63.48 40.00
CA ARG A 94 -47.39 -62.83 39.25
C ARG A 94 -47.12 -62.85 37.74
N HIS A 95 -45.90 -62.49 37.37
CA HIS A 95 -45.50 -62.50 35.96
C HIS A 95 -45.54 -63.92 35.42
N ASP A 96 -45.12 -64.88 36.22
CA ASP A 96 -45.10 -66.25 35.77
C ASP A 96 -46.54 -66.69 35.48
N ALA A 97 -47.47 -66.36 36.36
CA ALA A 97 -48.84 -66.85 36.23
C ALA A 97 -49.56 -66.17 35.06
N ALA A 98 -49.07 -64.99 34.65
CA ALA A 98 -49.62 -64.30 33.49
C ALA A 98 -48.92 -64.70 32.18
N GLY A 99 -48.12 -65.77 32.21
CA GLY A 99 -47.38 -66.23 31.03
C GLY A 99 -46.22 -65.34 30.58
N LYS A 100 -45.79 -64.35 31.37
CA LYS A 100 -44.66 -63.52 30.93
C LYS A 100 -43.35 -64.31 31.05
N LEU A 101 -42.32 -63.83 30.34
CA LEU A 101 -41.03 -64.53 30.34
C LEU A 101 -40.23 -64.31 31.66
N ILE A 102 -39.81 -65.42 32.25
CA ILE A 102 -38.97 -65.41 33.44
C ILE A 102 -37.62 -65.91 33.00
N CYS A 103 -36.62 -65.06 33.20
CA CYS A 103 -35.35 -65.24 32.55
C CYS A 103 -34.21 -65.15 33.55
N PRO A 104 -33.96 -66.25 34.26
CA PRO A 104 -32.82 -66.38 35.14
C PRO A 104 -31.55 -66.77 34.44
N ILE A 105 -30.45 -66.23 34.95
CA ILE A 105 -29.15 -66.62 34.49
C ILE A 105 -28.26 -67.07 35.64
N ALA A 106 -27.42 -68.05 35.32
CA ALA A 106 -26.35 -68.49 36.23
C ALA A 106 -26.94 -69.08 37.52
N SER A 107 -26.58 -68.58 38.70
CA SER A 107 -27.11 -69.18 39.93
C SER A 107 -28.63 -69.01 40.15
N ALA A 108 -29.26 -68.08 39.42
CA ALA A 108 -30.59 -67.55 39.79
C ALA A 108 -31.75 -68.55 39.62
N ALA A 109 -31.63 -69.46 38.66
CA ALA A 109 -32.66 -70.50 38.53
C ALA A 109 -32.68 -71.44 39.75
N ALA A 110 -31.52 -71.83 40.24
CA ALA A 110 -31.47 -72.70 41.40
C ALA A 110 -31.85 -71.92 42.66
N ARG A 111 -31.18 -70.78 42.87
CA ARG A 111 -31.29 -70.01 44.13
C ARG A 111 -32.56 -69.24 44.29
N VAL A 112 -33.18 -68.80 43.21
CA VAL A 112 -34.38 -67.99 43.34
C VAL A 112 -35.62 -68.83 43.06
N LEU A 113 -35.65 -69.52 41.93
CA LEU A 113 -36.85 -70.26 41.57
C LEU A 113 -36.85 -71.65 42.21
N GLY A 114 -35.76 -72.39 42.06
CA GLY A 114 -35.67 -73.77 42.57
C GLY A 114 -35.72 -73.83 44.08
N ALA A 115 -34.94 -72.97 44.73
CA ALA A 115 -34.94 -72.89 46.20
C ALA A 115 -36.31 -72.49 46.80
N HIS A 116 -37.28 -72.16 45.96
CA HIS A 116 -38.62 -71.84 46.44
C HIS A 116 -39.68 -72.74 45.86
N GLY A 117 -39.25 -73.74 45.09
CA GLY A 117 -40.17 -74.68 44.47
C GLY A 117 -40.99 -74.09 43.36
N LEU A 118 -40.44 -73.11 42.63
CA LEU A 118 -41.22 -72.36 41.64
C LEU A 118 -40.85 -72.71 40.21
N LEU A 119 -40.09 -73.79 40.03
CA LEU A 119 -39.70 -74.20 38.67
C LEU A 119 -40.83 -74.92 37.94
N LYS A 120 -41.75 -75.52 38.69
CA LYS A 120 -42.98 -76.13 38.14
C LYS A 120 -42.65 -77.29 37.24
N GLY A 121 -41.65 -78.07 37.64
CA GLY A 121 -41.16 -79.19 36.83
C GLY A 121 -40.43 -78.77 35.56
N ARG A 122 -40.20 -77.48 35.33
CA ARG A 122 -39.68 -77.08 34.02
C ARG A 122 -38.22 -77.38 33.82
N ARG A 123 -37.84 -77.49 32.55
CA ARG A 123 -36.43 -77.63 32.17
C ARG A 123 -35.72 -76.30 32.33
N TYR A 124 -34.50 -76.32 32.84
CA TYR A 124 -33.75 -75.13 33.18
C TYR A 124 -32.27 -75.48 33.26
N VAL A 125 -31.44 -74.46 33.20
CA VAL A 125 -30.01 -74.57 33.46
C VAL A 125 -29.61 -73.54 34.50
N CYS A 126 -28.51 -73.80 35.17
CA CYS A 126 -27.97 -72.88 36.12
C CYS A 126 -26.47 -73.14 36.13
N SER A 127 -25.73 -72.36 36.89
CA SER A 127 -24.27 -72.51 36.97
C SER A 127 -23.88 -73.68 37.87
N GLY A 128 -22.65 -74.15 37.74
CA GLY A 128 -22.06 -75.12 38.66
C GLY A 128 -22.95 -76.34 38.92
N ASP A 129 -22.87 -76.85 40.15
CA ASP A 129 -23.60 -78.06 40.56
C ASP A 129 -24.78 -77.73 41.50
N LEU A 130 -25.30 -76.50 41.40
CA LEU A 130 -26.38 -76.00 42.27
C LEU A 130 -27.71 -76.71 42.02
N TRP A 131 -27.87 -77.20 40.80
CA TRP A 131 -29.00 -78.06 40.42
C TRP A 131 -29.17 -79.32 41.27
N LYS A 132 -28.06 -79.79 41.87
CA LYS A 132 -28.07 -81.00 42.72
C LYS A 132 -28.91 -80.84 43.99
N ALA A 133 -29.01 -79.62 44.51
CA ALA A 133 -29.86 -79.31 45.67
C ALA A 133 -31.26 -78.84 45.28
N VAL A 134 -31.57 -78.82 44.00
CA VAL A 134 -32.85 -78.31 43.54
C VAL A 134 -33.83 -79.47 43.33
N PRO A 135 -34.88 -79.52 44.17
CA PRO A 135 -35.65 -80.74 44.26
C PRO A 135 -36.64 -80.98 43.11
N GLU A 136 -37.20 -79.92 42.52
CA GLU A 136 -38.34 -80.10 41.57
C GLU A 136 -38.23 -79.43 40.19
N GLY A 137 -37.04 -79.33 39.62
CA GLY A 137 -36.92 -78.90 38.24
C GLY A 137 -36.26 -80.00 37.46
N VAL A 138 -36.13 -79.81 36.15
CA VAL A 138 -35.30 -80.72 35.33
C VAL A 138 -34.08 -80.01 34.75
N TYR A 139 -32.92 -80.24 35.37
CA TYR A 139 -31.68 -79.63 34.91
C TYR A 139 -31.28 -80.14 33.53
N VAL A 140 -31.04 -79.22 32.60
CA VAL A 140 -30.46 -79.55 31.29
C VAL A 140 -29.15 -78.77 31.17
N ASP A 141 -28.09 -79.44 30.74
CA ASP A 141 -26.80 -78.76 30.56
C ASP A 141 -26.72 -78.22 29.16
N ALA A 142 -27.23 -77.01 28.96
CA ALA A 142 -27.08 -76.28 27.71
C ALA A 142 -26.84 -74.79 28.00
N PRO A 143 -26.23 -74.06 27.04
CA PRO A 143 -26.00 -72.63 27.19
C PRO A 143 -27.26 -71.85 27.57
N VAL A 144 -28.33 -72.15 26.84
CA VAL A 144 -29.61 -71.53 27.02
C VAL A 144 -30.68 -72.62 26.90
N VAL A 145 -31.58 -72.67 27.86
CA VAL A 145 -32.68 -73.62 27.88
C VAL A 145 -33.97 -72.84 27.83
N GLU A 146 -34.90 -73.27 26.98
CA GLU A 146 -36.24 -72.68 26.92
C GLU A 146 -37.31 -73.71 27.19
N ASP A 147 -38.24 -73.37 28.07
CA ASP A 147 -39.36 -74.25 28.35
C ASP A 147 -40.53 -73.42 28.73
N GLY A 148 -41.47 -73.24 27.78
CA GLY A 148 -42.61 -72.36 27.97
C GLY A 148 -42.14 -70.93 28.13
N ASN A 149 -42.54 -70.27 29.21
CA ASN A 149 -42.15 -68.88 29.45
C ASN A 149 -40.87 -68.74 30.34
N LEU A 150 -40.16 -69.85 30.53
CA LEU A 150 -38.93 -69.86 31.31
C LEU A 150 -37.76 -69.99 30.36
N ILE A 151 -36.94 -68.93 30.31
CA ILE A 151 -35.73 -68.89 29.50
C ILE A 151 -34.55 -68.71 30.45
N SER A 152 -33.71 -69.74 30.57
CA SER A 152 -32.59 -69.72 31.50
C SER A 152 -31.28 -69.71 30.75
N GLY A 153 -30.25 -69.18 31.41
CA GLY A 153 -28.93 -68.96 30.82
C GLY A 153 -27.97 -69.62 31.78
N LYS A 154 -26.97 -70.31 31.26
CA LYS A 154 -26.11 -71.12 32.10
C LYS A 154 -25.12 -70.32 32.92
N GLY A 155 -24.51 -69.33 32.31
CA GLY A 155 -23.57 -68.48 33.03
C GLY A 155 -23.02 -67.37 32.13
N LEU A 156 -22.09 -66.58 32.67
CA LEU A 156 -21.58 -65.39 32.01
C LEU A 156 -21.01 -65.66 30.63
N GLY A 157 -20.33 -66.79 30.46
CA GLY A 157 -19.78 -67.14 29.16
C GLY A 157 -20.84 -67.25 28.10
N HIS A 158 -22.07 -67.48 28.49
CA HIS A 158 -23.14 -67.67 27.49
C HIS A 158 -24.14 -66.53 27.46
N VAL A 159 -23.78 -65.38 28.02
CA VAL A 159 -24.72 -64.28 28.20
C VAL A 159 -25.22 -63.69 26.88
N PHE A 160 -24.37 -63.65 25.86
CA PHE A 160 -24.81 -63.14 24.55
C PHE A 160 -25.90 -64.03 23.99
N ASP A 161 -25.68 -65.34 24.05
CA ASP A 161 -26.67 -66.28 23.55
CA ASP A 161 -26.66 -66.32 23.58
C ASP A 161 -27.99 -66.11 24.30
N PHE A 162 -27.90 -65.99 25.62
CA PHE A 162 -29.07 -65.77 26.49
C PHE A 162 -29.83 -64.51 26.10
N ALA A 163 -29.09 -63.41 25.97
CA ALA A 163 -29.68 -62.12 25.63
C ALA A 163 -30.29 -62.10 24.22
N LEU A 164 -29.56 -62.65 23.24
CA LEU A 164 -30.09 -62.67 21.87
C LEU A 164 -31.34 -63.56 21.80
N THR A 165 -31.31 -64.71 22.45
CA THR A 165 -32.47 -65.60 22.47
C THR A 165 -33.68 -64.96 23.13
N LEU A 166 -33.47 -64.36 24.28
CA LEU A 166 -34.53 -63.60 24.92
C LEU A 166 -35.09 -62.56 23.95
N SER A 167 -34.19 -61.80 23.31
CA SER A 167 -34.62 -60.71 22.44
C SER A 167 -35.47 -61.23 21.27
N ALA A 168 -35.01 -62.32 20.68
CA ALA A 168 -35.64 -62.89 19.52
C ALA A 168 -37.04 -63.35 19.91
N ARG A 169 -37.14 -63.99 21.06
CA ARG A 169 -38.44 -64.36 21.59
C ARG A 169 -39.38 -63.15 21.83
N LEU A 170 -38.86 -62.09 22.45
CA LEU A 170 -39.64 -60.85 22.63
C LEU A 170 -40.07 -60.20 21.31
N LEU A 171 -39.19 -60.24 20.31
CA LEU A 171 -39.48 -59.60 19.03
C LEU A 171 -40.27 -60.50 18.08
N GLY A 172 -40.28 -61.80 18.34
CA GLY A 172 -40.95 -62.79 17.48
C GLY A 172 -40.34 -62.84 16.10
N ASP A 173 -39.03 -62.67 16.01
CA ASP A 173 -38.34 -62.48 14.74
C ASP A 173 -36.82 -62.44 14.98
N ASP A 174 -36.11 -63.41 14.43
CA ASP A 174 -34.66 -63.49 14.53
C ASP A 174 -33.91 -62.41 13.74
N ALA A 175 -34.48 -61.89 12.67
CA ALA A 175 -33.71 -61.08 11.71
C ALA A 175 -33.08 -59.83 12.32
N PRO A 176 -33.88 -59.04 13.06
CA PRO A 176 -33.26 -57.86 13.65
C PRO A 176 -32.21 -58.25 14.71
N VAL A 177 -32.45 -59.38 15.38
CA VAL A 177 -31.52 -59.91 16.37
C VAL A 177 -30.19 -60.31 15.74
N ARG A 178 -30.24 -61.25 14.79
CA ARG A 178 -29.07 -61.66 14.02
C ARG A 178 -28.31 -60.46 13.44
N GLU A 179 -29.05 -59.45 13.02
CA GLU A 179 -28.43 -58.25 12.48
C GLU A 179 -27.64 -57.48 13.54
N GLN A 180 -28.15 -57.42 14.77
CA GLN A 180 -27.41 -56.78 15.87
C GLN A 180 -26.20 -57.60 16.27
N ALA A 181 -26.38 -58.90 16.41
CA ALA A 181 -25.28 -59.83 16.63
C ALA A 181 -24.18 -59.67 15.56
N GLU A 182 -24.59 -59.53 14.30
CA GLU A 182 -23.61 -59.24 13.27
C GLU A 182 -22.90 -57.90 13.53
N HIS A 183 -23.66 -56.85 13.87
CA HIS A 183 -23.11 -55.51 14.10
C HIS A 183 -22.04 -55.47 15.24
N ILE A 184 -22.19 -56.32 16.25
CA ILE A 184 -21.23 -56.39 17.36
C ILE A 184 -20.27 -57.57 17.23
N TYR A 185 -20.37 -58.30 16.11
CA TYR A 185 -19.41 -59.35 15.77
C TYR A 185 -19.55 -60.57 16.66
N TYR A 186 -20.78 -60.89 17.05
CA TYR A 186 -21.04 -62.12 17.77
C TYR A 186 -21.74 -63.15 16.87
N PRO A 187 -21.10 -64.32 16.61
CA PRO A 187 -21.75 -65.34 15.80
C PRO A 187 -22.98 -65.95 16.50
N TRP A 188 -24.15 -65.79 15.88
CA TRP A 188 -25.45 -66.23 16.43
C TRP A 188 -26.43 -66.48 15.26
N MET B 4 1.57 -57.28 42.45
CA MET B 4 0.13 -57.26 42.01
C MET B 4 -0.15 -56.07 41.08
N LYS B 5 -0.76 -56.36 39.95
CA LYS B 5 -0.93 -55.42 38.86
C LYS B 5 -2.12 -54.50 39.08
N LYS B 6 -2.06 -53.29 38.55
CA LYS B 6 -3.27 -52.48 38.55
C LYS B 6 -3.66 -51.92 37.18
N VAL B 7 -4.96 -51.86 36.97
CA VAL B 7 -5.54 -51.42 35.70
C VAL B 7 -6.48 -50.25 35.90
N ALA B 8 -6.41 -49.27 35.01
CA ALA B 8 -7.30 -48.14 35.05
C ALA B 8 -8.27 -48.34 33.91
N VAL B 9 -9.56 -48.30 34.19
CA VAL B 9 -10.57 -48.28 33.15
C VAL B 9 -11.15 -46.88 33.14
N LEU B 10 -10.98 -46.16 32.03
CA LEU B 10 -11.47 -44.80 31.94
C LEU B 10 -12.93 -44.75 31.49
N LEU B 11 -13.75 -44.01 32.26
CA LEU B 11 -15.16 -43.88 32.00
C LEU B 11 -15.49 -42.42 31.72
N ALA B 12 -15.66 -42.06 30.46
CA ALA B 12 -16.12 -40.73 30.09
C ALA B 12 -17.64 -40.81 29.86
N PRO B 13 -18.32 -39.66 29.87
CA PRO B 13 -19.75 -39.66 29.54
C PRO B 13 -20.03 -40.44 28.27
N GLY B 14 -20.95 -41.39 28.35
CA GLY B 14 -21.32 -42.16 27.19
C GLY B 14 -20.51 -43.40 26.87
N PHE B 15 -19.64 -43.82 27.79
CA PHE B 15 -18.91 -45.04 27.66
C PHE B 15 -19.86 -46.22 27.40
N GLU B 16 -19.41 -47.12 26.55
CA GLU B 16 -20.10 -48.35 26.31
C GLU B 16 -19.92 -49.17 27.57
N GLU B 17 -20.98 -49.33 28.35
CA GLU B 17 -20.88 -50.05 29.62
C GLU B 17 -20.62 -51.53 29.46
N ALA B 18 -21.08 -52.16 28.39
CA ALA B 18 -20.88 -53.61 28.26
C ALA B 18 -19.42 -54.00 28.10
N GLU B 19 -18.69 -53.21 27.33
CA GLU B 19 -17.31 -53.51 26.99
C GLU B 19 -16.46 -53.33 28.26
N ALA B 20 -16.65 -52.17 28.88
CA ALA B 20 -16.01 -51.85 30.15
C ALA B 20 -16.35 -52.82 31.28
N ILE B 21 -17.62 -53.15 31.47
CA ILE B 21 -18.04 -53.99 32.61
C ILE B 21 -17.55 -55.42 32.48
N VAL B 22 -17.61 -55.98 31.29
CA VAL B 22 -17.16 -57.35 31.14
C VAL B 22 -15.66 -57.39 31.39
N THR B 23 -14.92 -56.43 30.85
CA THR B 23 -13.45 -56.43 30.98
C THR B 23 -13.15 -56.34 32.45
N LEU B 24 -13.85 -55.41 33.11
CA LEU B 24 -13.67 -55.23 34.53
C LEU B 24 -14.05 -56.48 35.32
N ASP B 25 -15.19 -57.06 35.00
CA ASP B 25 -15.61 -58.31 35.68
C ASP B 25 -14.52 -59.37 35.62
N ILE B 26 -13.93 -59.53 34.43
CA ILE B 26 -12.90 -60.55 34.19
C ILE B 26 -11.62 -60.26 35.01
N LEU B 27 -11.16 -59.03 34.93
CA LEU B 27 -9.96 -58.63 35.72
C LEU B 27 -10.20 -58.85 37.22
N ARG B 28 -11.39 -58.55 37.67
CA ARG B 28 -11.64 -58.59 39.13
C ARG B 28 -11.87 -60.02 39.60
N ARG B 29 -12.39 -60.90 38.74
CA ARG B 29 -12.38 -62.35 39.04
C ARG B 29 -10.95 -62.88 39.30
N LEU B 30 -9.96 -62.30 38.63
CA LEU B 30 -8.58 -62.74 38.77
C LEU B 30 -7.85 -61.99 39.88
N HIS B 31 -8.58 -61.16 40.61
CA HIS B 31 -8.03 -60.39 41.71
C HIS B 31 -6.94 -59.44 41.26
N ILE B 32 -6.98 -59.04 39.99
CA ILE B 32 -6.18 -57.94 39.50
C ILE B 32 -6.82 -56.67 40.03
N ASP B 33 -6.01 -55.75 40.55
CA ASP B 33 -6.56 -54.48 41.04
C ASP B 33 -7.08 -53.61 39.89
N VAL B 34 -8.34 -53.23 39.93
CA VAL B 34 -8.89 -52.38 38.88
C VAL B 34 -9.49 -51.14 39.52
N GLU B 35 -9.27 -49.99 38.90
CA GLU B 35 -9.87 -48.74 39.34
C GLU B 35 -10.61 -48.17 38.17
N THR B 36 -11.90 -47.97 38.30
CA THR B 36 -12.62 -47.17 37.32
C THR B 36 -12.35 -45.70 37.61
N LEU B 37 -12.02 -44.97 36.55
CA LEU B 37 -11.71 -43.53 36.65
C LEU B 37 -12.68 -42.71 35.84
N ALA B 38 -13.44 -41.86 36.50
CA ALA B 38 -14.32 -40.92 35.82
C ALA B 38 -13.47 -39.80 35.25
N CYS B 39 -13.68 -39.56 33.98
CA CYS B 39 -12.97 -38.61 33.21
C CYS B 39 -13.96 -37.48 33.18
N ALA B 40 -14.14 -36.86 34.32
CA ALA B 40 -15.30 -36.01 34.58
C ALA B 40 -14.97 -35.24 35.83
N GLU B 41 -15.86 -34.34 36.22
CA GLU B 41 -15.76 -33.60 37.48
C GLU B 41 -15.97 -34.50 38.68
N SER B 42 -16.95 -35.36 38.59
CA SER B 42 -17.37 -36.22 39.71
C SER B 42 -17.34 -37.71 39.34
N ARG B 43 -17.52 -38.56 40.34
CA ARG B 43 -17.41 -39.99 40.13
C ARG B 43 -18.61 -40.54 39.42
N ALA B 44 -19.67 -39.77 39.35
CA ALA B 44 -20.87 -40.15 38.63
C ALA B 44 -20.68 -39.95 37.13
N VAL B 45 -20.89 -41.03 36.42
CA VAL B 45 -20.81 -41.06 34.96
CA VAL B 45 -20.80 -41.05 34.98
C VAL B 45 -21.90 -41.99 34.44
N VAL B 46 -22.59 -41.55 33.38
CA VAL B 46 -23.69 -42.30 32.79
C VAL B 46 -23.25 -42.92 31.44
N SER B 47 -23.48 -44.21 31.28
CA SER B 47 -23.06 -44.92 30.07
C SER B 47 -23.92 -44.63 28.81
N TYR B 48 -23.54 -45.23 27.70
CA TYR B 48 -24.22 -45.07 26.42
C TYR B 48 -25.68 -45.51 26.51
N HIS B 49 -25.89 -46.65 27.11
CA HIS B 49 -27.22 -47.14 27.35
C HIS B 49 -27.79 -46.74 28.74
N ASP B 50 -27.46 -45.51 29.19
CA ASP B 50 -28.20 -44.82 30.24
C ASP B 50 -28.10 -45.40 31.63
N ILE B 51 -27.01 -46.10 31.93
CA ILE B 51 -26.80 -46.57 33.29
C ILE B 51 -25.86 -45.63 34.01
N PRO B 52 -26.35 -44.94 35.03
CA PRO B 52 -25.46 -44.16 35.91
C PRO B 52 -24.67 -45.06 36.82
N MET B 53 -23.36 -44.88 36.88
CA MET B 53 -22.47 -45.68 37.72
C MET B 53 -21.57 -44.77 38.50
N VAL B 54 -20.98 -45.29 39.58
CA VAL B 54 -20.03 -44.49 40.37
C VAL B 54 -18.67 -45.08 40.24
N ALA B 55 -17.77 -44.29 39.66
CA ALA B 55 -16.41 -44.70 39.47
C ALA B 55 -15.70 -44.80 40.80
N ASP B 56 -14.63 -45.56 40.85
CA ASP B 56 -13.86 -45.71 42.09
C ASP B 56 -13.15 -44.43 42.40
N SER B 57 -12.84 -43.67 41.36
CA SER B 57 -12.14 -42.44 41.55
C SER B 57 -12.30 -41.61 40.29
N THR B 58 -11.94 -40.33 40.34
CA THR B 58 -11.90 -39.50 39.15
C THR B 58 -10.50 -39.53 38.64
N LEU B 59 -10.38 -39.18 37.37
CA LEU B 59 -9.06 -39.14 36.75
C LEU B 59 -8.10 -38.11 37.33
N SER B 60 -8.57 -36.92 37.76
CA SER B 60 -7.63 -35.94 38.35
C SER B 60 -7.09 -36.36 39.71
N GLU B 61 -7.84 -37.19 40.43
CA GLU B 61 -7.38 -37.80 41.66
C GLU B 61 -6.28 -38.85 41.45
N ARG B 62 -6.04 -39.26 40.21
CA ARG B 62 -5.12 -40.34 39.89
CA ARG B 62 -5.08 -40.32 39.93
C ARG B 62 -4.19 -39.97 38.74
N GLN B 63 -4.08 -38.66 38.48
CA GLN B 63 -3.31 -38.16 37.33
C GLN B 63 -1.86 -38.58 37.39
N GLN B 64 -1.30 -38.59 38.60
CA GLN B 64 0.08 -39.04 38.86
C GLN B 64 0.31 -40.55 38.79
N ALA B 65 -0.72 -41.35 39.05
CA ALA B 65 -0.54 -42.77 39.28
C ALA B 65 -0.12 -43.48 38.00
N LEU B 66 0.64 -44.55 38.12
CA LEU B 66 1.16 -45.23 36.95
C LEU B 66 0.62 -46.62 36.95
N PHE B 67 -0.43 -46.87 36.16
CA PHE B 67 -1.07 -48.20 36.05
C PHE B 67 -0.31 -49.12 35.11
N ASP B 68 -0.51 -50.42 35.24
CA ASP B 68 0.11 -51.40 34.37
C ASP B 68 -0.63 -51.50 33.05
N ALA B 69 -1.92 -51.20 33.08
CA ALA B 69 -2.72 -51.13 31.86
C ALA B 69 -3.75 -50.05 31.99
N VAL B 70 -4.08 -49.46 30.84
CA VAL B 70 -5.18 -48.56 30.70
C VAL B 70 -6.19 -49.05 29.67
N VAL B 71 -7.42 -49.23 30.10
CA VAL B 71 -8.51 -49.68 29.23
C VAL B 71 -9.35 -48.50 28.78
N LEU B 72 -9.52 -48.42 27.47
CA LEU B 72 -10.28 -47.35 26.89
C LEU B 72 -11.48 -47.94 26.18
N PRO B 73 -12.65 -47.95 26.83
CA PRO B 73 -13.86 -48.43 26.15
C PRO B 73 -14.33 -47.53 25.01
N GLY B 74 -15.24 -48.03 24.22
CA GLY B 74 -15.86 -47.22 23.17
C GLY B 74 -17.17 -46.59 23.56
N GLY B 75 -18.10 -46.67 22.62
CA GLY B 75 -19.29 -45.87 22.61
C GLY B 75 -19.05 -44.63 21.77
N PRO B 76 -20.06 -44.23 20.96
CA PRO B 76 -19.84 -43.06 20.11
C PRO B 76 -19.45 -41.79 20.89
N GLN B 77 -20.28 -41.40 21.86
CA GLN B 77 -20.02 -40.17 22.59
C GLN B 77 -18.88 -40.41 23.57
N GLY B 78 -18.78 -41.64 24.09
CA GLY B 78 -17.78 -42.00 25.06
C GLY B 78 -16.40 -41.77 24.51
N SER B 79 -16.13 -42.31 23.33
CA SER B 79 -14.80 -42.21 22.80
C SER B 79 -14.51 -40.80 22.28
N ALA B 80 -15.52 -40.13 21.73
CA ALA B 80 -15.39 -38.69 21.44
C ALA B 80 -15.08 -37.85 22.67
N ASN B 81 -15.68 -38.20 23.81
CA ASN B 81 -15.48 -37.39 25.03
C ASN B 81 -14.10 -37.66 25.64
N LEU B 82 -13.60 -38.87 25.46
CA LEU B 82 -12.27 -39.26 25.88
C LEU B 82 -11.25 -38.46 25.05
N ALA B 83 -11.50 -38.36 23.75
CA ALA B 83 -10.60 -37.74 22.80
C ALA B 83 -10.50 -36.23 22.99
N ALA B 84 -11.56 -35.64 23.53
CA ALA B 84 -11.61 -34.18 23.74
C ALA B 84 -11.06 -33.74 25.05
N ASN B 85 -10.66 -34.69 25.89
CA ASN B 85 -10.25 -34.40 27.22
C ASN B 85 -8.73 -34.39 27.33
N PRO B 86 -8.14 -33.23 27.65
CA PRO B 86 -6.66 -33.13 27.65
C PRO B 86 -5.99 -34.02 28.66
N ALA B 87 -6.61 -34.19 29.81
CA ALA B 87 -6.14 -35.07 30.84
C ALA B 87 -6.12 -36.54 30.38
N VAL B 88 -7.06 -36.97 29.57
CA VAL B 88 -7.05 -38.34 29.08
C VAL B 88 -5.90 -38.54 28.12
N ILE B 89 -5.71 -37.58 27.22
CA ILE B 89 -4.63 -37.63 26.25
C ILE B 89 -3.31 -37.70 27.00
N ALA B 90 -3.12 -36.85 28.00
CA ALA B 90 -1.85 -36.87 28.80
C ALA B 90 -1.65 -38.18 29.52
N PHE B 91 -2.73 -38.72 30.11
CA PHE B 91 -2.66 -39.94 30.90
C PHE B 91 -2.27 -41.11 29.99
N VAL B 92 -2.86 -41.17 28.81
CA VAL B 92 -2.54 -42.20 27.84
C VAL B 92 -1.10 -42.03 27.33
N ALA B 93 -0.73 -40.80 26.97
CA ALA B 93 0.60 -40.55 26.41
C ALA B 93 1.73 -40.88 27.39
N ARG B 94 1.52 -40.57 28.66
CA ARG B 94 2.52 -40.87 29.71
C ARG B 94 2.63 -42.38 29.98
N HIS B 95 1.49 -43.09 30.01
CA HIS B 95 1.49 -44.54 30.14
C HIS B 95 2.13 -45.18 28.90
N ASP B 96 1.75 -44.71 27.72
CA ASP B 96 2.33 -45.26 26.49
C ASP B 96 3.86 -45.08 26.49
N ALA B 97 4.35 -43.93 26.94
CA ALA B 97 5.81 -43.68 26.88
C ALA B 97 6.55 -44.45 27.98
N ALA B 98 5.83 -44.80 29.05
CA ALA B 98 6.37 -45.70 30.06
C ALA B 98 6.24 -47.17 29.68
N GLY B 99 5.71 -47.48 28.50
CA GLY B 99 5.61 -48.88 28.06
C GLY B 99 4.44 -49.66 28.67
N LYS B 100 3.52 -48.98 29.33
CA LYS B 100 2.38 -49.63 29.96
C LYS B 100 1.33 -49.97 28.90
N LEU B 101 0.45 -50.89 29.22
CA LEU B 101 -0.46 -51.45 28.23
C LEU B 101 -1.57 -50.45 27.98
N ILE B 102 -1.81 -50.16 26.71
CA ILE B 102 -2.85 -49.25 26.28
C ILE B 102 -3.83 -50.14 25.54
N CYS B 103 -5.06 -50.19 26.06
CA CYS B 103 -5.99 -51.19 25.67
C CYS B 103 -7.34 -50.60 25.17
N PRO B 104 -7.36 -50.06 23.96
CA PRO B 104 -8.63 -49.60 23.39
C PRO B 104 -9.53 -50.74 22.93
N ILE B 105 -10.84 -50.51 23.02
CA ILE B 105 -11.77 -51.49 22.46
C ILE B 105 -12.81 -50.78 21.63
N ALA B 106 -13.19 -51.43 20.52
CA ALA B 106 -14.26 -50.94 19.61
C ALA B 106 -13.88 -49.58 19.01
N SER B 107 -14.64 -48.52 19.22
CA SER B 107 -14.30 -47.27 18.55
C SER B 107 -13.07 -46.54 19.12
N ALA B 108 -12.60 -46.93 20.30
CA ALA B 108 -11.60 -46.09 20.96
C ALA B 108 -10.23 -46.00 20.26
N ALA B 109 -9.78 -47.08 19.63
CA ALA B 109 -8.48 -47.09 18.95
C ALA B 109 -8.45 -46.05 17.85
N ALA B 110 -9.56 -45.93 17.11
CA ALA B 110 -9.69 -44.97 16.03
C ALA B 110 -9.97 -43.54 16.52
N ARG B 111 -10.92 -43.40 17.43
CA ARG B 111 -11.38 -42.05 17.86
C ARG B 111 -10.49 -41.41 18.90
N VAL B 112 -9.82 -42.22 19.72
CA VAL B 112 -9.01 -41.65 20.79
C VAL B 112 -7.55 -41.63 20.38
N LEU B 113 -7.05 -42.76 19.88
CA LEU B 113 -5.64 -42.86 19.57
C LEU B 113 -5.36 -42.36 18.17
N GLY B 114 -6.11 -42.91 17.21
CA GLY B 114 -5.85 -42.66 15.81
C GLY B 114 -6.05 -41.22 15.40
N ALA B 115 -7.19 -40.67 15.80
CA ALA B 115 -7.51 -39.28 15.55
C ALA B 115 -6.46 -38.32 16.11
N HIS B 116 -5.69 -38.76 17.08
CA HIS B 116 -4.68 -37.90 17.65
C HIS B 116 -3.30 -38.26 17.25
N GLY B 117 -3.17 -39.19 16.31
CA GLY B 117 -1.89 -39.61 15.81
C GLY B 117 -1.03 -40.28 16.86
N LEU B 118 -1.67 -40.95 17.80
CA LEU B 118 -0.97 -41.67 18.87
C LEU B 118 -0.74 -43.18 18.59
N LEU B 119 -1.28 -43.68 17.48
CA LEU B 119 -1.12 -45.12 17.16
C LEU B 119 0.30 -45.38 16.77
N LYS B 120 0.95 -44.38 16.16
CA LYS B 120 2.38 -44.41 15.94
C LYS B 120 2.76 -45.60 15.05
N GLY B 121 1.97 -45.77 13.99
CA GLY B 121 2.21 -46.82 13.01
C GLY B 121 1.94 -48.25 13.46
N ARG B 122 1.31 -48.42 14.63
CA ARG B 122 1.12 -49.73 15.18
C ARG B 122 -0.09 -50.41 14.58
N ARG B 123 -0.07 -51.73 14.60
CA ARG B 123 -1.23 -52.50 14.21
C ARG B 123 -2.32 -52.41 15.29
N TYR B 124 -3.56 -52.30 14.87
CA TYR B 124 -4.67 -52.19 15.78
C TYR B 124 -5.91 -52.71 15.04
N VAL B 125 -6.95 -52.98 15.80
CA VAL B 125 -8.27 -53.16 15.28
C VAL B 125 -9.22 -52.15 16.00
N CYS B 126 -10.33 -51.86 15.35
CA CYS B 126 -11.39 -51.07 15.90
C CYS B 126 -12.68 -51.54 15.26
N SER B 127 -13.78 -50.91 15.63
CA SER B 127 -15.09 -51.28 15.12
C SER B 127 -15.37 -50.60 13.77
N GLY B 128 -16.39 -51.12 13.09
CA GLY B 128 -16.89 -50.56 11.85
C GLY B 128 -15.76 -50.21 10.88
N ASP B 129 -16.00 -49.16 10.10
CA ASP B 129 -15.00 -48.72 9.12
C ASP B 129 -14.26 -47.48 9.60
N LEU B 130 -14.29 -47.22 10.91
CA LEU B 130 -13.59 -46.06 11.48
C LEU B 130 -12.11 -45.99 11.05
N TRP B 131 -11.54 -47.15 10.76
CA TRP B 131 -10.16 -47.26 10.31
C TRP B 131 -9.80 -46.47 9.04
N LYS B 132 -10.78 -46.30 8.15
CA LYS B 132 -10.61 -45.53 6.90
C LYS B 132 -10.12 -44.11 7.13
N ALA B 133 -10.57 -43.49 8.21
CA ALA B 133 -10.21 -42.12 8.50
C ALA B 133 -8.93 -42.00 9.35
N VAL B 134 -8.30 -43.13 9.71
CA VAL B 134 -7.07 -43.10 10.52
C VAL B 134 -5.84 -43.25 9.63
N PRO B 135 -5.08 -42.17 9.44
CA PRO B 135 -3.98 -42.28 8.45
C PRO B 135 -2.72 -43.00 8.93
N GLU B 136 -2.44 -43.05 10.23
CA GLU B 136 -1.14 -43.54 10.72
C GLU B 136 -1.22 -44.74 11.69
N GLY B 137 -1.93 -45.77 11.28
CA GLY B 137 -1.95 -47.03 12.03
C GLY B 137 -2.19 -48.15 11.06
N VAL B 138 -1.91 -49.38 11.44
CA VAL B 138 -2.19 -50.48 10.52
C VAL B 138 -3.41 -51.21 11.03
N TYR B 139 -4.55 -50.97 10.39
CA TYR B 139 -5.76 -51.69 10.73
C TYR B 139 -5.57 -53.15 10.40
N VAL B 140 -5.86 -54.03 11.36
CA VAL B 140 -5.90 -55.49 11.16
C VAL B 140 -7.27 -56.00 11.57
N ASP B 141 -7.93 -56.76 10.70
CA ASP B 141 -9.26 -57.30 11.03
C ASP B 141 -9.16 -58.60 11.79
N ALA B 142 -9.09 -58.51 13.11
CA ALA B 142 -8.97 -59.67 13.98
C ALA B 142 -9.73 -59.31 15.23
N PRO B 143 -10.16 -60.31 16.01
CA PRO B 143 -10.83 -60.07 17.27
C PRO B 143 -10.00 -59.24 18.25
N VAL B 144 -8.71 -59.55 18.36
CA VAL B 144 -7.78 -58.85 19.23
C VAL B 144 -6.48 -58.68 18.49
N VAL B 145 -5.87 -57.52 18.64
CA VAL B 145 -4.59 -57.25 18.02
C VAL B 145 -3.64 -56.71 19.06
N GLU B 146 -2.46 -57.35 19.12
CA GLU B 146 -1.40 -56.98 20.03
C GLU B 146 -0.23 -56.49 19.23
N ASP B 147 0.23 -55.27 19.50
CA ASP B 147 1.46 -54.74 18.88
C ASP B 147 2.23 -53.98 19.94
N GLY B 148 3.28 -54.58 20.47
CA GLY B 148 4.04 -53.97 21.56
C GLY B 148 3.18 -53.82 22.80
N ASN B 149 3.01 -52.58 23.29
CA ASN B 149 2.15 -52.37 24.44
C ASN B 149 0.73 -51.92 24.09
N LEU B 150 0.37 -51.97 22.80
CA LEU B 150 -1.00 -51.73 22.36
C LEU B 150 -1.79 -53.02 22.15
N ILE B 151 -2.85 -53.19 22.95
CA ILE B 151 -3.75 -54.34 22.84
C ILE B 151 -5.15 -53.84 22.54
N SER B 152 -5.59 -54.02 21.30
CA SER B 152 -6.90 -53.49 20.89
C SER B 152 -7.88 -54.62 20.66
N GLY B 153 -9.16 -54.32 20.94
CA GLY B 153 -10.26 -55.28 20.82
C GLY B 153 -11.26 -54.80 19.77
N LYS B 154 -11.78 -55.71 18.99
CA LYS B 154 -12.49 -55.27 17.80
C LYS B 154 -13.83 -54.64 18.13
N GLY B 155 -14.57 -55.31 19.00
CA GLY B 155 -15.92 -54.85 19.39
C GLY B 155 -16.49 -55.69 20.50
N LEU B 156 -17.68 -55.34 20.96
CA LEU B 156 -18.29 -56.01 22.10
C LEU B 156 -18.37 -57.53 21.94
N GLY B 157 -18.70 -58.02 20.76
CA GLY B 157 -18.81 -59.48 20.56
C GLY B 157 -17.53 -60.23 20.92
N HIS B 158 -16.40 -59.55 20.85
CA HIS B 158 -15.08 -60.13 21.19
C HIS B 158 -14.49 -59.69 22.55
N VAL B 159 -15.34 -59.23 23.47
CA VAL B 159 -14.85 -58.63 24.72
C VAL B 159 -14.18 -59.66 25.65
N PHE B 160 -14.69 -60.89 25.65
CA PHE B 160 -14.07 -61.93 26.42
C PHE B 160 -12.65 -62.20 25.91
N ASP B 161 -12.47 -62.32 24.60
CA ASP B 161 -11.14 -62.54 24.03
C ASP B 161 -10.25 -61.38 24.49
N PHE B 162 -10.73 -60.16 24.30
CA PHE B 162 -9.99 -58.99 24.67
C PHE B 162 -9.57 -59.04 26.13
N ALA B 163 -10.53 -59.28 27.01
CA ALA B 163 -10.29 -59.27 28.44
C ALA B 163 -9.43 -60.41 28.90
N LEU B 164 -9.63 -61.58 28.28
CA LEU B 164 -8.78 -62.72 28.61
C LEU B 164 -7.35 -62.53 28.12
N THR B 165 -7.19 -61.91 26.94
CA THR B 165 -5.85 -61.59 26.47
C THR B 165 -5.18 -60.57 27.38
N LEU B 166 -5.85 -59.49 27.67
CA LEU B 166 -5.28 -58.55 28.63
C LEU B 166 -4.83 -59.24 29.91
N SER B 167 -5.73 -60.02 30.50
CA SER B 167 -5.46 -60.66 31.76
C SER B 167 -4.24 -61.56 31.75
N ALA B 168 -4.15 -62.40 30.71
CA ALA B 168 -3.06 -63.35 30.61
C ALA B 168 -1.73 -62.60 30.47
N ARG B 169 -1.75 -61.52 29.70
CA ARG B 169 -0.58 -60.70 29.55
C ARG B 169 -0.19 -60.03 30.89
N LEU B 170 -1.16 -59.56 31.66
CA LEU B 170 -0.82 -58.90 32.93
C LEU B 170 -0.24 -59.91 33.91
N LEU B 171 -0.85 -61.08 33.97
CA LEU B 171 -0.48 -62.06 34.95
C LEU B 171 0.79 -62.77 34.52
N GLY B 172 1.02 -62.88 33.21
CA GLY B 172 2.14 -63.66 32.69
C GLY B 172 2.02 -65.16 32.97
N ASP B 173 0.81 -65.64 33.15
CA ASP B 173 0.55 -67.05 33.42
C ASP B 173 -0.89 -67.32 32.98
N ASP B 174 -1.07 -68.22 32.01
CA ASP B 174 -2.40 -68.53 31.50
C ASP B 174 -3.25 -69.30 32.48
N ALA B 175 -2.62 -70.05 33.36
CA ALA B 175 -3.39 -71.05 34.11
C ALA B 175 -4.51 -70.40 34.97
N PRO B 176 -4.21 -69.30 35.68
CA PRO B 176 -5.31 -68.67 36.38
C PRO B 176 -6.39 -68.15 35.45
N VAL B 177 -6.00 -67.71 34.26
CA VAL B 177 -6.96 -67.15 33.32
C VAL B 177 -7.88 -68.22 32.80
N ARG B 178 -7.31 -69.35 32.39
CA ARG B 178 -8.11 -70.48 31.94
C ARG B 178 -9.07 -70.96 33.03
N GLU B 179 -8.58 -71.07 34.26
CA GLU B 179 -9.46 -71.46 35.38
C GLU B 179 -10.68 -70.57 35.46
N GLN B 180 -10.49 -69.26 35.34
CA GLN B 180 -11.65 -68.34 35.42
C GLN B 180 -12.55 -68.51 34.21
N ALA B 181 -11.93 -68.64 33.04
CA ALA B 181 -12.67 -68.85 31.81
C ALA B 181 -13.54 -70.11 31.93
N GLU B 182 -13.00 -71.16 32.50
CA GLU B 182 -13.79 -72.40 32.67
C GLU B 182 -14.88 -72.22 33.70
N HIS B 183 -14.59 -71.46 34.76
CA HIS B 183 -15.63 -71.14 35.73
C HIS B 183 -16.84 -70.49 35.07
N ILE B 184 -16.63 -69.61 34.11
CA ILE B 184 -17.79 -68.93 33.50
C ILE B 184 -18.27 -69.54 32.19
N TYR B 185 -17.70 -70.69 31.82
CA TYR B 185 -18.12 -71.46 30.63
C TYR B 185 -17.78 -70.75 29.35
N TYR B 186 -16.61 -70.13 29.33
CA TYR B 186 -16.06 -69.49 28.13
C TYR B 186 -14.81 -70.27 27.71
N PRO B 187 -14.78 -70.76 26.47
CA PRO B 187 -13.65 -71.60 26.03
C PRO B 187 -12.35 -70.81 25.80
N TRP B 188 -11.29 -71.13 26.54
CA TRP B 188 -10.00 -70.43 26.45
C TRP B 188 -8.89 -71.34 26.93
N MET C 4 16.08 -28.92 5.07
CA MET C 4 15.49 -27.63 5.53
C MET C 4 14.58 -27.84 6.77
N LYS C 5 15.01 -27.28 7.89
CA LYS C 5 14.36 -27.53 9.16
C LYS C 5 13.07 -26.76 9.29
N LYS C 6 12.11 -27.37 10.00
CA LYS C 6 10.76 -26.81 10.20
C LYS C 6 10.48 -26.67 11.66
N VAL C 7 10.01 -25.50 12.07
CA VAL C 7 9.62 -25.26 13.46
C VAL C 7 8.18 -24.76 13.61
N ALA C 8 7.48 -25.29 14.59
CA ALA C 8 6.16 -24.84 14.94
C ALA C 8 6.26 -24.03 16.23
N VAL C 9 5.65 -22.85 16.23
CA VAL C 9 5.50 -22.06 17.45
C VAL C 9 4.00 -22.00 17.74
N LEU C 10 3.58 -22.58 18.86
CA LEU C 10 2.14 -22.65 19.18
C LEU C 10 1.68 -21.40 19.90
N LEU C 11 0.63 -20.74 19.37
CA LEU C 11 0.06 -19.56 19.96
C LEU C 11 -1.36 -19.80 20.46
N ALA C 12 -1.51 -19.94 21.76
CA ALA C 12 -2.81 -19.94 22.38
C ALA C 12 -3.10 -18.55 22.91
N PRO C 13 -4.37 -18.28 23.21
CA PRO C 13 -4.73 -17.00 23.76
C PRO C 13 -3.92 -16.68 25.00
N GLY C 14 -3.40 -15.47 25.05
CA GLY C 14 -2.59 -15.02 26.17
C GLY C 14 -1.12 -15.44 26.10
N PHE C 15 -0.67 -16.04 24.97
CA PHE C 15 0.75 -16.35 24.83
C PHE C 15 1.65 -15.14 25.13
N GLU C 16 2.85 -15.39 25.68
CA GLU C 16 3.79 -14.32 25.94
C GLU C 16 4.47 -13.93 24.63
N GLU C 17 4.07 -12.78 24.08
CA GLU C 17 4.52 -12.42 22.74
C GLU C 17 6.00 -12.18 22.60
N ALA C 18 6.66 -11.75 23.67
CA ALA C 18 8.09 -11.39 23.62
C ALA C 18 8.90 -12.62 23.41
N GLU C 19 8.64 -13.62 24.24
CA GLU C 19 9.29 -14.91 24.20
C GLU C 19 9.15 -15.55 22.80
N ALA C 20 7.91 -15.58 22.31
CA ALA C 20 7.59 -16.15 21.00
C ALA C 20 8.16 -15.36 19.84
N ILE C 21 8.07 -14.04 19.90
CA ILE C 21 8.56 -13.19 18.78
C ILE C 21 10.08 -13.18 18.63
N VAL C 22 10.80 -13.10 19.73
CA VAL C 22 12.27 -13.08 19.61
C VAL C 22 12.72 -14.41 18.99
N THR C 23 12.15 -15.52 19.45
CA THR C 23 12.53 -16.86 18.96
C THR C 23 12.27 -16.95 17.48
N LEU C 24 11.08 -16.50 17.09
CA LEU C 24 10.69 -16.54 15.74
C LEU C 24 11.60 -15.67 14.88
N ASP C 25 11.91 -14.49 15.39
CA ASP C 25 12.80 -13.54 14.71
C ASP C 25 14.15 -14.16 14.41
N ILE C 26 14.75 -14.78 15.43
CA ILE C 26 16.07 -15.39 15.29
C ILE C 26 16.03 -16.55 14.26
N LEU C 27 15.04 -17.41 14.42
CA LEU C 27 14.91 -18.56 13.53
C LEU C 27 14.75 -18.09 12.09
N ARG C 28 13.99 -17.01 11.90
CA ARG C 28 13.68 -16.54 10.54
C ARG C 28 14.88 -15.73 10.01
N ARG C 29 15.71 -15.18 10.90
CA ARG C 29 16.98 -14.61 10.41
C ARG C 29 17.84 -15.69 9.81
N LEU C 30 17.64 -16.95 10.22
CA LEU C 30 18.48 -18.05 9.74
C LEU C 30 17.87 -18.79 8.61
N HIS C 31 16.77 -18.28 8.07
CA HIS C 31 16.04 -18.97 7.02
C HIS C 31 15.59 -20.38 7.42
N ILE C 32 15.37 -20.61 8.71
CA ILE C 32 14.69 -21.80 9.18
C ILE C 32 13.18 -21.64 8.94
N ASP C 33 12.52 -22.64 8.34
CA ASP C 33 11.06 -22.57 8.06
CA ASP C 33 11.06 -22.54 8.06
C ASP C 33 10.27 -22.57 9.37
N VAL C 34 9.57 -21.47 9.69
CA VAL C 34 8.78 -21.44 10.93
C VAL C 34 7.31 -21.23 10.64
N GLU C 35 6.46 -21.97 11.34
CA GLU C 35 5.04 -21.67 11.30
C GLU C 35 4.52 -21.40 12.69
N THR C 36 3.91 -20.25 12.86
CA THR C 36 3.16 -20.01 14.04
C THR C 36 1.85 -20.77 13.84
N LEU C 37 1.41 -21.48 14.85
CA LEU C 37 0.18 -22.23 14.78
C LEU C 37 -0.79 -21.82 15.87
N ALA C 38 -1.97 -21.36 15.49
CA ALA C 38 -3.02 -21.16 16.49
C ALA C 38 -3.60 -22.51 16.93
N CYS C 39 -4.13 -22.55 18.13
CA CYS C 39 -4.43 -23.84 18.75
C CYS C 39 -5.90 -24.23 18.79
N ALA C 40 -6.77 -23.36 18.29
CA ALA C 40 -8.20 -23.68 18.22
C ALA C 40 -8.71 -23.38 16.79
N GLU C 41 -9.80 -22.65 16.65
CA GLU C 41 -10.46 -22.53 15.34
C GLU C 41 -10.04 -21.23 14.64
N SER C 42 -9.44 -20.30 15.35
CA SER C 42 -9.13 -18.99 14.80
C SER C 42 -7.63 -18.80 14.50
N ARG C 43 -7.30 -18.13 13.40
CA ARG C 43 -5.89 -17.85 13.09
C ARG C 43 -5.36 -16.60 13.80
N ALA C 44 -6.22 -15.65 14.14
CA ALA C 44 -5.75 -14.47 14.87
C ALA C 44 -5.74 -14.79 16.34
N VAL C 45 -4.62 -14.54 17.03
CA VAL C 45 -4.52 -14.83 18.47
C VAL C 45 -4.05 -13.58 19.22
N VAL C 46 -4.65 -13.30 20.38
CA VAL C 46 -4.26 -12.11 21.14
C VAL C 46 -3.28 -12.49 22.28
N SER C 47 -2.13 -11.84 22.34
CA SER C 47 -1.10 -12.24 23.31
C SER C 47 -1.40 -11.70 24.72
N TYR C 48 -0.58 -12.13 25.67
CA TYR C 48 -0.65 -11.71 27.08
C TYR C 48 -0.75 -10.19 27.19
N HIS C 49 0.17 -9.50 26.51
CA HIS C 49 0.18 -8.02 26.52
C HIS C 49 -0.56 -7.41 25.34
N ASP C 50 -1.65 -8.08 24.94
CA ASP C 50 -2.72 -7.53 24.08
C ASP C 50 -2.31 -7.20 22.68
N ILE C 51 -1.45 -8.02 22.07
CA ILE C 51 -1.14 -7.86 20.65
C ILE C 51 -1.81 -8.95 19.85
N PRO C 52 -2.73 -8.56 18.95
CA PRO C 52 -3.36 -9.52 18.07
C PRO C 52 -2.40 -9.83 16.95
N MET C 53 -2.15 -11.12 16.71
CA MET C 53 -1.26 -11.58 15.62
C MET C 53 -1.94 -12.65 14.82
N VAL C 54 -1.65 -12.72 13.54
CA VAL C 54 -2.25 -13.74 12.69
C VAL C 54 -1.28 -14.86 12.58
N ALA C 55 -1.65 -16.00 13.17
CA ALA C 55 -0.89 -17.22 12.99
C ALA C 55 -0.84 -17.66 11.52
N ASP C 56 0.23 -18.33 11.15
CA ASP C 56 0.37 -18.85 9.77
C ASP C 56 -0.63 -19.97 9.48
N SER C 57 -0.95 -20.76 10.47
CA SER C 57 -1.89 -21.83 10.29
C SER C 57 -2.46 -22.21 11.63
N THR C 58 -3.07 -23.40 11.72
CA THR C 58 -3.64 -23.90 12.93
C THR C 58 -3.27 -25.33 13.11
N LEU C 59 -3.32 -25.78 14.36
CA LEU C 59 -3.02 -27.14 14.74
C LEU C 59 -3.89 -28.11 13.97
N SER C 60 -5.19 -27.82 13.90
CA SER C 60 -6.09 -28.74 13.16
C SER C 60 -5.70 -28.90 11.69
N GLU C 61 -4.95 -27.96 11.12
CA GLU C 61 -4.46 -28.11 9.76
C GLU C 61 -3.09 -28.76 9.70
N ARG C 62 -2.54 -29.18 10.83
CA ARG C 62 -1.21 -29.75 10.84
C ARG C 62 -1.13 -31.04 11.64
N GLN C 63 -2.22 -31.80 11.63
CA GLN C 63 -2.28 -33.09 12.34
C GLN C 63 -1.33 -34.17 11.85
N GLN C 64 -1.00 -34.14 10.57
CA GLN C 64 -0.07 -35.06 9.95
C GLN C 64 1.34 -34.51 9.96
N ALA C 65 1.50 -33.22 10.27
CA ALA C 65 2.81 -32.57 10.09
C ALA C 65 3.71 -32.92 11.26
N LEU C 66 4.93 -33.31 10.96
CA LEU C 66 5.94 -33.55 11.98
C LEU C 66 7.04 -32.52 11.84
N PHE C 67 7.09 -31.58 12.76
CA PHE C 67 8.09 -30.51 12.77
C PHE C 67 9.37 -31.01 13.45
N ASP C 68 10.49 -30.39 13.14
CA ASP C 68 11.74 -30.75 13.80
C ASP C 68 11.77 -30.19 15.21
N ALA C 69 10.98 -29.15 15.45
CA ALA C 69 10.91 -28.59 16.79
C ALA C 69 9.56 -27.94 17.01
N VAL C 70 9.10 -28.03 18.25
CA VAL C 70 7.93 -27.35 18.72
C VAL C 70 8.25 -26.38 19.85
N VAL C 71 8.01 -25.10 19.62
CA VAL C 71 8.22 -24.08 20.65
C VAL C 71 6.93 -23.80 21.38
N LEU C 72 7.00 -23.81 22.70
CA LEU C 72 5.86 -23.57 23.53
C LEU C 72 6.16 -22.33 24.40
N PRO C 73 5.62 -21.17 24.00
CA PRO C 73 5.84 -19.96 24.82
C PRO C 73 5.07 -20.04 26.13
N GLY C 74 5.41 -19.18 27.06
CA GLY C 74 4.66 -19.09 28.31
C GLY C 74 3.63 -18.01 28.27
N GLY C 75 3.55 -17.25 29.35
CA GLY C 75 2.44 -16.36 29.60
C GLY C 75 1.48 -17.10 30.49
N PRO C 76 0.80 -16.39 31.42
CA PRO C 76 0.03 -17.11 32.43
C PRO C 76 -1.17 -17.84 31.86
N GLN C 77 -2.00 -17.10 31.12
CA GLN C 77 -3.13 -17.71 30.43
C GLN C 77 -2.69 -18.51 29.21
N GLY C 78 -1.60 -18.12 28.54
CA GLY C 78 -1.09 -18.83 27.37
C GLY C 78 -0.86 -20.27 27.74
N SER C 79 0.01 -20.46 28.73
CA SER C 79 0.31 -21.77 29.32
C SER C 79 -0.88 -22.57 29.74
N ALA C 80 -1.72 -21.97 30.57
CA ALA C 80 -2.94 -22.61 30.99
C ALA C 80 -3.79 -23.02 29.80
N ASN C 81 -3.86 -22.18 28.79
CA ASN C 81 -4.70 -22.52 27.63
C ASN C 81 -4.12 -23.61 26.77
N LEU C 82 -2.79 -23.72 26.74
CA LEU C 82 -2.14 -24.76 25.96
C LEU C 82 -2.41 -26.09 26.67
N ALA C 83 -2.29 -26.06 27.98
CA ALA C 83 -2.42 -27.25 28.79
C ALA C 83 -3.79 -27.85 28.77
N ALA C 84 -4.82 -27.03 28.57
CA ALA C 84 -6.22 -27.47 28.55
C ALA C 84 -6.70 -27.88 27.14
N ASN C 85 -5.82 -27.81 26.18
CA ASN C 85 -6.21 -28.13 24.84
C ASN C 85 -5.74 -29.53 24.46
N PRO C 86 -6.67 -30.48 24.24
CA PRO C 86 -6.27 -31.84 23.88
C PRO C 86 -5.46 -31.90 22.60
N ALA C 87 -5.72 -31.02 21.64
CA ALA C 87 -4.92 -31.02 20.43
C ALA C 87 -3.44 -30.63 20.71
N VAL C 88 -3.20 -29.73 21.64
CA VAL C 88 -1.82 -29.33 21.99
C VAL C 88 -1.10 -30.51 22.64
N ILE C 89 -1.75 -31.17 23.60
CA ILE C 89 -1.17 -32.28 24.31
C ILE C 89 -0.84 -33.40 23.33
N ALA C 90 -1.74 -33.72 22.39
CA ALA C 90 -1.47 -34.75 21.38
C ALA C 90 -0.34 -34.37 20.45
N PHE C 91 -0.29 -33.12 20.01
CA PHE C 91 0.74 -32.66 19.09
C PHE C 91 2.09 -32.75 19.75
N VAL C 92 2.17 -32.38 21.02
CA VAL C 92 3.42 -32.46 21.77
C VAL C 92 3.81 -33.89 22.06
N ALA C 93 2.86 -34.70 22.49
CA ALA C 93 3.12 -36.11 22.77
C ALA C 93 3.65 -36.81 21.52
N ARG C 94 3.06 -36.48 20.38
CA ARG C 94 3.45 -37.11 19.11
C ARG C 94 4.88 -36.69 18.72
N HIS C 95 5.18 -35.41 18.83
CA HIS C 95 6.52 -34.91 18.47
C HIS C 95 7.58 -35.47 19.43
N ASP C 96 7.26 -35.51 20.71
CA ASP C 96 8.18 -36.01 21.71
C ASP C 96 8.46 -37.51 21.46
N ALA C 97 7.43 -38.30 21.17
CA ALA C 97 7.65 -39.76 20.98
C ALA C 97 8.45 -40.00 19.70
N ALA C 98 8.33 -39.12 18.72
CA ALA C 98 9.15 -39.18 17.51
C ALA C 98 10.54 -38.57 17.69
N GLY C 99 10.88 -38.09 18.89
CA GLY C 99 12.23 -37.55 19.15
C GLY C 99 12.47 -36.13 18.65
N LYS C 100 11.42 -35.37 18.41
CA LYS C 100 11.60 -34.02 17.88
C LYS C 100 11.78 -33.08 19.04
N LEU C 101 12.34 -31.91 18.78
CA LEU C 101 12.69 -31.00 19.88
C LEU C 101 11.43 -30.42 20.46
N ILE C 102 11.31 -30.43 21.79
CA ILE C 102 10.20 -29.83 22.49
C ILE C 102 10.81 -28.70 23.28
N CYS C 103 10.34 -27.47 23.06
CA CYS C 103 11.07 -26.29 23.45
C CYS C 103 10.19 -25.31 24.21
N PRO C 104 9.94 -25.63 25.47
CA PRO C 104 9.21 -24.71 26.29
C PRO C 104 10.07 -23.56 26.82
N ILE C 105 9.45 -22.41 27.01
CA ILE C 105 10.11 -21.27 27.60
C ILE C 105 9.24 -20.71 28.71
N ALA C 106 9.89 -20.30 29.78
CA ALA C 106 9.26 -19.56 30.87
C ALA C 106 8.29 -20.47 31.64
N SER C 107 6.99 -20.19 31.67
CA SER C 107 6.12 -21.05 32.46
C SER C 107 5.69 -22.34 31.75
N ALA C 108 5.99 -22.48 30.46
CA ALA C 108 5.45 -23.60 29.69
C ALA C 108 5.87 -24.98 30.19
N ALA C 109 7.15 -25.15 30.49
CA ALA C 109 7.62 -26.42 31.01
C ALA C 109 6.92 -26.91 32.26
N ALA C 110 6.68 -26.02 33.23
CA ALA C 110 5.93 -26.36 34.44
C ALA C 110 4.43 -26.59 34.15
N ARG C 111 3.81 -25.62 33.48
CA ARG C 111 2.35 -25.58 33.32
C ARG C 111 1.77 -26.44 32.24
N VAL C 112 2.54 -26.78 31.19
CA VAL C 112 2.03 -27.61 30.09
C VAL C 112 2.59 -29.01 30.19
N LEU C 113 3.91 -29.13 30.37
CA LEU C 113 4.53 -30.43 30.39
C LEU C 113 4.51 -31.06 31.78
N GLY C 114 4.96 -30.31 32.78
CA GLY C 114 5.04 -30.83 34.13
C GLY C 114 3.68 -31.14 34.72
N ALA C 115 2.76 -30.22 34.54
CA ALA C 115 1.40 -30.39 35.03
C ALA C 115 0.79 -31.68 34.50
N HIS C 116 1.16 -32.06 33.28
CA HIS C 116 0.61 -33.26 32.66
C HIS C 116 1.48 -34.49 32.74
N GLY C 117 2.54 -34.42 33.54
CA GLY C 117 3.44 -35.54 33.69
C GLY C 117 4.19 -35.92 32.40
N LEU C 118 4.44 -34.95 31.54
CA LEU C 118 5.12 -35.22 30.29
C LEU C 118 6.62 -34.93 30.34
N LEU C 119 7.13 -34.41 31.44
CA LEU C 119 8.58 -34.14 31.54
C LEU C 119 9.39 -35.42 31.58
N LYS C 120 8.80 -36.47 32.17
CA LYS C 120 9.35 -37.80 32.03
C LYS C 120 10.78 -37.89 32.63
N GLY C 121 10.92 -37.30 33.81
CA GLY C 121 12.15 -37.35 34.57
C GLY C 121 13.21 -36.36 34.12
N ARG C 122 12.94 -35.61 33.06
CA ARG C 122 13.98 -34.82 32.44
C ARG C 122 14.33 -33.57 33.22
N ARG C 123 15.58 -33.13 33.03
CA ARG C 123 16.04 -31.83 33.53
C ARG C 123 15.38 -30.73 32.70
N TYR C 124 14.93 -29.68 33.36
CA TYR C 124 14.28 -28.58 32.70
C TYR C 124 14.42 -27.34 33.55
N VAL C 125 14.11 -26.21 32.94
CA VAL C 125 14.02 -24.96 33.65
C VAL C 125 12.70 -24.28 33.30
N CYS C 126 12.18 -23.47 34.21
CA CYS C 126 10.97 -22.70 34.03
C CYS C 126 11.09 -21.43 34.83
N SER C 127 10.14 -20.52 34.68
CA SER C 127 10.21 -19.25 35.41
C SER C 127 9.76 -19.40 36.87
N GLY C 128 10.09 -18.37 37.66
CA GLY C 128 9.74 -18.29 39.08
C GLY C 128 9.92 -19.61 39.80
N ASP C 129 8.99 -19.94 40.68
CA ASP C 129 9.11 -21.16 41.48
C ASP C 129 7.99 -22.16 41.17
N LEU C 130 7.58 -22.18 39.90
CA LEU C 130 6.51 -23.09 39.45
C LEU C 130 6.97 -24.55 39.48
N TRP C 131 8.29 -24.75 39.39
CA TRP C 131 8.91 -26.07 39.56
C TRP C 131 8.57 -26.73 40.90
N LYS C 132 8.24 -25.91 41.89
CA LYS C 132 7.82 -26.44 43.19
C LYS C 132 6.61 -27.36 43.09
N ALA C 133 5.68 -27.10 42.18
CA ALA C 133 4.47 -27.91 42.06
C ALA C 133 4.62 -29.06 41.07
N VAL C 134 5.82 -29.26 40.55
CA VAL C 134 6.06 -30.25 39.50
C VAL C 134 6.90 -31.40 40.06
N PRO C 135 6.26 -32.56 40.32
CA PRO C 135 6.96 -33.68 40.97
C PRO C 135 7.85 -34.54 40.06
N GLU C 136 7.46 -34.71 38.80
CA GLU C 136 8.13 -35.72 37.96
CA GLU C 136 8.07 -35.70 37.90
C GLU C 136 9.07 -35.11 36.90
N GLY C 137 9.88 -34.15 37.32
CA GLY C 137 10.96 -33.63 36.48
C GLY C 137 12.06 -33.03 37.37
N VAL C 138 13.26 -32.80 36.82
CA VAL C 138 14.35 -32.18 37.60
C VAL C 138 14.55 -30.70 37.26
N TYR C 139 14.14 -29.83 38.15
CA TYR C 139 14.40 -28.42 37.97
C TYR C 139 15.92 -28.10 38.00
N VAL C 140 16.42 -27.38 37.01
CA VAL C 140 17.81 -26.86 37.01
C VAL C 140 17.79 -25.34 36.84
N ASP C 141 18.49 -24.63 37.71
CA ASP C 141 18.55 -23.19 37.58
C ASP C 141 19.64 -22.76 36.59
N ALA C 142 19.22 -22.54 35.35
CA ALA C 142 20.12 -22.11 34.30
C ALA C 142 19.31 -21.45 33.20
N PRO C 143 19.97 -20.58 32.43
CA PRO C 143 19.31 -19.87 31.35
C PRO C 143 18.65 -20.79 30.34
N VAL C 144 19.37 -21.83 29.94
CA VAL C 144 18.86 -22.82 29.00
C VAL C 144 19.22 -24.20 29.54
N VAL C 145 18.30 -25.14 29.42
CA VAL C 145 18.53 -26.52 29.84
C VAL C 145 18.17 -27.47 28.74
N GLU C 146 19.13 -28.27 28.31
CA GLU C 146 18.89 -29.31 27.30
C GLU C 146 19.01 -30.69 27.92
N ASP C 147 18.01 -31.53 27.71
CA ASP C 147 18.07 -32.93 28.15
C ASP C 147 17.37 -33.74 27.07
N GLY C 148 18.18 -34.42 26.26
CA GLY C 148 17.71 -35.19 25.14
C GLY C 148 17.06 -34.24 24.14
N ASN C 149 15.79 -34.47 23.85
CA ASN C 149 15.12 -33.64 22.89
C ASN C 149 14.30 -32.54 23.54
N LEU C 150 14.44 -32.38 24.86
CA LEU C 150 13.79 -31.26 25.58
C LEU C 150 14.76 -30.11 25.80
N ILE C 151 14.41 -28.94 25.28
CA ILE C 151 15.18 -27.72 25.39
C ILE C 151 14.30 -26.62 25.98
N SER C 152 14.57 -26.24 27.24
CA SER C 152 13.78 -25.26 27.94
C SER C 152 14.60 -24.00 28.23
N GLY C 153 13.90 -22.87 28.26
CA GLY C 153 14.47 -21.59 28.50
C GLY C 153 13.88 -20.99 29.75
N LYS C 154 14.72 -20.37 30.54
CA LYS C 154 14.31 -20.00 31.88
C LYS C 154 13.22 -18.95 31.88
N GLY C 155 13.44 -17.90 31.10
CA GLY C 155 12.49 -16.81 31.03
C GLY C 155 12.85 -15.84 29.94
N LEU C 156 12.16 -14.70 29.92
CA LEU C 156 12.29 -13.73 28.83
C LEU C 156 13.70 -13.16 28.74
N GLY C 157 14.31 -12.90 29.88
CA GLY C 157 15.66 -12.31 29.92
C GLY C 157 16.69 -13.17 29.24
N HIS C 158 16.42 -14.47 29.16
CA HIS C 158 17.34 -15.44 28.56
C HIS C 158 16.90 -15.92 27.15
N VAL C 159 15.94 -15.24 26.53
CA VAL C 159 15.32 -15.71 25.30
C VAL C 159 16.31 -15.78 24.13
N PHE C 160 17.28 -14.87 24.10
CA PHE C 160 18.29 -14.93 23.05
C PHE C 160 19.14 -16.18 23.15
N ASP C 161 19.57 -16.50 24.37
CA ASP C 161 20.32 -17.73 24.64
C ASP C 161 19.53 -18.95 24.15
N PHE C 162 18.26 -19.01 24.56
CA PHE C 162 17.32 -20.08 24.16
C PHE C 162 17.20 -20.19 22.65
N ALA C 163 16.92 -19.08 21.99
CA ALA C 163 16.66 -19.05 20.55
C ALA C 163 17.88 -19.45 19.75
N LEU C 164 19.03 -18.92 20.16
CA LEU C 164 20.30 -19.25 19.53
C LEU C 164 20.71 -20.70 19.77
N THR C 165 20.51 -21.19 20.99
CA THR C 165 20.84 -22.58 21.31
C THR C 165 19.94 -23.48 20.42
N LEU C 166 18.61 -23.27 20.44
CA LEU C 166 17.71 -23.99 19.51
C LEU C 166 18.17 -23.95 18.05
N SER C 167 18.48 -22.76 17.56
CA SER C 167 18.89 -22.60 16.18
C SER C 167 20.11 -23.40 15.86
N ALA C 168 21.12 -23.37 16.75
CA ALA C 168 22.38 -24.03 16.45
C ALA C 168 22.18 -25.54 16.44
N ARG C 169 21.34 -26.00 17.33
CA ARG C 169 21.02 -27.41 17.37
C ARG C 169 20.25 -27.83 16.09
N LEU C 170 19.29 -27.04 15.65
CA LEU C 170 18.57 -27.40 14.44
C LEU C 170 19.50 -27.45 13.23
N LEU C 171 20.37 -26.45 13.11
CA LEU C 171 21.26 -26.36 11.94
C LEU C 171 22.43 -27.33 12.00
N GLY C 172 22.94 -27.59 13.21
CA GLY C 172 24.13 -28.44 13.38
C GLY C 172 25.37 -27.75 12.86
N ASP C 173 25.36 -26.43 12.85
CA ASP C 173 26.50 -25.64 12.37
C ASP C 173 26.37 -24.27 13.02
N ASP C 174 27.33 -23.91 13.90
CA ASP C 174 27.31 -22.65 14.64
C ASP C 174 27.54 -21.42 13.77
N ALA C 175 28.20 -21.60 12.62
CA ALA C 175 28.69 -20.46 11.85
C ALA C 175 27.58 -19.52 11.41
N PRO C 176 26.47 -20.05 10.85
CA PRO C 176 25.38 -19.16 10.51
C PRO C 176 24.75 -18.50 11.74
N VAL C 177 24.72 -19.19 12.87
CA VAL C 177 24.11 -18.64 14.05
C VAL C 177 24.98 -17.46 14.60
N ARG C 178 26.30 -17.63 14.62
CA ARG C 178 27.16 -16.57 15.10
C ARG C 178 27.06 -15.36 14.18
N GLU C 179 27.01 -15.62 12.89
CA GLU C 179 26.81 -14.53 11.94
C GLU C 179 25.65 -13.65 12.33
N GLN C 180 24.47 -14.25 12.56
CA GLN C 180 23.29 -13.48 12.89
C GLN C 180 23.37 -12.87 14.27
N ALA C 181 23.99 -13.58 15.21
CA ALA C 181 24.15 -13.04 16.57
C ALA C 181 25.03 -11.79 16.51
N GLU C 182 26.08 -11.86 15.72
CA GLU C 182 26.93 -10.70 15.48
C GLU C 182 26.18 -9.58 14.75
N HIS C 183 25.34 -9.92 13.79
CA HIS C 183 24.57 -8.89 13.06
C HIS C 183 23.71 -8.07 14.00
N ILE C 184 23.15 -8.70 15.03
CA ILE C 184 22.26 -8.00 15.93
C ILE C 184 22.90 -7.62 17.25
N TYR C 185 24.22 -7.70 17.32
CA TYR C 185 24.97 -7.24 18.50
C TYR C 185 24.61 -8.02 19.77
N TYR C 186 24.52 -9.34 19.61
CA TYR C 186 24.36 -10.24 20.75
C TYR C 186 25.50 -11.22 20.78
N PRO C 187 26.28 -11.24 21.89
CA PRO C 187 27.46 -12.15 22.00
C PRO C 187 27.13 -13.65 21.95
N TRP C 188 27.67 -14.35 20.94
CA TRP C 188 27.48 -15.80 20.79
C TRP C 188 28.63 -16.41 20.01
N ALA D 3 -1.76 10.11 35.85
CA ALA D 3 -0.44 9.70 36.44
C ALA D 3 0.31 8.68 35.58
N MET D 4 -0.43 7.97 34.72
CA MET D 4 0.18 7.01 33.78
C MET D 4 0.84 7.78 32.63
N LYS D 5 2.11 7.47 32.37
CA LYS D 5 2.77 7.94 31.18
C LYS D 5 2.20 7.18 29.94
N LYS D 6 2.27 7.82 28.78
CA LYS D 6 1.77 7.27 27.52
C LYS D 6 2.85 7.20 26.49
N VAL D 7 2.96 6.03 25.85
CA VAL D 7 3.97 5.81 24.82
C VAL D 7 3.29 5.40 23.52
N ALA D 8 3.73 6.00 22.41
CA ALA D 8 3.28 5.62 21.08
C ALA D 8 4.42 4.79 20.48
N VAL D 9 4.09 3.62 19.94
CA VAL D 9 5.03 2.77 19.18
C VAL D 9 4.51 2.77 17.76
N LEU D 10 5.27 3.36 16.85
CA LEU D 10 4.86 3.52 15.46
C LEU D 10 5.20 2.26 14.67
N LEU D 11 4.19 1.72 13.98
CA LEU D 11 4.37 0.46 13.24
C LEU D 11 4.10 0.70 11.78
N ALA D 12 5.17 0.78 10.99
CA ALA D 12 5.07 0.91 9.55
C ALA D 12 5.28 -0.48 8.97
N PRO D 13 4.80 -0.72 7.77
CA PRO D 13 5.07 -1.99 7.08
C PRO D 13 6.53 -2.36 7.04
N GLY D 14 6.83 -3.59 7.45
CA GLY D 14 8.20 -4.03 7.55
C GLY D 14 8.87 -3.73 8.86
N PHE D 15 8.12 -3.26 9.84
CA PHE D 15 8.69 -2.95 11.15
C PHE D 15 9.35 -4.21 11.72
N GLU D 16 10.49 -3.99 12.40
CA GLU D 16 11.20 -5.04 13.05
C GLU D 16 10.39 -5.43 14.26
N GLU D 17 9.76 -6.61 14.23
CA GLU D 17 8.80 -7.00 15.28
C GLU D 17 9.44 -7.32 16.62
N ALA D 18 10.65 -7.83 16.60
CA ALA D 18 11.31 -8.19 17.86
C ALA D 18 11.67 -6.94 18.64
N GLU D 19 12.24 -5.95 17.96
CA GLU D 19 12.54 -4.63 18.56
C GLU D 19 11.29 -4.00 19.15
N ALA D 20 10.22 -3.96 18.36
CA ALA D 20 8.97 -3.36 18.76
C ALA D 20 8.25 -4.11 19.86
N ILE D 21 8.14 -5.41 19.75
CA ILE D 21 7.38 -6.17 20.75
C ILE D 21 8.08 -6.27 22.10
N VAL D 22 9.41 -6.40 22.11
CA VAL D 22 10.11 -6.53 23.35
C VAL D 22 9.99 -5.19 24.05
N THR D 23 10.12 -4.07 23.32
CA THR D 23 10.01 -2.75 23.97
C THR D 23 8.61 -2.60 24.53
N LEU D 24 7.62 -3.02 23.74
CA LEU D 24 6.24 -2.92 24.17
C LEU D 24 5.96 -3.78 25.42
N ASP D 25 6.47 -5.00 25.43
CA ASP D 25 6.31 -5.93 26.57
C ASP D 25 6.87 -5.29 27.89
N ILE D 26 8.06 -4.74 27.82
CA ILE D 26 8.71 -4.21 29.04
C ILE D 26 7.85 -3.09 29.62
N LEU D 27 7.51 -2.13 28.77
CA LEU D 27 6.67 -1.02 29.14
C LEU D 27 5.34 -1.50 29.72
N ARG D 28 4.68 -2.44 29.03
CA ARG D 28 3.40 -2.93 29.54
C ARG D 28 3.55 -3.70 30.88
N ARG D 29 4.73 -4.25 31.18
CA ARG D 29 4.96 -4.92 32.47
C ARG D 29 5.03 -3.88 33.58
N LEU D 30 5.61 -2.73 33.25
CA LEU D 30 5.72 -1.61 34.18
C LEU D 30 4.45 -0.79 34.23
N HIS D 31 3.38 -1.28 33.62
CA HIS D 31 2.07 -0.62 33.64
C HIS D 31 2.09 0.80 33.04
N ILE D 32 3.06 1.04 32.16
CA ILE D 32 3.08 2.21 31.30
C ILE D 32 2.08 1.99 30.16
N ASP D 33 1.27 3.00 29.89
CA ASP D 33 0.31 2.97 28.78
C ASP D 33 1.03 3.03 27.45
N VAL D 34 0.86 2.00 26.62
CA VAL D 34 1.44 1.95 25.27
C VAL D 34 0.34 1.88 24.25
N GLU D 35 0.46 2.64 23.17
CA GLU D 35 -0.44 2.51 22.04
C GLU D 35 0.36 2.17 20.78
N THR D 36 0.03 1.06 20.08
CA THR D 36 0.64 0.78 18.77
C THR D 36 -0.13 1.53 17.71
N LEU D 37 0.59 2.27 16.87
CA LEU D 37 -0.04 3.07 15.83
C LEU D 37 0.42 2.60 14.47
N ALA D 38 -0.53 2.09 13.67
CA ALA D 38 -0.22 1.77 12.28
C ALA D 38 -0.04 3.07 11.48
N CYS D 39 1.11 3.18 10.83
CA CYS D 39 1.36 4.28 9.96
C CYS D 39 0.95 3.82 8.58
N ALA D 40 -0.35 3.62 8.41
CA ALA D 40 -0.93 2.98 7.25
C ALA D 40 -2.40 3.33 7.24
N GLU D 41 -3.12 2.91 6.20
CA GLU D 41 -4.56 3.16 6.02
CA GLU D 41 -4.53 3.29 6.15
C GLU D 41 -5.40 2.40 7.05
N SER D 42 -4.93 1.20 7.42
CA SER D 42 -5.66 0.31 8.33
CA SER D 42 -5.66 0.33 8.35
C SER D 42 -4.79 -0.07 9.54
N ARG D 43 -5.40 -0.76 10.48
CA ARG D 43 -4.69 -1.23 11.66
C ARG D 43 -3.81 -2.44 11.39
N ALA D 44 -4.02 -3.13 10.26
CA ALA D 44 -3.20 -4.27 9.87
C ALA D 44 -1.82 -3.85 9.40
N VAL D 45 -0.77 -4.34 10.05
CA VAL D 45 0.61 -4.10 9.62
C VAL D 45 1.39 -5.39 9.69
N VAL D 46 2.16 -5.69 8.65
CA VAL D 46 2.99 -6.88 8.66
C VAL D 46 4.46 -6.56 8.89
N SER D 47 5.07 -7.30 9.81
CA SER D 47 6.45 -7.02 10.22
C SER D 47 7.46 -7.53 9.20
N TYR D 48 8.70 -7.18 9.45
CA TYR D 48 9.85 -7.59 8.68
C TYR D 48 9.90 -9.09 8.47
N HIS D 49 9.76 -9.84 9.57
CA HIS D 49 9.76 -11.28 9.56
C HIS D 49 8.34 -11.87 9.51
N ASP D 50 7.47 -11.20 8.77
CA ASP D 50 6.20 -11.73 8.29
C ASP D 50 5.15 -11.99 9.31
N ILE D 51 5.07 -11.20 10.36
CA ILE D 51 3.96 -11.38 11.27
C ILE D 51 2.98 -10.27 11.08
N PRO D 52 1.76 -10.60 10.59
CA PRO D 52 0.69 -9.60 10.54
C PRO D 52 0.15 -9.35 11.93
N MET D 53 0.11 -8.09 12.34
CA MET D 53 -0.44 -7.67 13.64
C MET D 53 -1.47 -6.57 13.45
N VAL D 54 -2.36 -6.47 14.42
CA VAL D 54 -3.35 -5.44 14.40
C VAL D 54 -2.94 -4.33 15.39
N ALA D 55 -2.70 -3.13 14.90
CA ALA D 55 -2.29 -2.04 15.80
C ALA D 55 -3.44 -1.59 16.66
N ASP D 56 -3.13 -0.97 17.77
CA ASP D 56 -4.19 -0.39 18.61
C ASP D 56 -4.94 0.67 17.81
N SER D 57 -4.24 1.39 16.96
CA SER D 57 -4.89 2.49 16.27
C SER D 57 -4.05 2.84 15.10
N THR D 58 -4.50 3.82 14.32
CA THR D 58 -3.73 4.34 13.20
C THR D 58 -3.18 5.69 13.55
N LEU D 59 -2.07 6.02 12.91
CA LEU D 59 -1.39 7.27 13.19
C LEU D 59 -2.30 8.43 12.86
N SER D 60 -3.08 8.29 11.79
CA SER D 60 -4.02 9.35 11.40
C SER D 60 -5.06 9.65 12.48
N GLU D 61 -5.52 8.62 13.21
CA GLU D 61 -6.44 8.83 14.30
C GLU D 61 -5.77 9.51 15.52
N ARG D 62 -4.48 9.86 15.46
CA ARG D 62 -3.77 10.41 16.63
C ARG D 62 -2.99 11.71 16.42
N GLN D 63 -3.44 12.53 15.50
CA GLN D 63 -2.64 13.66 15.04
C GLN D 63 -2.57 14.84 16.02
N GLN D 64 -3.50 14.89 16.97
CA GLN D 64 -3.45 15.86 18.09
C GLN D 64 -2.98 15.26 19.41
N ALA D 65 -2.86 13.93 19.48
CA ALA D 65 -2.39 13.25 20.70
C ALA D 65 -0.94 13.59 20.99
N LEU D 66 -0.59 13.64 22.26
CA LEU D 66 0.74 14.01 22.65
C LEU D 66 1.20 13.05 23.72
N PHE D 67 2.01 12.10 23.30
CA PHE D 67 2.55 11.04 24.12
C PHE D 67 3.79 11.54 24.82
N ASP D 68 4.19 10.84 25.88
CA ASP D 68 5.40 11.21 26.59
C ASP D 68 6.59 10.62 25.86
N ALA D 69 6.36 9.62 25.01
CA ALA D 69 7.47 9.09 24.24
C ALA D 69 6.99 8.46 22.97
N VAL D 70 7.84 8.52 21.95
CA VAL D 70 7.57 7.89 20.66
C VAL D 70 8.69 6.91 20.32
N VAL D 71 8.33 5.64 20.18
CA VAL D 71 9.31 4.61 19.84
C VAL D 71 9.26 4.39 18.35
N LEU D 72 10.43 4.44 17.72
CA LEU D 72 10.61 4.23 16.29
C LEU D 72 11.43 2.96 16.09
N PRO D 73 10.73 1.84 15.85
CA PRO D 73 11.45 0.58 15.56
C PRO D 73 12.21 0.64 14.25
N GLY D 74 13.11 -0.32 14.06
CA GLY D 74 13.94 -0.43 12.86
C GLY D 74 13.28 -1.38 11.88
N GLY D 75 14.11 -2.22 11.25
CA GLY D 75 13.70 -3.04 10.11
C GLY D 75 14.10 -2.29 8.85
N PRO D 76 14.69 -2.99 7.86
CA PRO D 76 15.18 -2.23 6.72
C PRO D 76 14.05 -1.48 6.02
N GLN D 77 12.96 -2.15 5.69
CA GLN D 77 11.82 -1.48 5.06
C GLN D 77 11.02 -0.64 6.04
N GLY D 78 10.97 -1.05 7.30
CA GLY D 78 10.17 -0.33 8.29
C GLY D 78 10.68 1.10 8.45
N SER D 79 11.98 1.25 8.65
CA SER D 79 12.54 2.56 8.87
C SER D 79 12.44 3.39 7.58
N ALA D 80 12.56 2.74 6.42
CA ALA D 80 12.35 3.42 5.14
C ALA D 80 10.95 3.94 4.98
N ASN D 81 9.96 3.13 5.35
CA ASN D 81 8.56 3.51 5.25
C ASN D 81 8.18 4.64 6.22
N LEU D 82 8.74 4.58 7.42
CA LEU D 82 8.52 5.63 8.44
C LEU D 82 9.00 6.96 7.87
N ALA D 83 10.23 6.96 7.39
CA ALA D 83 10.92 8.11 6.78
C ALA D 83 10.18 8.71 5.59
N ALA D 84 9.57 7.89 4.75
CA ALA D 84 8.86 8.39 3.57
C ALA D 84 7.46 8.91 3.90
N ASN D 85 7.05 8.76 5.15
CA ASN D 85 5.70 9.11 5.54
C ASN D 85 5.66 10.51 6.17
N PRO D 86 5.06 11.50 5.48
CA PRO D 86 5.05 12.88 6.00
C PRO D 86 4.31 13.02 7.34
N ALA D 87 3.27 12.20 7.56
CA ALA D 87 2.58 12.18 8.85
C ALA D 87 3.47 11.62 9.98
N VAL D 88 4.35 10.69 9.66
CA VAL D 88 5.34 10.25 10.65
C VAL D 88 6.29 11.41 11.00
N ILE D 89 6.83 12.08 10.00
CA ILE D 89 7.71 13.22 10.25
C ILE D 89 7.01 14.31 11.07
N ALA D 90 5.78 14.66 10.72
CA ALA D 90 5.04 15.70 11.42
C ALA D 90 4.82 15.31 12.86
N PHE D 91 4.49 14.03 13.06
CA PHE D 91 4.23 13.47 14.39
C PHE D 91 5.49 13.50 15.27
N VAL D 92 6.59 13.05 14.72
CA VAL D 92 7.87 13.07 15.42
C VAL D 92 8.33 14.51 15.71
N ALA D 93 8.20 15.40 14.72
CA ALA D 93 8.69 16.77 14.82
C ALA D 93 7.95 17.51 15.94
N ARG D 94 6.63 17.34 15.97
CA ARG D 94 5.77 17.91 16.98
C ARG D 94 6.13 17.41 18.39
N HIS D 95 6.41 16.11 18.53
CA HIS D 95 6.77 15.53 19.84
C HIS D 95 8.15 16.02 20.27
N ASP D 96 9.04 16.12 19.31
CA ASP D 96 10.41 16.54 19.57
C ASP D 96 10.37 18.00 20.01
N ALA D 97 9.60 18.83 19.31
CA ALA D 97 9.55 20.27 19.66
C ALA D 97 8.92 20.47 21.04
N ALA D 98 8.12 19.51 21.50
CA ALA D 98 7.53 19.61 22.84
C ALA D 98 8.38 18.95 23.93
N GLY D 99 9.62 18.63 23.63
CA GLY D 99 10.48 17.97 24.61
C GLY D 99 10.11 16.54 24.98
N LYS D 100 9.28 15.86 24.20
CA LYS D 100 8.90 14.48 24.51
C LYS D 100 9.96 13.55 24.03
N LEU D 101 9.95 12.33 24.56
CA LEU D 101 11.03 11.38 24.25
C LEU D 101 10.90 10.84 22.83
N ILE D 102 11.98 10.97 22.06
CA ILE D 102 12.09 10.38 20.73
C ILE D 102 13.03 9.20 20.84
N CYS D 103 12.54 8.00 20.52
CA CYS D 103 13.21 6.77 20.86
C CYS D 103 13.34 5.78 19.67
N PRO D 104 14.32 6.04 18.79
CA PRO D 104 14.65 5.19 17.69
C PRO D 104 15.51 4.03 18.10
N ILE D 105 15.29 2.91 17.44
CA ILE D 105 16.14 1.76 17.62
C ILE D 105 16.64 1.25 16.26
N ALA D 106 17.89 0.83 16.26
CA ALA D 106 18.56 0.18 15.11
C ALA D 106 18.72 1.13 13.96
N SER D 107 18.10 0.88 12.82
CA SER D 107 18.31 1.74 11.64
C SER D 107 17.52 3.05 11.72
N ALA D 108 16.47 3.08 12.54
CA ALA D 108 15.56 4.22 12.63
C ALA D 108 16.22 5.58 12.86
N ALA D 109 17.20 5.67 13.75
CA ALA D 109 17.85 6.97 14.01
C ALA D 109 18.52 7.52 12.76
N ALA D 110 19.16 6.66 11.96
CA ALA D 110 19.76 7.10 10.72
C ALA D 110 18.69 7.41 9.66
N ARG D 111 17.82 6.44 9.42
CA ARG D 111 16.93 6.50 8.25
C ARG D 111 15.77 7.47 8.45
N VAL D 112 15.24 7.54 9.65
CA VAL D 112 14.11 8.40 9.93
C VAL D 112 14.49 9.80 10.38
N LEU D 113 15.47 9.93 11.26
CA LEU D 113 15.80 11.24 11.78
C LEU D 113 16.99 11.83 11.05
N GLY D 114 18.06 11.04 10.95
CA GLY D 114 19.27 11.51 10.32
C GLY D 114 19.09 11.84 8.86
N ALA D 115 18.44 10.95 8.11
CA ALA D 115 18.20 11.22 6.67
C ALA D 115 17.44 12.52 6.43
N HIS D 116 16.71 12.99 7.43
CA HIS D 116 15.84 14.14 7.24
C HIS D 116 16.41 15.37 7.89
N GLY D 117 17.60 15.22 8.47
CA GLY D 117 18.29 16.32 9.08
C GLY D 117 17.80 16.64 10.47
N LEU D 118 17.16 15.67 11.14
CA LEU D 118 16.47 15.94 12.40
C LEU D 118 17.17 15.56 13.70
N LEU D 119 18.44 15.16 13.63
CA LEU D 119 19.15 14.78 14.87
C LEU D 119 19.60 16.00 15.67
N LYS D 120 19.73 17.16 15.01
CA LYS D 120 19.99 18.43 15.72
C LYS D 120 21.30 18.33 16.48
N GLY D 121 22.38 17.96 15.80
CA GLY D 121 23.69 17.80 16.47
C GLY D 121 23.73 16.81 17.65
N ARG D 122 22.65 16.04 17.86
CA ARG D 122 22.55 15.25 19.10
C ARG D 122 23.34 13.95 19.00
N ARG D 123 23.71 13.41 20.15
CA ARG D 123 24.35 12.12 20.19
C ARG D 123 23.31 11.04 20.02
N TYR D 124 23.69 10.00 19.28
CA TYR D 124 22.78 8.92 18.95
C TYR D 124 23.59 7.68 18.61
N VAL D 125 22.96 6.52 18.72
CA VAL D 125 23.46 5.28 18.09
C VAL D 125 22.46 4.67 17.09
N CYS D 126 23.00 4.02 16.08
CA CYS D 126 22.20 3.26 15.16
C CYS D 126 22.98 1.98 14.81
N SER D 127 22.35 1.12 14.02
CA SER D 127 22.93 -0.16 13.62
C SER D 127 23.89 -0.01 12.44
N GLY D 128 24.86 -0.92 12.37
CA GLY D 128 25.83 -1.02 11.26
C GLY D 128 26.60 0.27 10.99
N ASP D 129 26.86 0.55 9.72
CA ASP D 129 27.60 1.74 9.30
C ASP D 129 26.72 2.83 8.68
N LEU D 130 25.43 2.76 8.96
CA LEU D 130 24.45 3.76 8.47
C LEU D 130 24.81 5.17 8.92
N TRP D 131 25.52 5.27 10.05
CA TRP D 131 25.95 6.56 10.60
C TRP D 131 26.89 7.35 9.67
N LYS D 132 27.55 6.64 8.75
CA LYS D 132 28.49 7.27 7.82
C LYS D 132 27.77 8.17 6.84
N ALA D 133 26.52 7.84 6.53
CA ALA D 133 25.73 8.65 5.61
C ALA D 133 25.05 9.84 6.30
N VAL D 134 25.20 9.95 7.62
CA VAL D 134 24.44 10.91 8.44
C VAL D 134 25.37 12.07 8.81
N PRO D 135 25.26 13.21 8.11
CA PRO D 135 26.29 14.24 8.32
C PRO D 135 26.15 15.11 9.57
N GLU D 136 24.97 15.12 10.20
CA GLU D 136 24.66 16.22 11.15
C GLU D 136 24.77 15.90 12.65
N GLY D 137 24.46 14.67 13.04
CA GLY D 137 24.49 14.28 14.47
C GLY D 137 25.81 13.69 14.92
N VAL D 138 25.90 13.29 16.18
CA VAL D 138 27.11 12.66 16.73
C VAL D 138 26.90 11.18 17.10
N TYR D 139 27.43 10.30 16.25
CA TYR D 139 27.34 8.85 16.46
C TYR D 139 28.20 8.40 17.63
N VAL D 140 27.58 7.73 18.59
CA VAL D 140 28.29 7.09 19.69
C VAL D 140 28.01 5.59 19.61
N ASP D 141 29.06 4.77 19.59
CA ASP D 141 28.89 3.30 19.62
C ASP D 141 28.71 2.78 21.04
N ALA D 142 27.46 2.80 21.49
CA ALA D 142 27.10 2.29 22.79
C ALA D 142 25.74 1.60 22.61
N PRO D 143 25.43 0.64 23.46
CA PRO D 143 24.15 -0.05 23.42
C PRO D 143 22.96 0.91 23.43
N VAL D 144 23.05 1.93 24.27
CA VAL D 144 22.00 2.90 24.49
C VAL D 144 22.64 4.26 24.64
N VAL D 145 22.14 5.26 23.91
CA VAL D 145 22.65 6.61 24.01
C VAL D 145 21.51 7.54 24.38
N GLU D 146 21.73 8.32 25.43
CA GLU D 146 20.80 9.34 25.89
C GLU D 146 21.42 10.69 25.64
N ASP D 147 20.67 11.58 25.01
CA ASP D 147 21.09 12.97 24.81
C ASP D 147 19.82 13.81 24.73
N GLY D 148 19.53 14.52 25.81
CA GLY D 148 18.38 15.41 25.86
C GLY D 148 17.16 14.55 25.94
N ASN D 149 16.26 14.70 24.98
CA ASN D 149 15.06 13.85 24.89
C ASN D 149 15.16 12.73 23.84
N LEU D 150 16.37 12.51 23.34
CA LEU D 150 16.62 11.49 22.34
C LEU D 150 17.26 10.30 23.01
N ILE D 151 16.54 9.18 23.00
CA ILE D 151 17.05 7.93 23.52
C ILE D 151 17.13 6.89 22.41
N SER D 152 18.35 6.52 22.05
CA SER D 152 18.53 5.63 20.93
C SER D 152 19.13 4.32 21.36
N GLY D 153 18.81 3.27 20.60
CA GLY D 153 19.24 1.92 20.91
C GLY D 153 19.90 1.36 19.68
N LYS D 154 21.02 0.66 19.88
CA LYS D 154 21.86 0.25 18.75
C LYS D 154 21.27 -0.84 17.85
N GLY D 155 20.58 -1.79 18.45
CA GLY D 155 20.07 -2.93 17.70
C GLY D 155 19.37 -3.93 18.60
N LEU D 156 18.90 -5.02 17.99
CA LEU D 156 18.01 -5.95 18.67
C LEU D 156 18.68 -6.58 19.87
N GLY D 157 19.96 -6.91 19.76
CA GLY D 157 20.69 -7.46 20.89
C GLY D 157 20.65 -6.63 22.15
N HIS D 158 20.50 -5.33 22.01
CA HIS D 158 20.42 -4.40 23.15
C HIS D 158 19.02 -3.92 23.46
N VAL D 159 17.99 -4.55 22.90
CA VAL D 159 16.62 -4.05 23.09
C VAL D 159 16.20 -3.97 24.56
N PHE D 160 16.66 -4.90 25.39
CA PHE D 160 16.25 -4.89 26.79
C PHE D 160 16.80 -3.63 27.49
N ASP D 161 18.06 -3.30 27.23
CA ASP D 161 18.65 -2.10 27.82
CA ASP D 161 18.66 -2.10 27.81
C ASP D 161 17.90 -0.86 27.35
N PHE D 162 17.66 -0.80 26.05
CA PHE D 162 16.91 0.30 25.46
C PHE D 162 15.58 0.43 26.17
N ALA D 163 14.87 -0.68 26.30
CA ALA D 163 13.50 -0.62 26.76
C ALA D 163 13.46 -0.30 28.26
N LEU D 164 14.48 -0.78 28.97
CA LEU D 164 14.54 -0.53 30.42
C LEU D 164 14.97 0.90 30.70
N THR D 165 15.95 1.39 29.96
CA THR D 165 16.39 2.79 30.12
C THR D 165 15.26 3.76 29.82
N LEU D 166 14.54 3.53 28.72
CA LEU D 166 13.37 4.30 28.39
C LEU D 166 12.37 4.27 29.53
N SER D 167 12.07 3.08 30.06
CA SER D 167 11.14 2.99 31.19
C SER D 167 11.59 3.79 32.45
N ALA D 168 12.86 3.67 32.80
CA ALA D 168 13.39 4.34 34.01
C ALA D 168 13.12 5.82 33.84
N ARG D 169 13.55 6.31 32.69
CA ARG D 169 13.36 7.69 32.28
C ARG D 169 11.89 8.12 32.37
N LEU D 170 10.99 7.33 31.85
CA LEU D 170 9.57 7.69 31.95
C LEU D 170 9.05 7.64 33.37
N LEU D 171 9.57 6.72 34.17
CA LEU D 171 9.09 6.57 35.54
C LEU D 171 9.79 7.51 36.53
N GLY D 172 10.98 8.00 36.17
CA GLY D 172 11.78 8.81 37.08
C GLY D 172 12.24 8.05 38.32
N ASP D 173 12.35 6.73 38.21
CA ASP D 173 12.79 5.86 39.29
C ASP D 173 13.31 4.53 38.73
N ASP D 174 14.55 4.17 39.06
CA ASP D 174 15.09 2.89 38.64
C ASP D 174 14.48 1.70 39.38
N ALA D 175 14.03 1.92 40.61
CA ALA D 175 13.60 0.83 41.47
C ALA D 175 12.59 -0.10 40.80
N PRO D 176 11.47 0.45 40.30
CA PRO D 176 10.48 -0.48 39.76
C PRO D 176 10.96 -1.15 38.45
N VAL D 177 11.85 -0.48 37.71
CA VAL D 177 12.39 -0.98 36.46
C VAL D 177 13.30 -2.16 36.74
N ARG D 178 14.27 -1.95 37.63
CA ARG D 178 15.19 -3.01 38.05
C ARG D 178 14.45 -4.22 38.65
N GLU D 179 13.35 -3.94 39.34
CA GLU D 179 12.52 -4.99 39.88
C GLU D 179 11.93 -5.81 38.74
N GLN D 180 11.51 -5.17 37.65
CA GLN D 180 11.05 -5.93 36.47
C GLN D 180 12.18 -6.67 35.77
N ALA D 181 13.35 -6.03 35.69
CA ALA D 181 14.49 -6.66 35.08
C ALA D 181 14.82 -7.96 35.82
N GLU D 182 14.78 -7.91 37.15
CA GLU D 182 15.09 -9.12 37.93
C GLU D 182 14.04 -10.19 37.76
N HIS D 183 12.79 -9.77 37.67
CA HIS D 183 11.65 -10.69 37.54
C HIS D 183 11.70 -11.53 36.24
N ILE D 184 12.28 -10.96 35.17
CA ILE D 184 12.46 -11.70 33.91
C ILE D 184 13.90 -12.17 33.71
N TYR D 185 14.74 -11.94 34.72
CA TYR D 185 16.11 -12.45 34.76
C TYR D 185 16.98 -11.75 33.75
N TYR D 186 16.76 -10.45 33.57
CA TYR D 186 17.67 -9.64 32.76
C TYR D 186 18.54 -8.77 33.67
N PRO D 187 19.87 -8.93 33.56
CA PRO D 187 20.76 -8.17 34.43
C PRO D 187 20.89 -6.72 33.96
N TRP D 188 20.19 -5.82 34.63
CA TRP D 188 20.16 -4.40 34.28
C TRP D 188 20.44 -3.54 35.49
N MET E 4 24.57 38.58 5.39
CA MET E 4 23.45 38.65 4.40
C MET E 4 22.44 37.52 4.57
N LYS E 5 21.17 37.84 4.32
CA LYS E 5 20.11 36.91 4.65
C LYS E 5 19.90 35.93 3.51
N LYS E 6 19.38 34.75 3.84
CA LYS E 6 19.10 33.69 2.85
C LYS E 6 17.66 33.17 2.97
N VAL E 7 16.94 33.18 1.88
CA VAL E 7 15.57 32.69 1.83
C VAL E 7 15.45 31.46 0.93
N ALA E 8 14.77 30.41 1.39
CA ALA E 8 14.38 29.30 0.49
C ALA E 8 12.92 29.45 0.04
N VAL E 9 12.65 29.21 -1.24
CA VAL E 9 11.30 29.24 -1.78
C VAL E 9 11.06 27.83 -2.34
N LEU E 10 10.19 27.07 -1.69
CA LEU E 10 9.97 25.68 -2.04
C LEU E 10 9.01 25.64 -3.21
N LEU E 11 9.41 24.96 -4.27
CA LEU E 11 8.57 24.81 -5.45
C LEU E 11 8.22 23.37 -5.60
N ALA E 12 6.97 23.00 -5.35
CA ALA E 12 6.44 21.68 -5.68
C ALA E 12 5.54 21.78 -6.91
N PRO E 13 5.35 20.67 -7.64
CA PRO E 13 4.50 20.76 -8.83
C PRO E 13 3.19 21.36 -8.48
N GLY E 14 2.74 22.28 -9.32
CA GLY E 14 1.48 23.01 -9.12
C GLY E 14 1.61 24.22 -8.19
N PHE E 15 2.82 24.58 -7.76
CA PHE E 15 3.00 25.83 -6.98
C PHE E 15 2.39 27.01 -7.69
N GLU E 16 1.80 27.92 -6.93
CA GLU E 16 1.25 29.11 -7.52
C GLU E 16 2.41 30.02 -7.91
N GLU E 17 2.69 30.09 -9.21
CA GLU E 17 3.81 30.86 -9.69
C GLU E 17 3.77 32.35 -9.34
N ALA E 18 2.61 32.99 -9.46
CA ALA E 18 2.55 34.44 -9.20
C ALA E 18 2.97 34.76 -7.77
N GLU E 19 2.55 33.92 -6.84
CA GLU E 19 2.83 34.13 -5.45
C GLU E 19 4.32 34.01 -5.20
N ALA E 20 4.91 32.95 -5.73
CA ALA E 20 6.32 32.67 -5.51
C ALA E 20 7.22 33.70 -6.22
N ILE E 21 6.85 34.08 -7.45
CA ILE E 21 7.71 34.95 -8.27
C ILE E 21 7.72 36.40 -7.75
N VAL E 22 6.58 36.94 -7.33
CA VAL E 22 6.60 38.32 -6.83
C VAL E 22 7.47 38.37 -5.59
N THR E 23 7.30 37.37 -4.74
CA THR E 23 8.04 37.30 -3.50
C THR E 23 9.51 37.31 -3.83
N LEU E 24 9.88 36.43 -4.74
CA LEU E 24 11.23 36.25 -5.14
C LEU E 24 11.82 37.49 -5.82
N ASP E 25 11.06 38.11 -6.69
CA ASP E 25 11.48 39.36 -7.31
C ASP E 25 11.78 40.45 -6.24
N ILE E 26 10.93 40.60 -5.24
CA ILE E 26 11.12 41.68 -4.26
C ILE E 26 12.41 41.42 -3.49
N LEU E 27 12.59 40.17 -3.08
CA LEU E 27 13.76 39.76 -2.32
C LEU E 27 15.05 39.97 -3.08
N ARG E 28 15.05 39.57 -4.34
CA ARG E 28 16.23 39.69 -5.15
C ARG E 28 16.52 41.16 -5.48
N ARG E 29 15.49 41.98 -5.64
CA ARG E 29 15.69 43.43 -5.82
C ARG E 29 16.44 44.02 -4.66
N LEU E 30 16.24 43.43 -3.49
CA LEU E 30 16.93 43.85 -2.29
C LEU E 30 18.28 43.19 -2.10
N HIS E 31 18.75 42.43 -3.07
CA HIS E 31 19.99 41.68 -2.97
C HIS E 31 20.05 40.68 -1.78
N ILE E 32 18.87 40.28 -1.28
CA ILE E 32 18.75 39.13 -0.38
C ILE E 32 19.00 37.85 -1.22
N ASP E 33 19.71 36.88 -0.65
CA ASP E 33 20.04 35.64 -1.33
C ASP E 33 18.84 34.71 -1.27
N VAL E 34 18.24 34.44 -2.41
CA VAL E 34 17.12 33.53 -2.50
C VAL E 34 17.59 32.29 -3.24
N GLU E 35 17.17 31.12 -2.78
CA GLU E 35 17.30 29.89 -3.55
C GLU E 35 15.94 29.27 -3.74
N THR E 36 15.56 29.00 -4.97
CA THR E 36 14.38 28.20 -5.22
C THR E 36 14.78 26.75 -5.00
N LEU E 37 13.97 26.00 -4.26
CA LEU E 37 14.27 24.59 -4.03
C LEU E 37 13.11 23.76 -4.53
N ALA E 38 13.40 22.84 -5.45
CA ALA E 38 12.46 21.80 -5.84
C ALA E 38 12.46 20.73 -4.75
N CYS E 39 11.34 20.06 -4.61
CA CYS E 39 11.14 19.25 -3.42
C CYS E 39 11.32 17.72 -3.58
N ALA E 40 11.60 17.24 -4.77
CA ALA E 40 11.94 15.83 -4.90
C ALA E 40 13.17 15.66 -5.80
N GLU E 41 13.06 14.81 -6.81
CA GLU E 41 14.18 14.35 -7.59
C GLU E 41 14.62 15.33 -8.66
N SER E 42 13.69 16.08 -9.26
CA SER E 42 14.04 17.00 -10.36
C SER E 42 14.23 18.46 -9.97
N ARG E 43 14.94 19.21 -10.81
CA ARG E 43 15.11 20.64 -10.62
C ARG E 43 14.07 21.45 -11.42
N ALA E 44 13.55 20.89 -12.50
CA ALA E 44 12.47 21.51 -13.25
C ALA E 44 11.17 21.28 -12.53
N VAL E 45 10.37 22.34 -12.33
CA VAL E 45 9.07 22.24 -11.69
C VAL E 45 8.06 23.04 -12.50
N VAL E 46 6.86 22.48 -12.70
CA VAL E 46 5.79 23.17 -13.46
C VAL E 46 4.68 23.72 -12.56
N SER E 47 4.42 25.02 -12.70
CA SER E 47 3.53 25.72 -11.80
C SER E 47 2.07 25.40 -12.08
N TYR E 48 1.23 25.94 -11.25
CA TYR E 48 -0.23 25.79 -11.34
C TYR E 48 -0.74 26.21 -12.69
N HIS E 49 -0.28 27.35 -13.16
CA HIS E 49 -0.65 27.86 -14.48
C HIS E 49 0.37 27.56 -15.55
N ASP E 50 0.98 26.40 -15.42
CA ASP E 50 1.72 25.73 -16.50
C ASP E 50 3.07 26.30 -16.88
N ILE E 51 3.75 26.97 -15.98
CA ILE E 51 5.07 27.51 -16.35
C ILE E 51 6.17 26.66 -15.78
N PRO E 52 6.97 26.04 -16.66
CA PRO E 52 8.10 25.30 -16.17
C PRO E 52 9.22 26.22 -15.76
N MET E 53 9.75 25.98 -14.56
CA MET E 53 10.90 26.72 -14.06
C MET E 53 11.94 25.79 -13.54
N VAL E 54 13.19 26.19 -13.67
CA VAL E 54 14.27 25.39 -13.16
C VAL E 54 14.67 26.01 -11.86
N ALA E 55 14.42 25.26 -10.80
CA ALA E 55 14.80 25.62 -9.42
C ALA E 55 16.32 25.71 -9.28
N ASP E 56 16.80 26.50 -8.35
CA ASP E 56 18.23 26.69 -8.16
C ASP E 56 18.88 25.40 -7.61
N SER E 57 18.15 24.69 -6.75
CA SER E 57 18.66 23.46 -6.14
C SER E 57 17.46 22.62 -5.72
N THR E 58 17.69 21.62 -4.90
CA THR E 58 16.65 20.75 -4.41
C THR E 58 16.78 20.60 -2.92
N LEU E 59 15.67 20.23 -2.31
CA LEU E 59 15.61 20.02 -0.91
C LEU E 59 16.63 19.00 -0.45
N SER E 60 16.78 17.93 -1.25
CA SER E 60 17.74 16.87 -0.94
C SER E 60 19.18 17.37 -0.92
N GLU E 61 19.48 18.44 -1.64
CA GLU E 61 20.80 19.06 -1.58
C GLU E 61 20.92 20.12 -0.49
N ARG E 62 19.89 20.36 0.32
CA ARG E 62 19.95 21.45 1.33
C ARG E 62 19.57 21.06 2.77
N GLN E 63 19.75 19.80 3.11
CA GLN E 63 19.32 19.26 4.40
C GLN E 63 20.12 19.68 5.60
N GLN E 64 21.27 20.30 5.37
CA GLN E 64 22.01 20.93 6.44
C GLN E 64 22.05 22.44 6.32
N ALA E 65 21.45 23.00 5.28
CA ALA E 65 21.42 24.45 5.15
C ALA E 65 20.30 24.98 6.01
N LEU E 66 20.59 26.02 6.78
CA LEU E 66 19.58 26.69 7.55
C LEU E 66 19.35 28.06 6.93
N PHE E 67 18.18 28.27 6.34
CA PHE E 67 17.84 29.56 5.79
C PHE E 67 17.27 30.47 6.90
N ASP E 68 17.29 31.77 6.66
CA ASP E 68 16.64 32.73 7.56
C ASP E 68 15.11 32.82 7.40
N ALA E 69 14.62 32.47 6.22
CA ALA E 69 13.17 32.29 6.02
C ALA E 69 12.91 31.21 4.99
N VAL E 70 11.74 30.59 5.10
CA VAL E 70 11.26 29.60 4.12
C VAL E 70 9.92 30.08 3.59
N VAL E 71 9.84 30.35 2.30
CA VAL E 71 8.59 30.71 1.67
C VAL E 71 7.87 29.48 1.11
N LEU E 72 6.65 29.30 1.56
CA LEU E 72 5.78 28.25 1.11
C LEU E 72 4.65 28.83 0.26
N PRO E 73 4.79 28.81 -1.07
CA PRO E 73 3.68 29.23 -1.94
C PRO E 73 2.44 28.35 -1.82
N GLY E 74 1.32 28.84 -2.38
CA GLY E 74 0.10 28.08 -2.49
C GLY E 74 -0.08 27.34 -3.83
N GLY E 75 -1.29 27.37 -4.36
CA GLY E 75 -1.66 26.55 -5.53
C GLY E 75 -2.31 25.28 -5.01
N PRO E 76 -3.50 24.89 -5.57
CA PRO E 76 -4.20 23.75 -4.97
C PRO E 76 -3.35 22.50 -4.90
N GLN E 77 -2.75 22.13 -6.03
CA GLN E 77 -1.93 20.95 -6.08
C GLN E 77 -0.57 21.24 -5.46
N GLY E 78 -0.03 22.44 -5.65
CA GLY E 78 1.26 22.76 -5.02
C GLY E 78 1.22 22.50 -3.52
N SER E 79 0.25 23.06 -2.83
CA SER E 79 0.20 22.94 -1.38
C SER E 79 -0.15 21.51 -0.92
N ALA E 80 -0.97 20.79 -1.70
CA ALA E 80 -1.14 19.34 -1.48
C ALA E 80 0.17 18.56 -1.65
N ASN E 81 0.92 18.85 -2.69
CA ASN E 81 2.20 18.20 -2.92
C ASN E 81 3.28 18.53 -1.86
N LEU E 82 3.29 19.77 -1.37
CA LEU E 82 4.18 20.10 -0.26
C LEU E 82 3.83 19.27 0.96
N ALA E 83 2.53 19.12 1.19
CA ALA E 83 2.01 18.44 2.38
C ALA E 83 2.30 16.95 2.44
N ALA E 84 2.30 16.30 1.28
CA ALA E 84 2.57 14.87 1.19
C ALA E 84 4.04 14.58 1.19
N ASN E 85 4.88 15.60 1.17
CA ASN E 85 6.29 15.35 0.99
C ASN E 85 7.02 15.36 2.33
N PRO E 86 7.52 14.18 2.75
CA PRO E 86 8.12 14.10 4.06
C PRO E 86 9.32 15.02 4.19
N ALA E 87 10.08 15.22 3.10
CA ALA E 87 11.24 16.11 3.14
C ALA E 87 10.88 17.58 3.40
N VAL E 88 9.72 18.02 2.92
CA VAL E 88 9.23 19.38 3.09
C VAL E 88 8.88 19.59 4.54
N ILE E 89 8.18 18.60 5.10
CA ILE E 89 7.80 18.63 6.49
C ILE E 89 9.04 18.70 7.38
N ALA E 90 10.03 17.86 7.12
CA ALA E 90 11.26 17.91 7.95
C ALA E 90 11.91 19.30 7.85
N PHE E 91 12.06 19.81 6.63
CA PHE E 91 12.71 21.10 6.35
C PHE E 91 12.02 22.22 7.12
N VAL E 92 10.71 22.31 7.01
CA VAL E 92 9.93 23.28 7.73
C VAL E 92 10.05 23.10 9.23
N ALA E 93 9.85 21.88 9.73
CA ALA E 93 9.94 21.65 11.17
C ALA E 93 11.28 22.10 11.72
N ARG E 94 12.33 21.78 10.99
CA ARG E 94 13.69 22.07 11.41
C ARG E 94 13.90 23.58 11.46
N HIS E 95 13.37 24.28 10.47
CA HIS E 95 13.49 25.75 10.46
C HIS E 95 12.65 26.43 11.54
N ASP E 96 11.44 25.93 11.74
CA ASP E 96 10.57 26.44 12.76
C ASP E 96 11.19 26.25 14.16
N ALA E 97 11.72 25.07 14.42
CA ALA E 97 12.34 24.80 15.73
C ALA E 97 13.55 25.70 15.99
N ALA E 98 14.29 26.04 14.94
CA ALA E 98 15.42 26.99 15.05
C ALA E 98 15.02 28.48 15.09
N GLY E 99 13.73 28.78 15.05
CA GLY E 99 13.24 30.17 15.10
C GLY E 99 13.36 30.92 13.79
N LYS E 100 13.51 30.21 12.68
CA LYS E 100 13.64 30.89 11.38
C LYS E 100 12.24 31.21 10.84
N LEU E 101 12.14 32.11 9.88
CA LEU E 101 10.81 32.62 9.50
C LEU E 101 10.15 31.62 8.55
N ILE E 102 8.91 31.27 8.89
CA ILE E 102 8.10 30.37 8.11
C ILE E 102 7.00 31.18 7.47
N CYS E 103 6.97 31.19 6.15
CA CYS E 103 6.24 32.20 5.40
C CYS E 103 5.28 31.64 4.35
N PRO E 104 4.15 31.10 4.81
CA PRO E 104 3.18 30.52 3.89
C PRO E 104 2.27 31.53 3.28
N ILE E 105 1.81 31.25 2.08
CA ILE E 105 0.90 32.14 1.43
C ILE E 105 -0.27 31.38 0.84
N ALA E 106 -1.44 32.00 0.99
CA ALA E 106 -2.65 31.48 0.36
C ALA E 106 -3.03 30.16 1.03
N SER E 107 -3.00 29.04 0.32
CA SER E 107 -3.48 27.80 0.91
C SER E 107 -2.43 27.11 1.75
N ALA E 108 -1.17 27.50 1.61
CA ALA E 108 -0.09 26.83 2.32
C ALA E 108 -0.26 26.69 3.81
N ALA E 109 -0.69 27.76 4.45
CA ALA E 109 -0.81 27.78 5.90
C ALA E 109 -1.79 26.70 6.35
N ALA E 110 -2.93 26.59 5.69
CA ALA E 110 -3.92 25.62 6.05
C ALA E 110 -3.48 24.23 5.63
N ARG E 111 -3.01 24.09 4.38
CA ARG E 111 -2.80 22.75 3.83
CA ARG E 111 -2.76 22.76 3.79
C ARG E 111 -1.47 22.12 4.24
N VAL E 112 -0.46 22.94 4.48
CA VAL E 112 0.83 22.40 4.81
C VAL E 112 1.12 22.37 6.32
N LEU E 113 0.89 23.47 7.01
CA LEU E 113 1.17 23.52 8.42
C LEU E 113 -0.03 23.06 9.24
N GLY E 114 -1.21 23.52 8.84
CA GLY E 114 -2.42 23.25 9.54
C GLY E 114 -2.75 21.79 9.53
N ALA E 115 -2.74 21.22 8.33
CA ALA E 115 -3.02 19.79 8.12
C ALA E 115 -2.06 18.86 8.87
N HIS E 116 -0.88 19.34 9.26
CA HIS E 116 0.09 18.50 9.97
C HIS E 116 0.24 18.94 11.40
N GLY E 117 -0.74 19.69 11.89
CA GLY E 117 -0.69 20.25 13.21
C GLY E 117 0.63 20.89 13.54
N LEU E 118 1.15 21.75 12.65
CA LEU E 118 2.44 22.43 12.87
C LEU E 118 2.28 23.94 13.11
N LEU E 119 1.05 24.43 13.14
CA LEU E 119 0.83 25.87 13.38
C LEU E 119 1.09 26.27 14.85
N LYS E 120 1.13 25.31 15.76
CA LYS E 120 1.47 25.51 17.17
C LYS E 120 0.61 26.59 17.86
N GLY E 121 -0.68 26.60 17.56
CA GLY E 121 -1.60 27.55 18.14
C GLY E 121 -1.49 28.99 17.64
N ARG E 122 -0.65 29.23 16.64
CA ARG E 122 -0.40 30.59 16.20
C ARG E 122 -1.52 31.19 15.36
N ARG E 123 -1.60 32.53 15.38
CA ARG E 123 -2.45 33.29 14.46
C ARG E 123 -1.89 33.16 13.04
N TYR E 124 -2.78 33.02 12.05
CA TYR E 124 -2.37 32.83 10.67
C TYR E 124 -3.52 33.29 9.81
N VAL E 125 -3.21 33.56 8.57
CA VAL E 125 -4.25 33.71 7.56
C VAL E 125 -3.93 32.74 6.44
N CYS E 126 -4.97 32.36 5.70
CA CYS E 126 -4.89 31.50 4.55
C CYS E 126 -6.00 31.92 3.63
N SER E 127 -6.00 31.42 2.42
CA SER E 127 -7.03 31.77 1.48
C SER E 127 -8.31 30.99 1.77
N GLY E 128 -9.42 31.50 1.24
CA GLY E 128 -10.71 30.81 1.21
C GLY E 128 -11.20 30.46 2.60
N ASP E 129 -11.92 29.34 2.70
CA ASP E 129 -12.43 28.85 3.98
C ASP E 129 -11.66 27.61 4.45
N LEU E 130 -10.43 27.47 3.97
CA LEU E 130 -9.57 26.34 4.32
C LEU E 130 -9.31 26.25 5.82
N TRP E 131 -9.39 27.40 6.48
CA TRP E 131 -9.26 27.50 7.92
C TRP E 131 -10.31 26.65 8.67
N LYS E 132 -11.51 26.51 8.10
CA LYS E 132 -12.53 25.67 8.72
C LYS E 132 -12.01 24.25 9.05
N ALA E 133 -11.25 23.66 8.15
CA ALA E 133 -10.74 22.30 8.37
C ALA E 133 -9.48 22.22 9.29
N VAL E 134 -9.01 23.35 9.84
CA VAL E 134 -7.69 23.37 10.53
C VAL E 134 -7.86 23.37 12.05
N PRO E 135 -7.40 22.30 12.72
CA PRO E 135 -7.72 22.16 14.15
C PRO E 135 -7.03 23.13 15.12
N GLU E 136 -5.77 23.49 14.88
CA GLU E 136 -4.93 24.08 15.94
C GLU E 136 -4.21 25.38 15.56
N GLY E 137 -4.94 26.29 14.93
CA GLY E 137 -4.45 27.64 14.72
C GLY E 137 -5.53 28.64 15.05
N VAL E 138 -5.19 29.90 15.01
CA VAL E 138 -6.20 30.96 15.11
C VAL E 138 -6.20 31.68 13.78
N TYR E 139 -7.27 31.49 13.01
CA TYR E 139 -7.44 32.16 11.74
C TYR E 139 -7.79 33.62 12.00
N VAL E 140 -7.07 34.52 11.33
CA VAL E 140 -7.29 35.94 11.35
C VAL E 140 -7.43 36.46 9.93
N ASP E 141 -8.51 37.18 9.66
CA ASP E 141 -8.75 37.69 8.34
C ASP E 141 -8.03 39.02 8.15
N ALA E 142 -6.75 38.95 7.80
CA ALA E 142 -5.94 40.14 7.53
C ALA E 142 -5.08 39.84 6.32
N PRO E 143 -4.63 40.87 5.60
CA PRO E 143 -3.82 40.58 4.42
C PRO E 143 -2.54 39.81 4.77
N VAL E 144 -1.96 40.17 5.92
CA VAL E 144 -0.73 39.57 6.35
C VAL E 144 -0.82 39.37 7.83
N VAL E 145 -0.32 38.25 8.32
CA VAL E 145 -0.43 37.96 9.75
C VAL E 145 0.93 37.52 10.24
N GLU E 146 1.44 38.17 11.28
CA GLU E 146 2.70 37.79 11.90
C GLU E 146 2.45 37.34 13.32
N ASP E 147 2.98 36.18 13.67
CA ASP E 147 2.86 35.70 15.02
C ASP E 147 4.21 35.06 15.27
N GLY E 148 5.06 35.73 16.02
CA GLY E 148 6.41 35.25 16.27
C GLY E 148 7.18 35.06 14.98
N ASN E 149 7.57 33.82 14.66
CA ASN E 149 8.28 33.57 13.41
C ASN E 149 7.40 33.11 12.26
N LEU E 150 6.09 33.09 12.45
CA LEU E 150 5.17 32.71 11.40
C LEU E 150 4.65 33.93 10.70
N ILE E 151 4.99 34.11 9.43
CA ILE E 151 4.49 35.23 8.66
C ILE E 151 3.68 34.70 7.49
N SER E 152 2.37 34.90 7.54
CA SER E 152 1.46 34.33 6.53
C SER E 152 0.79 35.40 5.72
N GLY E 153 0.49 35.05 4.47
CA GLY E 153 -0.11 35.97 3.52
C GLY E 153 -1.45 35.42 3.07
N LYS E 154 -2.42 36.30 2.88
CA LYS E 154 -3.77 35.82 2.65
C LYS E 154 -3.94 35.18 1.24
N GLY E 155 -3.37 35.79 0.23
CA GLY E 155 -3.58 35.36 -1.11
C GLY E 155 -2.89 36.26 -2.09
N LEU E 156 -2.99 35.91 -3.36
CA LEU E 156 -2.20 36.53 -4.40
C LEU E 156 -2.34 38.05 -4.43
N GLY E 157 -3.57 38.55 -4.33
CA GLY E 157 -3.79 40.00 -4.29
C GLY E 157 -3.00 40.75 -3.24
N HIS E 158 -2.52 40.05 -2.21
CA HIS E 158 -1.82 40.69 -1.11
C HIS E 158 -0.34 40.35 -1.08
N VAL E 159 0.18 39.90 -2.21
CA VAL E 159 1.51 39.35 -2.22
C VAL E 159 2.61 40.41 -2.01
N PHE E 160 2.40 41.62 -2.54
CA PHE E 160 3.36 42.69 -2.28
C PHE E 160 3.48 43.00 -0.78
N ASP E 161 2.33 43.10 -0.12
CA ASP E 161 2.27 43.36 1.31
CA ASP E 161 2.26 43.33 1.31
C ASP E 161 3.04 42.22 2.00
N PHE E 162 2.77 40.99 1.61
CA PHE E 162 3.47 39.84 2.15
C PHE E 162 4.99 39.93 1.97
N ALA E 163 5.41 40.19 0.75
CA ALA E 163 6.79 40.17 0.39
C ALA E 163 7.57 41.31 1.04
N LEU E 164 6.97 42.48 1.12
CA LEU E 164 7.63 43.65 1.71
C LEU E 164 7.74 43.48 3.22
N THR E 165 6.69 42.93 3.82
CA THR E 165 6.69 42.64 5.23
C THR E 165 7.82 41.70 5.56
N LEU E 166 7.90 40.58 4.83
CA LEU E 166 8.97 39.62 5.05
C LEU E 166 10.33 40.29 4.87
N SER E 167 10.45 41.06 3.79
CA SER E 167 11.71 41.70 3.46
C SER E 167 12.18 42.67 4.52
N ALA E 168 11.26 43.53 4.98
CA ALA E 168 11.56 44.46 6.09
C ALA E 168 11.98 43.68 7.32
N ARG E 169 11.32 42.56 7.55
CA ARG E 169 11.62 41.76 8.73
C ARG E 169 13.03 41.14 8.67
N LEU E 170 13.41 40.62 7.49
CA LEU E 170 14.75 40.10 7.32
C LEU E 170 15.88 41.11 7.47
N LEU E 171 15.71 42.27 6.85
CA LEU E 171 16.74 43.26 6.78
C LEU E 171 16.79 44.00 8.08
N GLY E 172 15.66 44.15 8.75
CA GLY E 172 15.61 44.89 10.02
C GLY E 172 15.62 46.41 9.84
N ASP E 173 15.43 46.86 8.62
CA ASP E 173 15.53 48.25 8.24
C ASP E 173 14.56 48.50 7.08
N ASP E 174 13.65 49.46 7.23
CA ASP E 174 12.57 49.70 6.23
C ASP E 174 12.99 50.48 4.98
N ALA E 175 14.05 51.28 5.12
CA ALA E 175 14.47 52.22 4.07
C ALA E 175 14.85 51.51 2.74
N PRO E 176 15.72 50.49 2.78
CA PRO E 176 15.92 49.75 1.54
C PRO E 176 14.62 49.15 0.99
N VAL E 177 13.74 48.66 1.85
CA VAL E 177 12.47 48.05 1.37
C VAL E 177 11.63 49.11 0.69
N ARG E 178 11.40 50.22 1.38
CA ARG E 178 10.70 51.34 0.82
C ARG E 178 11.34 51.88 -0.47
N GLU E 179 12.67 52.00 -0.47
CA GLU E 179 13.34 52.43 -1.68
C GLU E 179 12.89 51.55 -2.87
N GLN E 180 12.86 50.22 -2.68
CA GLN E 180 12.46 49.32 -3.79
C GLN E 180 10.98 49.42 -4.09
N ALA E 181 10.17 49.64 -3.05
CA ALA E 181 8.71 49.80 -3.25
C ALA E 181 8.45 51.00 -4.16
N GLU E 182 9.11 52.12 -3.85
CA GLU E 182 8.99 53.34 -4.67
C GLU E 182 9.52 53.11 -6.10
N HIS E 183 10.64 52.42 -6.23
CA HIS E 183 11.21 52.14 -7.57
C HIS E 183 10.19 51.43 -8.49
N ILE E 184 9.36 50.54 -7.92
CA ILE E 184 8.35 49.82 -8.69
C ILE E 184 6.92 50.38 -8.57
N TYR E 185 6.80 51.54 -7.90
CA TYR E 185 5.52 52.22 -7.77
C TYR E 185 4.51 51.42 -6.98
N TYR E 186 4.96 50.79 -5.88
CA TYR E 186 4.06 50.14 -4.95
C TYR E 186 4.10 50.92 -3.65
N PRO E 187 2.96 51.45 -3.22
CA PRO E 187 2.99 52.31 -2.03
C PRO E 187 3.37 51.58 -0.75
N TRP E 188 4.54 51.90 -0.17
CA TRP E 188 4.95 51.27 1.08
C TRP E 188 5.84 52.18 1.91
N MET F 4 -12.94 32.82 -28.50
CA MET F 4 -11.94 32.65 -27.42
C MET F 4 -10.60 33.30 -27.81
N LYS F 5 -10.12 34.19 -26.96
CA LYS F 5 -9.00 35.06 -27.30
C LYS F 5 -7.64 34.39 -27.10
N LYS F 6 -6.64 34.87 -27.84
CA LYS F 6 -5.26 34.39 -27.76
C LYS F 6 -4.37 35.53 -27.35
N VAL F 7 -3.45 35.28 -26.44
CA VAL F 7 -2.45 36.27 -26.08
C VAL F 7 -1.05 35.71 -26.15
N ALA F 8 -0.16 36.48 -26.77
CA ALA F 8 1.25 36.15 -26.84
C ALA F 8 1.96 36.97 -25.80
N VAL F 9 2.77 36.33 -24.97
CA VAL F 9 3.65 37.01 -24.01
C VAL F 9 5.08 36.76 -24.48
N LEU F 10 5.77 37.83 -24.87
CA LEU F 10 7.08 37.70 -25.46
C LEU F 10 8.15 37.66 -24.36
N LEU F 11 8.91 36.58 -24.32
CA LEU F 11 10.01 36.42 -23.33
C LEU F 11 11.34 36.48 -24.03
N ALA F 12 12.03 37.59 -23.84
CA ALA F 12 13.40 37.75 -24.29
C ALA F 12 14.37 37.57 -23.10
N PRO F 13 15.64 37.22 -23.35
CA PRO F 13 16.55 37.10 -22.20
C PRO F 13 16.54 38.36 -21.36
N GLY F 14 16.43 38.22 -20.06
CA GLY F 14 16.35 39.37 -19.15
C GLY F 14 14.95 39.88 -18.88
N PHE F 15 13.94 39.27 -19.49
CA PHE F 15 12.56 39.68 -19.20
C PHE F 15 12.26 39.77 -17.70
N GLU F 16 11.48 40.78 -17.32
CA GLU F 16 11.10 40.93 -15.93
C GLU F 16 10.04 39.86 -15.62
N GLU F 17 10.41 38.86 -14.82
CA GLU F 17 9.54 37.68 -14.64
C GLU F 17 8.27 37.96 -13.86
N ALA F 18 8.33 38.90 -12.92
CA ALA F 18 7.17 39.24 -12.12
C ALA F 18 6.12 39.95 -12.94
N GLU F 19 6.54 40.85 -13.81
CA GLU F 19 5.61 41.56 -14.66
C GLU F 19 4.93 40.55 -15.56
N ALA F 20 5.74 39.70 -16.20
CA ALA F 20 5.21 38.70 -17.13
C ALA F 20 4.36 37.65 -16.43
N ILE F 21 4.84 37.16 -15.29
CA ILE F 21 4.16 36.03 -14.62
C ILE F 21 2.82 36.41 -14.04
N VAL F 22 2.72 37.59 -13.46
CA VAL F 22 1.47 37.97 -12.87
C VAL F 22 0.45 38.16 -13.99
N THR F 23 0.86 38.80 -15.08
CA THR F 23 -0.04 39.06 -16.19
C THR F 23 -0.59 37.75 -16.73
N LEU F 24 0.33 36.83 -16.94
CA LEU F 24 0.00 35.51 -17.38
C LEU F 24 -0.93 34.78 -16.40
N ASP F 25 -0.63 34.86 -15.12
CA ASP F 25 -1.49 34.24 -14.09
C ASP F 25 -2.92 34.74 -14.20
N ILE F 26 -3.07 36.06 -14.33
CA ILE F 26 -4.41 36.64 -14.38
C ILE F 26 -5.16 36.16 -15.64
N LEU F 27 -4.54 36.30 -16.81
CA LEU F 27 -5.11 35.83 -18.05
C LEU F 27 -5.55 34.39 -17.97
N ARG F 28 -4.67 33.53 -17.50
CA ARG F 28 -4.98 32.11 -17.39
C ARG F 28 -6.04 31.81 -16.33
N ARG F 29 -6.13 32.62 -15.28
CA ARG F 29 -7.21 32.49 -14.33
C ARG F 29 -8.54 32.71 -15.02
N LEU F 30 -8.57 33.63 -15.98
CA LEU F 30 -9.76 33.92 -16.75
C LEU F 30 -9.93 33.03 -17.96
N HIS F 31 -9.15 31.95 -18.07
CA HIS F 31 -9.24 31.04 -19.21
C HIS F 31 -9.03 31.71 -20.56
N ILE F 32 -8.36 32.86 -20.56
CA ILE F 32 -7.90 33.47 -21.80
C ILE F 32 -6.72 32.63 -22.25
N ASP F 33 -6.68 32.25 -23.51
CA ASP F 33 -5.60 31.41 -24.02
C ASP F 33 -4.31 32.24 -24.15
N VAL F 34 -3.21 31.72 -23.63
CA VAL F 34 -1.95 32.48 -23.57
C VAL F 34 -0.79 31.61 -24.01
N GLU F 35 0.11 32.17 -24.81
CA GLU F 35 1.32 31.49 -25.18
C GLU F 35 2.52 32.34 -24.80
N THR F 36 3.45 31.79 -24.05
CA THR F 36 4.73 32.46 -23.85
C THR F 36 5.57 32.10 -25.04
N LEU F 37 6.18 33.11 -25.64
CA LEU F 37 7.01 32.92 -26.82
C LEU F 37 8.42 33.33 -26.52
N ALA F 38 9.32 32.37 -26.57
CA ALA F 38 10.74 32.69 -26.39
C ALA F 38 11.25 33.40 -27.63
N CYS F 39 11.73 34.63 -27.44
CA CYS F 39 12.38 35.40 -28.50
C CYS F 39 13.85 35.00 -28.55
N ALA F 40 14.05 33.78 -29.03
CA ALA F 40 15.32 33.10 -28.90
C ALA F 40 15.30 31.90 -29.80
N GLU F 41 16.41 31.18 -29.82
CA GLU F 41 16.54 30.03 -30.68
C GLU F 41 16.00 28.76 -30.07
N SER F 42 15.67 28.79 -28.78
CA SER F 42 15.01 27.68 -28.11
C SER F 42 13.97 28.23 -27.14
N ARG F 43 13.18 27.32 -26.56
CA ARG F 43 12.17 27.70 -25.60
C ARG F 43 12.75 28.09 -24.25
N ALA F 44 14.05 27.85 -24.02
CA ALA F 44 14.65 28.22 -22.73
C ALA F 44 14.94 29.72 -22.71
N VAL F 45 14.60 30.39 -21.62
CA VAL F 45 14.86 31.82 -21.47
C VAL F 45 15.03 32.09 -19.98
N VAL F 46 16.01 32.94 -19.62
CA VAL F 46 16.29 33.26 -18.23
C VAL F 46 15.89 34.70 -17.94
N SER F 47 15.10 34.88 -16.89
CA SER F 47 14.55 36.20 -16.54
C SER F 47 15.57 37.11 -15.90
N TYR F 48 15.15 38.35 -15.68
CA TYR F 48 15.97 39.37 -15.05
C TYR F 48 16.51 38.95 -13.71
N HIS F 49 15.65 38.40 -12.86
CA HIS F 49 16.10 37.88 -11.58
C HIS F 49 16.36 36.39 -11.59
N ASP F 50 16.92 35.91 -12.71
CA ASP F 50 17.59 34.60 -12.82
C ASP F 50 16.74 33.37 -12.74
N ILE F 51 15.54 33.42 -13.28
CA ILE F 51 14.72 32.22 -13.32
C ILE F 51 14.75 31.68 -14.72
N PRO F 52 15.33 30.51 -14.88
CA PRO F 52 15.25 29.84 -16.15
C PRO F 52 13.84 29.27 -16.32
N MET F 53 13.12 29.72 -17.36
CA MET F 53 11.81 29.16 -17.72
C MET F 53 11.81 28.52 -19.11
N VAL F 54 10.79 27.70 -19.38
CA VAL F 54 10.59 27.09 -20.69
C VAL F 54 9.36 27.72 -21.29
N ALA F 55 9.53 28.56 -22.29
CA ALA F 55 8.39 29.14 -23.01
C ALA F 55 7.52 28.05 -23.65
N ASP F 56 6.28 28.40 -23.96
CA ASP F 56 5.37 27.47 -24.67
C ASP F 56 5.85 27.22 -26.11
N SER F 57 6.40 28.23 -26.74
CA SER F 57 6.88 28.09 -28.10
C SER F 57 7.97 29.11 -28.32
N THR F 58 8.48 29.21 -29.54
CA THR F 58 9.43 30.28 -29.88
C THR F 58 8.73 31.17 -30.84
N LEU F 59 9.17 32.41 -30.85
CA LEU F 59 8.65 33.41 -31.71
C LEU F 59 8.73 32.96 -33.15
N SER F 60 9.82 32.31 -33.52
CA SER F 60 10.00 31.96 -34.92
C SER F 60 8.95 30.92 -35.39
N GLU F 61 8.36 30.18 -34.46
CA GLU F 61 7.31 29.22 -34.82
C GLU F 61 5.92 29.87 -34.94
N ARG F 62 5.86 31.22 -34.91
CA ARG F 62 4.60 31.96 -34.88
C ARG F 62 4.67 33.23 -35.71
N GLN F 63 5.38 33.17 -36.83
CA GLN F 63 5.48 34.30 -37.74
C GLN F 63 4.15 34.57 -38.47
N GLN F 64 3.35 33.54 -38.71
CA GLN F 64 2.05 33.74 -39.36
C GLN F 64 0.91 33.81 -38.34
N ALA F 65 1.23 33.69 -37.05
CA ALA F 65 0.19 33.68 -36.01
C ALA F 65 -0.28 35.09 -35.72
N LEU F 66 -1.60 35.25 -35.62
CA LEU F 66 -2.17 36.51 -35.25
C LEU F 66 -2.89 36.41 -33.91
N PHE F 67 -2.23 36.92 -32.88
CA PHE F 67 -2.79 37.06 -31.52
C PHE F 67 -3.67 38.29 -31.39
N ASP F 68 -4.61 38.23 -30.44
CA ASP F 68 -5.48 39.35 -30.12
C ASP F 68 -4.74 40.37 -29.29
N ALA F 69 -3.68 39.92 -28.61
CA ALA F 69 -2.90 40.79 -27.78
C ALA F 69 -1.47 40.29 -27.67
N VAL F 70 -0.56 41.23 -27.55
CA VAL F 70 0.85 40.95 -27.43
C VAL F 70 1.37 41.70 -26.24
N VAL F 71 1.81 40.96 -25.23
CA VAL F 71 2.35 41.55 -24.03
C VAL F 71 3.85 41.63 -24.16
N LEU F 72 4.40 42.77 -23.78
CA LEU F 72 5.83 43.04 -23.84
C LEU F 72 6.29 43.40 -22.44
N PRO F 73 6.89 42.44 -21.72
CA PRO F 73 7.42 42.73 -20.39
C PRO F 73 8.60 43.68 -20.41
N GLY F 74 8.92 44.25 -19.27
CA GLY F 74 10.08 45.12 -19.17
C GLY F 74 11.31 44.38 -18.67
N GLY F 75 11.99 45.03 -17.72
CA GLY F 75 13.33 44.64 -17.32
C GLY F 75 14.37 45.30 -18.22
N PRO F 76 15.50 45.77 -17.64
CA PRO F 76 16.51 46.53 -18.41
C PRO F 76 17.11 45.78 -19.63
N GLN F 77 17.56 44.55 -19.42
CA GLN F 77 18.07 43.74 -20.51
C GLN F 77 16.94 43.19 -21.34
N GLY F 78 15.87 42.74 -20.69
CA GLY F 78 14.70 42.20 -21.39
C GLY F 78 14.21 43.12 -22.50
N SER F 79 13.90 44.36 -22.15
CA SER F 79 13.37 45.27 -23.14
C SER F 79 14.42 45.64 -24.20
N ALA F 80 15.68 45.78 -23.78
CA ALA F 80 16.76 46.01 -24.73
C ALA F 80 16.89 44.87 -25.70
N ASN F 81 16.77 43.63 -25.24
CA ASN F 81 16.93 42.46 -26.15
C ASN F 81 15.76 42.30 -27.11
N LEU F 82 14.56 42.64 -26.65
CA LEU F 82 13.37 42.71 -27.52
C LEU F 82 13.57 43.77 -28.60
N ALA F 83 13.91 44.99 -28.20
CA ALA F 83 14.19 46.07 -29.15
C ALA F 83 15.18 45.66 -30.25
N ALA F 84 16.20 44.91 -29.87
CA ALA F 84 17.29 44.62 -30.76
C ALA F 84 16.97 43.45 -31.65
N ASN F 85 15.83 42.81 -31.44
CA ASN F 85 15.51 41.63 -32.19
C ASN F 85 14.60 41.99 -33.36
N PRO F 86 15.09 41.81 -34.61
CA PRO F 86 14.23 42.18 -35.75
C PRO F 86 12.95 41.38 -35.87
N ALA F 87 12.96 40.12 -35.45
CA ALA F 87 11.77 39.28 -35.46
C ALA F 87 10.70 39.80 -34.51
N VAL F 88 11.14 40.36 -33.37
CA VAL F 88 10.25 40.95 -32.39
C VAL F 88 9.54 42.15 -33.01
N ILE F 89 10.33 42.99 -33.71
CA ILE F 89 9.80 44.20 -34.35
C ILE F 89 8.78 43.86 -35.45
N ALA F 90 9.09 42.89 -36.30
CA ALA F 90 8.17 42.47 -37.36
C ALA F 90 6.84 41.98 -36.78
N PHE F 91 6.96 41.15 -35.74
CA PHE F 91 5.82 40.58 -35.01
C PHE F 91 4.95 41.67 -34.41
N VAL F 92 5.59 42.56 -33.68
CA VAL F 92 4.86 43.64 -33.05
C VAL F 92 4.26 44.57 -34.07
N ALA F 93 5.05 44.89 -35.10
CA ALA F 93 4.59 45.76 -36.18
C ALA F 93 3.42 45.13 -36.91
N ARG F 94 3.55 43.87 -37.27
CA ARG F 94 2.43 43.19 -37.91
C ARG F 94 1.16 43.26 -37.04
N HIS F 95 1.31 43.07 -35.73
CA HIS F 95 0.15 43.16 -34.84
C HIS F 95 -0.43 44.56 -34.73
N ASP F 96 0.44 45.54 -34.58
CA ASP F 96 0.00 46.92 -34.44
C ASP F 96 -0.79 47.35 -35.70
N ALA F 97 -0.21 47.09 -36.87
CA ALA F 97 -0.86 47.38 -38.16
C ALA F 97 -2.21 46.73 -38.29
N ALA F 98 -2.38 45.55 -37.72
CA ALA F 98 -3.65 44.83 -37.81
C ALA F 98 -4.60 45.23 -36.69
N GLY F 99 -4.20 46.21 -35.88
CA GLY F 99 -5.04 46.75 -34.83
C GLY F 99 -5.16 45.89 -33.57
N LYS F 100 -4.30 44.89 -33.41
CA LYS F 100 -4.39 44.05 -32.20
C LYS F 100 -3.77 44.76 -31.00
N LEU F 101 -4.03 44.24 -29.80
CA LEU F 101 -3.62 44.96 -28.59
C LEU F 101 -2.09 44.87 -28.34
N ILE F 102 -1.44 46.02 -28.21
CA ILE F 102 -0.03 46.07 -27.96
C ILE F 102 0.15 46.51 -26.52
N CYS F 103 0.77 45.64 -25.72
CA CYS F 103 0.67 45.74 -24.29
C CYS F 103 2.00 45.76 -23.55
N PRO F 104 2.74 46.88 -23.65
CA PRO F 104 3.99 47.02 -22.97
C PRO F 104 3.81 47.37 -21.50
N ILE F 105 4.78 46.96 -20.67
CA ILE F 105 4.81 47.36 -19.29
C ILE F 105 6.23 47.85 -18.95
N ALA F 106 6.29 48.83 -18.05
CA ALA F 106 7.53 49.34 -17.50
C ALA F 106 8.39 49.97 -18.60
N SER F 107 9.61 49.49 -18.80
CA SER F 107 10.49 50.12 -19.78
C SER F 107 10.12 49.76 -21.24
N ALA F 108 9.22 48.82 -21.47
CA ALA F 108 9.10 48.28 -22.82
C ALA F 108 8.54 49.30 -23.78
N ALA F 109 7.57 50.10 -23.36
CA ALA F 109 6.99 51.13 -24.26
C ALA F 109 8.05 52.12 -24.76
N ALA F 110 8.97 52.52 -23.89
CA ALA F 110 10.05 53.45 -24.25
C ALA F 110 11.14 52.80 -25.10
N ARG F 111 11.59 51.63 -24.68
CA ARG F 111 12.73 50.93 -25.28
C ARG F 111 12.38 50.14 -26.52
N VAL F 112 11.15 49.63 -26.59
CA VAL F 112 10.76 48.77 -27.68
C VAL F 112 9.96 49.55 -28.71
N LEU F 113 8.85 50.15 -28.31
CA LEU F 113 8.04 50.90 -29.27
C LEU F 113 8.65 52.28 -29.56
N GLY F 114 8.88 53.06 -28.50
CA GLY F 114 9.34 54.45 -28.63
C GLY F 114 10.63 54.66 -29.42
N ALA F 115 11.59 53.77 -29.22
CA ALA F 115 12.94 53.93 -29.78
C ALA F 115 13.05 53.44 -31.23
N HIS F 116 11.96 52.92 -31.75
CA HIS F 116 11.90 52.53 -33.12
C HIS F 116 10.87 53.36 -33.86
N GLY F 117 10.43 54.45 -33.22
CA GLY F 117 9.45 55.36 -33.81
C GLY F 117 8.09 54.72 -34.03
N LEU F 118 7.72 53.80 -33.15
CA LEU F 118 6.50 53.01 -33.33
C LEU F 118 5.40 53.34 -32.33
N LEU F 119 5.51 54.45 -31.61
CA LEU F 119 4.40 54.82 -30.73
C LEU F 119 3.25 55.52 -31.45
N LYS F 120 3.55 56.18 -32.58
CA LYS F 120 2.51 56.75 -33.47
C LYS F 120 1.75 57.88 -32.79
N GLY F 121 2.48 58.75 -32.09
CA GLY F 121 1.87 59.84 -31.33
C GLY F 121 0.95 59.41 -30.18
N ARG F 122 0.86 58.11 -29.93
CA ARG F 122 -0.11 57.61 -28.95
C ARG F 122 0.37 57.87 -27.55
N ARG F 123 -0.59 57.99 -26.66
CA ARG F 123 -0.32 58.09 -25.24
C ARG F 123 0.06 56.72 -24.64
N TYR F 124 1.02 56.80 -23.74
CA TYR F 124 1.64 55.63 -23.21
C TYR F 124 2.20 56.04 -21.87
N VAL F 125 2.57 55.03 -21.11
CA VAL F 125 3.27 55.20 -19.88
C VAL F 125 4.42 54.20 -19.85
N CYS F 126 5.46 54.56 -19.14
CA CYS F 126 6.60 53.70 -18.96
C CYS F 126 7.20 54.05 -17.61
N SER F 127 8.17 53.25 -17.23
CA SER F 127 8.84 53.40 -15.94
C SER F 127 9.84 54.57 -15.97
N GLY F 128 10.14 55.09 -14.78
CA GLY F 128 11.18 56.10 -14.60
C GLY F 128 11.00 57.27 -15.54
N ASP F 129 12.10 57.79 -16.06
CA ASP F 129 12.06 58.99 -16.89
C ASP F 129 12.53 58.68 -18.32
N LEU F 130 12.43 57.40 -18.70
CA LEU F 130 12.83 56.95 -20.05
C LEU F 130 12.07 57.71 -21.14
N TRP F 131 10.85 58.14 -20.82
CA TRP F 131 10.02 58.96 -21.72
C TRP F 131 10.72 60.20 -22.30
N LYS F 132 11.76 60.69 -21.60
CA LYS F 132 12.46 61.89 -22.03
C LYS F 132 13.24 61.73 -23.32
N ALA F 133 13.70 60.52 -23.60
CA ALA F 133 14.41 60.24 -24.86
C ALA F 133 13.49 59.58 -25.90
N VAL F 134 12.18 59.82 -25.79
CA VAL F 134 11.21 59.23 -26.70
C VAL F 134 10.49 60.34 -27.47
N PRO F 135 10.86 60.55 -28.74
CA PRO F 135 10.41 61.76 -29.43
C PRO F 135 8.92 61.83 -29.84
N GLU F 136 8.30 60.68 -30.13
CA GLU F 136 7.01 60.66 -30.82
C GLU F 136 5.89 59.95 -30.05
N GLY F 137 5.97 59.99 -28.73
CA GLY F 137 4.89 59.49 -27.90
C GLY F 137 4.35 60.64 -27.09
N VAL F 138 3.21 60.42 -26.45
CA VAL F 138 2.70 61.35 -25.45
C VAL F 138 2.71 60.61 -24.11
N TYR F 139 3.76 60.85 -23.34
CA TYR F 139 3.92 60.17 -22.07
C TYR F 139 2.91 60.70 -21.04
N VAL F 140 2.18 59.79 -20.39
CA VAL F 140 1.15 60.13 -19.39
C VAL F 140 1.38 59.33 -18.11
N ASP F 141 1.58 60.02 -17.00
CA ASP F 141 1.86 59.36 -15.72
C ASP F 141 0.60 58.81 -15.04
N ALA F 142 0.21 57.60 -15.42
CA ALA F 142 -0.89 56.86 -14.77
C ALA F 142 -0.48 55.38 -14.59
N PRO F 143 -1.11 54.69 -13.61
CA PRO F 143 -0.85 53.25 -13.46
C PRO F 143 -0.95 52.50 -14.79
N VAL F 144 -2.07 52.72 -15.49
CA VAL F 144 -2.36 52.08 -16.75
C VAL F 144 -2.87 53.15 -17.69
N VAL F 145 -2.46 53.08 -18.95
CA VAL F 145 -2.87 54.01 -19.98
C VAL F 145 -3.36 53.22 -21.18
N GLU F 146 -4.57 53.54 -21.64
CA GLU F 146 -5.13 53.00 -22.88
C GLU F 146 -5.22 54.12 -23.88
N ASP F 147 -4.70 53.86 -25.08
CA ASP F 147 -4.90 54.74 -26.21
C ASP F 147 -5.10 53.85 -27.42
N GLY F 148 -6.36 53.62 -27.79
CA GLY F 148 -6.67 52.84 -28.96
C GLY F 148 -6.27 51.40 -28.70
N ASN F 149 -5.39 50.86 -29.54
CA ASN F 149 -4.98 49.47 -29.38
C ASN F 149 -3.73 49.31 -28.47
N LEU F 150 -3.23 50.40 -27.89
CA LEU F 150 -2.05 50.37 -27.04
C LEU F 150 -2.42 50.50 -25.57
N ILE F 151 -2.09 49.47 -24.78
CA ILE F 151 -2.37 49.44 -23.37
C ILE F 151 -1.05 49.27 -22.63
N SER F 152 -0.59 50.33 -21.99
CA SER F 152 0.72 50.34 -21.36
C SER F 152 0.54 50.38 -19.86
N GLY F 153 1.41 49.68 -19.14
CA GLY F 153 1.41 49.70 -17.69
C GLY F 153 2.71 50.32 -17.25
N LYS F 154 2.66 50.98 -16.11
CA LYS F 154 3.75 51.84 -15.65
C LYS F 154 4.90 51.08 -15.01
N GLY F 155 4.61 49.95 -14.37
CA GLY F 155 5.62 49.22 -13.61
C GLY F 155 5.01 48.09 -12.78
N LEU F 156 5.86 47.36 -12.07
CA LEU F 156 5.47 46.10 -11.46
C LEU F 156 4.43 46.36 -10.41
N GLY F 157 4.59 47.48 -9.72
CA GLY F 157 3.64 47.89 -8.69
C GLY F 157 2.21 47.91 -9.15
N HIS F 158 1.99 48.10 -10.46
CA HIS F 158 0.65 48.26 -11.01
C HIS F 158 0.26 47.09 -11.90
N VAL F 159 0.98 45.99 -11.79
CA VAL F 159 0.81 44.89 -12.76
C VAL F 159 -0.60 44.27 -12.74
N PHE F 160 -1.27 44.27 -11.58
CA PHE F 160 -2.60 43.70 -11.47
C PHE F 160 -3.60 44.58 -12.20
N ASP F 161 -3.47 45.90 -12.05
CA ASP F 161 -4.35 46.80 -12.77
CA ASP F 161 -4.33 46.82 -12.76
C ASP F 161 -4.15 46.60 -14.26
N PHE F 162 -2.90 46.58 -14.69
CA PHE F 162 -2.54 46.32 -16.12
C PHE F 162 -3.18 45.06 -16.62
N ALA F 163 -2.91 43.95 -15.94
CA ALA F 163 -3.38 42.61 -16.34
C ALA F 163 -4.89 42.49 -16.37
N LEU F 164 -5.56 43.07 -15.37
CA LEU F 164 -7.02 42.98 -15.29
C LEU F 164 -7.70 43.86 -16.36
N THR F 165 -7.11 45.03 -16.58
CA THR F 165 -7.57 45.95 -17.58
C THR F 165 -7.44 45.31 -18.93
N LEU F 166 -6.28 44.74 -19.23
CA LEU F 166 -6.13 44.01 -20.51
C LEU F 166 -7.19 42.92 -20.61
N SER F 167 -7.36 42.19 -19.52
CA SER F 167 -8.29 41.07 -19.47
C SER F 167 -9.71 41.48 -19.80
N ALA F 168 -10.12 42.61 -19.24
CA ALA F 168 -11.47 43.13 -19.36
C ALA F 168 -11.71 43.63 -20.76
N ARG F 169 -10.66 44.18 -21.35
CA ARG F 169 -10.70 44.65 -22.71
C ARG F 169 -10.82 43.45 -23.69
N LEU F 170 -10.13 42.35 -23.43
CA LEU F 170 -10.22 41.20 -24.30
C LEU F 170 -11.58 40.58 -24.21
N LEU F 171 -12.06 40.45 -22.98
CA LEU F 171 -13.30 39.73 -22.72
C LEU F 171 -14.53 40.54 -23.12
N GLY F 172 -14.37 41.86 -23.11
CA GLY F 172 -15.44 42.78 -23.44
C GLY F 172 -16.41 42.93 -22.29
N ASP F 173 -15.93 42.66 -21.07
CA ASP F 173 -16.83 42.49 -19.94
C ASP F 173 -16.05 42.59 -18.64
N ASP F 174 -16.33 43.61 -17.83
CA ASP F 174 -15.68 43.77 -16.54
C ASP F 174 -16.11 42.74 -15.49
N ALA F 175 -17.19 42.01 -15.74
CA ALA F 175 -17.80 41.18 -14.71
C ALA F 175 -17.00 39.95 -14.27
N PRO F 176 -16.62 39.06 -15.20
CA PRO F 176 -15.80 37.92 -14.78
C PRO F 176 -14.39 38.30 -14.27
N VAL F 177 -13.89 39.45 -14.71
CA VAL F 177 -12.57 39.91 -14.32
C VAL F 177 -12.64 40.41 -12.89
N ARG F 178 -13.63 41.26 -12.61
CA ARG F 178 -13.89 41.69 -11.22
C ARG F 178 -14.09 40.48 -10.29
N GLU F 179 -14.77 39.47 -10.80
CA GLU F 179 -15.02 38.26 -10.05
C GLU F 179 -13.69 37.59 -9.67
N GLN F 180 -12.75 37.52 -10.62
CA GLN F 180 -11.43 36.94 -10.35
C GLN F 180 -10.61 37.74 -9.37
N ALA F 181 -10.66 39.06 -9.53
CA ALA F 181 -9.97 39.99 -8.64
C ALA F 181 -10.42 39.78 -7.20
N GLU F 182 -11.71 39.60 -7.01
CA GLU F 182 -12.27 39.43 -5.67
C GLU F 182 -11.81 38.09 -5.08
N HIS F 183 -11.68 37.10 -5.96
CA HIS F 183 -11.27 35.75 -5.60
C HIS F 183 -9.81 35.68 -5.14
N ILE F 184 -8.97 36.56 -5.65
CA ILE F 184 -7.59 36.62 -5.18
C ILE F 184 -7.37 37.78 -4.20
N TYR F 185 -8.44 38.51 -3.90
CA TYR F 185 -8.46 39.60 -2.90
C TYR F 185 -7.72 40.84 -3.38
N TYR F 186 -7.78 41.12 -4.69
CA TYR F 186 -7.26 42.35 -5.24
C TYR F 186 -8.43 43.27 -5.55
N PRO F 187 -8.41 44.50 -5.00
CA PRO F 187 -9.47 45.46 -5.23
C PRO F 187 -9.33 46.12 -6.57
N TRP F 188 -10.21 45.78 -7.51
CA TRP F 188 -10.20 46.35 -8.86
C TRP F 188 -11.60 46.90 -9.15
N ALA G 3 5.70 71.07 -53.67
CA ALA G 3 5.92 69.67 -54.10
C ALA G 3 7.41 69.37 -54.30
N MET G 4 7.92 68.42 -53.52
CA MET G 4 9.15 67.70 -53.86
C MET G 4 9.15 66.33 -53.16
N LYS G 5 9.21 65.27 -53.95
CA LYS G 5 9.25 63.92 -53.43
C LYS G 5 10.63 63.54 -52.89
N LYS G 6 10.64 62.63 -51.92
CA LYS G 6 11.86 62.26 -51.23
C LYS G 6 11.93 60.74 -51.08
N VAL G 7 13.06 60.16 -51.48
CA VAL G 7 13.25 58.71 -51.50
C VAL G 7 14.42 58.27 -50.59
N ALA G 8 14.21 57.20 -49.84
CA ALA G 8 15.29 56.63 -49.04
C ALA G 8 15.80 55.38 -49.71
N VAL G 9 17.12 55.29 -49.85
CA VAL G 9 17.74 54.08 -50.39
C VAL G 9 18.63 53.52 -49.30
N LEU G 10 18.28 52.33 -48.82
CA LEU G 10 18.96 51.72 -47.70
C LEU G 10 20.17 50.92 -48.12
N LEU G 11 21.30 51.23 -47.51
CA LEU G 11 22.58 50.59 -47.84
C LEU G 11 23.11 49.83 -46.64
N ALA G 12 23.04 48.50 -46.73
CA ALA G 12 23.67 47.64 -45.74
C ALA G 12 24.90 47.02 -46.34
N PRO G 13 25.78 46.48 -45.48
CA PRO G 13 27.01 45.93 -46.02
C PRO G 13 26.70 44.79 -46.97
N GLY G 14 27.31 44.80 -48.15
CA GLY G 14 27.03 43.78 -49.16
C GLY G 14 25.90 44.17 -50.08
N PHE G 15 25.41 45.41 -49.98
CA PHE G 15 24.38 45.86 -50.89
C PHE G 15 24.85 45.77 -52.34
N GLU G 16 23.92 45.41 -53.23
CA GLU G 16 24.22 45.27 -54.64
C GLU G 16 24.27 46.68 -55.18
N GLU G 17 25.45 47.13 -55.55
CA GLU G 17 25.64 48.55 -55.80
C GLU G 17 25.07 48.96 -57.14
N ALA G 18 25.11 48.07 -58.12
CA ALA G 18 24.55 48.38 -59.43
C ALA G 18 23.05 48.68 -59.37
N GLU G 19 22.33 47.88 -58.60
CA GLU G 19 20.90 48.05 -58.36
C GLU G 19 20.60 49.36 -57.66
N ALA G 20 21.35 49.62 -56.59
CA ALA G 20 21.18 50.84 -55.77
C ALA G 20 21.60 52.11 -56.51
N ILE G 21 22.64 52.01 -57.32
CA ILE G 21 23.20 53.19 -57.94
C ILE G 21 22.40 53.61 -59.17
N VAL G 22 22.03 52.66 -60.00
CA VAL G 22 21.20 52.99 -61.15
C VAL G 22 19.91 53.65 -60.72
N THR G 23 19.24 53.05 -59.75
CA THR G 23 18.00 53.57 -59.21
C THR G 23 18.21 54.99 -58.70
N LEU G 24 19.31 55.19 -57.99
CA LEU G 24 19.61 56.49 -57.45
C LEU G 24 19.87 57.51 -58.58
N ASP G 25 20.54 57.05 -59.62
CA ASP G 25 20.87 57.92 -60.74
C ASP G 25 19.61 58.37 -61.50
N ILE G 26 18.76 57.42 -61.86
CA ILE G 26 17.51 57.76 -62.51
C ILE G 26 16.73 58.77 -61.70
N LEU G 27 16.49 58.48 -60.43
CA LEU G 27 15.73 59.38 -59.58
C LEU G 27 16.31 60.80 -59.55
N ARG G 28 17.63 60.90 -59.38
CA ARG G 28 18.29 62.18 -59.27
C ARG G 28 18.30 62.93 -60.60
N ARG G 29 18.30 62.20 -61.72
CA ARG G 29 18.11 62.81 -63.04
C ARG G 29 16.72 63.41 -63.24
N LEU G 30 15.70 62.84 -62.58
CA LEU G 30 14.33 63.41 -62.60
C LEU G 30 14.09 64.45 -61.49
N HIS G 31 15.16 64.83 -60.79
CA HIS G 31 15.13 65.88 -59.74
C HIS G 31 14.35 65.46 -58.48
N ILE G 32 14.23 64.15 -58.28
CA ILE G 32 13.62 63.61 -57.06
C ILE G 32 14.72 63.54 -56.01
N ASP G 33 14.43 64.05 -54.81
CA ASP G 33 15.36 63.98 -53.67
C ASP G 33 15.58 62.53 -53.24
N VAL G 34 16.84 62.12 -53.19
CA VAL G 34 17.20 60.80 -52.72
C VAL G 34 18.17 61.00 -51.61
N GLU G 35 18.00 60.27 -50.51
CA GLU G 35 19.05 60.09 -49.49
C GLU G 35 19.43 58.61 -49.41
N THR G 36 20.72 58.35 -49.41
CA THR G 36 21.24 57.03 -49.07
C THR G 36 21.35 56.97 -47.55
N LEU G 37 20.84 55.90 -46.97
CA LEU G 37 20.84 55.75 -45.53
C LEU G 37 21.50 54.45 -45.22
N ALA G 38 22.61 54.50 -44.49
CA ALA G 38 23.25 53.32 -43.93
C ALA G 38 22.48 52.91 -42.69
N CYS G 39 22.53 51.64 -42.37
CA CYS G 39 21.56 51.04 -41.48
C CYS G 39 22.03 50.74 -40.07
N ALA G 40 23.32 50.91 -39.81
CA ALA G 40 23.83 50.71 -38.46
C ALA G 40 24.64 51.96 -37.99
N GLU G 41 25.74 51.72 -37.30
CA GLU G 41 26.51 52.76 -36.64
C GLU G 41 27.47 53.53 -37.59
N SER G 42 27.60 53.12 -38.83
CA SER G 42 28.55 53.80 -39.71
C SER G 42 27.89 54.36 -40.97
N ARG G 43 28.53 55.36 -41.57
CA ARG G 43 28.04 56.01 -42.78
C ARG G 43 28.70 55.42 -44.05
N ALA G 44 29.93 54.93 -43.91
CA ALA G 44 30.61 54.26 -45.00
C ALA G 44 30.14 52.79 -45.05
N VAL G 45 29.81 52.31 -46.24
CA VAL G 45 29.30 50.96 -46.44
C VAL G 45 29.93 50.40 -47.71
N VAL G 46 30.28 49.12 -47.68
CA VAL G 46 30.96 48.47 -48.80
C VAL G 46 30.02 47.50 -49.52
N SER G 47 29.92 47.67 -50.82
CA SER G 47 28.89 46.98 -51.59
C SER G 47 29.27 45.52 -51.77
N TYR G 48 28.38 44.77 -52.39
CA TYR G 48 28.64 43.37 -52.80
C TYR G 48 29.95 43.26 -53.60
N HIS G 49 30.09 44.10 -54.60
CA HIS G 49 31.28 44.08 -55.42
C HIS G 49 32.37 45.06 -54.98
N ASP G 50 32.51 45.20 -53.66
CA ASP G 50 33.62 45.88 -52.97
C ASP G 50 33.80 47.37 -53.23
N ILE G 51 32.72 48.06 -53.56
CA ILE G 51 32.81 49.51 -53.71
C ILE G 51 32.39 50.18 -52.41
N PRO G 52 33.35 50.80 -51.69
CA PRO G 52 32.99 51.58 -50.52
C PRO G 52 32.30 52.88 -50.90
N MET G 53 31.17 53.17 -50.28
CA MET G 53 30.43 54.42 -50.55
C MET G 53 30.06 55.09 -49.25
N VAL G 54 30.03 56.42 -49.25
CA VAL G 54 29.57 57.16 -48.05
C VAL G 54 28.09 57.52 -48.16
N ALA G 55 27.25 56.89 -47.34
CA ALA G 55 25.83 57.18 -47.28
C ALA G 55 25.64 58.60 -46.84
N ASP G 56 24.53 59.20 -47.27
CA ASP G 56 24.17 60.58 -46.90
C ASP G 56 23.89 60.71 -45.39
N SER G 57 23.17 59.73 -44.86
CA SER G 57 22.88 59.68 -43.43
C SER G 57 22.69 58.23 -43.01
N THR G 58 22.16 58.05 -41.81
CA THR G 58 21.90 56.73 -41.27
C THR G 58 20.46 56.65 -40.77
N LEU G 59 19.91 55.44 -40.76
CA LEU G 59 18.62 55.16 -40.15
C LEU G 59 18.41 55.83 -38.78
N SER G 60 19.44 55.82 -37.95
CA SER G 60 19.33 56.39 -36.61
C SER G 60 19.12 57.91 -36.63
N GLU G 61 19.43 58.57 -37.73
CA GLU G 61 19.19 60.01 -37.82
C GLU G 61 17.85 60.30 -38.51
N ARG G 62 17.11 59.28 -38.91
CA ARG G 62 15.87 59.48 -39.70
C ARG G 62 14.68 58.72 -39.10
N GLN G 63 14.66 58.59 -37.78
CA GLN G 63 13.66 57.79 -37.10
C GLN G 63 12.28 58.46 -37.15
N GLN G 64 12.28 59.78 -37.32
CA GLN G 64 11.05 60.56 -37.47
C GLN G 64 10.73 60.93 -38.91
N ALA G 65 11.72 60.90 -39.80
CA ALA G 65 11.51 61.28 -41.19
C ALA G 65 10.62 60.26 -41.86
N LEU G 66 9.81 60.72 -42.80
CA LEU G 66 8.89 59.86 -43.52
C LEU G 66 9.04 60.10 -45.02
N PHE G 67 9.76 59.21 -45.71
CA PHE G 67 10.03 59.33 -47.13
C PHE G 67 8.79 58.91 -47.95
N ASP G 68 8.74 59.33 -49.20
CA ASP G 68 7.65 58.95 -50.09
C ASP G 68 7.84 57.51 -50.55
N ALA G 69 9.08 57.11 -50.65
CA ALA G 69 9.44 55.77 -51.02
C ALA G 69 10.73 55.32 -50.32
N VAL G 70 10.82 54.00 -50.12
CA VAL G 70 11.94 53.31 -49.52
C VAL G 70 12.41 52.24 -50.51
N VAL G 71 13.68 52.30 -50.90
CA VAL G 71 14.25 51.33 -51.82
C VAL G 71 15.15 50.39 -51.04
N LEU G 72 14.98 49.11 -51.29
CA LEU G 72 15.73 48.05 -50.66
C LEU G 72 16.51 47.31 -51.75
N PRO G 73 17.82 47.59 -51.87
CA PRO G 73 18.65 46.88 -52.84
C PRO G 73 18.80 45.42 -52.44
N GLY G 74 19.24 44.60 -53.38
CA GLY G 74 19.51 43.21 -53.12
C GLY G 74 20.97 43.02 -52.75
N GLY G 75 21.53 41.90 -53.22
CA GLY G 75 22.88 41.45 -52.82
C GLY G 75 22.77 40.38 -51.73
N PRO G 76 23.53 39.28 -51.86
CA PRO G 76 23.24 38.17 -50.96
C PRO G 76 23.38 38.55 -49.48
N GLN G 77 24.50 39.13 -49.08
CA GLN G 77 24.66 39.55 -47.68
C GLN G 77 23.96 40.88 -47.45
N GLY G 78 23.81 41.71 -48.50
CA GLY G 78 23.13 42.98 -48.34
C GLY G 78 21.76 42.73 -47.74
N SER G 79 21.00 41.85 -48.38
CA SER G 79 19.60 41.67 -48.00
C SER G 79 19.50 40.87 -46.71
N ALA G 80 20.48 40.01 -46.44
CA ALA G 80 20.57 39.35 -45.13
C ALA G 80 20.86 40.34 -44.02
N ASN G 81 21.71 41.31 -44.29
CA ASN G 81 22.03 42.33 -43.29
C ASN G 81 20.87 43.24 -43.01
N LEU G 82 20.13 43.62 -44.04
CA LEU G 82 18.89 44.37 -43.85
C LEU G 82 17.89 43.57 -42.98
N ALA G 83 17.70 42.29 -43.31
CA ALA G 83 16.74 41.43 -42.61
C ALA G 83 17.06 41.27 -41.12
N ALA G 84 18.34 41.20 -40.79
CA ALA G 84 18.78 41.04 -39.39
C ALA G 84 18.68 42.33 -38.58
N ASN G 85 18.44 43.46 -39.24
CA ASN G 85 18.53 44.76 -38.59
C ASN G 85 17.19 45.26 -38.13
N PRO G 86 16.96 45.33 -36.81
CA PRO G 86 15.68 45.77 -36.27
C PRO G 86 15.31 47.20 -36.66
N ALA G 87 16.32 48.05 -36.85
CA ALA G 87 16.11 49.41 -37.33
C ALA G 87 15.56 49.40 -38.73
N VAL G 88 16.04 48.50 -39.58
CA VAL G 88 15.50 48.44 -40.95
C VAL G 88 14.02 48.03 -40.90
N ILE G 89 13.73 47.01 -40.08
CA ILE G 89 12.36 46.49 -40.00
C ILE G 89 11.43 47.57 -39.48
N ALA G 90 11.82 48.27 -38.42
CA ALA G 90 10.97 49.34 -37.94
C ALA G 90 10.77 50.40 -39.02
N PHE G 91 11.85 50.78 -39.71
CA PHE G 91 11.75 51.86 -40.70
C PHE G 91 10.76 51.46 -41.80
N VAL G 92 10.89 50.24 -42.32
CA VAL G 92 10.03 49.75 -43.39
C VAL G 92 8.61 49.58 -42.90
N ALA G 93 8.43 49.03 -41.69
CA ALA G 93 7.07 48.82 -41.14
C ALA G 93 6.31 50.15 -40.99
N ARG G 94 7.03 51.18 -40.56
CA ARG G 94 6.47 52.52 -40.32
C ARG G 94 6.01 53.18 -41.62
N HIS G 95 6.86 53.10 -42.65
CA HIS G 95 6.53 53.68 -43.96
C HIS G 95 5.40 52.91 -44.64
N ASP G 96 5.45 51.59 -44.55
CA ASP G 96 4.43 50.74 -45.15
C ASP G 96 3.06 51.04 -44.54
N ALA G 97 2.98 51.09 -43.22
CA ALA G 97 1.74 51.45 -42.54
C ALA G 97 1.27 52.88 -42.83
N ALA G 98 2.16 53.77 -43.25
CA ALA G 98 1.75 55.11 -43.64
C ALA G 98 1.38 55.22 -45.14
N GLY G 99 1.40 54.10 -45.87
CA GLY G 99 1.07 54.10 -47.29
C GLY G 99 2.19 54.46 -48.26
N LYS G 100 3.40 54.66 -47.74
CA LYS G 100 4.52 55.04 -48.59
C LYS G 100 4.98 53.85 -49.45
N LEU G 101 5.74 54.14 -50.49
CA LEU G 101 6.12 53.09 -51.42
C LEU G 101 7.26 52.28 -50.82
N ILE G 102 7.12 50.95 -50.84
CA ILE G 102 8.16 50.04 -50.45
C ILE G 102 8.66 49.34 -51.69
N CYS G 103 9.95 49.53 -52.02
CA CYS G 103 10.44 49.14 -53.33
C CYS G 103 11.68 48.26 -53.25
N PRO G 104 11.45 46.96 -53.07
CA PRO G 104 12.56 46.02 -53.00
C PRO G 104 12.97 45.55 -54.39
N ILE G 105 14.25 45.27 -54.58
CA ILE G 105 14.73 44.71 -55.84
C ILE G 105 15.55 43.43 -55.60
N ALA G 106 15.51 42.52 -56.58
CA ALA G 106 16.20 41.21 -56.52
C ALA G 106 15.83 40.37 -55.26
N SER G 107 16.82 40.04 -54.42
CA SER G 107 16.55 39.21 -53.24
C SER G 107 15.81 39.92 -52.10
N ALA G 108 15.71 41.26 -52.16
CA ALA G 108 15.21 42.04 -51.01
C ALA G 108 13.76 41.69 -50.62
N ALA G 109 12.89 41.55 -51.60
CA ALA G 109 11.49 41.23 -51.29
C ALA G 109 11.42 39.93 -50.49
N ALA G 110 12.08 38.89 -50.98
CA ALA G 110 12.04 37.58 -50.32
C ALA G 110 12.77 37.58 -48.97
N ARG G 111 13.98 38.14 -48.95
CA ARG G 111 14.82 37.98 -47.78
CA ARG G 111 14.88 38.02 -47.81
C ARG G 111 14.53 39.00 -46.70
N VAL G 112 14.08 40.19 -47.06
CA VAL G 112 13.79 41.21 -46.06
C VAL G 112 12.33 41.25 -45.64
N LEU G 113 11.42 41.15 -46.61
CA LEU G 113 9.99 41.36 -46.32
C LEU G 113 9.29 40.05 -46.08
N GLY G 114 9.37 39.15 -47.07
CA GLY G 114 8.81 37.80 -46.97
C GLY G 114 9.33 37.01 -45.77
N ALA G 115 10.64 37.12 -45.51
CA ALA G 115 11.29 36.47 -44.36
C ALA G 115 10.79 36.98 -43.00
N HIS G 116 10.08 38.10 -43.01
CA HIS G 116 9.50 38.67 -41.79
C HIS G 116 8.01 38.76 -41.80
N GLY G 117 7.38 38.20 -42.85
CA GLY G 117 5.92 38.15 -42.94
C GLY G 117 5.31 39.52 -43.11
N LEU G 118 6.03 40.43 -43.76
CA LEU G 118 5.58 41.81 -43.97
C LEU G 118 5.09 42.04 -45.40
N LEU G 119 5.06 41.01 -46.23
CA LEU G 119 4.53 41.15 -47.59
C LEU G 119 3.02 41.39 -47.60
N LYS G 120 2.33 40.94 -46.54
CA LYS G 120 0.86 41.10 -46.38
C LYS G 120 0.08 40.53 -47.55
N GLY G 121 0.47 39.34 -48.01
CA GLY G 121 -0.21 38.67 -49.13
C GLY G 121 -0.12 39.38 -50.48
N ARG G 122 0.79 40.34 -50.62
CA ARG G 122 0.84 41.12 -51.87
C ARG G 122 1.59 40.41 -52.98
N ARG G 123 1.29 40.81 -54.20
CA ARG G 123 2.04 40.35 -55.35
C ARG G 123 3.44 40.99 -55.28
N TYR G 124 4.44 40.22 -55.67
CA TYR G 124 5.81 40.70 -55.69
C TYR G 124 6.63 39.80 -56.60
N VAL G 125 7.76 40.32 -57.03
CA VAL G 125 8.79 39.52 -57.68
C VAL G 125 10.10 39.64 -56.87
N CYS G 126 10.97 38.65 -57.05
CA CYS G 126 12.32 38.66 -56.46
C CYS G 126 13.22 37.90 -57.43
N SER G 127 14.48 37.73 -57.07
CA SER G 127 15.41 37.00 -57.94
C SER G 127 15.35 35.49 -57.68
N GLY G 128 15.59 34.70 -58.72
CA GLY G 128 15.68 33.25 -58.60
C GLY G 128 14.52 32.54 -57.92
N ASP G 129 14.84 31.49 -57.18
CA ASP G 129 13.83 30.63 -56.54
C ASP G 129 13.69 30.94 -55.04
N LEU G 130 14.00 32.18 -54.65
CA LEU G 130 13.84 32.65 -53.27
C LEU G 130 12.37 32.68 -52.81
N TRP G 131 11.44 32.72 -53.78
CA TRP G 131 10.00 32.73 -53.52
C TRP G 131 9.43 31.42 -52.96
N LYS G 132 10.20 30.34 -53.03
CA LYS G 132 9.71 29.03 -52.57
C LYS G 132 9.74 28.95 -51.06
N ALA G 133 10.56 29.79 -50.43
CA ALA G 133 10.74 29.79 -48.97
C ALA G 133 9.85 30.83 -48.26
N VAL G 134 9.04 31.56 -49.03
CA VAL G 134 8.23 32.64 -48.48
C VAL G 134 6.76 32.19 -48.32
N PRO G 135 6.24 32.24 -47.07
CA PRO G 135 4.90 31.73 -46.76
C PRO G 135 3.74 32.62 -47.22
N GLU G 136 3.80 33.92 -46.95
CA GLU G 136 2.65 34.82 -47.23
C GLU G 136 2.93 35.94 -48.28
N GLY G 137 2.95 35.54 -49.55
CA GLY G 137 3.00 36.51 -50.65
C GLY G 137 2.61 35.82 -51.94
N VAL G 138 2.41 36.61 -52.99
CA VAL G 138 2.13 36.03 -54.30
C VAL G 138 3.26 36.40 -55.24
N TYR G 139 4.11 35.41 -55.56
CA TYR G 139 5.17 35.61 -56.57
C TYR G 139 4.54 35.78 -57.95
N VAL G 140 5.05 36.75 -58.70
CA VAL G 140 4.69 37.00 -60.10
C VAL G 140 5.99 37.21 -60.88
N ASP G 141 6.23 36.39 -61.89
CA ASP G 141 7.44 36.53 -62.71
C ASP G 141 7.27 37.57 -63.80
N ALA G 142 7.52 38.82 -63.44
CA ALA G 142 7.60 39.93 -64.39
C ALA G 142 8.78 40.83 -64.02
N PRO G 143 9.25 41.66 -64.97
CA PRO G 143 10.40 42.53 -64.65
C PRO G 143 10.14 43.40 -63.42
N VAL G 144 9.05 44.16 -63.46
CA VAL G 144 8.60 44.94 -62.32
C VAL G 144 7.20 44.49 -61.96
N VAL G 145 6.85 44.54 -60.68
CA VAL G 145 5.51 44.22 -60.20
C VAL G 145 4.99 45.27 -59.22
N GLU G 146 3.81 45.84 -59.51
CA GLU G 146 3.14 46.78 -58.62
C GLU G 146 1.92 46.15 -57.98
N ASP G 147 1.88 46.20 -56.65
CA ASP G 147 0.69 45.88 -55.88
C ASP G 147 0.49 46.93 -54.80
N GLY G 148 -0.51 47.80 -55.00
CA GLY G 148 -0.80 48.84 -54.02
C GLY G 148 0.43 49.72 -53.86
N ASN G 149 1.00 49.72 -52.66
CA ASN G 149 2.20 50.53 -52.39
C ASN G 149 3.49 49.72 -52.49
N LEU G 150 3.39 48.45 -52.89
CA LEU G 150 4.58 47.63 -53.04
C LEU G 150 5.00 47.61 -54.51
N ILE G 151 6.24 48.05 -54.79
CA ILE G 151 6.83 47.99 -56.12
C ILE G 151 8.14 47.21 -56.08
N SER G 152 8.16 46.03 -56.70
CA SER G 152 9.36 45.20 -56.64
C SER G 152 9.97 45.00 -58.03
N GLY G 153 11.32 44.93 -58.07
CA GLY G 153 12.08 44.64 -59.29
C GLY G 153 12.67 43.24 -59.24
N LYS G 154 12.74 42.58 -60.39
CA LYS G 154 13.15 41.18 -60.42
C LYS G 154 14.66 41.02 -60.22
N GLY G 155 15.41 41.94 -60.79
CA GLY G 155 16.84 41.76 -60.81
C GLY G 155 17.53 42.87 -61.53
N LEU G 156 18.85 42.78 -61.56
CA LEU G 156 19.69 43.87 -62.01
C LEU G 156 19.46 44.23 -63.46
N GLY G 157 19.22 43.23 -64.31
CA GLY G 157 18.95 43.47 -65.74
C GLY G 157 17.68 44.26 -66.03
N HIS G 158 16.77 44.31 -65.07
CA HIS G 158 15.54 45.09 -65.23
C HIS G 158 15.54 46.35 -64.37
N VAL G 159 16.70 46.76 -63.88
CA VAL G 159 16.77 47.86 -62.93
C VAL G 159 16.32 49.21 -63.52
N PHE G 160 16.61 49.45 -64.79
CA PHE G 160 16.09 50.66 -65.42
C PHE G 160 14.55 50.63 -65.41
N ASP G 161 13.94 49.48 -65.71
CA ASP G 161 12.48 49.36 -65.72
C ASP G 161 11.98 49.72 -64.33
N PHE G 162 12.58 49.08 -63.34
CA PHE G 162 12.24 49.29 -61.94
C PHE G 162 12.32 50.77 -61.57
N ALA G 163 13.45 51.39 -61.87
CA ALA G 163 13.70 52.78 -61.44
C ALA G 163 12.82 53.78 -62.17
N LEU G 164 12.57 53.54 -63.44
CA LEU G 164 11.72 54.45 -64.21
C LEU G 164 10.26 54.31 -63.80
N THR G 165 9.85 53.06 -63.53
CA THR G 165 8.47 52.75 -63.09
C THR G 165 8.23 53.42 -61.74
N LEU G 166 9.18 53.25 -60.83
CA LEU G 166 9.13 53.95 -59.54
C LEU G 166 9.06 55.48 -59.68
N SER G 167 9.88 56.04 -60.56
CA SER G 167 9.86 57.50 -60.77
C SER G 167 8.52 57.96 -61.34
N ALA G 168 8.01 57.22 -62.32
CA ALA G 168 6.69 57.57 -62.93
C ALA G 168 5.64 57.68 -61.85
N ARG G 169 5.64 56.66 -61.00
CA ARG G 169 4.69 56.56 -59.92
C ARG G 169 4.88 57.70 -58.91
N LEU G 170 6.10 58.08 -58.60
CA LEU G 170 6.31 59.20 -57.68
C LEU G 170 5.96 60.51 -58.34
N LEU G 171 6.20 60.60 -59.65
CA LEU G 171 5.88 61.83 -60.37
C LEU G 171 4.40 61.92 -60.70
N GLY G 172 3.70 60.78 -60.70
CA GLY G 172 2.28 60.69 -61.11
C GLY G 172 2.07 60.90 -62.60
N ASP G 173 3.11 60.62 -63.39
CA ASP G 173 3.24 61.20 -64.71
C ASP G 173 4.37 60.51 -65.51
N ASP G 174 4.02 59.89 -66.64
CA ASP G 174 5.01 59.20 -67.46
C ASP G 174 5.88 60.15 -68.27
N ALA G 175 5.39 61.37 -68.51
CA ALA G 175 6.01 62.26 -69.49
C ALA G 175 7.45 62.59 -69.17
N PRO G 176 7.71 63.20 -68.00
CA PRO G 176 9.12 63.51 -67.75
C PRO G 176 9.99 62.24 -67.69
N VAL G 177 9.41 61.11 -67.28
CA VAL G 177 10.17 59.87 -67.17
C VAL G 177 10.61 59.33 -68.54
N ARG G 178 9.68 59.23 -69.47
CA ARG G 178 10.03 58.80 -70.84
C ARG G 178 11.09 59.69 -71.48
N GLU G 179 11.06 61.00 -71.18
CA GLU G 179 12.01 61.94 -71.75
C GLU G 179 13.42 61.73 -71.21
N GLN G 180 13.52 61.33 -69.94
CA GLN G 180 14.80 60.98 -69.37
C GLN G 180 15.34 59.69 -69.98
N ALA G 181 14.46 58.69 -70.13
CA ALA G 181 14.86 57.43 -70.74
C ALA G 181 15.40 57.68 -72.14
N GLU G 182 14.72 58.60 -72.85
CA GLU G 182 15.17 59.09 -74.16
C GLU G 182 16.55 59.74 -74.07
N HIS G 183 16.75 60.63 -73.10
CA HIS G 183 18.02 61.32 -72.97
C HIS G 183 19.22 60.39 -72.77
N ILE G 184 19.01 59.26 -72.09
CA ILE G 184 20.09 58.30 -71.83
C ILE G 184 20.07 57.08 -72.76
N TYR G 185 19.19 57.12 -73.75
CA TYR G 185 19.13 56.13 -74.82
C TYR G 185 18.68 54.75 -74.33
N TYR G 186 17.78 54.74 -73.36
CA TYR G 186 17.20 53.49 -72.85
C TYR G 186 15.73 53.42 -73.28
N PRO G 187 15.38 52.40 -74.08
CA PRO G 187 14.00 52.33 -74.58
C PRO G 187 13.01 51.90 -73.47
N TRP G 188 12.11 52.80 -73.10
CA TRP G 188 11.13 52.53 -72.04
C TRP G 188 9.72 52.89 -72.47
N MET H 4 44.91 36.16 -66.56
CA MET H 4 44.14 37.03 -65.61
C MET H 4 44.23 38.50 -66.04
N LYS H 5 43.19 38.95 -66.73
CA LYS H 5 43.14 40.27 -67.34
C LYS H 5 42.86 41.38 -66.31
N LYS H 6 43.46 42.54 -66.54
CA LYS H 6 43.32 43.68 -65.65
C LYS H 6 42.64 44.83 -66.35
N VAL H 7 41.63 45.42 -65.70
CA VAL H 7 40.99 46.64 -66.20
C VAL H 7 41.17 47.76 -65.18
N ALA H 8 41.41 48.97 -65.67
CA ALA H 8 41.39 50.17 -64.83
C ALA H 8 40.16 50.99 -65.19
N VAL H 9 39.41 51.40 -64.18
CA VAL H 9 38.30 52.31 -64.34
C VAL H 9 38.72 53.63 -63.71
N LEU H 10 38.75 54.68 -64.52
CA LEU H 10 39.30 55.97 -64.08
C LEU H 10 38.22 56.82 -63.47
N LEU H 11 38.38 57.18 -62.21
CA LEU H 11 37.36 57.98 -61.51
C LEU H 11 37.85 59.38 -61.25
N ALA H 12 37.34 60.35 -61.99
CA ALA H 12 37.63 61.74 -61.69
C ALA H 12 36.42 62.37 -61.03
N PRO H 13 36.60 63.49 -60.28
CA PRO H 13 35.49 64.18 -59.63
C PRO H 13 34.34 64.44 -60.59
N GLY H 14 33.11 64.16 -60.18
CA GLY H 14 31.98 64.29 -61.08
C GLY H 14 31.80 63.13 -62.04
N PHE H 15 32.55 62.04 -61.90
CA PHE H 15 32.31 60.85 -62.73
C PHE H 15 30.85 60.37 -62.64
N GLU H 16 30.37 59.86 -63.76
CA GLU H 16 29.02 59.41 -63.82
C GLU H 16 29.01 58.03 -63.19
N GLU H 17 28.50 57.96 -61.97
CA GLU H 17 28.64 56.72 -61.17
C GLU H 17 27.89 55.51 -61.73
N ALA H 18 26.75 55.70 -62.41
CA ALA H 18 26.03 54.58 -62.92
C ALA H 18 26.75 53.89 -64.08
N GLU H 19 27.42 54.69 -64.90
CA GLU H 19 28.19 54.14 -66.00
C GLU H 19 29.42 53.41 -65.43
N ALA H 20 30.08 54.06 -64.47
CA ALA H 20 31.22 53.44 -63.80
C ALA H 20 30.80 52.13 -63.11
N ILE H 21 29.71 52.15 -62.35
CA ILE H 21 29.40 51.07 -61.42
C ILE H 21 28.87 49.81 -62.10
N VAL H 22 27.98 49.98 -63.06
CA VAL H 22 27.43 48.85 -63.78
C VAL H 22 28.56 48.07 -64.45
N THR H 23 29.40 48.80 -65.16
CA THR H 23 30.56 48.23 -65.82
C THR H 23 31.39 47.45 -64.81
N LEU H 24 31.58 48.05 -63.66
CA LEU H 24 32.39 47.46 -62.65
C LEU H 24 31.74 46.17 -62.11
N ASP H 25 30.43 46.22 -61.93
CA ASP H 25 29.66 45.09 -61.45
C ASP H 25 29.76 43.93 -62.46
N ILE H 26 29.54 44.24 -63.72
CA ILE H 26 29.59 43.20 -64.75
C ILE H 26 30.96 42.53 -64.76
N LEU H 27 32.01 43.34 -64.76
CA LEU H 27 33.34 42.83 -64.85
C LEU H 27 33.65 41.96 -63.65
N ARG H 28 33.28 42.40 -62.46
CA ARG H 28 33.62 41.66 -61.25
C ARG H 28 32.81 40.38 -61.08
N ARG H 29 31.60 40.35 -61.67
CA ARG H 29 30.80 39.13 -61.72
C ARG H 29 31.52 38.05 -62.54
N LEU H 30 32.26 38.47 -63.58
CA LEU H 30 33.06 37.55 -64.38
C LEU H 30 34.44 37.33 -63.82
N HIS H 31 34.67 37.74 -62.56
CA HIS H 31 35.98 37.62 -61.91
C HIS H 31 37.14 38.18 -62.77
N ILE H 32 36.84 39.17 -63.59
CA ILE H 32 37.85 40.00 -64.24
C ILE H 32 38.38 41.00 -63.21
N ASP H 33 39.70 41.07 -63.07
CA ASP H 33 40.38 41.93 -62.12
C ASP H 33 40.16 43.41 -62.48
N VAL H 34 39.44 44.17 -61.66
CA VAL H 34 39.22 45.61 -61.91
C VAL H 34 39.79 46.46 -60.78
N GLU H 35 40.40 47.59 -61.14
CA GLU H 35 40.87 48.56 -60.18
C GLU H 35 40.25 49.88 -60.53
N THR H 36 39.44 50.44 -59.62
CA THR H 36 39.05 51.83 -59.75
C THR H 36 40.25 52.69 -59.39
N LEU H 37 40.54 53.70 -60.22
CA LEU H 37 41.66 54.60 -59.98
C LEU H 37 41.18 56.04 -59.84
N ALA H 38 41.37 56.61 -58.66
CA ALA H 38 41.02 57.99 -58.43
C ALA H 38 42.02 58.88 -59.15
N CYS H 39 41.50 59.73 -60.01
CA CYS H 39 42.35 60.67 -60.74
C CYS H 39 42.42 61.97 -59.89
N ALA H 40 43.09 61.83 -58.75
CA ALA H 40 43.04 62.79 -57.63
C ALA H 40 44.19 62.52 -56.67
N GLU H 41 44.32 63.41 -55.69
CA GLU H 41 45.40 63.35 -54.70
C GLU H 41 45.09 62.26 -53.65
N SER H 42 43.84 61.83 -53.55
CA SER H 42 43.47 60.68 -52.69
C SER H 42 42.48 59.75 -53.36
N ARG H 43 42.20 58.64 -52.69
CA ARG H 43 41.26 57.64 -53.19
C ARG H 43 39.81 58.05 -53.14
N ALA H 44 39.51 59.11 -52.38
CA ALA H 44 38.15 59.62 -52.28
C ALA H 44 37.80 60.39 -53.54
N VAL H 45 36.64 60.10 -54.10
CA VAL H 45 36.14 60.78 -55.29
C VAL H 45 34.63 60.83 -55.17
N VAL H 46 34.04 61.98 -55.50
CA VAL H 46 32.61 62.16 -55.48
C VAL H 46 32.03 62.18 -56.89
N SER H 47 30.90 61.51 -57.04
CA SER H 47 30.34 61.27 -58.36
C SER H 47 29.46 62.40 -58.81
N TYR H 48 29.07 62.34 -60.07
CA TYR H 48 28.17 63.34 -60.66
C TYR H 48 26.94 63.54 -59.78
N HIS H 49 26.28 62.44 -59.41
CA HIS H 49 25.13 62.51 -58.53
C HIS H 49 25.48 62.29 -57.06
N ASP H 50 26.63 62.82 -56.65
CA ASP H 50 26.91 63.07 -55.24
C ASP H 50 27.22 61.88 -54.38
N ILE H 51 27.72 60.80 -54.94
CA ILE H 51 28.11 59.69 -54.11
C ILE H 51 29.61 59.69 -53.90
N PRO H 52 30.06 59.91 -52.67
CA PRO H 52 31.47 59.71 -52.37
C PRO H 52 31.84 58.23 -52.32
N MET H 53 32.88 57.89 -53.06
CA MET H 53 33.38 56.56 -53.12
C MET H 53 34.85 56.57 -52.80
N VAL H 54 35.36 55.41 -52.36
CA VAL H 54 36.79 55.22 -52.17
C VAL H 54 37.23 54.31 -53.28
N ALA H 55 38.12 54.82 -54.13
CA ALA H 55 38.69 54.01 -55.22
C ALA H 55 39.72 53.05 -54.65
N ASP H 56 40.06 52.04 -55.43
CA ASP H 56 40.99 51.01 -55.02
C ASP H 56 42.41 51.59 -54.98
N SER H 57 42.68 52.54 -55.85
CA SER H 57 43.98 53.18 -55.88
C SER H 57 43.87 54.57 -56.51
N THR H 58 44.99 55.26 -56.61
CA THR H 58 45.03 56.53 -57.33
C THR H 58 45.83 56.34 -58.60
N LEU H 59 45.55 57.19 -59.58
CA LEU H 59 46.18 57.15 -60.87
C LEU H 59 47.68 57.31 -60.81
N SER H 60 48.15 58.19 -59.92
CA SER H 60 49.58 58.43 -59.73
C SER H 60 50.36 57.24 -59.18
N GLU H 61 49.67 56.24 -58.61
CA GLU H 61 50.32 55.01 -58.13
C GLU H 61 50.29 53.90 -59.19
N ARG H 62 49.96 54.23 -60.43
CA ARG H 62 49.92 53.29 -61.55
C ARG H 62 50.45 53.94 -62.82
N GLN H 63 51.44 54.82 -62.67
CA GLN H 63 52.07 55.43 -63.86
C GLN H 63 52.78 54.39 -64.73
N GLN H 64 53.30 53.33 -64.09
CA GLN H 64 54.02 52.26 -64.78
C GLN H 64 53.14 51.05 -65.07
N ALA H 65 51.92 51.00 -64.52
CA ALA H 65 51.05 49.82 -64.74
C ALA H 65 50.42 49.83 -66.13
N LEU H 66 50.44 48.66 -66.77
CA LEU H 66 49.82 48.46 -68.06
C LEU H 66 48.61 47.52 -67.91
N PHE H 67 47.42 48.06 -68.17
CA PHE H 67 46.18 47.36 -68.00
C PHE H 67 45.75 46.91 -69.38
N ASP H 68 44.92 45.88 -69.44
CA ASP H 68 44.44 45.37 -70.72
C ASP H 68 43.30 46.23 -71.24
N ALA H 69 42.66 46.96 -70.35
CA ALA H 69 41.64 47.86 -70.72
C ALA H 69 41.60 49.03 -69.74
N VAL H 70 41.19 50.17 -70.26
CA VAL H 70 40.99 51.37 -69.45
C VAL H 70 39.60 51.92 -69.73
N VAL H 71 38.77 51.97 -68.69
CA VAL H 71 37.43 52.50 -68.85
C VAL H 71 37.41 53.99 -68.49
N LEU H 72 36.81 54.79 -69.36
CA LEU H 72 36.61 56.22 -69.14
C LEU H 72 35.11 56.50 -69.02
N PRO H 73 34.63 56.70 -67.77
CA PRO H 73 33.23 57.04 -67.63
C PRO H 73 32.97 58.46 -68.12
N GLY H 74 31.69 58.77 -68.27
CA GLY H 74 31.25 60.08 -68.68
C GLY H 74 30.85 60.97 -67.50
N GLY H 75 29.77 61.71 -67.66
CA GLY H 75 29.42 62.78 -66.74
C GLY H 75 29.97 64.07 -67.30
N PRO H 76 29.19 65.17 -67.19
CA PRO H 76 29.67 66.40 -67.82
C PRO H 76 30.90 66.98 -67.10
N GLN H 77 30.95 66.91 -65.78
CA GLN H 77 32.13 67.35 -65.04
C GLN H 77 33.23 66.29 -65.07
N GLY H 78 32.84 65.04 -64.90
CA GLY H 78 33.79 63.94 -64.93
C GLY H 78 34.65 63.92 -66.19
N SER H 79 34.02 64.04 -67.34
CA SER H 79 34.78 63.89 -68.57
C SER H 79 35.60 65.15 -68.77
N ALA H 80 35.12 66.27 -68.21
CA ALA H 80 35.85 67.54 -68.30
C ALA H 80 37.06 67.50 -67.36
N ASN H 81 36.91 66.87 -66.20
CA ASN H 81 38.03 66.75 -65.28
C ASN H 81 39.03 65.70 -65.70
N LEU H 82 38.57 64.58 -66.27
CA LEU H 82 39.52 63.66 -66.93
C LEU H 82 40.36 64.36 -67.98
N ALA H 83 39.69 65.07 -68.88
CA ALA H 83 40.32 65.76 -70.00
C ALA H 83 41.32 66.86 -69.58
N ALA H 84 41.10 67.49 -68.44
CA ALA H 84 41.96 68.58 -67.96
C ALA H 84 43.20 68.03 -67.28
N ASN H 85 43.20 66.74 -67.01
CA ASN H 85 44.21 66.12 -66.17
C ASN H 85 45.36 65.54 -66.98
N PRO H 86 46.57 66.15 -66.89
CA PRO H 86 47.68 65.71 -67.71
C PRO H 86 48.07 64.23 -67.49
N ALA H 87 47.99 63.73 -66.27
CA ALA H 87 48.25 62.32 -65.98
C ALA H 87 47.29 61.38 -66.72
N VAL H 88 46.02 61.74 -66.74
CA VAL H 88 45.03 60.96 -67.45
C VAL H 88 45.43 60.85 -68.92
N ILE H 89 45.80 61.99 -69.49
CA ILE H 89 46.20 62.04 -70.89
C ILE H 89 47.41 61.13 -71.09
N ALA H 90 48.39 61.21 -70.17
CA ALA H 90 49.58 60.38 -70.27
C ALA H 90 49.22 58.88 -70.21
N PHE H 91 48.35 58.54 -69.29
CA PHE H 91 47.94 57.16 -69.02
C PHE H 91 47.23 56.60 -70.26
N VAL H 92 46.30 57.39 -70.80
CA VAL H 92 45.54 56.97 -71.96
C VAL H 92 46.45 56.87 -73.20
N ALA H 93 47.31 57.86 -73.37
CA ALA H 93 48.25 57.86 -74.49
C ALA H 93 49.09 56.59 -74.54
N ARG H 94 49.71 56.30 -73.39
CA ARG H 94 50.57 55.15 -73.21
C ARG H 94 49.83 53.85 -73.53
N HIS H 95 48.62 53.72 -72.98
CA HIS H 95 47.82 52.51 -73.19
C HIS H 95 47.41 52.37 -74.63
N ASP H 96 47.05 53.49 -75.25
CA ASP H 96 46.68 53.47 -76.65
C ASP H 96 47.88 53.09 -77.52
N ALA H 97 49.05 53.69 -77.25
CA ALA H 97 50.30 53.39 -77.99
C ALA H 97 50.64 51.90 -77.98
N ALA H 98 50.44 51.26 -76.83
CA ALA H 98 50.68 49.84 -76.68
C ALA H 98 49.50 48.97 -77.17
N GLY H 99 48.48 49.59 -77.77
CA GLY H 99 47.37 48.86 -78.35
C GLY H 99 46.44 48.21 -77.35
N LYS H 100 46.40 48.73 -76.13
CA LYS H 100 45.48 48.24 -75.10
C LYS H 100 44.10 48.82 -75.31
N LEU H 101 43.09 48.19 -74.74
CA LEU H 101 41.72 48.64 -74.96
C LEU H 101 41.46 49.97 -74.24
N ILE H 102 40.99 50.97 -75.00
CA ILE H 102 40.55 52.27 -74.47
C ILE H 102 39.01 52.30 -74.61
N CYS H 103 38.34 52.45 -73.46
CA CYS H 103 36.90 52.20 -73.39
C CYS H 103 36.13 53.34 -72.78
N PRO H 104 35.85 54.40 -73.58
CA PRO H 104 35.03 55.51 -73.11
C PRO H 104 33.55 55.22 -73.25
N ILE H 105 32.75 55.84 -72.39
CA ILE H 105 31.31 55.78 -72.51
C ILE H 105 30.73 57.20 -72.41
N ALA H 106 29.64 57.42 -73.14
CA ALA H 106 28.91 58.68 -73.10
C ALA H 106 29.80 59.84 -73.57
N SER H 107 29.96 60.88 -72.75
CA SER H 107 30.70 62.07 -73.17
C SER H 107 32.22 61.91 -73.22
N ALA H 108 32.74 60.77 -72.78
CA ALA H 108 34.17 60.63 -72.66
C ALA H 108 34.91 60.63 -74.00
N ALA H 109 34.35 59.98 -75.02
CA ALA H 109 35.04 59.88 -76.30
C ALA H 109 35.27 61.27 -76.89
N ALA H 110 34.22 62.08 -76.86
CA ALA H 110 34.31 63.45 -77.37
C ALA H 110 35.14 64.36 -76.46
N ARG H 111 34.88 64.33 -75.15
CA ARG H 111 35.49 65.32 -74.26
C ARG H 111 36.94 65.01 -73.90
N VAL H 112 37.26 63.73 -73.72
CA VAL H 112 38.61 63.35 -73.29
C VAL H 112 39.55 63.04 -74.46
N LEU H 113 39.08 62.26 -75.44
CA LEU H 113 39.93 61.81 -76.55
C LEU H 113 39.84 62.78 -77.73
N GLY H 114 38.63 63.00 -78.23
CA GLY H 114 38.43 63.91 -79.36
C GLY H 114 38.81 65.37 -79.12
N ALA H 115 38.65 65.85 -77.89
CA ALA H 115 38.97 67.24 -77.59
C ALA H 115 40.46 67.46 -77.71
N HIS H 116 41.23 66.49 -77.25
CA HIS H 116 42.69 66.55 -77.34
C HIS H 116 43.25 65.98 -78.62
N GLY H 117 42.35 65.64 -79.55
CA GLY H 117 42.71 65.10 -80.84
C GLY H 117 43.38 63.74 -80.76
N LEU H 118 42.83 62.83 -79.96
CA LEU H 118 43.46 61.53 -79.71
C LEU H 118 42.64 60.35 -80.19
N LEU H 119 41.56 60.61 -80.91
CA LEU H 119 40.76 59.53 -81.48
C LEU H 119 41.46 58.89 -82.68
N LYS H 120 42.44 59.60 -83.26
CA LYS H 120 43.27 59.07 -84.33
C LYS H 120 42.47 58.54 -85.53
N GLY H 121 41.44 59.28 -85.92
CA GLY H 121 40.61 58.93 -87.08
C GLY H 121 39.63 57.79 -86.88
N ARG H 122 39.65 57.15 -85.71
CA ARG H 122 38.84 55.96 -85.48
C ARG H 122 37.35 56.26 -85.34
N ARG H 123 36.54 55.29 -85.74
CA ARG H 123 35.11 55.37 -85.59
C ARG H 123 34.76 55.22 -84.11
N TYR H 124 33.82 56.04 -83.65
CA TYR H 124 33.47 56.08 -82.24
C TYR H 124 32.03 56.52 -82.04
N VAL H 125 31.51 56.30 -80.84
CA VAL H 125 30.22 56.82 -80.46
C VAL H 125 30.39 57.67 -79.20
N CYS H 126 29.48 58.62 -79.01
CA CYS H 126 29.43 59.44 -77.80
C CYS H 126 27.97 59.82 -77.54
N SER H 127 27.73 60.48 -76.41
CA SER H 127 26.40 60.99 -76.06
C SER H 127 26.02 62.22 -76.91
N GLY H 128 24.72 62.31 -77.22
CA GLY H 128 24.12 63.51 -77.81
C GLY H 128 24.73 64.01 -79.10
N ASP H 129 25.12 65.28 -79.08
CA ASP H 129 25.60 65.99 -80.27
C ASP H 129 27.06 66.47 -80.13
N LEU H 130 27.76 65.99 -79.10
CA LEU H 130 29.13 66.44 -78.81
C LEU H 130 30.11 66.14 -79.96
N TRP H 131 29.75 65.18 -80.82
CA TRP H 131 30.54 64.84 -82.02
C TRP H 131 30.73 65.96 -83.07
N LYS H 132 29.90 67.01 -83.04
CA LYS H 132 30.12 68.19 -83.91
C LYS H 132 31.43 68.91 -83.56
N ALA H 133 31.78 68.96 -82.27
CA ALA H 133 32.97 69.67 -81.77
C ALA H 133 34.27 68.86 -81.92
N VAL H 134 34.16 67.60 -82.36
CA VAL H 134 35.31 66.72 -82.58
C VAL H 134 35.71 66.74 -84.07
N PRO H 135 36.96 67.16 -84.36
CA PRO H 135 37.41 67.30 -85.76
C PRO H 135 38.09 66.07 -86.39
N GLU H 136 38.72 65.19 -85.59
CA GLU H 136 39.50 64.09 -86.17
C GLU H 136 39.01 62.67 -85.81
N GLY H 137 37.70 62.52 -85.62
CA GLY H 137 37.10 61.20 -85.42
C GLY H 137 35.99 60.96 -86.42
N VAL H 138 35.46 59.73 -86.47
CA VAL H 138 34.32 59.40 -87.34
C VAL H 138 33.15 58.95 -86.46
N TYR H 139 32.26 59.89 -86.13
CA TYR H 139 31.13 59.57 -85.28
C TYR H 139 30.18 58.55 -85.93
N VAL H 140 29.82 57.53 -85.15
CA VAL H 140 28.87 56.50 -85.56
C VAL H 140 27.85 56.32 -84.44
N ASP H 141 26.57 56.51 -84.78
CA ASP H 141 25.46 56.30 -83.84
C ASP H 141 25.02 54.83 -83.74
N ALA H 142 25.56 54.13 -82.75
CA ALA H 142 25.12 52.80 -82.40
C ALA H 142 25.45 52.60 -80.93
N PRO H 143 24.77 51.66 -80.26
CA PRO H 143 24.95 51.46 -78.82
C PRO H 143 26.42 51.30 -78.41
N VAL H 144 27.12 50.42 -79.13
CA VAL H 144 28.52 50.13 -78.87
C VAL H 144 29.27 50.13 -80.20
N VAL H 145 30.44 50.75 -80.22
CA VAL H 145 31.26 50.86 -81.44
C VAL H 145 32.68 50.36 -81.14
N GLU H 146 33.11 49.36 -81.91
CA GLU H 146 34.46 48.81 -81.82
C GLU H 146 35.26 49.28 -83.04
N ASP H 147 36.48 49.74 -82.79
CA ASP H 147 37.39 50.06 -83.87
C ASP H 147 38.82 49.90 -83.37
N GLY H 148 39.42 48.77 -83.73
CA GLY H 148 40.76 48.43 -83.25
C GLY H 148 40.68 48.27 -81.74
N ASN H 149 41.58 48.93 -81.02
CA ASN H 149 41.58 48.83 -79.56
C ASN H 149 40.64 49.85 -78.89
N LEU H 150 39.71 50.41 -79.67
CA LEU H 150 38.76 51.41 -79.16
C LEU H 150 37.34 50.87 -79.06
N ILE H 151 36.84 50.70 -77.84
CA ILE H 151 35.46 50.25 -77.61
C ILE H 151 34.68 51.34 -76.89
N SER H 152 33.69 51.90 -77.56
CA SER H 152 32.93 52.98 -76.96
C SER H 152 31.44 52.70 -76.91
N GLY H 153 30.83 53.08 -75.78
CA GLY H 153 29.42 52.95 -75.55
C GLY H 153 28.78 54.33 -75.58
N LYS H 154 27.55 54.37 -76.06
CA LYS H 154 26.86 55.61 -76.39
C LYS H 154 26.35 56.40 -75.17
N GLY H 155 25.85 55.69 -74.17
CA GLY H 155 25.27 56.35 -73.02
C GLY H 155 24.88 55.38 -71.92
N LEU H 156 24.25 55.91 -70.89
CA LEU H 156 23.91 55.14 -69.72
C LEU H 156 23.04 53.92 -70.06
N GLY H 157 21.97 54.16 -70.83
CA GLY H 157 21.04 53.11 -71.23
C GLY H 157 21.67 51.91 -71.94
N HIS H 158 22.84 52.10 -72.53
CA HIS H 158 23.52 51.03 -73.24
C HIS H 158 24.67 50.46 -72.45
N VAL H 159 24.77 50.82 -71.18
CA VAL H 159 25.94 50.44 -70.39
C VAL H 159 26.11 48.91 -70.20
N PHE H 160 25.00 48.19 -70.20
CA PHE H 160 25.07 46.73 -70.09
C PHE H 160 25.72 46.14 -71.34
N ASP H 161 25.27 46.58 -72.53
CA ASP H 161 25.88 46.15 -73.78
C ASP H 161 27.36 46.50 -73.84
N PHE H 162 27.67 47.73 -73.45
CA PHE H 162 29.06 48.20 -73.40
C PHE H 162 29.88 47.24 -72.56
N ALA H 163 29.40 47.01 -71.34
CA ALA H 163 30.17 46.26 -70.33
C ALA H 163 30.34 44.79 -70.70
N LEU H 164 29.30 44.19 -71.25
CA LEU H 164 29.34 42.78 -71.65
C LEU H 164 30.21 42.56 -72.90
N THR H 165 30.13 43.49 -73.85
CA THR H 165 30.99 43.50 -75.04
C THR H 165 32.46 43.77 -74.68
N LEU H 166 32.69 44.63 -73.68
CA LEU H 166 34.04 44.81 -73.18
C LEU H 166 34.57 43.50 -72.60
N SER H 167 33.78 42.90 -71.70
CA SER H 167 34.14 41.67 -71.00
C SER H 167 34.36 40.49 -71.95
N ALA H 168 33.48 40.33 -72.92
CA ALA H 168 33.60 39.23 -73.89
C ALA H 168 34.88 39.37 -74.69
N ARG H 169 35.14 40.59 -75.15
CA ARG H 169 36.39 40.93 -75.81
C ARG H 169 37.60 40.64 -74.94
N LEU H 170 37.52 40.92 -73.64
CA LEU H 170 38.63 40.64 -72.74
C LEU H 170 38.86 39.14 -72.57
N LEU H 171 37.78 38.37 -72.60
CA LEU H 171 37.83 36.93 -72.34
C LEU H 171 37.98 36.10 -73.61
N GLY H 172 37.65 36.70 -74.75
CA GLY H 172 37.67 36.04 -76.05
C GLY H 172 36.59 34.97 -76.18
N ASP H 173 35.54 35.09 -75.37
CA ASP H 173 34.60 34.01 -75.15
C ASP H 173 33.26 34.60 -74.70
N ASP H 174 32.21 34.36 -75.47
CA ASP H 174 30.87 34.89 -75.17
C ASP H 174 30.07 34.03 -74.19
N ALA H 175 30.45 32.77 -74.05
CA ALA H 175 29.71 31.83 -73.20
C ALA H 175 29.56 32.35 -71.76
N PRO H 176 30.68 32.62 -71.06
CA PRO H 176 30.55 33.11 -69.68
C PRO H 176 29.73 34.39 -69.59
N VAL H 177 29.92 35.25 -70.59
CA VAL H 177 29.33 36.59 -70.63
C VAL H 177 27.82 36.46 -70.67
N ARG H 178 27.33 35.62 -71.58
CA ARG H 178 25.90 35.40 -71.69
C ARG H 178 25.33 34.67 -70.47
N GLU H 179 26.11 33.73 -69.92
CA GLU H 179 25.72 33.07 -68.68
C GLU H 179 25.47 34.11 -67.57
N GLN H 180 26.41 35.03 -67.31
CA GLN H 180 26.15 36.08 -66.29
C GLN H 180 24.99 36.98 -66.70
N ALA H 181 24.85 37.22 -68.00
CA ALA H 181 23.76 38.06 -68.49
C ALA H 181 22.42 37.45 -68.09
N GLU H 182 22.33 36.15 -68.26
CA GLU H 182 21.14 35.40 -67.94
C GLU H 182 20.90 35.32 -66.43
N HIS H 183 21.96 35.21 -65.62
CA HIS H 183 21.82 35.21 -64.15
C HIS H 183 21.19 36.53 -63.66
N ILE H 184 21.51 37.66 -64.32
CA ILE H 184 20.93 38.96 -63.94
C ILE H 184 19.69 39.35 -64.76
N TYR H 185 19.26 38.43 -65.63
CA TYR H 185 18.03 38.61 -66.41
C TYR H 185 18.15 39.79 -67.38
N TYR H 186 19.35 40.01 -67.90
CA TYR H 186 19.57 40.99 -68.97
C TYR H 186 19.75 40.29 -70.33
N PRO H 187 18.91 40.63 -71.32
CA PRO H 187 18.92 39.95 -72.61
C PRO H 187 20.08 40.38 -73.51
N TRP H 188 21.17 39.63 -73.50
CA TRP H 188 22.34 39.94 -74.32
C TRP H 188 22.71 38.78 -75.24
N MET I 4 41.60 24.97 -4.39
CA MET I 4 40.43 24.75 -5.30
C MET I 4 40.56 25.58 -6.60
N LYS I 5 40.72 24.89 -7.73
CA LYS I 5 40.84 25.54 -9.03
C LYS I 5 39.47 25.82 -9.61
N LYS I 6 39.40 26.85 -10.44
CA LYS I 6 38.19 27.05 -11.24
C LYS I 6 38.44 27.39 -12.69
N VAL I 7 37.52 26.89 -13.50
CA VAL I 7 37.63 26.92 -14.93
C VAL I 7 36.39 27.56 -15.48
N ALA I 8 36.59 28.44 -16.44
CA ALA I 8 35.50 29.00 -17.20
C ALA I 8 35.44 28.32 -18.53
N VAL I 9 34.24 27.89 -18.93
CA VAL I 9 34.04 27.35 -20.26
C VAL I 9 33.12 28.27 -21.00
N LEU I 10 33.59 28.82 -22.09
CA LEU I 10 32.82 29.81 -22.84
C LEU I 10 31.86 29.12 -23.83
N LEU I 11 30.58 29.45 -23.71
CA LEU I 11 29.53 28.97 -24.60
C LEU I 11 28.92 30.08 -25.47
N ALA I 12 29.25 30.10 -26.75
CA ALA I 12 28.60 30.98 -27.71
C ALA I 12 27.68 30.13 -28.57
N PRO I 13 26.67 30.75 -29.23
CA PRO I 13 25.75 29.98 -30.01
C PRO I 13 26.48 29.17 -31.06
N GLY I 14 26.11 27.92 -31.22
CA GLY I 14 26.81 27.03 -32.14
C GLY I 14 28.00 26.32 -31.52
N PHE I 15 28.21 26.51 -30.23
CA PHE I 15 29.31 25.82 -29.56
C PHE I 15 29.17 24.31 -29.76
N GLU I 16 30.31 23.64 -29.89
CA GLU I 16 30.30 22.23 -30.15
C GLU I 16 30.03 21.57 -28.80
N GLU I 17 28.82 21.06 -28.62
CA GLU I 17 28.38 20.64 -27.29
C GLU I 17 29.15 19.47 -26.73
N ALA I 18 29.61 18.56 -27.59
CA ALA I 18 30.33 17.40 -27.08
C ALA I 18 31.72 17.78 -26.63
N GLU I 19 32.34 18.70 -27.35
CA GLU I 19 33.69 19.14 -26.96
C GLU I 19 33.59 19.78 -25.60
N ALA I 20 32.57 20.61 -25.41
CA ALA I 20 32.45 21.34 -24.14
C ALA I 20 31.93 20.45 -23.01
N ILE I 21 30.95 19.62 -23.29
CA ILE I 21 30.36 18.84 -22.22
C ILE I 21 31.32 17.83 -21.64
N VAL I 22 32.05 17.12 -22.50
CA VAL I 22 32.98 16.12 -22.01
C VAL I 22 34.04 16.79 -21.12
N THR I 23 34.51 17.95 -21.54
CA THR I 23 35.50 18.67 -20.77
C THR I 23 34.88 19.03 -19.41
N LEU I 24 33.65 19.48 -19.42
CA LEU I 24 33.01 19.88 -18.18
C LEU I 24 32.82 18.70 -17.22
N ASP I 25 32.45 17.57 -17.77
CA ASP I 25 32.14 16.34 -17.02
C ASP I 25 33.39 15.86 -16.28
N ILE I 26 34.50 15.86 -17.01
CA ILE I 26 35.76 15.37 -16.47
C ILE I 26 36.23 16.31 -15.37
N LEU I 27 36.23 17.61 -15.63
CA LEU I 27 36.65 18.56 -14.61
C LEU I 27 35.82 18.37 -13.37
N ARG I 28 34.50 18.27 -13.55
CA ARG I 28 33.60 18.13 -12.42
C ARG I 28 33.71 16.77 -11.73
N ARG I 29 34.06 15.70 -12.45
CA ARG I 29 34.37 14.43 -11.80
C ARG I 29 35.52 14.60 -10.83
N LEU I 30 36.45 15.48 -11.17
CA LEU I 30 37.60 15.73 -10.34
C LEU I 30 37.36 16.84 -9.34
N HIS I 31 36.12 17.26 -9.15
CA HIS I 31 35.78 18.32 -8.18
C HIS I 31 36.47 19.65 -8.45
N ILE I 32 36.88 19.88 -9.70
CA ILE I 32 37.34 21.19 -10.08
C ILE I 32 36.09 22.01 -10.40
N ASP I 33 35.99 23.18 -9.78
CA ASP I 33 34.92 24.16 -10.10
C ASP I 33 34.97 24.59 -11.55
N VAL I 34 33.80 24.49 -12.19
CA VAL I 34 33.62 24.97 -13.53
C VAL I 34 32.45 25.90 -13.53
N GLU I 35 32.57 26.96 -14.31
CA GLU I 35 31.43 27.78 -14.68
C GLU I 35 31.30 27.79 -16.17
N THR I 36 30.13 27.47 -16.67
CA THR I 36 29.81 27.76 -18.09
C THR I 36 29.43 29.24 -18.14
N LEU I 37 30.01 29.96 -19.10
CA LEU I 37 29.75 31.36 -19.28
C LEU I 37 29.22 31.59 -20.68
N ALA I 38 28.02 32.13 -20.80
N ALA I 38 28.01 32.13 -20.77
CA ALA I 38 27.54 32.66 -22.05
CA ALA I 38 27.40 32.45 -22.04
C ALA I 38 28.30 33.95 -22.35
C ALA I 38 27.95 33.76 -22.60
N CYS I 39 28.29 34.39 -23.61
N CYS I 39 28.46 33.69 -23.83
CA CYS I 39 29.25 35.40 -24.06
CA CYS I 39 28.95 34.88 -24.50
C CYS I 39 28.64 36.77 -24.36
C CYS I 39 27.87 35.37 -25.47
N ALA I 40 27.37 36.79 -24.70
N ALA I 40 26.80 35.88 -24.86
CA ALA I 40 26.66 38.04 -24.92
CA ALA I 40 25.65 36.45 -25.52
C ALA I 40 25.48 38.18 -23.95
C ALA I 40 24.82 36.99 -24.36
N GLU I 41 24.29 38.40 -24.52
N GLU I 41 24.21 38.16 -24.54
CA GLU I 41 23.07 38.76 -23.76
CA GLU I 41 23.32 38.78 -23.55
C GLU I 41 22.34 37.64 -23.01
C GLU I 41 22.21 37.84 -23.00
N SER I 42 22.37 36.43 -23.58
N SER I 42 22.49 36.54 -22.93
CA SER I 42 21.55 35.33 -23.10
CA SER I 42 21.46 35.55 -22.66
C SER I 42 22.35 34.41 -22.23
C SER I 42 22.05 34.25 -22.17
N ARG I 43 21.65 33.71 -21.33
N ARG I 43 21.53 33.74 -21.07
CA ARG I 43 22.26 32.62 -20.60
CA ARG I 43 22.13 32.58 -20.43
C ARG I 43 21.93 31.26 -21.21
C ARG I 43 21.91 31.26 -21.18
N ALA I 44 20.83 31.20 -21.95
CA ALA I 44 20.46 30.01 -22.73
C ALA I 44 21.29 30.06 -23.97
N VAL I 45 21.90 28.96 -24.35
CA VAL I 45 22.74 28.92 -25.53
C VAL I 45 22.48 27.59 -26.27
N VAL I 46 22.33 27.66 -27.58
CA VAL I 46 22.00 26.47 -28.36
C VAL I 46 23.17 26.00 -29.15
N SER I 47 23.54 24.75 -28.93
CA SER I 47 24.77 24.18 -29.51
C SER I 47 24.71 23.92 -31.01
N TYR I 48 25.88 23.58 -31.54
CA TYR I 48 26.04 23.27 -32.95
C TYR I 48 25.01 22.22 -33.38
N HIS I 49 24.87 21.15 -32.58
CA HIS I 49 23.86 20.13 -32.83
C HIS I 49 22.55 20.31 -32.08
N ASP I 50 22.15 21.57 -31.88
CA ASP I 50 20.77 21.93 -31.49
C ASP I 50 20.33 21.60 -30.07
N ILE I 51 21.29 21.52 -29.14
CA ILE I 51 20.95 21.30 -27.74
C ILE I 51 20.98 22.64 -27.00
N PRO I 52 19.82 23.07 -26.53
CA PRO I 52 19.76 24.26 -25.68
C PRO I 52 20.29 23.97 -24.28
N MET I 53 21.29 24.72 -23.85
CA MET I 53 21.80 24.61 -22.49
C MET I 53 21.67 25.95 -21.73
N VAL I 54 21.52 25.87 -20.42
CA VAL I 54 21.54 27.07 -19.58
C VAL I 54 22.93 27.24 -18.94
N ALA I 55 23.66 28.26 -19.38
CA ALA I 55 24.96 28.56 -18.83
C ALA I 55 24.78 29.01 -17.39
N ASP I 56 25.80 28.79 -16.59
CA ASP I 56 25.79 29.17 -15.18
C ASP I 56 25.68 30.68 -14.99
N SER I 57 26.35 31.42 -15.87
CA SER I 57 26.37 32.87 -15.80
C SER I 57 26.78 33.39 -17.18
N THR I 58 27.05 34.69 -17.28
CA THR I 58 27.55 35.27 -18.52
C THR I 58 28.91 35.90 -18.30
N LEU I 59 29.58 36.09 -19.42
CA LEU I 59 30.87 36.70 -19.46
C LEU I 59 30.77 38.09 -18.81
N SER I 60 29.71 38.82 -19.11
CA SER I 60 29.55 40.19 -18.58
C SER I 60 29.41 40.25 -17.05
N GLU I 61 29.08 39.14 -16.40
CA GLU I 61 29.06 39.10 -14.95
C GLU I 61 30.38 38.63 -14.35
N ARG I 62 31.41 38.46 -15.18
CA ARG I 62 32.69 37.87 -14.78
C ARG I 62 33.90 38.60 -15.37
N GLN I 63 33.74 39.90 -15.60
CA GLN I 63 34.77 40.66 -16.28
CA GLN I 63 34.74 40.72 -16.25
C GLN I 63 35.94 40.97 -15.34
N GLN I 64 35.72 40.84 -14.04
CA GLN I 64 36.79 40.98 -13.05
C GLN I 64 37.24 39.60 -12.54
N ALA I 65 36.45 38.57 -12.80
CA ALA I 65 36.79 37.22 -12.38
C ALA I 65 38.07 36.81 -13.07
N LEU I 66 38.94 36.15 -12.32
CA LEU I 66 40.12 35.53 -12.88
C LEU I 66 40.09 34.02 -12.60
N PHE I 67 39.94 33.22 -13.65
CA PHE I 67 39.84 31.76 -13.56
C PHE I 67 41.21 31.18 -13.76
N ASP I 68 41.40 29.93 -13.37
CA ASP I 68 42.67 29.28 -13.58
C ASP I 68 42.84 28.77 -15.01
N ALA I 69 41.72 28.59 -15.68
CA ALA I 69 41.77 28.14 -17.04
C ALA I 69 40.49 28.57 -17.77
N VAL I 70 40.62 28.81 -19.08
CA VAL I 70 39.49 29.24 -19.94
C VAL I 70 39.42 28.26 -21.07
N VAL I 71 38.33 27.53 -21.14
CA VAL I 71 38.16 26.56 -22.19
C VAL I 71 37.39 27.21 -23.32
N LEU I 72 37.85 27.00 -24.55
CA LEU I 72 37.23 27.55 -25.77
C LEU I 72 36.85 26.40 -26.71
N PRO I 73 35.56 26.00 -26.67
CA PRO I 73 35.15 24.97 -27.60
C PRO I 73 35.11 25.49 -29.02
N GLY I 74 35.03 24.56 -29.97
CA GLY I 74 34.87 24.88 -31.37
C GLY I 74 33.41 24.84 -31.81
N GLY I 75 33.18 24.16 -32.94
CA GLY I 75 31.96 24.30 -33.70
C GLY I 75 32.11 25.48 -34.64
N PRO I 76 31.59 25.34 -35.89
CA PRO I 76 31.89 26.38 -36.88
C PRO I 76 31.28 27.74 -36.56
N GLN I 77 30.06 27.78 -36.07
CA GLN I 77 29.45 29.05 -35.68
C GLN I 77 29.92 29.42 -34.31
N GLY I 78 30.17 28.42 -33.49
CA GLY I 78 30.69 28.65 -32.14
C GLY I 78 31.97 29.45 -32.18
N SER I 79 32.93 29.01 -32.97
CA SER I 79 34.23 29.69 -32.93
C SER I 79 34.16 31.06 -33.60
N ALA I 80 33.34 31.16 -34.65
CA ALA I 80 33.10 32.44 -35.32
C ALA I 80 32.48 33.44 -34.35
N ASN I 81 31.53 32.97 -33.54
CA ASN I 81 30.84 33.83 -32.60
C ASN I 81 31.71 34.25 -31.42
N LEU I 82 32.58 33.37 -30.94
CA LEU I 82 33.59 33.77 -29.96
C LEU I 82 34.51 34.83 -30.57
N ALA I 83 34.92 34.59 -31.82
CA ALA I 83 35.83 35.47 -32.55
C ALA I 83 35.32 36.90 -32.72
N ALA I 84 33.99 37.04 -32.94
CA ALA I 84 33.36 38.32 -33.24
C ALA I 84 33.03 39.14 -31.99
N ASN I 85 33.22 38.53 -30.81
CA ASN I 85 32.82 39.13 -29.54
C ASN I 85 34.01 39.79 -28.81
N PRO I 86 33.99 41.14 -28.69
CA PRO I 86 35.08 41.86 -27.97
C PRO I 86 35.21 41.45 -26.51
N ALA I 87 34.10 41.07 -25.90
CA ALA I 87 34.15 40.68 -24.48
C ALA I 87 34.96 39.37 -24.30
N VAL I 88 34.82 38.45 -25.25
CA VAL I 88 35.63 37.22 -25.26
C VAL I 88 37.12 37.54 -25.43
N ILE I 89 37.42 38.36 -26.42
CA ILE I 89 38.79 38.73 -26.74
C ILE I 89 39.42 39.38 -25.50
N ALA I 90 38.72 40.31 -24.89
CA ALA I 90 39.19 40.93 -23.65
C ALA I 90 39.45 39.87 -22.56
N PHE I 91 38.45 39.02 -22.36
CA PHE I 91 38.49 38.01 -21.31
C PHE I 91 39.67 37.08 -21.47
N VAL I 92 39.88 36.63 -22.70
CA VAL I 92 41.00 35.75 -22.97
C VAL I 92 42.35 36.47 -22.77
N ALA I 93 42.47 37.65 -23.37
CA ALA I 93 43.72 38.38 -23.33
C ALA I 93 44.10 38.65 -21.89
N ARG I 94 43.11 39.04 -21.09
CA ARG I 94 43.39 39.35 -19.68
C ARG I 94 43.90 38.07 -18.99
N HIS I 95 43.26 36.94 -19.23
CA HIS I 95 43.72 35.67 -18.68
C HIS I 95 45.09 35.25 -19.19
N ASP I 96 45.36 35.48 -20.48
CA ASP I 96 46.64 35.14 -21.04
C ASP I 96 47.72 35.97 -20.37
N ALA I 97 47.56 37.29 -20.33
CA ALA I 97 48.56 38.17 -19.71
C ALA I 97 48.81 37.82 -18.25
N ALA I 98 47.78 37.31 -17.57
CA ALA I 98 47.94 36.91 -16.18
C ALA I 98 48.52 35.49 -16.05
N GLY I 99 48.89 34.88 -17.17
CA GLY I 99 49.48 33.54 -17.16
C GLY I 99 48.53 32.37 -16.89
N LYS I 100 47.22 32.57 -17.01
CA LYS I 100 46.28 31.44 -16.78
C LYS I 100 46.18 30.60 -18.05
N LEU I 101 45.64 29.39 -17.93
CA LEU I 101 45.61 28.46 -19.04
C LEU I 101 44.52 28.82 -20.07
N ILE I 102 44.93 28.98 -21.32
CA ILE I 102 44.02 29.22 -22.43
C ILE I 102 43.89 27.89 -23.13
N CYS I 103 42.66 27.40 -23.28
CA CYS I 103 42.45 25.99 -23.63
C CYS I 103 41.43 25.82 -24.75
N PRO I 104 41.83 26.17 -25.97
CA PRO I 104 40.99 26.03 -27.16
C PRO I 104 40.99 24.58 -27.65
N ILE I 105 39.88 24.15 -28.27
CA ILE I 105 39.80 22.83 -28.90
C ILE I 105 39.19 22.98 -30.28
N ALA I 106 39.60 22.07 -31.16
CA ALA I 106 39.14 22.00 -32.53
C ALA I 106 39.40 23.34 -33.28
N SER I 107 38.38 24.00 -33.79
CA SER I 107 38.62 25.17 -34.64
C SER I 107 38.97 26.41 -33.80
N ALA I 108 38.72 26.37 -32.50
CA ALA I 108 38.83 27.55 -31.67
C ALA I 108 40.23 28.19 -31.75
N ALA I 109 41.30 27.38 -31.78
CA ALA I 109 42.66 27.97 -31.73
C ALA I 109 42.92 28.82 -32.97
N ALA I 110 42.49 28.32 -34.11
CA ALA I 110 42.65 29.02 -35.37
C ALA I 110 41.70 30.18 -35.45
N ARG I 111 40.40 29.89 -35.27
CA ARG I 111 39.36 30.86 -35.53
C ARG I 111 39.23 31.93 -34.44
N VAL I 112 39.63 31.64 -33.20
CA VAL I 112 39.51 32.65 -32.14
C VAL I 112 40.85 33.33 -31.82
N LEU I 113 41.89 32.54 -31.56
CA LEU I 113 43.19 33.14 -31.19
C LEU I 113 43.97 33.51 -32.41
N GLY I 114 44.04 32.58 -33.36
CA GLY I 114 44.81 32.78 -34.59
C GLY I 114 44.35 33.95 -35.42
N ALA I 115 43.04 34.07 -35.61
CA ALA I 115 42.48 35.10 -36.46
C ALA I 115 42.58 36.49 -35.83
N HIS I 116 42.96 36.57 -34.54
CA HIS I 116 43.14 37.87 -33.87
C HIS I 116 44.60 38.10 -33.50
N GLY I 117 45.46 37.28 -34.08
CA GLY I 117 46.88 37.41 -33.91
C GLY I 117 47.25 37.32 -32.45
N LEU I 118 46.66 36.35 -31.74
CA LEU I 118 46.83 36.22 -30.28
C LEU I 118 47.51 34.93 -29.83
N LEU I 119 48.02 34.14 -30.78
CA LEU I 119 48.80 32.96 -30.42
C LEU I 119 50.21 33.33 -29.87
N LYS I 120 50.72 34.51 -30.20
CA LYS I 120 52.05 34.93 -29.78
C LYS I 120 53.11 33.89 -30.16
N GLY I 121 53.07 33.46 -31.42
CA GLY I 121 54.07 32.53 -31.96
C GLY I 121 53.99 31.10 -31.44
N ARG I 122 53.11 30.83 -30.49
CA ARG I 122 53.10 29.55 -29.80
C ARG I 122 52.62 28.39 -30.68
N ARG I 123 53.05 27.19 -30.30
CA ARG I 123 52.60 25.96 -30.94
C ARG I 123 51.19 25.64 -30.49
N TYR I 124 50.41 25.09 -31.40
CA TYR I 124 49.00 24.82 -31.15
C TYR I 124 48.54 23.80 -32.15
N VAL I 125 47.41 23.16 -31.86
CA VAL I 125 46.73 22.31 -32.83
C VAL I 125 45.29 22.80 -33.01
N CYS I 126 44.73 22.52 -34.17
CA CYS I 126 43.39 22.90 -34.47
C CYS I 126 42.89 21.83 -35.40
N SER I 127 41.59 21.84 -35.67
CA SER I 127 41.00 20.83 -36.54
C SER I 127 41.22 21.24 -38.00
N GLY I 128 41.20 20.25 -38.88
CA GLY I 128 41.25 20.46 -40.32
C GLY I 128 42.47 21.22 -40.77
N ASP I 129 42.33 21.99 -41.85
CA ASP I 129 43.42 22.73 -42.45
C ASP I 129 43.34 24.22 -42.12
N LEU I 130 42.69 24.54 -41.00
CA LEU I 130 42.47 25.93 -40.59
C LEU I 130 43.76 26.64 -40.19
N TRP I 131 44.77 25.87 -39.84
CA TRP I 131 46.11 26.39 -39.60
C TRP I 131 46.73 27.15 -40.80
N LYS I 132 46.29 26.82 -42.01
CA LYS I 132 46.82 27.45 -43.23
C LYS I 132 46.61 28.97 -43.33
N ALA I 133 45.55 29.47 -42.70
CA ALA I 133 45.24 30.89 -42.74
C ALA I 133 45.68 31.60 -41.47
N VAL I 134 46.41 30.90 -40.59
CA VAL I 134 46.86 31.51 -39.34
C VAL I 134 48.27 32.02 -39.53
N PRO I 135 48.44 33.36 -39.43
CA PRO I 135 49.72 33.98 -39.76
C PRO I 135 50.83 33.86 -38.71
N GLU I 136 50.51 33.81 -37.42
CA GLU I 136 51.54 33.90 -36.35
C GLU I 136 51.45 32.81 -35.26
N GLY I 137 51.21 31.58 -35.69
CA GLY I 137 51.30 30.44 -34.79
C GLY I 137 52.09 29.35 -35.47
N VAL I 138 52.49 28.35 -34.68
CA VAL I 138 53.23 27.19 -35.21
C VAL I 138 52.34 25.96 -35.09
N TYR I 139 51.63 25.63 -36.15
CA TYR I 139 50.76 24.48 -36.13
C TYR I 139 51.56 23.23 -35.85
N VAL I 140 51.00 22.34 -35.04
CA VAL I 140 51.62 21.07 -34.69
C VAL I 140 50.55 20.01 -34.74
N ASP I 141 50.72 19.03 -35.61
CA ASP I 141 49.73 17.98 -35.72
C ASP I 141 49.86 16.97 -34.56
N ALA I 142 49.19 17.23 -33.44
CA ALA I 142 49.08 16.24 -32.33
C ALA I 142 47.76 16.37 -31.58
N PRO I 143 47.29 15.27 -30.94
CA PRO I 143 45.98 15.28 -30.25
C PRO I 143 45.87 16.42 -29.26
N VAL I 144 46.95 16.71 -28.55
CA VAL I 144 47.00 17.77 -27.58
C VAL I 144 48.35 18.45 -27.61
N VAL I 145 48.39 19.78 -27.70
CA VAL I 145 49.66 20.48 -27.74
C VAL I 145 49.70 21.41 -26.54
N GLU I 146 50.83 21.41 -25.83
CA GLU I 146 51.00 22.27 -24.68
C GLU I 146 52.21 23.14 -24.91
N ASP I 147 51.98 24.46 -24.95
CA ASP I 147 53.04 25.43 -25.11
C ASP I 147 52.84 26.56 -24.12
N GLY I 148 53.69 26.61 -23.10
CA GLY I 148 53.55 27.57 -22.03
C GLY I 148 52.23 27.37 -21.32
N ASN I 149 51.42 28.43 -21.34
CA ASN I 149 50.11 28.42 -20.70
C ASN I 149 49.00 28.19 -21.73
N LEU I 150 49.36 27.70 -22.92
CA LEU I 150 48.40 27.34 -23.97
C LEU I 150 48.29 25.83 -24.13
N ILE I 151 47.08 25.31 -24.00
CA ILE I 151 46.80 23.89 -24.17
C ILE I 151 45.70 23.75 -25.20
N SER I 152 46.03 23.25 -26.38
CA SER I 152 45.05 23.10 -27.43
C SER I 152 44.79 21.64 -27.70
N GLY I 153 43.54 21.31 -28.05
CA GLY I 153 43.14 19.96 -28.44
C GLY I 153 42.71 19.93 -29.90
N LYS I 154 43.01 18.83 -30.58
CA LYS I 154 42.91 18.78 -32.04
C LYS I 154 41.47 18.72 -32.50
N GLY I 155 40.65 17.96 -31.78
CA GLY I 155 39.28 17.80 -32.20
C GLY I 155 38.53 16.91 -31.26
N LEU I 156 37.28 16.65 -31.60
CA LEU I 156 36.36 16.00 -30.67
C LEU I 156 36.83 14.61 -30.27
N GLY I 157 37.40 13.88 -31.21
CA GLY I 157 37.88 12.51 -30.91
C GLY I 157 38.98 12.42 -29.87
N HIS I 158 39.67 13.53 -29.62
CA HIS I 158 40.73 13.60 -28.61
C HIS I 158 40.29 14.36 -27.33
N VAL I 159 38.99 14.57 -27.18
CA VAL I 159 38.48 15.41 -26.10
C VAL I 159 38.76 14.90 -24.70
N PHE I 160 38.75 13.57 -24.53
CA PHE I 160 39.14 13.00 -23.23
C PHE I 160 40.64 13.27 -22.94
N ASP I 161 41.48 13.12 -23.97
CA ASP I 161 42.92 13.35 -23.83
CA ASP I 161 42.92 13.33 -23.80
C ASP I 161 43.10 14.80 -23.40
N PHE I 162 42.32 15.68 -24.01
CA PHE I 162 42.35 17.13 -23.76
C PHE I 162 41.95 17.48 -22.32
N ALA I 163 40.78 17.01 -21.90
CA ALA I 163 40.21 17.34 -20.60
C ALA I 163 41.06 16.77 -19.46
N LEU I 164 41.53 15.54 -19.64
CA LEU I 164 42.37 14.88 -18.63
C LEU I 164 43.72 15.58 -18.45
N THR I 165 44.32 15.93 -19.58
CA THR I 165 45.59 16.66 -19.60
C THR I 165 45.42 18.02 -18.90
N LEU I 166 44.30 18.69 -19.20
CA LEU I 166 44.01 19.98 -18.57
C LEU I 166 43.85 19.80 -17.08
N SER I 167 43.09 18.77 -16.69
CA SER I 167 42.89 18.45 -15.29
C SER I 167 44.24 18.16 -14.58
N ALA I 168 45.11 17.43 -15.24
CA ALA I 168 46.42 17.10 -14.66
C ALA I 168 47.23 18.36 -14.42
N ARG I 169 47.20 19.27 -15.39
CA ARG I 169 47.95 20.53 -15.30
CA ARG I 169 47.96 20.52 -15.29
C ARG I 169 47.41 21.42 -14.18
N LEU I 170 46.09 21.43 -14.05
CA LEU I 170 45.40 22.17 -13.01
C LEU I 170 45.67 21.62 -11.62
N LEU I 171 45.68 20.29 -11.46
CA LEU I 171 45.88 19.67 -10.16
C LEU I 171 47.38 19.48 -9.79
N GLY I 172 48.26 19.54 -10.78
CA GLY I 172 49.68 19.28 -10.59
C GLY I 172 50.01 17.82 -10.29
N ASP I 173 49.14 16.90 -10.71
CA ASP I 173 49.23 15.49 -10.31
C ASP I 173 48.49 14.59 -11.29
N ASP I 174 49.20 13.64 -11.89
CA ASP I 174 48.61 12.65 -12.81
C ASP I 174 47.68 11.69 -12.10
N ALA I 175 48.00 11.38 -10.85
CA ALA I 175 47.43 10.23 -10.18
C ALA I 175 45.91 10.24 -10.12
N PRO I 176 45.30 11.30 -9.54
CA PRO I 176 43.84 11.30 -9.40
C PRO I 176 43.11 11.46 -10.74
N VAL I 177 43.80 12.00 -11.73
CA VAL I 177 43.26 12.10 -13.07
C VAL I 177 43.22 10.73 -13.70
N ARG I 178 44.35 10.04 -13.67
CA ARG I 178 44.39 8.66 -14.15
C ARG I 178 43.39 7.79 -13.39
N GLU I 179 43.11 8.15 -12.14
CA GLU I 179 42.15 7.42 -11.35
C GLU I 179 40.77 7.57 -11.96
N GLN I 180 40.37 8.79 -12.28
CA GLN I 180 39.08 9.01 -12.94
C GLN I 180 39.00 8.33 -14.29
N ALA I 181 40.09 8.36 -15.06
CA ALA I 181 40.16 7.72 -16.37
C ALA I 181 39.83 6.23 -16.26
N GLU I 182 40.40 5.58 -15.25
CA GLU I 182 40.10 4.17 -14.99
C GLU I 182 38.64 3.96 -14.58
N HIS I 183 38.10 4.88 -13.77
CA HIS I 183 36.73 4.76 -13.29
C HIS I 183 35.66 4.81 -14.41
N ILE I 184 35.95 5.55 -15.48
CA ILE I 184 35.06 5.62 -16.64
C ILE I 184 35.54 4.82 -17.85
N TYR I 185 36.70 4.16 -17.71
CA TYR I 185 37.24 3.18 -18.68
C TYR I 185 37.81 3.82 -19.96
N TYR I 186 38.35 5.05 -19.83
CA TYR I 186 39.08 5.66 -20.93
C TYR I 186 40.56 5.33 -20.71
N PRO I 187 41.22 4.72 -21.71
CA PRO I 187 42.64 4.44 -21.58
C PRO I 187 43.46 5.72 -21.69
N TRP I 188 44.00 6.18 -20.58
CA TRP I 188 44.83 7.38 -20.58
C TRP I 188 46.14 7.17 -19.81
N MET J 4 15.04 7.02 -43.56
CA MET J 4 15.37 7.96 -42.45
C MET J 4 14.94 7.39 -41.09
N LYS J 5 15.93 6.93 -40.32
CA LYS J 5 15.73 6.33 -39.01
C LYS J 5 15.48 7.41 -37.95
N LYS J 6 14.74 7.06 -36.90
CA LYS J 6 14.54 7.92 -35.74
C LYS J 6 15.07 7.24 -34.49
N VAL J 7 15.80 8.02 -33.69
CA VAL J 7 16.25 7.61 -32.38
C VAL J 7 15.67 8.50 -31.29
N ALA J 8 15.30 7.90 -30.16
CA ALA J 8 14.93 8.63 -28.96
C ALA J 8 16.04 8.51 -27.91
N VAL J 9 16.39 9.62 -27.26
CA VAL J 9 17.33 9.61 -26.14
C VAL J 9 16.54 10.09 -24.93
N LEU J 10 16.44 9.27 -23.90
CA LEU J 10 15.61 9.58 -22.77
C LEU J 10 16.39 10.39 -21.73
N LEU J 11 15.92 11.59 -21.41
CA LEU J 11 16.56 12.45 -20.40
C LEU J 11 15.70 12.52 -19.16
N ALA J 12 16.19 11.85 -18.12
CA ALA J 12 15.60 11.92 -16.81
C ALA J 12 16.51 12.79 -15.94
N PRO J 13 15.94 13.37 -14.90
CA PRO J 13 16.73 14.18 -13.99
C PRO J 13 17.95 13.44 -13.48
N GLY J 14 19.11 14.08 -13.60
CA GLY J 14 20.35 13.44 -13.23
C GLY J 14 20.99 12.63 -14.36
N PHE J 15 20.49 12.74 -15.58
CA PHE J 15 21.08 11.96 -16.70
C PHE J 15 22.55 12.32 -16.84
N GLU J 16 23.35 11.35 -17.30
CA GLU J 16 24.76 11.58 -17.49
C GLU J 16 24.91 12.34 -18.82
N GLU J 17 25.22 13.64 -18.73
CA GLU J 17 25.15 14.50 -19.89
C GLU J 17 26.14 14.10 -20.95
N ALA J 18 27.32 13.66 -20.56
CA ALA J 18 28.38 13.34 -21.53
C ALA J 18 28.06 12.09 -22.32
N GLU J 19 27.47 11.10 -21.66
CA GLU J 19 27.09 9.89 -22.34
C GLU J 19 25.97 10.25 -23.34
N ALA J 20 24.99 11.00 -22.86
CA ALA J 20 23.86 11.38 -23.71
C ALA J 20 24.29 12.29 -24.87
N ILE J 21 25.20 13.23 -24.60
CA ILE J 21 25.53 14.30 -25.53
C ILE J 21 26.43 13.78 -26.63
N VAL J 22 27.44 13.02 -26.24
CA VAL J 22 28.34 12.44 -27.24
C VAL J 22 27.57 11.54 -28.21
N THR J 23 26.72 10.69 -27.67
CA THR J 23 25.86 9.81 -28.49
C THR J 23 25.01 10.64 -29.44
N LEU J 24 24.47 11.71 -28.88
CA LEU J 24 23.63 12.58 -29.65
C LEU J 24 24.39 13.33 -30.76
N ASP J 25 25.61 13.72 -30.48
CA ASP J 25 26.46 14.38 -31.43
C ASP J 25 26.78 13.44 -32.61
N ILE J 26 27.22 12.24 -32.31
CA ILE J 26 27.62 11.27 -33.36
C ILE J 26 26.42 11.09 -34.30
N LEU J 27 25.26 10.77 -33.73
CA LEU J 27 24.08 10.51 -34.56
C LEU J 27 23.71 11.70 -35.42
N ARG J 28 23.78 12.91 -34.88
CA ARG J 28 23.41 14.08 -35.67
C ARG J 28 24.44 14.36 -36.76
N ARG J 29 25.72 14.08 -36.47
CA ARG J 29 26.78 14.18 -37.49
C ARG J 29 26.44 13.34 -38.73
N LEU J 30 25.82 12.19 -38.49
CA LEU J 30 25.37 11.27 -39.55
C LEU J 30 23.95 11.51 -40.05
N HIS J 31 23.35 12.63 -39.64
CA HIS J 31 22.02 13.05 -40.15
C HIS J 31 20.90 12.04 -39.82
N ILE J 32 21.07 11.28 -38.75
CA ILE J 32 20.02 10.41 -38.21
C ILE J 32 19.05 11.28 -37.40
N ASP J 33 17.73 11.14 -37.57
CA ASP J 33 16.79 11.91 -36.73
C ASP J 33 16.97 11.41 -35.32
N VAL J 34 17.23 12.33 -34.38
CA VAL J 34 17.24 12.04 -32.96
C VAL J 34 16.31 13.01 -32.26
N GLU J 35 15.61 12.52 -31.25
CA GLU J 35 14.84 13.36 -30.37
C GLU J 35 15.27 13.12 -28.95
N THR J 36 15.60 14.19 -28.24
CA THR J 36 15.73 14.07 -26.82
C THR J 36 14.31 14.11 -26.23
N LEU J 37 14.02 13.17 -25.35
CA LEU J 37 12.71 13.11 -24.67
C LEU J 37 12.90 13.25 -23.19
N ALA J 38 12.37 14.35 -22.67
CA ALA J 38 12.37 14.57 -21.24
C ALA J 38 11.33 13.65 -20.62
N CYS J 39 11.77 12.85 -19.67
CA CYS J 39 10.89 11.95 -18.94
C CYS J 39 10.49 12.71 -17.69
N ALA J 40 9.61 13.67 -17.88
CA ALA J 40 9.33 14.71 -16.92
C ALA J 40 8.10 15.44 -17.41
N GLU J 41 7.57 16.30 -16.55
CA GLU J 41 6.43 17.12 -16.90
C GLU J 41 6.77 18.15 -17.97
N SER J 42 8.02 18.60 -17.98
CA SER J 42 8.49 19.56 -19.01
C SER J 42 9.77 19.11 -19.72
N ARG J 43 10.11 19.85 -20.77
CA ARG J 43 11.32 19.62 -21.55
C ARG J 43 12.61 20.01 -20.81
N ALA J 44 12.51 20.82 -19.75
CA ALA J 44 13.71 21.14 -18.94
C ALA J 44 14.11 19.97 -18.04
N VAL J 45 15.38 19.62 -18.10
CA VAL J 45 15.94 18.55 -17.30
C VAL J 45 17.36 18.97 -17.02
N VAL J 46 17.81 18.68 -15.82
CA VAL J 46 19.16 18.94 -15.37
C VAL J 46 19.98 17.65 -15.21
N SER J 47 21.15 17.66 -15.82
CA SER J 47 22.02 16.52 -15.84
C SER J 47 22.71 16.34 -14.49
N TYR J 48 23.33 15.19 -14.37
CA TYR J 48 24.11 14.79 -13.21
C TYR J 48 25.13 15.86 -12.81
N HIS J 49 25.89 16.36 -13.76
CA HIS J 49 26.83 17.43 -13.47
C HIS J 49 26.27 18.82 -13.74
N ASP J 50 24.98 18.98 -13.46
CA ASP J 50 24.33 20.27 -13.21
C ASP J 50 24.10 21.13 -14.41
N ILE J 51 23.99 20.52 -15.57
CA ILE J 51 23.65 21.30 -16.75
C ILE J 51 22.18 21.21 -17.07
N PRO J 52 21.44 22.35 -16.97
CA PRO J 52 20.07 22.40 -17.49
C PRO J 52 20.01 22.45 -19.00
N MET J 53 19.28 21.48 -19.58
CA MET J 53 19.06 21.37 -21.02
C MET J 53 17.55 21.32 -21.34
N VAL J 54 17.19 21.65 -22.57
CA VAL J 54 15.81 21.60 -23.01
C VAL J 54 15.69 20.48 -24.02
N ALA J 55 14.89 19.48 -23.68
CA ALA J 55 14.71 18.33 -24.52
C ALA J 55 13.89 18.77 -25.74
N ASP J 56 13.93 17.97 -26.80
CA ASP J 56 13.16 18.25 -28.00
C ASP J 56 11.68 18.00 -27.77
N SER J 57 11.36 17.10 -26.87
CA SER J 57 9.96 16.84 -26.56
C SER J 57 9.89 16.17 -25.18
N THR J 58 8.69 15.86 -24.72
CA THR J 58 8.56 15.04 -23.51
C THR J 58 8.19 13.64 -23.89
N LEU J 59 8.44 12.72 -22.99
CA LEU J 59 8.05 11.33 -23.22
C LEU J 59 6.52 11.20 -23.44
N SER J 60 5.72 11.98 -22.72
CA SER J 60 4.28 11.85 -22.85
C SER J 60 3.77 12.39 -24.19
N GLU J 61 4.54 13.25 -24.86
CA GLU J 61 4.15 13.72 -26.20
C GLU J 61 4.52 12.73 -27.30
N ARG J 62 5.13 11.59 -26.93
CA ARG J 62 5.50 10.57 -27.91
C ARG J 62 5.17 9.14 -27.42
N GLN J 63 4.05 9.00 -26.70
CA GLN J 63 3.51 7.71 -26.24
CA GLN J 63 3.61 7.68 -26.25
C GLN J 63 3.23 6.75 -27.39
N GLN J 64 2.75 7.29 -28.51
CA GLN J 64 2.37 6.48 -29.67
C GLN J 64 3.53 6.27 -30.64
N ALA J 65 4.61 7.04 -30.47
CA ALA J 65 5.71 7.01 -31.42
C ALA J 65 6.50 5.72 -31.27
N LEU J 66 6.92 5.16 -32.41
CA LEU J 66 7.79 4.02 -32.45
C LEU J 66 9.11 4.42 -33.11
N PHE J 67 10.15 4.54 -32.27
CA PHE J 67 11.50 4.82 -32.74
C PHE J 67 12.24 3.56 -33.15
N ASP J 68 13.17 3.71 -34.06
CA ASP J 68 14.04 2.61 -34.46
C ASP J 68 15.05 2.25 -33.38
N ALA J 69 15.34 3.20 -32.51
CA ALA J 69 16.20 2.95 -31.37
C ALA J 69 15.85 3.87 -30.20
N VAL J 70 16.08 3.34 -28.99
CA VAL J 70 15.92 4.06 -27.76
C VAL J 70 17.23 4.04 -26.96
N VAL J 71 17.78 5.21 -26.70
CA VAL J 71 18.99 5.30 -25.88
C VAL J 71 18.66 5.60 -24.43
N LEU J 72 19.29 4.88 -23.53
CA LEU J 72 19.13 5.09 -22.09
C LEU J 72 20.47 5.47 -21.48
N PRO J 73 20.69 6.78 -21.28
CA PRO J 73 21.92 7.17 -20.59
C PRO J 73 21.93 6.67 -19.16
N GLY J 74 23.11 6.70 -18.58
CA GLY J 74 23.29 6.41 -17.15
C GLY J 74 23.31 7.64 -16.28
N GLY J 75 24.20 7.61 -15.29
CA GLY J 75 24.19 8.55 -14.18
C GLY J 75 23.50 7.92 -12.98
N PRO J 76 24.04 8.15 -11.75
CA PRO J 76 23.50 7.43 -10.58
C PRO J 76 22.03 7.72 -10.30
N GLN J 77 21.66 8.98 -10.34
CA GLN J 77 20.28 9.36 -10.15
C GLN J 77 19.52 9.19 -11.44
N GLY J 78 20.12 9.58 -12.56
CA GLY J 78 19.44 9.43 -13.85
C GLY J 78 18.88 8.01 -14.06
N SER J 79 19.70 7.00 -13.94
CA SER J 79 19.18 5.67 -14.23
C SER J 79 18.12 5.29 -13.19
N ALA J 80 18.29 5.77 -11.95
CA ALA J 80 17.31 5.48 -10.87
C ALA J 80 16.00 6.15 -11.16
N ASN J 81 16.05 7.37 -11.67
CA ASN J 81 14.85 8.11 -12.03
C ASN J 81 14.13 7.51 -13.23
N LEU J 82 14.86 7.06 -14.24
CA LEU J 82 14.27 6.27 -15.36
C LEU J 82 13.62 4.96 -14.87
N ALA J 83 14.30 4.26 -13.99
CA ALA J 83 13.76 2.99 -13.52
C ALA J 83 12.46 3.15 -12.72
N ALA J 84 12.29 4.30 -12.05
CA ALA J 84 11.09 4.53 -11.23
C ALA J 84 9.96 5.15 -12.01
N ASN J 85 10.17 5.47 -13.26
CA ASN J 85 9.11 6.07 -14.08
C ASN J 85 8.34 4.98 -14.90
N PRO J 86 7.02 4.81 -14.65
CA PRO J 86 6.24 3.79 -15.35
C PRO J 86 6.07 4.04 -16.84
N ALA J 87 6.03 5.30 -17.22
CA ALA J 87 6.02 5.66 -18.64
C ALA J 87 7.34 5.24 -19.31
N VAL J 88 8.46 5.36 -18.61
CA VAL J 88 9.72 4.87 -19.16
C VAL J 88 9.70 3.35 -19.36
N ILE J 89 9.28 2.62 -18.33
CA ILE J 89 9.16 1.17 -18.45
C ILE J 89 8.21 0.77 -19.59
N ALA J 90 7.04 1.41 -19.69
CA ALA J 90 6.12 1.10 -20.79
C ALA J 90 6.74 1.35 -22.19
N PHE J 91 7.32 2.54 -22.38
CA PHE J 91 7.97 2.94 -23.65
C PHE J 91 9.04 1.93 -24.07
N VAL J 92 9.89 1.56 -23.12
CA VAL J 92 10.95 0.60 -23.38
C VAL J 92 10.39 -0.79 -23.67
N ALA J 93 9.37 -1.20 -22.90
CA ALA J 93 8.78 -2.53 -23.12
C ALA J 93 8.12 -2.61 -24.49
N ARG J 94 7.40 -1.56 -24.88
CA ARG J 94 6.76 -1.52 -26.18
C ARG J 94 7.79 -1.63 -27.29
N HIS J 95 8.86 -0.85 -27.17
CA HIS J 95 9.91 -0.86 -28.18
C HIS J 95 10.62 -2.20 -28.26
N ASP J 96 10.93 -2.72 -27.09
CA ASP J 96 11.55 -4.01 -27.02
C ASP J 96 10.66 -5.06 -27.67
N ALA J 97 9.37 -5.06 -27.36
CA ALA J 97 8.50 -6.11 -27.86
C ALA J 97 8.38 -6.00 -29.38
N ALA J 98 8.54 -4.79 -29.91
CA ALA J 98 8.46 -4.57 -31.35
C ALA J 98 9.80 -4.78 -32.04
N GLY J 99 10.81 -5.23 -31.29
CA GLY J 99 12.12 -5.52 -31.86
C GLY J 99 13.02 -4.32 -32.14
N LYS J 100 12.71 -3.15 -31.59
CA LYS J 100 13.52 -1.96 -31.88
C LYS J 100 14.76 -1.97 -31.00
N LEU J 101 15.79 -1.21 -31.38
CA LEU J 101 17.04 -1.25 -30.62
C LEU J 101 16.86 -0.60 -29.22
N ILE J 102 17.27 -1.31 -28.18
CA ILE J 102 17.29 -0.81 -26.80
C ILE J 102 18.75 -0.61 -26.51
N CYS J 103 19.12 0.61 -26.13
CA CYS J 103 20.54 0.95 -26.05
C CYS J 103 20.93 1.63 -24.74
N PRO J 104 21.18 0.83 -23.70
CA PRO J 104 21.61 1.40 -22.45
C PRO J 104 23.11 1.62 -22.41
N ILE J 105 23.55 2.67 -21.73
CA ILE J 105 24.96 2.82 -21.48
C ILE J 105 25.18 2.96 -20.00
N ALA J 106 26.32 2.45 -19.55
CA ALA J 106 26.76 2.59 -18.16
C ALA J 106 25.88 1.83 -17.14
N SER J 107 25.31 2.54 -16.16
CA SER J 107 24.47 1.93 -15.13
C SER J 107 23.07 1.67 -15.64
N ALA J 108 22.70 2.21 -16.79
CA ALA J 108 21.34 2.06 -17.26
C ALA J 108 20.94 0.60 -17.46
N ALA J 109 21.80 -0.24 -18.03
CA ALA J 109 21.42 -1.63 -18.30
C ALA J 109 21.08 -2.38 -17.02
N ALA J 110 21.90 -2.21 -15.98
CA ALA J 110 21.59 -2.79 -14.68
C ALA J 110 20.37 -2.18 -13.98
N ARG J 111 20.32 -0.85 -13.89
CA ARG J 111 19.33 -0.17 -13.01
C ARG J 111 17.93 -0.12 -13.62
N VAL J 112 17.87 0.11 -14.92
CA VAL J 112 16.61 0.28 -15.60
C VAL J 112 16.08 -1.06 -16.07
N LEU J 113 16.91 -1.82 -16.77
CA LEU J 113 16.49 -3.05 -17.40
C LEU J 113 16.61 -4.20 -16.45
N GLY J 114 17.81 -4.39 -15.93
CA GLY J 114 18.12 -5.50 -15.06
C GLY J 114 17.26 -5.60 -13.81
N ALA J 115 17.12 -4.47 -13.12
CA ALA J 115 16.38 -4.43 -11.87
C ALA J 115 14.92 -4.79 -12.06
N HIS J 116 14.36 -4.48 -13.23
CA HIS J 116 12.96 -4.84 -13.52
C HIS J 116 12.80 -6.20 -14.24
N GLY J 117 13.89 -6.94 -14.40
CA GLY J 117 13.81 -8.28 -14.99
C GLY J 117 13.48 -8.25 -16.47
N LEU J 118 13.96 -7.23 -17.18
CA LEU J 118 13.64 -7.04 -18.59
C LEU J 118 14.80 -7.37 -19.52
N LEU J 119 15.89 -7.89 -18.97
CA LEU J 119 16.98 -8.33 -19.84
C LEU J 119 16.63 -9.54 -20.72
N LYS J 120 15.58 -10.29 -20.37
CA LYS J 120 15.14 -11.48 -21.14
C LYS J 120 16.32 -12.40 -21.41
N GLY J 121 17.14 -12.63 -20.39
CA GLY J 121 18.32 -13.47 -20.50
C GLY J 121 19.40 -13.00 -21.46
N ARG J 122 19.37 -11.75 -21.90
CA ARG J 122 20.28 -11.32 -22.96
C ARG J 122 21.66 -10.97 -22.42
N ARG J 123 22.60 -10.87 -23.34
CA ARG J 123 23.96 -10.53 -22.98
C ARG J 123 24.01 -9.03 -22.94
N TYR J 124 24.76 -8.48 -22.02
CA TYR J 124 24.82 -7.02 -21.88
C TYR J 124 26.04 -6.64 -21.08
N VAL J 125 26.39 -5.37 -21.17
CA VAL J 125 27.40 -4.81 -20.31
C VAL J 125 26.79 -3.60 -19.57
N CYS J 126 27.31 -3.35 -18.37
CA CYS J 126 27.00 -2.15 -17.58
C CYS J 126 28.28 -1.67 -16.90
N SER J 127 28.17 -0.57 -16.16
CA SER J 127 29.32 0.02 -15.45
C SER J 127 29.61 -0.66 -14.10
N GLY J 128 30.90 -0.69 -13.73
CA GLY J 128 31.31 -1.15 -12.40
C GLY J 128 30.85 -2.57 -12.09
N ASP J 129 30.36 -2.76 -10.87
CA ASP J 129 29.97 -4.09 -10.37
C ASP J 129 28.44 -4.25 -10.24
N LEU J 130 27.68 -3.34 -10.85
CA LEU J 130 26.22 -3.37 -10.73
C LEU J 130 25.63 -4.71 -11.18
N TRP J 131 26.24 -5.29 -12.20
CA TRP J 131 25.87 -6.62 -12.72
C TRP J 131 25.72 -7.73 -11.67
N LYS J 132 26.49 -7.67 -10.59
CA LYS J 132 26.39 -8.70 -9.52
C LYS J 132 24.98 -8.85 -8.97
N ALA J 133 24.26 -7.72 -8.86
CA ALA J 133 22.93 -7.66 -8.25
C ALA J 133 21.81 -8.03 -9.22
N VAL J 134 22.11 -8.20 -10.50
CA VAL J 134 21.11 -8.47 -11.55
C VAL J 134 20.99 -9.97 -11.82
N PRO J 135 19.82 -10.56 -11.53
CA PRO J 135 19.75 -12.03 -11.63
C PRO J 135 19.55 -12.62 -13.03
N GLU J 136 18.98 -11.87 -13.98
CA GLU J 136 18.41 -12.50 -15.18
C GLU J 136 19.14 -12.21 -16.52
N GLY J 137 20.27 -11.51 -16.48
CA GLY J 137 21.02 -11.25 -17.71
C GLY J 137 22.35 -11.97 -17.71
N VAL J 138 23.04 -11.93 -18.84
CA VAL J 138 24.41 -12.44 -18.88
C VAL J 138 25.37 -11.27 -19.04
N TYR J 139 26.16 -11.00 -18.02
CA TYR J 139 27.09 -9.86 -18.04
C TYR J 139 28.28 -10.20 -18.91
N VAL J 140 28.69 -9.24 -19.74
CA VAL J 140 29.86 -9.41 -20.61
C VAL J 140 30.73 -8.17 -20.52
N ASP J 141 31.98 -8.36 -20.11
CA ASP J 141 32.95 -7.30 -20.01
C ASP J 141 33.50 -6.91 -21.39
N ALA J 142 32.75 -6.10 -22.13
CA ALA J 142 33.25 -5.53 -23.40
C ALA J 142 32.86 -4.06 -23.51
N PRO J 143 33.62 -3.23 -24.26
CA PRO J 143 33.18 -1.83 -24.46
C PRO J 143 31.74 -1.72 -24.96
N VAL J 144 31.41 -2.52 -25.96
CA VAL J 144 30.06 -2.59 -26.48
C VAL J 144 29.63 -4.04 -26.55
N VAL J 145 28.36 -4.29 -26.34
CA VAL J 145 27.82 -5.64 -26.41
C VAL J 145 26.48 -5.55 -27.16
N GLU J 146 26.37 -6.37 -28.21
CA GLU J 146 25.13 -6.58 -28.98
C GLU J 146 24.60 -7.99 -28.76
N ASP J 147 23.31 -8.08 -28.47
CA ASP J 147 22.60 -9.33 -28.48
C ASP J 147 21.17 -9.05 -28.91
N GLY J 148 20.86 -9.46 -30.13
CA GLY J 148 19.56 -9.19 -30.73
C GLY J 148 19.35 -7.70 -30.94
N ASN J 149 18.36 -7.16 -30.25
CA ASN J 149 18.01 -5.73 -30.36
C ASN J 149 18.51 -4.91 -29.16
N LEU J 150 19.38 -5.51 -28.36
CA LEU J 150 19.97 -4.85 -27.17
C LEU J 150 21.44 -4.52 -27.41
N ILE J 151 21.76 -3.21 -27.49
CA ILE J 151 23.15 -2.74 -27.63
C ILE J 151 23.54 -1.97 -26.36
N SER J 152 24.50 -2.50 -25.63
CA SER J 152 24.89 -1.88 -24.38
C SER J 152 26.33 -1.36 -24.40
N GLY J 153 26.55 -0.23 -23.76
CA GLY J 153 27.84 0.44 -23.72
C GLY J 153 28.35 0.33 -22.31
N LYS J 154 29.66 0.19 -22.15
CA LYS J 154 30.15 -0.13 -20.83
C LYS J 154 30.16 1.10 -19.93
N GLY J 155 30.54 2.24 -20.49
CA GLY J 155 30.74 3.44 -19.69
C GLY J 155 31.20 4.59 -20.55
N LEU J 156 31.27 5.76 -19.93
CA LEU J 156 31.57 6.97 -20.64
C LEU J 156 32.83 6.90 -21.48
N GLY J 157 33.89 6.25 -20.97
CA GLY J 157 35.14 6.09 -21.73
C GLY J 157 34.95 5.41 -23.08
N HIS J 158 33.90 4.58 -23.19
CA HIS J 158 33.60 3.85 -24.43
C HIS J 158 32.41 4.41 -25.20
N VAL J 159 32.04 5.65 -24.89
CA VAL J 159 30.82 6.21 -25.47
C VAL J 159 30.89 6.42 -26.99
N PHE J 160 32.06 6.74 -27.54
CA PHE J 160 32.20 6.98 -28.98
C PHE J 160 31.99 5.66 -29.76
N ASP J 161 32.56 4.60 -29.23
CA ASP J 161 32.39 3.28 -29.80
CA ASP J 161 32.39 3.26 -29.78
C ASP J 161 30.93 2.86 -29.68
N PHE J 162 30.32 3.17 -28.55
CA PHE J 162 28.93 2.85 -28.35
C PHE J 162 28.09 3.56 -29.39
N ALA J 163 28.34 4.86 -29.57
CA ALA J 163 27.54 5.69 -30.47
C ALA J 163 27.79 5.37 -31.94
N LEU J 164 29.06 5.14 -32.27
CA LEU J 164 29.43 4.79 -33.65
C LEU J 164 28.88 3.41 -34.04
N THR J 165 29.00 2.44 -33.13
CA THR J 165 28.43 1.09 -33.32
C THR J 165 26.93 1.14 -33.52
N LEU J 166 26.24 1.92 -32.72
CA LEU J 166 24.79 2.08 -32.86
C LEU J 166 24.43 2.71 -34.22
N SER J 167 25.16 3.76 -34.60
CA SER J 167 24.86 4.47 -35.83
C SER J 167 25.12 3.53 -37.03
N ALA J 168 26.25 2.83 -36.98
CA ALA J 168 26.57 1.80 -37.99
C ALA J 168 25.42 0.84 -38.15
N ARG J 169 24.83 0.42 -37.04
CA ARG J 169 23.72 -0.56 -37.06
C ARG J 169 22.44 0.04 -37.67
N LEU J 170 22.13 1.27 -37.32
CA LEU J 170 20.96 1.95 -37.88
C LEU J 170 21.09 2.14 -39.38
N LEU J 171 22.27 2.56 -39.83
CA LEU J 171 22.46 2.92 -41.23
C LEU J 171 22.66 1.69 -42.07
N GLY J 172 23.03 0.59 -41.43
CA GLY J 172 23.30 -0.68 -42.08
C GLY J 172 24.61 -0.66 -42.85
N ASP J 173 25.51 0.25 -42.48
CA ASP J 173 26.72 0.46 -43.25
C ASP J 173 27.77 1.16 -42.38
N ASP J 174 28.98 0.62 -42.36
CA ASP J 174 30.07 1.18 -41.59
C ASP J 174 30.80 2.34 -42.28
N ALA J 175 30.72 2.41 -43.61
CA ALA J 175 31.48 3.40 -44.37
C ALA J 175 31.21 4.85 -43.91
N PRO J 176 29.93 5.27 -43.92
CA PRO J 176 29.61 6.62 -43.45
C PRO J 176 30.11 6.92 -42.03
N VAL J 177 30.03 5.92 -41.16
CA VAL J 177 30.34 6.08 -39.75
C VAL J 177 31.84 6.27 -39.60
N ARG J 178 32.60 5.39 -40.24
CA ARG J 178 34.05 5.52 -40.28
C ARG J 178 34.51 6.88 -40.80
N GLU J 179 33.83 7.37 -41.83
CA GLU J 179 34.15 8.69 -42.39
C GLU J 179 33.91 9.80 -41.35
N GLN J 180 32.86 9.66 -40.55
CA GLN J 180 32.65 10.60 -39.46
C GLN J 180 33.73 10.45 -38.40
N ALA J 181 34.11 9.21 -38.13
CA ALA J 181 35.09 8.93 -37.09
C ALA J 181 36.42 9.54 -37.48
N GLU J 182 36.74 9.43 -38.77
CA GLU J 182 37.94 10.05 -39.31
C GLU J 182 37.87 11.55 -39.20
N HIS J 183 36.72 12.12 -39.57
CA HIS J 183 36.55 13.58 -39.49
C HIS J 183 36.84 14.15 -38.09
N ILE J 184 36.49 13.42 -37.04
CA ILE J 184 36.72 13.93 -35.68
C ILE J 184 37.99 13.39 -35.04
N TYR J 185 38.74 12.59 -35.80
CA TYR J 185 40.03 12.08 -35.36
C TYR J 185 39.86 11.02 -34.27
N TYR J 186 38.81 10.23 -34.40
CA TYR J 186 38.54 9.12 -33.51
C TYR J 186 38.70 7.78 -34.27
N PRO J 187 39.60 6.89 -33.79
CA PRO J 187 39.86 5.64 -34.52
C PRO J 187 38.72 4.64 -34.36
N TRP J 188 38.22 4.13 -35.48
CA TRP J 188 37.13 3.16 -35.48
C TRP J 188 37.12 2.41 -36.81
N MET K 4 0.69 -28.29 -12.33
CA MET K 4 0.34 -27.43 -11.16
C MET K 4 0.58 -25.94 -11.51
N LYS K 5 -0.51 -25.24 -11.80
CA LYS K 5 -0.46 -23.86 -12.30
C LYS K 5 -0.46 -22.85 -11.15
N LYS K 6 0.02 -21.63 -11.43
CA LYS K 6 -0.06 -20.57 -10.43
C LYS K 6 -0.32 -19.19 -11.00
N VAL K 7 -1.03 -18.40 -10.20
CA VAL K 7 -1.56 -17.10 -10.60
C VAL K 7 -1.22 -16.03 -9.58
N ALA K 8 -0.83 -14.85 -10.08
CA ALA K 8 -0.70 -13.65 -9.25
C ALA K 8 -1.90 -12.74 -9.42
N VAL K 9 -2.43 -12.27 -8.29
CA VAL K 9 -3.53 -11.33 -8.29
C VAL K 9 -2.96 -10.08 -7.73
N LEU K 10 -2.81 -9.05 -8.55
CA LEU K 10 -2.15 -7.80 -8.09
C LEU K 10 -3.12 -6.92 -7.33
N LEU K 11 -2.76 -6.58 -6.11
CA LEU K 11 -3.59 -5.73 -5.22
C LEU K 11 -2.87 -4.42 -4.89
N ALA K 12 -3.38 -3.33 -5.45
CA ALA K 12 -2.90 -2.00 -5.15
C ALA K 12 -3.97 -1.31 -4.33
N PRO K 13 -3.62 -0.22 -3.61
CA PRO K 13 -4.62 0.49 -2.85
C PRO K 13 -5.77 0.89 -3.74
N GLY K 14 -6.98 0.59 -3.31
CA GLY K 14 -8.16 0.87 -4.08
C GLY K 14 -8.60 -0.26 -5.01
N PHE K 15 -7.93 -1.41 -4.99
CA PHE K 15 -8.37 -2.53 -5.83
C PHE K 15 -9.85 -2.87 -5.58
N GLU K 16 -10.53 -3.28 -6.65
CA GLU K 16 -11.93 -3.65 -6.54
C GLU K 16 -11.99 -5.04 -5.92
N GLU K 17 -12.38 -5.09 -4.66
CA GLU K 17 -12.23 -6.32 -3.91
C GLU K 17 -13.11 -7.47 -4.40
N ALA K 18 -14.28 -7.16 -4.93
CA ALA K 18 -15.21 -8.19 -5.41
C ALA K 18 -14.67 -8.89 -6.68
N GLU K 19 -14.19 -8.09 -7.61
CA GLU K 19 -13.57 -8.62 -8.81
C GLU K 19 -12.42 -9.53 -8.37
N ALA K 20 -11.55 -8.99 -7.52
CA ALA K 20 -10.37 -9.72 -7.08
C ALA K 20 -10.72 -11.00 -6.30
N ILE K 21 -11.67 -10.91 -5.39
CA ILE K 21 -11.95 -12.01 -4.46
C ILE K 21 -12.69 -13.16 -5.09
N VAL K 22 -13.66 -12.87 -5.95
CA VAL K 22 -14.42 -13.95 -6.56
C VAL K 22 -13.49 -14.76 -7.45
N THR K 23 -12.68 -14.04 -8.20
CA THR K 23 -11.71 -14.63 -9.05
C THR K 23 -10.79 -15.52 -8.23
N LEU K 24 -10.32 -14.97 -7.12
CA LEU K 24 -9.47 -15.74 -6.23
C LEU K 24 -10.21 -16.97 -5.69
N ASP K 25 -11.47 -16.80 -5.36
CA ASP K 25 -12.23 -17.92 -4.79
C ASP K 25 -12.34 -19.07 -5.80
N ILE K 26 -12.60 -18.77 -7.05
CA ILE K 26 -12.79 -19.83 -8.05
C ILE K 26 -11.49 -20.60 -8.26
N LEU K 27 -10.42 -19.86 -8.49
CA LEU K 27 -9.12 -20.48 -8.62
C LEU K 27 -8.85 -21.36 -7.44
N ARG K 28 -9.06 -20.85 -6.23
CA ARG K 28 -8.66 -21.66 -5.11
C ARG K 28 -9.57 -22.88 -4.96
N ARG K 29 -10.84 -22.79 -5.36
CA ARG K 29 -11.73 -23.93 -5.34
C ARG K 29 -11.21 -25.05 -6.26
N LEU K 30 -10.52 -24.68 -7.34
CA LEU K 30 -9.96 -25.66 -8.29
C LEU K 30 -8.55 -26.04 -7.94
N HIS K 31 -8.17 -25.77 -6.69
CA HIS K 31 -6.81 -26.03 -6.22
C HIS K 31 -5.72 -25.42 -7.09
N ILE K 32 -6.06 -24.47 -7.94
CA ILE K 32 -5.02 -23.65 -8.60
C ILE K 32 -4.35 -22.77 -7.55
N ASP K 33 -3.03 -22.72 -7.61
CA ASP K 33 -2.23 -21.86 -6.76
C ASP K 33 -2.43 -20.38 -7.08
N VAL K 34 -2.79 -19.62 -6.06
CA VAL K 34 -2.93 -18.19 -6.19
C VAL K 34 -2.07 -17.52 -5.14
N GLU K 35 -1.37 -16.44 -5.52
CA GLU K 35 -0.76 -15.54 -4.59
C GLU K 35 -1.31 -14.16 -4.84
N THR K 36 -1.88 -13.55 -3.82
CA THR K 36 -2.10 -12.10 -3.86
C THR K 36 -0.80 -11.32 -3.61
N LEU K 37 -0.54 -10.33 -4.46
CA LEU K 37 0.72 -9.59 -4.46
C LEU K 37 0.39 -8.12 -4.31
N ALA K 38 0.85 -7.54 -3.21
CA ALA K 38 0.67 -6.11 -2.99
C ALA K 38 1.74 -5.44 -3.81
N CYS K 39 1.45 -4.28 -4.36
CA CYS K 39 2.30 -3.71 -5.40
C CYS K 39 3.31 -2.68 -4.92
N ALA K 40 3.19 -2.23 -3.69
CA ALA K 40 4.21 -1.31 -3.17
C ALA K 40 4.99 -1.96 -2.01
N GLU K 41 5.13 -1.22 -0.92
CA GLU K 41 6.06 -1.52 0.15
C GLU K 41 5.34 -2.21 1.35
N SER K 42 4.11 -2.64 1.12
CA SER K 42 3.19 -2.98 2.20
C SER K 42 2.35 -4.21 1.88
N ARG K 43 2.25 -5.17 2.79
CA ARG K 43 1.42 -6.33 2.55
C ARG K 43 -0.04 -6.08 2.79
N ALA K 44 -0.37 -5.21 3.75
CA ALA K 44 -1.75 -4.86 3.99
C ALA K 44 -2.22 -3.85 2.94
N VAL K 45 -3.37 -4.09 2.34
CA VAL K 45 -3.91 -3.23 1.26
C VAL K 45 -5.39 -3.04 1.47
N VAL K 46 -5.84 -1.80 1.37
CA VAL K 46 -7.24 -1.46 1.55
C VAL K 46 -7.95 -1.32 0.22
N SER K 47 -9.09 -1.98 0.10
CA SER K 47 -9.76 -2.10 -1.17
C SER K 47 -10.58 -0.88 -1.48
N TYR K 48 -11.07 -0.83 -2.73
CA TYR K 48 -12.01 0.18 -3.15
C TYR K 48 -13.11 0.41 -2.10
N HIS K 49 -13.80 -0.66 -1.70
CA HIS K 49 -14.86 -0.51 -0.68
C HIS K 49 -14.39 -0.76 0.75
N ASP K 50 -13.19 -0.23 1.06
CA ASP K 50 -12.67 -0.08 2.40
C ASP K 50 -12.40 -1.36 3.18
N ILE K 51 -12.13 -2.46 2.50
CA ILE K 51 -11.77 -3.69 3.20
C ILE K 51 -10.27 -3.87 3.20
N PRO K 52 -9.64 -3.87 4.38
CA PRO K 52 -8.22 -4.18 4.45
C PRO K 52 -7.96 -5.67 4.40
N MET K 53 -7.11 -6.07 3.45
CA MET K 53 -6.69 -7.46 3.30
C MET K 53 -5.19 -7.54 3.37
N VAL K 54 -4.70 -8.64 3.90
CA VAL K 54 -3.27 -8.90 3.86
C VAL K 54 -2.93 -9.77 2.63
N ALA K 55 -2.20 -9.19 1.68
CA ALA K 55 -1.69 -9.91 0.51
C ALA K 55 -0.68 -10.98 0.95
N ASP K 56 -0.53 -12.02 0.14
CA ASP K 56 0.37 -13.11 0.49
C ASP K 56 1.85 -12.69 0.45
N SER K 57 2.16 -11.74 -0.41
CA SER K 57 3.51 -11.32 -0.63
C SER K 57 3.42 -10.00 -1.35
N THR K 58 4.56 -9.46 -1.75
CA THR K 58 4.60 -8.25 -2.50
C THR K 58 5.28 -8.57 -3.78
N LEU K 59 5.09 -7.66 -4.71
CA LEU K 59 5.67 -7.73 -6.02
C LEU K 59 7.18 -7.67 -5.94
N SER K 60 7.73 -6.85 -5.03
CA SER K 60 9.19 -6.81 -4.88
C SER K 60 9.75 -8.17 -4.51
N GLU K 61 9.01 -9.00 -3.76
CA GLU K 61 9.50 -10.36 -3.42
C GLU K 61 9.34 -11.37 -4.57
N ARG K 62 8.86 -10.97 -5.73
CA ARG K 62 8.51 -11.91 -6.79
C ARG K 62 8.97 -11.49 -8.18
N GLN K 63 10.01 -10.67 -8.25
CA GLN K 63 10.55 -10.14 -9.51
CA GLN K 63 10.39 -10.15 -9.57
C GLN K 63 11.07 -11.24 -10.43
N GLN K 64 11.59 -12.31 -9.83
CA GLN K 64 12.10 -13.44 -10.61
C GLN K 64 11.03 -14.47 -10.94
N ALA K 65 9.92 -14.48 -10.20
CA ALA K 65 8.87 -15.50 -10.38
C ALA K 65 8.09 -15.26 -11.66
N LEU K 66 7.80 -16.35 -12.37
CA LEU K 66 6.98 -16.33 -13.57
C LEU K 66 5.71 -17.13 -13.32
N PHE K 67 4.61 -16.42 -13.15
CA PHE K 67 3.30 -16.99 -12.99
C PHE K 67 2.74 -17.36 -14.34
N ASP K 68 1.80 -18.30 -14.33
CA ASP K 68 1.11 -18.74 -15.54
C ASP K 68 0.02 -17.76 -15.93
N ALA K 69 -0.45 -16.96 -14.97
CA ALA K 69 -1.41 -15.90 -15.27
C ALA K 69 -1.24 -14.75 -14.30
N VAL K 70 -1.61 -13.56 -14.76
CA VAL K 70 -1.57 -12.35 -13.93
C VAL K 70 -2.92 -11.64 -13.99
N VAL K 71 -3.60 -11.56 -12.88
CA VAL K 71 -4.90 -10.92 -12.85
C VAL K 71 -4.76 -9.49 -12.37
N LEU K 72 -5.41 -8.58 -13.08
CA LEU K 72 -5.36 -7.16 -12.78
C LEU K 72 -6.78 -6.72 -12.51
N PRO K 73 -7.13 -6.56 -11.22
CA PRO K 73 -8.44 -6.05 -10.86
C PRO K 73 -8.58 -4.58 -11.21
N GLY K 74 -9.80 -4.10 -11.12
CA GLY K 74 -10.10 -2.72 -11.41
C GLY K 74 -10.24 -1.93 -10.14
N GLY K 75 -11.22 -1.04 -10.15
CA GLY K 75 -11.40 0.01 -9.14
C GLY K 75 -10.76 1.29 -9.62
N PRO K 76 -11.43 2.44 -9.43
CA PRO K 76 -10.90 3.68 -9.99
C PRO K 76 -9.48 3.98 -9.54
N GLN K 77 -9.24 4.01 -8.23
CA GLN K 77 -7.89 4.28 -7.72
C GLN K 77 -7.01 3.05 -7.84
N GLY K 78 -7.62 1.87 -7.81
CA GLY K 78 -6.89 0.61 -7.94
C GLY K 78 -6.16 0.51 -9.27
N SER K 79 -6.88 0.75 -10.35
CA SER K 79 -6.26 0.64 -11.65
C SER K 79 -5.31 1.81 -11.90
N ALA K 80 -5.58 2.97 -11.30
CA ALA K 80 -4.67 4.11 -11.41
C ALA K 80 -3.35 3.86 -10.69
N ASN K 81 -3.45 3.21 -9.54
CA ASN K 81 -2.27 2.94 -8.77
C ASN K 81 -1.44 1.86 -9.43
N LEU K 82 -2.09 0.90 -10.08
CA LEU K 82 -1.34 -0.10 -10.81
C LEU K 82 -0.63 0.60 -11.99
N ALA K 83 -1.35 1.47 -12.69
CA ALA K 83 -0.83 2.16 -13.88
C ALA K 83 0.40 3.00 -13.58
N ALA K 84 0.43 3.60 -12.40
CA ALA K 84 1.52 4.47 -12.00
C ALA K 84 2.73 3.74 -11.39
N ASN K 85 2.61 2.44 -11.21
CA ASN K 85 3.68 1.69 -10.56
C ASN K 85 4.61 1.03 -11.59
N PRO K 86 5.89 1.40 -11.60
CA PRO K 86 6.81 0.84 -12.57
C PRO K 86 7.05 -0.63 -12.42
N ALA K 87 6.94 -1.14 -11.20
CA ALA K 87 7.08 -2.57 -10.94
C ALA K 87 5.92 -3.35 -11.57
N VAL K 88 4.74 -2.76 -11.51
CA VAL K 88 3.57 -3.39 -12.13
C VAL K 88 3.76 -3.47 -13.65
N ILE K 89 4.25 -2.39 -14.26
CA ILE K 89 4.43 -2.38 -15.73
C ILE K 89 5.44 -3.43 -16.15
N ALA K 90 6.55 -3.49 -15.45
CA ALA K 90 7.59 -4.43 -15.77
C ALA K 90 7.15 -5.89 -15.62
N PHE K 91 6.37 -6.14 -14.57
CA PHE K 91 5.89 -7.49 -14.23
C PHE K 91 4.91 -7.95 -15.30
N VAL K 92 4.03 -7.06 -15.70
CA VAL K 92 3.11 -7.33 -16.78
C VAL K 92 3.89 -7.52 -18.08
N ALA K 93 4.83 -6.61 -18.36
CA ALA K 93 5.61 -6.67 -19.59
C ALA K 93 6.35 -8.00 -19.72
N ARG K 94 7.04 -8.37 -18.65
CA ARG K 94 7.82 -9.60 -18.63
C ARG K 94 6.94 -10.83 -18.84
N HIS K 95 5.82 -10.89 -18.13
CA HIS K 95 4.87 -12.00 -18.33
C HIS K 95 4.26 -12.05 -19.74
N ASP K 96 3.93 -10.88 -20.28
CA ASP K 96 3.35 -10.79 -21.61
C ASP K 96 4.33 -11.35 -22.65
N ALA K 97 5.57 -10.88 -22.57
CA ALA K 97 6.59 -11.33 -23.47
C ALA K 97 6.87 -12.83 -23.32
N ALA K 98 6.66 -13.41 -22.14
CA ALA K 98 6.86 -14.83 -21.97
C ALA K 98 5.61 -15.64 -22.35
N GLY K 99 4.57 -14.99 -22.85
CA GLY K 99 3.40 -15.72 -23.35
C GLY K 99 2.48 -16.11 -22.21
N LYS K 100 2.69 -15.54 -21.03
CA LYS K 100 1.86 -15.89 -19.88
C LYS K 100 0.52 -15.18 -20.00
N LEU K 101 -0.49 -15.70 -19.32
CA LEU K 101 -1.82 -15.12 -19.42
C LEU K 101 -1.91 -13.80 -18.64
N ILE K 102 -2.27 -12.73 -19.35
CA ILE K 102 -2.51 -11.42 -18.78
C ILE K 102 -4.02 -11.23 -18.66
N CYS K 103 -4.51 -10.99 -17.45
CA CYS K 103 -5.96 -11.09 -17.18
C CYS K 103 -6.56 -9.88 -16.46
N PRO K 104 -6.74 -8.78 -17.18
CA PRO K 104 -7.43 -7.63 -16.63
C PRO K 104 -8.94 -7.77 -16.61
N ILE K 105 -9.56 -7.10 -15.65
CA ILE K 105 -11.00 -7.08 -15.56
C ILE K 105 -11.43 -5.64 -15.30
N ALA K 106 -12.60 -5.27 -15.83
CA ALA K 106 -13.19 -3.94 -15.67
C ALA K 106 -12.27 -2.85 -16.20
N SER K 107 -11.99 -1.82 -15.40
CA SER K 107 -11.18 -0.70 -15.87
C SER K 107 -9.72 -1.06 -16.18
N ALA K 108 -9.25 -2.21 -15.73
CA ALA K 108 -7.81 -2.46 -15.77
C ALA K 108 -7.22 -2.57 -17.20
N ALA K 109 -7.99 -3.06 -18.17
CA ALA K 109 -7.48 -3.19 -19.56
C ALA K 109 -7.16 -1.83 -20.17
N ALA K 110 -8.04 -0.87 -19.96
CA ALA K 110 -7.85 0.47 -20.48
C ALA K 110 -6.82 1.25 -19.68
N ARG K 111 -7.01 1.25 -18.38
CA ARG K 111 -6.26 2.12 -17.47
CA ARG K 111 -6.26 2.15 -17.51
C ARG K 111 -4.82 1.67 -17.25
N VAL K 112 -4.56 0.37 -17.34
CA VAL K 112 -3.21 -0.17 -17.05
C VAL K 112 -2.47 -0.61 -18.33
N LEU K 113 -3.15 -1.29 -19.23
CA LEU K 113 -2.53 -1.76 -20.48
C LEU K 113 -2.61 -0.73 -21.60
N GLY K 114 -3.83 -0.27 -21.86
CA GLY K 114 -4.10 0.56 -23.03
C GLY K 114 -3.49 1.95 -22.97
N ALA K 115 -3.58 2.57 -21.80
CA ALA K 115 -2.93 3.85 -21.55
C ALA K 115 -1.40 3.79 -21.64
N HIS K 116 -0.83 2.59 -21.60
CA HIS K 116 0.61 2.44 -21.68
C HIS K 116 1.07 1.79 -22.98
N GLY K 117 0.13 1.55 -23.91
CA GLY K 117 0.50 1.09 -25.24
C GLY K 117 0.83 -0.39 -25.30
N LEU K 118 0.45 -1.13 -24.26
CA LEU K 118 0.83 -2.53 -24.13
C LEU K 118 -0.23 -3.51 -24.57
N LEU K 119 -1.32 -3.04 -25.19
CA LEU K 119 -2.34 -3.96 -25.68
C LEU K 119 -1.88 -4.68 -26.95
N LYS K 120 -0.91 -4.07 -27.64
CA LYS K 120 -0.34 -4.62 -28.86
C LYS K 120 -1.40 -4.98 -29.89
N GLY K 121 -2.36 -4.09 -30.07
CA GLY K 121 -3.39 -4.23 -31.10
C GLY K 121 -4.43 -5.31 -30.83
N ARG K 122 -4.34 -5.95 -29.67
CA ARG K 122 -5.18 -7.11 -29.37
C ARG K 122 -6.60 -6.71 -29.00
N ARG K 123 -7.50 -7.67 -29.12
CA ARG K 123 -8.90 -7.49 -28.75
C ARG K 123 -9.00 -7.55 -27.22
N TYR K 124 -9.85 -6.70 -26.66
CA TYR K 124 -10.07 -6.69 -25.23
C TYR K 124 -11.42 -6.06 -24.94
N VAL K 125 -11.85 -6.22 -23.70
CA VAL K 125 -13.04 -5.58 -23.18
C VAL K 125 -12.71 -4.89 -21.85
N CYS K 126 -13.35 -3.76 -21.60
CA CYS K 126 -13.19 -3.03 -20.34
C CYS K 126 -14.54 -2.49 -19.91
N SER K 127 -14.59 -1.77 -18.80
CA SER K 127 -15.83 -1.19 -18.30
C SER K 127 -16.13 0.16 -18.92
N GLY K 128 -17.42 0.44 -19.08
CA GLY K 128 -17.90 1.71 -19.60
C GLY K 128 -17.33 2.09 -20.95
N ASP K 129 -16.92 3.35 -21.08
CA ASP K 129 -16.38 3.88 -22.33
C ASP K 129 -14.93 4.33 -22.16
N LEU K 130 -14.20 3.62 -21.31
CA LEU K 130 -12.78 3.87 -21.14
C LEU K 130 -11.99 3.50 -22.41
N TRP K 131 -12.52 2.57 -23.21
CA TRP K 131 -11.94 2.18 -24.51
C TRP K 131 -11.77 3.35 -25.48
N LYS K 132 -12.62 4.36 -25.32
CA LYS K 132 -12.58 5.55 -26.16
C LYS K 132 -11.27 6.33 -26.01
N ALA K 133 -10.69 6.37 -24.81
CA ALA K 133 -9.39 7.03 -24.60
C ALA K 133 -8.18 6.14 -24.94
N VAL K 134 -8.42 4.95 -25.48
CA VAL K 134 -7.36 3.97 -25.74
C VAL K 134 -7.11 3.84 -27.25
N PRO K 135 -5.94 4.29 -27.74
CA PRO K 135 -5.67 4.30 -29.20
C PRO K 135 -5.38 2.95 -29.87
N GLU K 136 -4.50 2.14 -29.29
CA GLU K 136 -3.96 0.94 -29.97
C GLU K 136 -4.53 -0.40 -29.43
N GLY K 137 -5.85 -0.53 -29.44
CA GLY K 137 -6.47 -1.80 -29.06
C GLY K 137 -7.88 -1.92 -29.57
N VAL K 138 -8.29 -3.15 -29.91
CA VAL K 138 -9.57 -3.40 -30.54
C VAL K 138 -10.65 -3.72 -29.48
N TYR K 139 -11.37 -2.70 -29.05
CA TYR K 139 -12.47 -2.89 -28.11
C TYR K 139 -13.55 -3.82 -28.70
N VAL K 140 -13.92 -4.83 -27.91
CA VAL K 140 -15.02 -5.73 -28.23
C VAL K 140 -15.94 -5.78 -27.02
N ASP K 141 -17.22 -5.53 -27.25
CA ASP K 141 -18.20 -5.53 -26.18
C ASP K 141 -18.75 -6.96 -25.97
N ALA K 142 -18.08 -7.74 -25.10
CA ALA K 142 -18.52 -9.08 -24.73
C ALA K 142 -18.14 -9.35 -23.27
N PRO K 143 -18.76 -10.35 -22.62
CA PRO K 143 -18.44 -10.62 -21.22
C PRO K 143 -16.94 -10.85 -20.97
N VAL K 144 -16.36 -11.75 -21.74
CA VAL K 144 -14.97 -12.13 -21.63
C VAL K 144 -14.39 -12.07 -23.03
N VAL K 145 -13.13 -11.68 -23.15
CA VAL K 145 -12.47 -11.63 -24.45
C VAL K 145 -11.11 -12.34 -24.40
N GLU K 146 -10.92 -13.32 -25.28
CA GLU K 146 -9.67 -14.07 -25.38
C GLU K 146 -8.95 -13.74 -26.67
N ASP K 147 -7.82 -13.04 -26.56
CA ASP K 147 -6.97 -12.79 -27.72
C ASP K 147 -5.57 -13.23 -27.36
N GLY K 148 -5.16 -14.36 -27.93
CA GLY K 148 -3.89 -14.97 -27.65
C GLY K 148 -3.74 -15.19 -26.15
N ASN K 149 -2.76 -14.54 -25.55
CA ASN K 149 -2.51 -14.68 -24.12
C ASN K 149 -3.19 -13.59 -23.27
N LEU K 150 -4.09 -12.82 -23.88
CA LEU K 150 -4.86 -11.80 -23.16
C LEU K 150 -6.30 -12.28 -22.93
N ILE K 151 -6.71 -12.31 -21.67
CA ILE K 151 -8.07 -12.67 -21.28
C ILE K 151 -8.63 -11.54 -20.44
N SER K 152 -9.50 -10.74 -21.04
CA SER K 152 -10.03 -9.59 -20.36
C SER K 152 -11.49 -9.83 -20.00
N GLY K 153 -11.94 -9.18 -18.94
CA GLY K 153 -13.30 -9.34 -18.47
C GLY K 153 -13.94 -7.98 -18.34
N LYS K 154 -15.21 -7.90 -18.73
CA LYS K 154 -15.92 -6.63 -18.90
C LYS K 154 -16.14 -5.87 -17.58
N GLY K 155 -16.57 -6.57 -16.56
CA GLY K 155 -16.86 -5.92 -15.29
C GLY K 155 -17.29 -6.93 -14.24
N LEU K 156 -17.73 -6.41 -13.10
CA LEU K 156 -17.96 -7.25 -11.94
C LEU K 156 -19.05 -8.32 -12.20
N GLY K 157 -20.12 -7.92 -12.89
CA GLY K 157 -21.23 -8.81 -13.21
C GLY K 157 -20.80 -10.07 -13.93
N HIS K 158 -19.74 -9.97 -14.73
CA HIS K 158 -19.22 -11.14 -15.46
C HIS K 158 -17.99 -11.81 -14.81
N VAL K 159 -17.74 -11.50 -13.54
CA VAL K 159 -16.54 -12.00 -12.88
C VAL K 159 -16.52 -13.53 -12.82
N PHE K 160 -17.68 -14.17 -12.66
CA PHE K 160 -17.73 -15.63 -12.61
C PHE K 160 -17.30 -16.23 -13.97
N ASP K 161 -17.80 -15.68 -15.05
CA ASP K 161 -17.37 -16.15 -16.35
C ASP K 161 -15.87 -15.89 -16.58
N PHE K 162 -15.44 -14.71 -16.18
CA PHE K 162 -14.02 -14.37 -16.25
C PHE K 162 -13.19 -15.43 -15.56
N ALA K 163 -13.57 -15.73 -14.33
CA ALA K 163 -12.77 -16.58 -13.47
C ALA K 163 -12.81 -18.03 -13.92
N LEU K 164 -13.98 -18.47 -14.38
CA LEU K 164 -14.13 -19.85 -14.84
C LEU K 164 -13.40 -20.06 -16.18
N THR K 165 -13.52 -19.08 -17.06
CA THR K 165 -12.81 -19.13 -18.33
C THR K 165 -11.29 -19.17 -18.11
N LEU K 166 -10.79 -18.23 -17.33
CA LEU K 166 -9.38 -18.25 -16.98
C LEU K 166 -8.99 -19.64 -16.49
N SER K 167 -9.82 -20.22 -15.62
CA SER K 167 -9.52 -21.52 -15.03
C SER K 167 -9.49 -22.61 -16.10
N ALA K 168 -10.44 -22.54 -17.03
CA ALA K 168 -10.54 -23.50 -18.14
C ALA K 168 -9.26 -23.49 -18.96
N ARG K 169 -8.76 -22.29 -19.20
CA ARG K 169 -7.54 -22.09 -19.97
C ARG K 169 -6.31 -22.62 -19.24
N LEU K 170 -6.25 -22.34 -17.94
CA LEU K 170 -5.14 -22.80 -17.11
C LEU K 170 -5.07 -24.32 -16.95
N LEU K 171 -6.22 -24.93 -16.70
CA LEU K 171 -6.29 -26.37 -16.49
C LEU K 171 -6.32 -27.14 -17.81
N GLY K 172 -6.70 -26.44 -18.88
CA GLY K 172 -6.73 -27.00 -20.24
C GLY K 172 -8.00 -27.80 -20.51
N ASP K 173 -8.90 -27.82 -19.53
CA ASP K 173 -10.00 -28.76 -19.54
C ASP K 173 -11.24 -28.17 -18.84
N ASP K 174 -12.36 -28.11 -19.58
CA ASP K 174 -13.64 -27.58 -19.09
C ASP K 174 -14.25 -28.41 -17.95
N ALA K 175 -13.98 -29.71 -17.94
CA ALA K 175 -14.71 -30.67 -17.08
C ALA K 175 -14.60 -30.39 -15.58
N PRO K 176 -13.38 -30.20 -15.05
CA PRO K 176 -13.30 -29.94 -13.63
C PRO K 176 -13.84 -28.56 -13.26
N VAL K 177 -13.76 -27.63 -14.20
CA VAL K 177 -14.25 -26.26 -14.00
C VAL K 177 -15.76 -26.29 -13.93
N ARG K 178 -16.37 -26.98 -14.89
CA ARG K 178 -17.83 -27.17 -14.93
C ARG K 178 -18.43 -27.80 -13.66
N GLU K 179 -17.74 -28.79 -13.09
CA GLU K 179 -18.14 -29.37 -11.80
C GLU K 179 -18.14 -28.34 -10.68
N GLN K 180 -17.08 -27.53 -10.61
CA GLN K 180 -17.04 -26.47 -9.61
C GLN K 180 -18.11 -25.42 -9.82
N ALA K 181 -18.35 -25.06 -11.07
CA ALA K 181 -19.45 -24.15 -11.42
C ALA K 181 -20.78 -24.68 -10.90
N GLU K 182 -21.02 -25.98 -11.10
CA GLU K 182 -22.25 -26.62 -10.65
C GLU K 182 -22.32 -26.74 -9.13
N HIS K 183 -21.16 -26.98 -8.49
CA HIS K 183 -21.08 -27.05 -7.02
C HIS K 183 -21.54 -25.74 -6.35
N ILE K 184 -21.29 -24.61 -7.01
CA ILE K 184 -21.71 -23.29 -6.50
C ILE K 184 -22.93 -22.71 -7.22
N TYR K 185 -23.57 -23.54 -8.05
CA TYR K 185 -24.85 -23.21 -8.67
C TYR K 185 -24.72 -21.98 -9.58
N TYR K 186 -23.61 -21.95 -10.33
CA TYR K 186 -23.43 -20.94 -11.38
C TYR K 186 -23.45 -21.67 -12.74
N PRO K 187 -24.29 -21.17 -13.68
CA PRO K 187 -24.45 -21.82 -15.01
C PRO K 187 -23.25 -21.63 -15.91
N TRP K 188 -22.57 -22.72 -16.26
CA TRP K 188 -21.33 -22.65 -17.07
C TRP K 188 -20.95 -23.98 -17.77
N MET L 4 -29.66 6.72 7.45
CA MET L 4 -30.09 5.64 6.50
C MET L 4 -30.00 4.25 7.15
N LYS L 5 -30.12 3.20 6.34
CA LYS L 5 -30.04 1.81 6.81
C LYS L 5 -28.60 1.37 7.11
N LYS L 6 -28.44 0.44 8.05
CA LYS L 6 -27.14 -0.18 8.33
C LYS L 6 -27.23 -1.71 8.43
N VAL L 7 -26.17 -2.36 7.96
CA VAL L 7 -26.11 -3.82 7.87
C VAL L 7 -24.85 -4.33 8.59
N ALA L 8 -24.98 -5.36 9.43
CA ALA L 8 -23.83 -6.03 10.03
C ALA L 8 -23.54 -7.28 9.22
N VAL L 9 -22.27 -7.45 8.82
CA VAL L 9 -21.82 -8.68 8.16
C VAL L 9 -20.87 -9.38 9.14
N LEU L 10 -21.27 -10.54 9.62
CA LEU L 10 -20.48 -11.27 10.60
C LEU L 10 -19.42 -12.12 9.95
N LEU L 11 -18.19 -11.89 10.39
CA LEU L 11 -17.06 -12.63 9.91
C LEU L 11 -16.51 -13.46 11.05
N ALA L 12 -16.77 -14.76 10.96
CA ALA L 12 -16.19 -15.71 11.86
C ALA L 12 -15.00 -16.34 11.14
N PRO L 13 -14.07 -16.93 11.90
CA PRO L 13 -12.95 -17.54 11.22
C PRO L 13 -13.44 -18.56 10.18
N GLY L 14 -12.89 -18.54 8.98
CA GLY L 14 -13.34 -19.49 7.95
C GLY L 14 -14.52 -19.00 7.12
N PHE L 15 -14.98 -17.79 7.37
CA PHE L 15 -16.07 -17.23 6.56
C PHE L 15 -15.80 -17.35 5.07
N GLU L 16 -16.85 -17.63 4.29
CA GLU L 16 -16.70 -17.66 2.86
C GLU L 16 -16.55 -16.22 2.36
N GLU L 17 -15.34 -15.84 1.98
CA GLU L 17 -15.07 -14.45 1.61
C GLU L 17 -15.79 -13.98 0.34
N ALA L 18 -15.99 -14.85 -0.65
CA ALA L 18 -16.68 -14.43 -1.88
C ALA L 18 -18.10 -13.94 -1.60
N GLU L 19 -18.84 -14.75 -0.86
CA GLU L 19 -20.21 -14.49 -0.46
C GLU L 19 -20.32 -13.18 0.31
N ALA L 20 -19.42 -13.01 1.26
CA ALA L 20 -19.46 -11.86 2.13
C ALA L 20 -18.97 -10.59 1.45
N ILE L 21 -17.98 -10.71 0.58
CA ILE L 21 -17.38 -9.53 -0.05
C ILE L 21 -18.28 -9.06 -1.19
N VAL L 22 -18.83 -9.99 -1.96
CA VAL L 22 -19.74 -9.57 -3.03
C VAL L 22 -20.94 -8.90 -2.41
N THR L 23 -21.44 -9.46 -1.32
CA THR L 23 -22.59 -8.87 -0.64
C THR L 23 -22.26 -7.48 -0.16
N LEU L 24 -21.11 -7.31 0.47
CA LEU L 24 -20.65 -6.04 0.97
C LEU L 24 -20.38 -5.01 -0.16
N ASP L 25 -19.83 -5.45 -1.27
CA ASP L 25 -19.57 -4.54 -2.39
C ASP L 25 -20.90 -3.94 -2.91
N ILE L 26 -21.91 -4.81 -3.11
CA ILE L 26 -23.18 -4.34 -3.67
C ILE L 26 -23.77 -3.28 -2.76
N LEU L 27 -23.78 -3.56 -1.47
CA LEU L 27 -24.44 -2.69 -0.53
C LEU L 27 -23.76 -1.37 -0.56
N ARG L 28 -22.44 -1.39 -0.59
CA ARG L 28 -21.66 -0.17 -0.45
C ARG L 28 -21.67 0.65 -1.73
N ARG L 29 -21.81 -0.02 -2.88
CA ARG L 29 -22.10 0.68 -4.15
C ARG L 29 -23.39 1.48 -4.04
N LEU L 30 -24.40 0.91 -3.36
CA LEU L 30 -25.68 1.61 -3.11
C LEU L 30 -25.64 2.53 -1.88
N HIS L 31 -24.46 2.80 -1.35
CA HIS L 31 -24.28 3.74 -0.23
C HIS L 31 -25.06 3.37 1.06
N ILE L 32 -25.35 2.08 1.20
CA ILE L 32 -25.95 1.54 2.41
C ILE L 32 -24.80 1.37 3.40
N ASP L 33 -24.97 1.85 4.64
CA ASP L 33 -23.98 1.65 5.72
C ASP L 33 -23.80 0.15 5.98
N VAL L 34 -22.56 -0.33 5.97
CA VAL L 34 -22.28 -1.73 6.28
C VAL L 34 -21.17 -1.76 7.27
N GLU L 35 -21.27 -2.61 8.28
CA GLU L 35 -20.13 -2.84 9.18
C GLU L 35 -19.77 -4.32 9.19
N THR L 36 -18.50 -4.61 8.99
CA THR L 36 -18.01 -5.97 9.22
C THR L 36 -17.70 -6.10 10.71
N LEU L 37 -18.17 -7.20 11.30
CA LEU L 37 -17.98 -7.51 12.70
C LEU L 37 -17.27 -8.84 12.80
N ALA L 38 -16.04 -8.78 13.33
CA ALA L 38 -15.27 -9.94 13.64
C ALA L 38 -15.94 -10.62 14.79
N CYS L 39 -16.31 -11.87 14.61
CA CYS L 39 -16.92 -12.64 15.68
C CYS L 39 -15.79 -13.36 16.39
N ALA L 40 -15.06 -12.61 17.19
CA ALA L 40 -13.73 -13.04 17.61
C ALA L 40 -13.15 -12.00 18.55
N GLU L 41 -11.98 -12.33 19.08
CA GLU L 41 -11.28 -11.54 20.07
C GLU L 41 -10.67 -10.31 19.38
N SER L 42 -10.20 -10.49 18.15
CA SER L 42 -9.59 -9.38 17.39
CA SER L 42 -9.56 -9.41 17.37
C SER L 42 -10.35 -9.08 16.10
N ARG L 43 -10.06 -7.93 15.50
CA ARG L 43 -10.69 -7.53 14.24
C ARG L 43 -10.15 -8.33 13.06
N ALA L 44 -9.05 -9.03 13.26
CA ALA L 44 -8.42 -9.78 12.19
C ALA L 44 -9.08 -11.15 12.09
N VAL L 45 -9.61 -11.46 10.91
CA VAL L 45 -10.22 -12.76 10.64
C VAL L 45 -9.73 -13.26 9.30
N VAL L 46 -9.61 -14.57 9.16
CA VAL L 46 -9.06 -15.19 7.95
C VAL L 46 -10.16 -16.05 7.32
N SER L 47 -10.38 -15.86 6.03
CA SER L 47 -11.53 -16.45 5.36
C SER L 47 -11.20 -17.89 5.02
N TYR L 48 -12.21 -18.58 4.48
CA TYR L 48 -12.13 -19.98 4.12
C TYR L 48 -11.03 -20.22 3.12
N HIS L 49 -10.91 -19.33 2.14
CA HIS L 49 -9.80 -19.40 1.18
C HIS L 49 -8.60 -18.50 1.53
N ASP L 50 -8.31 -18.39 2.83
CA ASP L 50 -7.01 -17.97 3.39
C ASP L 50 -6.72 -16.51 3.21
N ILE L 51 -7.73 -15.66 3.19
CA ILE L 51 -7.50 -14.21 3.14
C ILE L 51 -7.66 -13.60 4.50
N PRO L 52 -6.56 -13.19 5.11
CA PRO L 52 -6.74 -12.35 6.31
C PRO L 52 -7.35 -11.02 5.93
N MET L 53 -8.44 -10.66 6.60
CA MET L 53 -9.03 -9.35 6.51
C MET L 53 -9.17 -8.71 7.89
N VAL L 54 -9.32 -7.39 7.89
CA VAL L 54 -9.59 -6.61 9.10
C VAL L 54 -11.04 -6.12 9.11
N ALA L 55 -11.82 -6.63 10.05
CA ALA L 55 -13.19 -6.22 10.20
C ALA L 55 -13.22 -4.78 10.73
N ASP L 56 -14.34 -4.09 10.50
CA ASP L 56 -14.53 -2.71 10.91
C ASP L 56 -14.61 -2.61 12.44
N SER L 57 -15.15 -3.65 13.06
CA SER L 57 -15.15 -3.75 14.49
C SER L 57 -15.35 -5.22 14.90
N THR L 58 -15.24 -5.53 16.18
CA THR L 58 -15.59 -6.86 16.65
C THR L 58 -17.04 -6.89 17.06
N LEU L 59 -17.59 -8.09 17.15
CA LEU L 59 -18.97 -8.24 17.61
C LEU L 59 -19.23 -7.65 19.00
N SER L 60 -18.31 -7.82 19.96
CA SER L 60 -18.53 -7.31 21.32
C SER L 60 -18.58 -5.79 21.37
N GLU L 61 -17.80 -5.13 20.54
CA GLU L 61 -17.82 -3.68 20.41
C GLU L 61 -19.15 -3.12 19.87
N ARG L 62 -20.03 -3.99 19.34
CA ARG L 62 -21.28 -3.53 18.74
CA ARG L 62 -21.28 -3.56 18.72
C ARG L 62 -22.47 -4.44 19.09
N GLN L 63 -22.43 -5.10 20.26
CA GLN L 63 -23.48 -6.10 20.60
C GLN L 63 -24.79 -5.53 21.09
N GLN L 64 -24.80 -4.26 21.47
CA GLN L 64 -26.05 -3.61 21.84
C GLN L 64 -26.65 -2.82 20.64
N ALA L 65 -25.85 -2.60 19.60
CA ALA L 65 -26.33 -1.91 18.40
C ALA L 65 -27.34 -2.78 17.66
N LEU L 66 -28.26 -2.13 16.96
CA LEU L 66 -29.36 -2.82 16.30
C LEU L 66 -29.39 -2.46 14.81
N PHE L 67 -29.10 -3.44 13.97
CA PHE L 67 -28.94 -3.20 12.56
C PHE L 67 -30.25 -3.48 11.90
N ASP L 68 -30.39 -2.99 10.69
CA ASP L 68 -31.59 -3.25 9.93
C ASP L 68 -31.48 -4.62 9.28
N ALA L 69 -30.25 -5.09 9.11
CA ALA L 69 -30.01 -6.40 8.53
C ALA L 69 -28.72 -7.03 9.05
N VAL L 70 -28.74 -8.35 9.20
CA VAL L 70 -27.59 -9.12 9.59
C VAL L 70 -27.35 -10.23 8.57
N VAL L 71 -26.19 -10.14 7.94
CA VAL L 71 -25.77 -11.10 6.94
C VAL L 71 -24.94 -12.19 7.62
N LEU L 72 -25.24 -13.44 7.28
CA LEU L 72 -24.50 -14.59 7.76
C LEU L 72 -23.92 -15.33 6.55
N PRO L 73 -22.62 -15.08 6.27
CA PRO L 73 -21.95 -15.85 5.21
C PRO L 73 -21.83 -17.34 5.58
N GLY L 74 -21.57 -18.17 4.57
CA GLY L 74 -21.32 -19.58 4.78
C GLY L 74 -19.85 -19.84 5.00
N GLY L 75 -19.35 -20.92 4.38
CA GLY L 75 -18.05 -21.46 4.70
C GLY L 75 -18.27 -22.63 5.62
N PRO L 76 -17.67 -23.79 5.33
CA PRO L 76 -17.98 -24.93 6.19
C PRO L 76 -17.64 -24.63 7.64
N GLN L 77 -16.46 -24.09 7.88
CA GLN L 77 -16.04 -23.75 9.23
C GLN L 77 -16.58 -22.38 9.66
N GLY L 78 -16.71 -21.44 8.72
CA GLY L 78 -17.28 -20.16 9.07
C GLY L 78 -18.64 -20.39 9.74
N SER L 79 -19.51 -21.13 9.08
CA SER L 79 -20.85 -21.29 9.62
C SER L 79 -20.86 -22.11 10.93
N ALA L 80 -19.99 -23.12 11.07
CA ALA L 80 -19.90 -23.86 12.34
C ALA L 80 -19.42 -22.98 13.50
N ASN L 81 -18.44 -22.12 13.19
CA ASN L 81 -17.90 -21.20 14.17
C ASN L 81 -18.91 -20.15 14.65
N LEU L 82 -19.71 -19.64 13.72
CA LEU L 82 -20.81 -18.73 14.03
C LEU L 82 -21.80 -19.44 14.95
N ALA L 83 -22.11 -20.68 14.59
CA ALA L 83 -23.09 -21.49 15.32
C ALA L 83 -22.64 -21.86 16.71
N ALA L 84 -21.31 -21.96 16.94
CA ALA L 84 -20.76 -22.24 18.28
C ALA L 84 -20.56 -20.99 19.15
N ASN L 85 -20.79 -19.82 18.59
CA ASN L 85 -20.48 -18.61 19.31
C ASN L 85 -21.69 -18.10 20.04
N PRO L 86 -21.65 -18.10 21.38
CA PRO L 86 -22.85 -17.72 22.09
C PRO L 86 -23.29 -16.27 21.79
N ALA L 87 -22.30 -15.40 21.59
CA ALA L 87 -22.56 -14.01 21.23
C ALA L 87 -23.20 -13.87 19.84
N VAL L 88 -22.94 -14.79 18.90
CA VAL L 88 -23.57 -14.72 17.57
C VAL L 88 -25.04 -15.14 17.70
N ILE L 89 -25.30 -16.19 18.49
CA ILE L 89 -26.67 -16.63 18.74
C ILE L 89 -27.51 -15.49 19.39
N ALA L 90 -26.96 -14.82 20.38
CA ALA L 90 -27.68 -13.70 21.02
C ALA L 90 -27.98 -12.60 20.02
N PHE L 91 -26.94 -12.12 19.31
CA PHE L 91 -27.07 -11.06 18.31
C PHE L 91 -28.18 -11.37 17.32
N VAL L 92 -28.14 -12.56 16.75
CA VAL L 92 -29.11 -13.01 15.80
C VAL L 92 -30.50 -13.11 16.41
N ALA L 93 -30.62 -13.71 17.58
CA ALA L 93 -31.91 -13.81 18.26
C ALA L 93 -32.54 -12.43 18.54
N ARG L 94 -31.72 -11.51 19.05
CA ARG L 94 -32.24 -10.18 19.36
C ARG L 94 -32.78 -9.48 18.10
N HIS L 95 -31.99 -9.51 17.03
CA HIS L 95 -32.42 -8.96 15.75
C HIS L 95 -33.67 -9.64 15.21
N ASP L 96 -33.72 -10.95 15.32
CA ASP L 96 -34.83 -11.70 14.73
C ASP L 96 -36.08 -11.29 15.46
N ALA L 97 -35.94 -11.13 16.77
CA ALA L 97 -37.05 -10.81 17.63
C ALA L 97 -37.44 -9.34 17.50
N ALA L 98 -36.54 -8.49 17.05
CA ALA L 98 -36.91 -7.09 16.77
C ALA L 98 -37.42 -6.90 15.32
N GLY L 99 -37.59 -8.00 14.59
CA GLY L 99 -38.10 -7.91 13.22
C GLY L 99 -37.11 -7.47 12.16
N LYS L 100 -35.83 -7.43 12.49
CA LYS L 100 -34.82 -7.04 11.51
C LYS L 100 -34.50 -8.18 10.56
N LEU L 101 -33.94 -7.84 9.42
CA LEU L 101 -33.66 -8.82 8.39
C LEU L 101 -32.51 -9.76 8.80
N ILE L 102 -32.77 -11.07 8.73
CA ILE L 102 -31.78 -12.04 9.02
C ILE L 102 -31.44 -12.70 7.69
N CYS L 103 -30.17 -12.62 7.29
CA CYS L 103 -29.78 -12.89 5.91
C CYS L 103 -28.64 -13.89 5.78
N PRO L 104 -28.95 -15.16 5.98
CA PRO L 104 -27.92 -16.17 5.83
C PRO L 104 -27.71 -16.56 4.37
N ILE L 105 -26.48 -16.94 4.02
CA ILE L 105 -26.22 -17.48 2.71
C ILE L 105 -25.57 -18.86 2.79
N ALA L 106 -25.97 -19.72 1.86
CA ALA L 106 -25.40 -21.06 1.73
C ALA L 106 -25.62 -21.91 3.01
N SER L 107 -24.55 -22.39 3.65
CA SER L 107 -24.66 -23.24 4.82
C SER L 107 -25.13 -22.49 6.10
N ALA L 108 -25.04 -21.16 6.11
CA ALA L 108 -25.41 -20.41 7.32
C ALA L 108 -26.83 -20.75 7.80
N ALA L 109 -27.79 -20.89 6.88
CA ALA L 109 -29.17 -21.10 7.29
C ALA L 109 -29.36 -22.37 8.08
N ALA L 110 -28.85 -23.48 7.55
CA ALA L 110 -28.87 -24.77 8.26
C ALA L 110 -27.99 -24.81 9.52
N ARG L 111 -26.79 -24.24 9.49
CA ARG L 111 -25.83 -24.45 10.61
C ARG L 111 -26.04 -23.47 11.75
N VAL L 112 -26.33 -22.23 11.42
CA VAL L 112 -26.48 -21.21 12.42
C VAL L 112 -27.90 -21.14 12.94
N LEU L 113 -28.90 -21.29 12.07
CA LEU L 113 -30.27 -21.06 12.49
C LEU L 113 -31.04 -22.36 12.65
N GLY L 114 -31.00 -23.19 11.64
CA GLY L 114 -31.71 -24.46 11.67
C GLY L 114 -31.22 -25.42 12.73
N ALA L 115 -29.91 -25.50 12.92
CA ALA L 115 -29.34 -26.33 13.96
C ALA L 115 -29.77 -25.83 15.34
N HIS L 116 -29.98 -24.54 15.48
CA HIS L 116 -30.40 -24.01 16.77
C HIS L 116 -31.93 -23.79 16.87
N GLY L 117 -32.70 -24.47 16.03
CA GLY L 117 -34.16 -24.34 16.06
C GLY L 117 -34.66 -22.90 15.95
N LEU L 118 -33.92 -22.05 15.24
CA LEU L 118 -34.29 -20.64 15.11
C LEU L 118 -35.00 -20.31 13.80
N LEU L 119 -35.17 -21.29 12.92
CA LEU L 119 -35.90 -21.05 11.69
C LEU L 119 -37.38 -20.73 11.97
N LYS L 120 -37.97 -21.34 13.00
CA LYS L 120 -39.38 -21.09 13.38
C LYS L 120 -40.35 -21.42 12.23
N GLY L 121 -40.22 -22.63 11.67
CA GLY L 121 -41.02 -23.04 10.51
C GLY L 121 -40.94 -22.21 9.23
N ARG L 122 -39.99 -21.28 9.13
CA ARG L 122 -39.92 -20.38 7.96
C ARG L 122 -39.33 -21.05 6.73
N ARG L 123 -39.73 -20.59 5.55
CA ARG L 123 -39.16 -21.06 4.29
C ARG L 123 -37.74 -20.49 4.21
N TYR L 124 -36.84 -21.26 3.61
CA TYR L 124 -35.42 -20.91 3.56
C TYR L 124 -34.70 -21.78 2.52
N VAL L 125 -33.58 -21.29 2.03
CA VAL L 125 -32.70 -22.13 1.25
C VAL L 125 -31.28 -22.15 1.84
N CYS L 126 -30.55 -23.21 1.51
CA CYS L 126 -29.16 -23.40 1.95
C CYS L 126 -28.47 -24.23 0.88
N SER L 127 -27.16 -24.40 1.02
CA SER L 127 -26.37 -25.14 0.04
C SER L 127 -26.51 -26.68 0.19
N GLY L 128 -26.42 -27.40 -0.94
CA GLY L 128 -26.46 -28.87 -0.97
C GLY L 128 -27.67 -29.48 -0.26
N ASP L 129 -27.44 -30.61 0.42
CA ASP L 129 -28.49 -31.34 1.16
C ASP L 129 -28.38 -31.25 2.71
N LEU L 130 -27.92 -30.10 3.19
CA LEU L 130 -27.93 -29.77 4.64
C LEU L 130 -29.35 -29.66 5.18
N TRP L 131 -30.31 -29.37 4.30
CA TRP L 131 -31.73 -29.31 4.66
C TRP L 131 -32.30 -30.62 5.23
N LYS L 132 -31.71 -31.75 4.85
CA LYS L 132 -32.15 -33.04 5.39
C LYS L 132 -32.02 -33.08 6.92
N ALA L 133 -31.00 -32.40 7.45
CA ALA L 133 -30.69 -32.41 8.89
C ALA L 133 -31.51 -31.42 9.74
N VAL L 134 -32.24 -30.49 9.11
CA VAL L 134 -33.04 -29.47 9.83
C VAL L 134 -34.55 -29.78 9.85
N PRO L 135 -35.08 -30.31 10.99
CA PRO L 135 -36.50 -30.70 11.06
C PRO L 135 -37.47 -29.55 11.31
N GLU L 136 -36.96 -28.34 11.57
CA GLU L 136 -37.76 -27.19 11.98
C GLU L 136 -37.77 -26.03 10.94
N GLY L 137 -37.85 -26.39 9.66
CA GLY L 137 -37.88 -25.40 8.58
C GLY L 137 -38.55 -25.89 7.32
N VAL L 138 -38.80 -24.97 6.41
CA VAL L 138 -39.32 -25.34 5.10
C VAL L 138 -38.26 -25.01 4.04
N TYR L 139 -37.56 -26.06 3.59
CA TYR L 139 -36.52 -25.89 2.59
C TYR L 139 -37.11 -25.73 1.21
N VAL L 140 -36.64 -24.69 0.52
CA VAL L 140 -37.04 -24.35 -0.85
C VAL L 140 -35.81 -24.27 -1.76
N ASP L 141 -35.78 -25.13 -2.79
CA ASP L 141 -34.67 -25.15 -3.73
C ASP L 141 -34.81 -24.00 -4.74
N ALA L 142 -34.46 -22.79 -4.32
CA ALA L 142 -34.46 -21.61 -5.19
C ALA L 142 -33.20 -20.77 -4.95
N PRO L 143 -32.84 -19.88 -5.90
CA PRO L 143 -31.66 -18.99 -5.71
C PRO L 143 -31.74 -18.06 -4.48
N VAL L 144 -32.89 -17.44 -4.31
CA VAL L 144 -33.17 -16.65 -3.12
C VAL L 144 -34.56 -17.03 -2.61
N VAL L 145 -34.70 -17.12 -1.29
CA VAL L 145 -35.99 -17.38 -0.65
C VAL L 145 -36.21 -16.26 0.36
N GLU L 146 -37.44 -15.77 0.42
CA GLU L 146 -37.75 -14.64 1.28
C GLU L 146 -39.04 -14.95 2.01
N ASP L 147 -38.99 -14.87 3.33
CA ASP L 147 -40.12 -15.23 4.18
C ASP L 147 -40.09 -14.41 5.47
N GLY L 148 -41.03 -13.49 5.60
CA GLY L 148 -41.02 -12.56 6.70
C GLY L 148 -39.69 -11.83 6.61
N ASN L 149 -38.96 -11.83 7.73
CA ASN L 149 -37.71 -11.08 7.83
C ASN L 149 -36.49 -11.96 7.48
N LEU L 150 -36.75 -13.17 7.00
CA LEU L 150 -35.72 -14.12 6.63
C LEU L 150 -35.47 -14.06 5.15
N ILE L 151 -34.27 -13.65 4.77
CA ILE L 151 -33.84 -13.64 3.40
C ILE L 151 -32.62 -14.55 3.26
N SER L 152 -32.76 -15.67 2.57
CA SER L 152 -31.68 -16.66 2.45
C SER L 152 -31.28 -16.85 0.99
N GLY L 153 -29.98 -16.92 0.71
CA GLY L 153 -29.47 -17.15 -0.65
C GLY L 153 -28.87 -18.53 -0.77
N LYS L 154 -29.02 -19.18 -1.93
CA LYS L 154 -28.69 -20.62 -2.06
C LYS L 154 -27.20 -20.93 -1.94
N GLY L 155 -26.40 -20.08 -2.54
CA GLY L 155 -24.98 -20.28 -2.54
C GLY L 155 -24.27 -19.19 -3.34
N LEU L 156 -23.00 -19.42 -3.58
CA LEU L 156 -22.15 -18.37 -4.08
C LEU L 156 -22.56 -17.90 -5.47
N GLY L 157 -22.85 -18.85 -6.36
CA GLY L 157 -23.28 -18.52 -7.73
C GLY L 157 -24.48 -17.59 -7.83
N HIS L 158 -25.34 -17.60 -6.80
CA HIS L 158 -26.51 -16.74 -6.74
C HIS L 158 -26.32 -15.54 -5.81
N VAL L 159 -25.07 -15.21 -5.48
CA VAL L 159 -24.81 -14.17 -4.46
C VAL L 159 -25.17 -12.75 -4.93
N PHE L 160 -25.08 -12.47 -6.22
CA PHE L 160 -25.55 -11.18 -6.73
C PHE L 160 -27.08 -11.03 -6.57
N ASP L 161 -27.83 -12.04 -7.03
CA ASP L 161 -29.28 -12.11 -6.75
C ASP L 161 -29.57 -11.76 -5.30
N PHE L 162 -28.87 -12.47 -4.40
CA PHE L 162 -29.06 -12.34 -2.95
C PHE L 162 -28.78 -10.93 -2.42
N ALA L 163 -27.65 -10.37 -2.85
CA ALA L 163 -27.20 -9.06 -2.41
C ALA L 163 -28.08 -7.96 -2.97
N LEU L 164 -28.48 -8.11 -4.23
CA LEU L 164 -29.38 -7.14 -4.87
C LEU L 164 -30.81 -7.22 -4.31
N THR L 165 -31.30 -8.43 -4.07
CA THR L 165 -32.61 -8.63 -3.46
C THR L 165 -32.66 -8.06 -2.04
N LEU L 166 -31.61 -8.29 -1.25
CA LEU L 166 -31.52 -7.70 0.07
C LEU L 166 -31.48 -6.19 -0.04
N SER L 167 -30.73 -5.70 -1.01
CA SER L 167 -30.57 -4.27 -1.21
C SER L 167 -31.86 -3.61 -1.61
N ALA L 168 -32.62 -4.26 -2.49
CA ALA L 168 -33.93 -3.73 -2.89
C ALA L 168 -34.83 -3.64 -1.67
N ARG L 169 -34.87 -4.69 -0.86
CA ARG L 169 -35.72 -4.74 0.33
C ARG L 169 -35.35 -3.66 1.39
N LEU L 170 -34.07 -3.34 1.54
CA LEU L 170 -33.64 -2.30 2.48
C LEU L 170 -33.95 -0.89 1.97
N LEU L 171 -33.91 -0.72 0.65
CA LEU L 171 -34.22 0.56 0.01
C LEU L 171 -35.72 0.75 -0.30
N GLY L 172 -36.46 -0.35 -0.43
CA GLY L 172 -37.90 -0.29 -0.74
C GLY L 172 -38.20 0.14 -2.17
N ASP L 173 -37.20 -0.03 -3.04
CA ASP L 173 -37.24 0.51 -4.39
C ASP L 173 -36.27 -0.32 -5.22
N ASP L 174 -36.78 -1.07 -6.19
CA ASP L 174 -35.91 -1.81 -7.12
C ASP L 174 -35.00 -0.91 -7.98
N ALA L 175 -35.46 0.31 -8.28
CA ALA L 175 -34.85 1.12 -9.34
C ALA L 175 -33.37 1.48 -9.09
N PRO L 176 -33.04 2.09 -7.94
CA PRO L 176 -31.62 2.38 -7.68
C PRO L 176 -30.75 1.11 -7.74
N VAL L 177 -31.32 0.00 -7.30
CA VAL L 177 -30.65 -1.30 -7.33
C VAL L 177 -30.38 -1.76 -8.77
N ARG L 178 -31.44 -1.95 -9.55
CA ARG L 178 -31.33 -2.31 -10.98
C ARG L 178 -30.33 -1.45 -11.75
N GLU L 179 -30.17 -0.19 -11.34
CA GLU L 179 -29.19 0.74 -11.91
C GLU L 179 -27.76 0.26 -11.72
N GLN L 180 -27.44 -0.17 -10.50
CA GLN L 180 -26.16 -0.80 -10.22
C GLN L 180 -25.93 -2.08 -11.01
N ALA L 181 -26.88 -2.99 -10.95
CA ALA L 181 -26.79 -4.24 -11.73
C ALA L 181 -26.35 -3.94 -13.16
N GLU L 182 -26.99 -2.93 -13.76
CA GLU L 182 -26.63 -2.54 -15.12
C GLU L 182 -25.29 -1.81 -15.16
N HIS L 183 -25.00 -0.96 -14.18
CA HIS L 183 -23.66 -0.34 -14.10
C HIS L 183 -22.55 -1.42 -14.12
N ILE L 184 -22.77 -2.55 -13.45
CA ILE L 184 -21.78 -3.64 -13.39
C ILE L 184 -22.09 -4.81 -14.35
N TYR L 185 -23.06 -4.62 -15.24
CA TYR L 185 -23.38 -5.60 -16.28
C TYR L 185 -23.92 -6.92 -15.72
N TYR L 186 -24.76 -6.85 -14.70
CA TYR L 186 -25.36 -8.04 -14.10
C TYR L 186 -26.88 -8.08 -14.39
N PRO L 187 -27.34 -9.11 -15.16
CA PRO L 187 -28.75 -9.21 -15.58
C PRO L 187 -29.66 -9.58 -14.43
N TRP L 188 -30.33 -8.57 -13.88
CA TRP L 188 -31.25 -8.73 -12.75
C TRP L 188 -32.59 -8.07 -13.07
N MET M 4 -50.50 -31.93 30.68
CA MET M 4 -49.79 -31.46 31.90
C MET M 4 -48.56 -30.58 31.57
N LYS M 5 -48.13 -29.80 32.56
CA LYS M 5 -47.02 -28.84 32.42
C LYS M 5 -45.66 -29.49 32.61
N LYS M 6 -44.66 -29.01 31.87
CA LYS M 6 -43.30 -29.47 32.08
C LYS M 6 -42.28 -28.33 32.13
N VAL M 7 -41.24 -28.55 32.93
CA VAL M 7 -40.28 -27.50 33.24
C VAL M 7 -38.87 -28.03 33.11
N ALA M 8 -38.00 -27.26 32.47
CA ALA M 8 -36.61 -27.61 32.35
C ALA M 8 -35.81 -26.77 33.31
N VAL M 9 -34.95 -27.42 34.11
CA VAL M 9 -34.00 -26.71 34.96
C VAL M 9 -32.62 -26.97 34.43
N LEU M 10 -31.94 -25.91 34.02
CA LEU M 10 -30.62 -26.02 33.45
C LEU M 10 -29.56 -26.05 34.50
N LEU M 11 -28.75 -27.08 34.46
CA LEU M 11 -27.67 -27.25 35.38
C LEU M 11 -26.35 -27.17 34.65
N ALA M 12 -25.64 -26.04 34.77
CA ALA M 12 -24.25 -25.93 34.28
C ALA M 12 -23.31 -26.11 35.48
N PRO M 13 -22.00 -26.39 35.25
CA PRO M 13 -21.07 -26.49 36.38
C PRO M 13 -21.08 -25.22 37.18
N GLY M 14 -21.17 -25.36 38.49
CA GLY M 14 -21.20 -24.20 39.43
C GLY M 14 -22.60 -23.69 39.68
N PHE M 15 -23.61 -24.41 39.18
CA PHE M 15 -24.98 -24.03 39.43
C PHE M 15 -25.22 -23.93 40.92
N GLU M 16 -26.00 -22.95 41.34
CA GLU M 16 -26.32 -22.78 42.75
C GLU M 16 -27.34 -23.87 43.11
N GLU M 17 -26.93 -24.86 43.87
CA GLU M 17 -27.76 -26.06 44.05
C GLU M 17 -29.01 -25.83 44.89
N ALA M 18 -28.91 -24.90 45.85
CA ALA M 18 -30.03 -24.59 46.72
C ALA M 18 -31.13 -23.91 45.92
N GLU M 19 -30.76 -23.03 44.99
CA GLU M 19 -31.74 -22.33 44.17
C GLU M 19 -32.49 -23.33 43.29
N ALA M 20 -31.72 -24.19 42.62
CA ALA M 20 -32.26 -25.20 41.71
C ALA M 20 -33.07 -26.21 42.43
N ILE M 21 -32.54 -26.70 43.53
CA ILE M 21 -33.14 -27.81 44.24
C ILE M 21 -34.44 -27.46 44.91
N VAL M 22 -34.50 -26.30 45.58
CA VAL M 22 -35.73 -25.91 46.21
C VAL M 22 -36.82 -25.73 45.14
N THR M 23 -36.47 -25.11 44.02
CA THR M 23 -37.43 -24.88 42.95
C THR M 23 -37.92 -26.21 42.44
N LEU M 24 -36.99 -27.12 42.22
CA LEU M 24 -37.33 -28.45 41.79
C LEU M 24 -38.23 -29.14 42.81
N ASP M 25 -37.89 -29.03 44.08
CA ASP M 25 -38.71 -29.69 45.12
C ASP M 25 -40.15 -29.21 45.05
N ILE M 26 -40.34 -27.90 44.95
CA ILE M 26 -41.70 -27.36 44.96
C ILE M 26 -42.51 -27.85 43.75
N LEU M 27 -41.92 -27.70 42.58
CA LEU M 27 -42.56 -28.13 41.34
C LEU M 27 -42.97 -29.59 41.42
N ARG M 28 -42.07 -30.43 41.87
CA ARG M 28 -42.38 -31.86 41.96
C ARG M 28 -43.39 -32.19 43.04
N ARG M 29 -43.47 -31.39 44.12
CA ARG M 29 -44.55 -31.58 45.11
C ARG M 29 -45.90 -31.36 44.43
N LEU M 30 -45.94 -30.42 43.51
CA LEU M 30 -47.19 -30.09 42.81
C LEU M 30 -47.41 -30.95 41.58
N HIS M 31 -46.67 -32.05 41.46
CA HIS M 31 -46.77 -32.96 40.32
C HIS M 31 -46.58 -32.28 38.95
N ILE M 32 -45.86 -31.17 38.93
CA ILE M 32 -45.47 -30.54 37.68
C ILE M 32 -44.26 -31.32 37.19
N ASP M 33 -44.22 -31.62 35.90
CA ASP M 33 -43.17 -32.40 35.32
C ASP M 33 -41.91 -31.56 35.20
N VAL M 34 -40.82 -31.99 35.84
CA VAL M 34 -39.56 -31.27 35.78
C VAL M 34 -38.47 -32.18 35.26
N GLU M 35 -37.59 -31.62 34.45
CA GLU M 35 -36.45 -32.33 33.94
C GLU M 35 -35.25 -31.46 34.21
N THR M 36 -34.25 -32.02 34.89
CA THR M 36 -32.97 -31.35 35.00
C THR M 36 -32.22 -31.63 33.72
N LEU M 37 -31.61 -30.58 33.17
CA LEU M 37 -30.85 -30.70 31.95
C LEU M 37 -29.44 -30.16 32.14
N ALA M 38 -28.47 -31.06 31.96
CA ALA M 38 -27.09 -30.63 31.90
C ALA M 38 -26.86 -29.95 30.54
N CYS M 39 -25.83 -29.13 30.43
CA CYS M 39 -25.71 -28.23 29.28
C CYS M 39 -24.59 -28.55 28.31
N ALA M 40 -23.81 -29.57 28.63
CA ALA M 40 -22.71 -30.00 27.80
C ALA M 40 -22.86 -31.53 27.54
N GLU M 41 -21.76 -32.26 27.58
CA GLU M 41 -21.70 -33.65 27.13
C GLU M 41 -21.92 -34.62 28.29
N SER M 42 -22.08 -34.10 29.50
CA SER M 42 -22.12 -34.91 30.72
C SER M 42 -23.44 -34.76 31.46
N ARG M 43 -23.88 -35.82 32.14
CA ARG M 43 -25.12 -35.79 32.87
C ARG M 43 -24.90 -35.47 34.34
N ALA M 44 -23.71 -35.78 34.84
CA ALA M 44 -23.35 -35.43 36.21
C ALA M 44 -22.78 -34.03 36.24
N VAL M 45 -23.21 -33.20 37.19
CA VAL M 45 -22.85 -31.79 37.25
C VAL M 45 -22.57 -31.44 38.72
N VAL M 46 -21.47 -30.74 38.96
CA VAL M 46 -21.06 -30.40 40.33
C VAL M 46 -21.48 -28.95 40.62
N SER M 47 -22.24 -28.76 41.68
CA SER M 47 -22.80 -27.44 42.04
C SER M 47 -21.80 -26.43 42.59
N TYR M 48 -22.28 -25.21 42.85
CA TYR M 48 -21.42 -24.18 43.46
C TYR M 48 -20.82 -24.68 44.76
N HIS M 49 -21.68 -25.24 45.62
CA HIS M 49 -21.19 -25.80 46.87
C HIS M 49 -20.94 -27.31 46.81
N ASP M 50 -20.39 -27.75 45.68
CA ASP M 50 -19.67 -29.03 45.54
C ASP M 50 -20.54 -30.26 45.62
N ILE M 51 -21.79 -30.17 45.15
CA ILE M 51 -22.66 -31.34 45.15
C ILE M 51 -22.77 -31.87 43.75
N PRO M 52 -22.29 -33.10 43.50
CA PRO M 52 -22.55 -33.73 42.21
C PRO M 52 -23.97 -34.27 42.18
N MET M 53 -24.73 -33.85 41.16
CA MET M 53 -26.05 -34.37 40.86
C MET M 53 -26.09 -34.93 39.45
N VAL M 54 -26.90 -35.97 39.27
CA VAL M 54 -27.07 -36.53 37.95
C VAL M 54 -28.34 -35.94 37.35
N ALA M 55 -28.17 -35.13 36.32
CA ALA M 55 -29.25 -34.56 35.61
C ALA M 55 -30.06 -35.64 34.92
N ASP M 56 -31.33 -35.35 34.71
CA ASP M 56 -32.22 -36.28 34.01
C ASP M 56 -31.86 -36.47 32.54
N SER M 57 -31.38 -35.40 31.92
CA SER M 57 -31.01 -35.41 30.50
C SER M 57 -30.02 -34.28 30.18
N THR M 58 -29.77 -34.02 28.90
CA THR M 58 -28.90 -32.93 28.47
C THR M 58 -29.64 -32.06 27.46
N LEU M 59 -29.20 -30.80 27.34
CA LEU M 59 -29.68 -29.89 26.30
C LEU M 59 -29.65 -30.54 24.92
N SER M 60 -28.56 -31.23 24.64
CA SER M 60 -28.35 -31.76 23.32
C SER M 60 -29.36 -32.86 23.03
N GLU M 61 -29.92 -33.49 24.07
CA GLU M 61 -31.01 -34.42 23.85
C GLU M 61 -32.36 -33.75 23.87
N ARG M 62 -32.41 -32.42 23.92
CA ARG M 62 -33.70 -31.74 24.04
C ARG M 62 -33.91 -30.58 23.07
N GLN M 63 -33.28 -30.67 21.90
CA GLN M 63 -33.35 -29.60 20.91
C GLN M 63 -34.75 -29.38 20.33
N GLN M 64 -35.52 -30.46 20.23
CA GLN M 64 -36.85 -30.38 19.65
C GLN M 64 -37.92 -30.22 20.74
N ALA M 65 -37.52 -30.25 22.01
CA ALA M 65 -38.48 -30.20 23.10
C ALA M 65 -38.83 -28.75 23.44
N LEU M 66 -40.13 -28.48 23.62
CA LEU M 66 -40.58 -27.16 24.06
C LEU M 66 -41.24 -27.25 25.43
N PHE M 67 -40.50 -26.80 26.43
CA PHE M 67 -40.95 -26.77 27.81
C PHE M 67 -41.85 -25.56 28.06
N ASP M 68 -42.75 -25.70 29.00
CA ASP M 68 -43.61 -24.59 29.41
C ASP M 68 -42.83 -23.56 30.22
N ALA M 69 -41.75 -24.00 30.86
CA ALA M 69 -40.83 -23.09 31.57
C ALA M 69 -39.41 -23.58 31.59
N VAL M 70 -38.50 -22.61 31.63
CA VAL M 70 -37.10 -22.85 31.70
C VAL M 70 -36.55 -22.07 32.88
N VAL M 71 -36.03 -22.79 33.86
CA VAL M 71 -35.43 -22.21 35.05
C VAL M 71 -33.94 -22.08 34.85
N LEU M 72 -33.40 -20.93 35.22
CA LEU M 72 -31.96 -20.66 35.12
C LEU M 72 -31.39 -20.34 36.50
N PRO M 73 -30.79 -21.33 37.14
CA PRO M 73 -30.18 -21.05 38.42
C PRO M 73 -29.03 -20.05 38.29
N GLY M 74 -28.59 -19.55 39.44
CA GLY M 74 -27.45 -18.68 39.52
C GLY M 74 -26.23 -19.43 39.93
N GLY M 75 -25.49 -18.81 40.84
CA GLY M 75 -24.15 -19.22 41.21
C GLY M 75 -23.17 -18.55 40.27
N PRO M 76 -22.00 -18.11 40.77
CA PRO M 76 -21.12 -17.29 39.93
C PRO M 76 -20.48 -18.05 38.73
N GLN M 77 -19.93 -19.22 38.94
CA GLN M 77 -19.45 -19.98 37.78
C GLN M 77 -20.65 -20.53 37.01
N GLY M 78 -21.74 -20.81 37.71
CA GLY M 78 -22.95 -21.33 37.09
C GLY M 78 -23.49 -20.46 35.97
N SER M 79 -23.83 -19.22 36.31
CA SER M 79 -24.43 -18.34 35.33
C SER M 79 -23.43 -17.92 34.26
N ALA M 80 -22.15 -17.84 34.62
CA ALA M 80 -21.10 -17.63 33.64
C ALA M 80 -21.04 -18.76 32.60
N ASN M 81 -21.15 -20.00 33.09
CA ASN M 81 -21.07 -21.15 32.19
C ASN M 81 -22.32 -21.26 31.31
N LEU M 82 -23.47 -20.85 31.83
CA LEU M 82 -24.69 -20.82 31.00
C LEU M 82 -24.57 -19.79 29.88
N ALA M 83 -24.07 -18.60 30.23
CA ALA M 83 -23.94 -17.48 29.28
C ALA M 83 -23.05 -17.79 28.11
N ALA M 84 -21.96 -18.51 28.39
CA ALA M 84 -20.98 -18.84 27.37
C ALA M 84 -21.36 -20.08 26.54
N ASN M 85 -22.48 -20.70 26.83
CA ASN M 85 -22.88 -21.90 26.14
C ASN M 85 -23.85 -21.59 24.99
N PRO M 86 -23.41 -21.75 23.72
CA PRO M 86 -24.31 -21.42 22.62
C PRO M 86 -25.62 -22.22 22.63
N ALA M 87 -25.58 -23.45 23.10
CA ALA M 87 -26.81 -24.26 23.20
C ALA M 87 -27.77 -23.71 24.25
N VAL M 88 -27.23 -23.14 25.33
CA VAL M 88 -28.08 -22.44 26.33
C VAL M 88 -28.79 -21.22 25.74
N ILE M 89 -28.05 -20.40 25.01
CA ILE M 89 -28.57 -19.16 24.48
C ILE M 89 -29.70 -19.47 23.46
N ALA M 90 -29.48 -20.50 22.65
CA ALA M 90 -30.45 -20.91 21.66
C ALA M 90 -31.71 -21.47 22.30
N PHE M 91 -31.53 -22.31 23.31
CA PHE M 91 -32.66 -22.92 24.04
C PHE M 91 -33.52 -21.85 24.67
N VAL M 92 -32.87 -20.88 25.31
CA VAL M 92 -33.59 -19.76 25.92
C VAL M 92 -34.30 -18.93 24.87
N ALA M 93 -33.58 -18.52 23.84
CA ALA M 93 -34.15 -17.71 22.74
C ALA M 93 -35.38 -18.35 22.17
N ARG M 94 -35.28 -19.62 21.85
CA ARG M 94 -36.31 -20.38 21.18
C ARG M 94 -37.57 -20.45 22.06
N HIS M 95 -37.36 -20.74 23.34
CA HIS M 95 -38.49 -20.78 24.28
C HIS M 95 -39.09 -19.37 24.47
N ASP M 96 -38.23 -18.37 24.52
CA ASP M 96 -38.73 -17.00 24.71
C ASP M 96 -39.62 -16.58 23.53
N ALA M 97 -39.17 -16.87 22.33
CA ALA M 97 -39.90 -16.46 21.14
C ALA M 97 -41.23 -17.16 21.09
N ALA M 98 -41.31 -18.37 21.63
CA ALA M 98 -42.58 -19.12 21.65
C ALA M 98 -43.48 -18.75 22.82
N GLY M 99 -43.07 -17.76 23.61
CA GLY M 99 -43.85 -17.30 24.77
C GLY M 99 -43.77 -18.17 26.02
N LYS M 100 -42.74 -19.01 26.15
CA LYS M 100 -42.68 -19.88 27.34
C LYS M 100 -42.03 -19.12 28.47
N LEU M 101 -42.20 -19.62 29.68
CA LEU M 101 -41.69 -18.88 30.84
C LEU M 101 -40.17 -19.03 30.92
N ILE M 102 -39.47 -17.89 30.97
CA ILE M 102 -38.03 -17.82 31.23
C ILE M 102 -37.87 -17.35 32.67
N CYS M 103 -37.21 -18.17 33.49
CA CYS M 103 -37.24 -18.03 34.93
C CYS M 103 -35.83 -18.05 35.56
N PRO M 104 -35.12 -16.94 35.43
CA PRO M 104 -33.80 -16.79 36.03
C PRO M 104 -33.90 -16.44 37.52
N ILE M 105 -32.87 -16.79 38.27
CA ILE M 105 -32.79 -16.42 39.66
C ILE M 105 -31.38 -15.95 40.02
N ALA M 106 -31.28 -15.02 40.95
CA ALA M 106 -29.99 -14.52 41.44
C ALA M 106 -29.20 -13.87 40.27
N SER M 107 -27.93 -14.21 40.08
CA SER M 107 -27.14 -13.61 38.97
C SER M 107 -27.58 -13.94 37.53
N ALA M 108 -28.49 -14.89 37.36
CA ALA M 108 -28.76 -15.40 36.00
C ALA M 108 -29.43 -14.39 35.06
N ALA M 109 -30.33 -13.57 35.58
CA ALA M 109 -31.02 -12.63 34.71
C ALA M 109 -30.03 -11.66 34.09
N ALA M 110 -29.02 -11.27 34.87
CA ALA M 110 -28.01 -10.35 34.40
C ALA M 110 -26.97 -11.03 33.52
N ARG M 111 -26.34 -12.10 34.00
CA ARG M 111 -25.19 -12.70 33.31
CA ARG M 111 -25.20 -12.73 33.32
C ARG M 111 -25.61 -13.52 32.07
N VAL M 112 -26.79 -14.12 32.11
CA VAL M 112 -27.25 -14.91 30.98
C VAL M 112 -28.06 -14.08 29.98
N LEU M 113 -29.03 -13.31 30.46
CA LEU M 113 -29.95 -12.59 29.56
C LEU M 113 -29.52 -11.15 29.34
N GLY M 114 -29.24 -10.44 30.44
CA GLY M 114 -28.87 -9.03 30.36
C GLY M 114 -27.61 -8.81 29.52
N ALA M 115 -26.54 -9.51 29.90
CA ALA M 115 -25.26 -9.43 29.20
C ALA M 115 -25.42 -9.70 27.71
N HIS M 116 -26.36 -10.57 27.35
CA HIS M 116 -26.61 -10.89 25.96
C HIS M 116 -27.70 -10.05 25.26
N GLY M 117 -28.19 -9.00 25.89
CA GLY M 117 -29.22 -8.17 25.28
C GLY M 117 -30.60 -8.81 25.10
N LEU M 118 -30.91 -9.85 25.88
CA LEU M 118 -32.15 -10.61 25.67
C LEU M 118 -33.31 -10.22 26.54
N LEU M 119 -33.08 -9.35 27.52
CA LEU M 119 -34.15 -8.88 28.40
C LEU M 119 -35.31 -8.21 27.62
N LYS M 120 -34.99 -7.69 26.43
CA LYS M 120 -35.97 -7.05 25.57
C LYS M 120 -36.83 -6.04 26.35
N GLY M 121 -36.15 -5.22 27.16
CA GLY M 121 -36.77 -4.10 27.84
C GLY M 121 -37.61 -4.46 29.05
N ARG M 122 -37.57 -5.72 29.47
CA ARG M 122 -38.46 -6.20 30.54
C ARG M 122 -37.97 -5.89 31.93
N ARG M 123 -38.91 -5.79 32.86
CA ARG M 123 -38.54 -5.63 34.26
C ARG M 123 -38.04 -6.99 34.76
N TYR M 124 -37.03 -6.92 35.63
CA TYR M 124 -36.40 -8.10 36.15
C TYR M 124 -35.68 -7.69 37.43
N VAL M 125 -35.43 -8.68 38.28
CA VAL M 125 -34.51 -8.53 39.40
C VAL M 125 -33.38 -9.55 39.26
N CYS M 126 -32.24 -9.26 39.88
CA CYS M 126 -31.07 -10.13 39.96
C CYS M 126 -30.38 -9.85 41.29
N SER M 127 -29.31 -10.54 41.56
CA SER M 127 -28.61 -10.39 42.85
C SER M 127 -27.65 -9.22 42.82
N GLY M 128 -27.29 -8.74 44.02
CA GLY M 128 -26.29 -7.65 44.19
C GLY M 128 -26.49 -6.49 43.22
N ASP M 129 -25.38 -5.97 42.71
CA ASP M 129 -25.44 -4.78 41.84
C ASP M 129 -25.26 -5.09 40.34
N LEU M 130 -25.38 -6.36 39.98
CA LEU M 130 -25.09 -6.81 38.61
C LEU M 130 -25.94 -6.07 37.58
N TRP M 131 -27.15 -5.65 37.98
CA TRP M 131 -28.02 -4.80 37.14
C TRP M 131 -27.33 -3.56 36.54
N LYS M 132 -26.28 -3.09 37.17
CA LYS M 132 -25.57 -1.90 36.69
C LYS M 132 -24.85 -2.19 35.37
N ALA M 133 -24.31 -3.40 35.21
CA ALA M 133 -23.68 -3.79 33.93
C ALA M 133 -24.70 -3.98 32.80
N VAL M 134 -25.99 -4.06 33.14
CA VAL M 134 -27.04 -4.36 32.18
C VAL M 134 -27.72 -3.07 31.72
N PRO M 135 -27.52 -2.69 30.47
CA PRO M 135 -28.11 -1.43 30.00
C PRO M 135 -29.48 -1.51 29.30
N GLU M 136 -30.05 -2.69 29.12
CA GLU M 136 -31.25 -2.86 28.28
CA GLU M 136 -31.25 -2.84 28.29
C GLU M 136 -32.43 -3.53 28.99
N GLY M 137 -32.37 -3.62 30.31
CA GLY M 137 -33.51 -4.11 31.08
C GLY M 137 -33.91 -3.03 32.06
N VAL M 138 -35.07 -3.19 32.68
CA VAL M 138 -35.45 -2.33 33.80
C VAL M 138 -35.32 -3.13 35.09
N TYR M 139 -34.24 -2.91 35.82
CA TYR M 139 -34.07 -3.52 37.14
C TYR M 139 -35.14 -3.04 38.13
N VAL M 140 -35.74 -3.99 38.84
CA VAL M 140 -36.67 -3.71 39.92
C VAL M 140 -36.24 -4.49 41.16
N ASP M 141 -36.07 -3.80 42.29
CA ASP M 141 -35.71 -4.48 43.52
C ASP M 141 -36.96 -5.07 44.18
N ALA M 142 -37.17 -6.37 43.95
CA ALA M 142 -38.27 -7.09 44.57
C ALA M 142 -37.91 -8.59 44.63
N PRO M 143 -38.53 -9.34 45.57
CA PRO M 143 -38.23 -10.77 45.66
C PRO M 143 -38.44 -11.51 44.33
N VAL M 144 -39.55 -11.21 43.67
CA VAL M 144 -39.92 -11.88 42.44
C VAL M 144 -40.51 -10.88 41.47
N VAL M 145 -40.05 -10.89 40.22
CA VAL M 145 -40.51 -9.93 39.24
C VAL M 145 -41.09 -10.67 38.05
N GLU M 146 -42.34 -10.36 37.75
CA GLU M 146 -43.10 -10.94 36.66
C GLU M 146 -43.31 -9.88 35.61
N ASP M 147 -42.84 -10.14 34.39
CA ASP M 147 -43.09 -9.24 33.28
C ASP M 147 -43.28 -10.07 32.00
N GLY M 148 -44.54 -10.28 31.60
CA GLY M 148 -44.86 -11.09 30.43
C GLY M 148 -44.51 -12.53 30.75
N ASN M 149 -43.67 -13.15 29.93
CA ASN M 149 -43.22 -14.52 30.18
C ASN M 149 -41.87 -14.62 30.95
N LEU M 150 -41.41 -13.51 31.51
CA LEU M 150 -40.17 -13.46 32.28
C LEU M 150 -40.46 -13.31 33.77
N ILE M 151 -40.11 -14.35 34.52
CA ILE M 151 -40.30 -14.39 35.98
C ILE M 151 -38.94 -14.55 36.64
N SER M 152 -38.48 -13.51 37.30
CA SER M 152 -37.14 -13.55 37.85
C SER M 152 -37.20 -13.52 39.37
N GLY M 153 -36.15 -14.05 39.98
CA GLY M 153 -36.05 -14.19 41.42
C GLY M 153 -34.77 -13.51 41.84
N LYS M 154 -34.83 -12.78 42.94
CA LYS M 154 -33.72 -11.94 43.39
C LYS M 154 -32.55 -12.77 43.88
N GLY M 155 -32.84 -13.77 44.70
CA GLY M 155 -31.80 -14.62 45.26
C GLY M 155 -32.31 -15.77 46.11
N LEU M 156 -31.39 -16.49 46.72
CA LEU M 156 -31.71 -17.74 47.41
C LEU M 156 -32.74 -17.52 48.56
N GLY M 157 -32.62 -16.41 49.28
CA GLY M 157 -33.50 -16.12 50.38
C GLY M 157 -34.96 -16.07 49.93
N HIS M 158 -35.19 -15.76 48.66
CA HIS M 158 -36.52 -15.63 48.10
C HIS M 158 -36.89 -16.82 47.22
N VAL M 159 -36.15 -17.91 47.31
CA VAL M 159 -36.36 -19.04 46.41
C VAL M 159 -37.79 -19.65 46.52
N PHE M 160 -38.35 -19.72 47.72
CA PHE M 160 -39.70 -20.28 47.89
C PHE M 160 -40.76 -19.48 47.15
N ASP M 161 -40.69 -18.16 47.27
CA ASP M 161 -41.67 -17.29 46.63
CA ASP M 161 -41.64 -17.24 46.63
C ASP M 161 -41.51 -17.37 45.13
N PHE M 162 -40.26 -17.44 44.66
CA PHE M 162 -39.94 -17.65 43.25
C PHE M 162 -40.59 -18.94 42.76
N ALA M 163 -40.31 -20.03 43.46
CA ALA M 163 -40.79 -21.35 43.05
C ALA M 163 -42.30 -21.44 43.03
N LEU M 164 -42.92 -20.83 44.05
CA LEU M 164 -44.36 -20.90 44.21
C LEU M 164 -45.08 -20.03 43.20
N THR M 165 -44.54 -18.84 42.96
CA THR M 165 -45.03 -17.96 41.94
C THR M 165 -44.95 -18.59 40.54
N LEU M 166 -43.84 -19.24 40.27
CA LEU M 166 -43.71 -20.00 39.05
C LEU M 166 -44.83 -21.07 38.93
N SER M 167 -45.04 -21.82 40.01
CA SER M 167 -45.97 -22.94 39.98
C SER M 167 -47.39 -22.47 39.75
N ALA M 168 -47.70 -21.31 40.34
CA ALA M 168 -49.03 -20.73 40.28
C ALA M 168 -49.29 -20.25 38.87
N ARG M 169 -48.28 -19.63 38.28
CA ARG M 169 -48.38 -19.24 36.90
C ARG M 169 -48.64 -20.46 36.01
N LEU M 170 -47.88 -21.53 36.19
CA LEU M 170 -48.05 -22.74 35.35
C LEU M 170 -49.38 -23.44 35.56
N LEU M 171 -49.82 -23.55 36.80
CA LEU M 171 -51.05 -24.30 37.10
C LEU M 171 -52.29 -23.49 36.77
N GLY M 172 -52.11 -22.16 36.72
CA GLY M 172 -53.17 -21.21 36.45
C GLY M 172 -54.06 -20.99 37.67
N ASP M 173 -53.63 -21.52 38.82
CA ASP M 173 -54.49 -21.67 40.00
C ASP M 173 -53.62 -21.59 41.26
N ASP M 174 -53.94 -20.67 42.17
CA ASP M 174 -53.20 -20.51 43.44
C ASP M 174 -53.47 -21.59 44.48
N ALA M 175 -54.67 -22.15 44.47
CA ALA M 175 -55.11 -23.03 45.55
C ALA M 175 -54.23 -24.25 45.73
N PRO M 176 -54.01 -25.03 44.66
CA PRO M 176 -53.13 -26.19 44.90
C PRO M 176 -51.74 -25.77 45.44
N VAL M 177 -51.24 -24.63 44.96
CA VAL M 177 -49.94 -24.12 45.35
C VAL M 177 -49.93 -23.70 46.82
N ARG M 178 -50.94 -22.95 47.28
CA ARG M 178 -51.01 -22.56 48.71
C ARG M 178 -51.20 -23.76 49.64
N GLU M 179 -51.88 -24.78 49.17
CA GLU M 179 -52.01 -26.01 49.92
C GLU M 179 -50.65 -26.67 50.19
N GLN M 180 -49.75 -26.59 49.21
CA GLN M 180 -48.41 -27.15 49.37
C GLN M 180 -47.59 -26.29 50.32
N ALA M 181 -47.73 -24.98 50.15
CA ALA M 181 -47.07 -24.01 51.00
C ALA M 181 -47.46 -24.25 52.45
N GLU M 182 -48.77 -24.39 52.69
CA GLU M 182 -49.23 -24.68 54.06
C GLU M 182 -48.64 -25.99 54.50
N HIS M 183 -48.59 -26.97 53.60
CA HIS M 183 -48.14 -28.30 53.97
C HIS M 183 -46.64 -28.33 54.37
N ILE M 184 -45.81 -27.44 53.80
CA ILE M 184 -44.42 -27.33 54.25
C ILE M 184 -44.16 -26.15 55.19
N TYR M 185 -45.22 -25.45 55.61
CA TYR M 185 -45.17 -24.35 56.62
C TYR M 185 -44.42 -23.12 56.12
N TYR M 186 -44.55 -22.83 54.84
CA TYR M 186 -44.04 -21.58 54.29
C TYR M 186 -45.25 -20.68 54.06
N PRO M 187 -45.19 -19.45 54.58
CA PRO M 187 -46.34 -18.58 54.45
C PRO M 187 -46.37 -17.98 53.05
N TRP M 188 -47.42 -18.27 52.29
CA TRP M 188 -47.53 -17.72 50.92
C TRP M 188 -48.95 -17.28 50.63
N MET N 4 -11.82 -25.21 63.58
CA MET N 4 -12.94 -25.27 62.60
C MET N 4 -13.89 -26.42 62.92
N LYS N 5 -15.17 -26.18 62.69
CA LYS N 5 -16.21 -27.12 63.03
C LYS N 5 -16.48 -28.03 61.85
N LYS N 6 -16.87 -29.26 62.15
CA LYS N 6 -17.25 -30.25 61.14
C LYS N 6 -18.69 -30.68 61.37
N VAL N 7 -19.49 -30.68 60.30
CA VAL N 7 -20.84 -31.22 60.31
C VAL N 7 -20.96 -32.45 59.37
N ALA N 8 -21.66 -33.49 59.84
CA ALA N 8 -22.05 -34.62 58.99
C ALA N 8 -23.51 -34.42 58.59
N VAL N 9 -23.82 -34.57 57.31
CA VAL N 9 -25.21 -34.62 56.84
C VAL N 9 -25.45 -36.04 56.32
N LEU N 10 -26.35 -36.78 56.97
CA LEU N 10 -26.61 -38.18 56.65
C LEU N 10 -27.63 -38.30 55.53
N LEU N 11 -27.26 -39.04 54.47
CA LEU N 11 -28.07 -39.18 53.29
C LEU N 11 -28.45 -40.61 53.08
N ALA N 12 -29.71 -40.92 53.35
CA ALA N 12 -30.19 -42.23 53.18
C ALA N 12 -31.10 -42.19 51.96
N PRO N 13 -31.27 -43.36 51.31
CA PRO N 13 -32.13 -43.33 50.14
C PRO N 13 -33.42 -42.68 50.48
N GLY N 14 -33.88 -41.78 49.62
CA GLY N 14 -35.16 -41.13 49.80
C GLY N 14 -35.05 -39.87 50.65
N PHE N 15 -33.84 -39.45 51.00
CA PHE N 15 -33.70 -38.23 51.81
C PHE N 15 -34.38 -37.04 51.14
N GLU N 16 -34.87 -36.12 51.95
CA GLU N 16 -35.48 -34.95 51.44
C GLU N 16 -34.35 -34.05 51.00
N GLU N 17 -34.13 -33.97 49.69
CA GLU N 17 -33.06 -33.10 49.16
C GLU N 17 -33.14 -31.63 49.55
N ALA N 18 -34.31 -31.03 49.61
CA ALA N 18 -34.40 -29.58 49.77
C ALA N 18 -33.88 -29.16 51.14
N GLU N 19 -34.30 -29.91 52.15
CA GLU N 19 -33.93 -29.70 53.52
C GLU N 19 -32.42 -29.85 53.69
N ALA N 20 -31.88 -30.93 53.16
CA ALA N 20 -30.46 -31.22 53.30
C ALA N 20 -29.59 -30.20 52.55
N ILE N 21 -30.05 -29.80 51.38
CA ILE N 21 -29.26 -28.96 50.49
C ILE N 21 -29.26 -27.50 50.98
N VAL N 22 -30.38 -26.98 51.43
CA VAL N 22 -30.39 -25.61 51.92
C VAL N 22 -29.45 -25.54 53.14
N THR N 23 -29.59 -26.50 54.06
CA THR N 23 -28.80 -26.54 55.25
C THR N 23 -27.33 -26.59 54.89
N LEU N 24 -27.02 -27.46 53.95
CA LEU N 24 -25.67 -27.65 53.52
C LEU N 24 -25.13 -26.39 52.81
N ASP N 25 -25.94 -25.81 51.94
CA ASP N 25 -25.56 -24.58 51.26
C ASP N 25 -25.21 -23.46 52.27
N ILE N 26 -25.96 -23.35 53.37
CA ILE N 26 -25.73 -22.27 54.34
C ILE N 26 -24.41 -22.50 55.10
N LEU N 27 -24.21 -23.74 55.54
CA LEU N 27 -23.01 -24.12 56.25
C LEU N 27 -21.76 -23.86 55.42
N ARG N 28 -21.82 -24.19 54.15
CA ARG N 28 -20.67 -24.04 53.30
C ARG N 28 -20.39 -22.60 52.86
N ARG N 29 -21.41 -21.78 52.79
CA ARG N 29 -21.20 -20.32 52.62
C ARG N 29 -20.35 -19.77 53.77
N LEU N 30 -20.50 -20.38 54.95
CA LEU N 30 -19.76 -20.02 56.16
C LEU N 30 -18.40 -20.71 56.34
N HIS N 31 -18.04 -21.54 55.37
CA HIS N 31 -16.76 -22.25 55.43
C HIS N 31 -16.71 -23.25 56.59
N ILE N 32 -17.87 -23.65 57.07
CA ILE N 32 -17.94 -24.77 57.98
C ILE N 32 -17.65 -26.05 57.12
N ASP N 33 -16.81 -26.95 57.61
CA ASP N 33 -16.54 -28.24 56.95
C ASP N 33 -17.78 -29.10 57.03
N VAL N 34 -18.42 -29.42 55.92
CA VAL N 34 -19.52 -30.37 55.90
C VAL N 34 -19.11 -31.59 55.07
N GLU N 35 -19.49 -32.77 55.51
CA GLU N 35 -19.41 -33.99 54.69
C GLU N 35 -20.80 -34.61 54.61
N THR N 36 -21.27 -34.83 53.39
CA THR N 36 -22.46 -35.65 53.18
C THR N 36 -22.05 -37.12 53.33
N LEU N 37 -22.78 -37.88 54.12
CA LEU N 37 -22.46 -39.26 54.36
C LEU N 37 -23.61 -40.13 53.86
N ALA N 38 -23.34 -40.88 52.80
CA ALA N 38 -24.26 -41.86 52.30
C ALA N 38 -24.35 -42.97 53.33
N CYS N 39 -25.56 -43.21 53.76
CA CYS N 39 -25.86 -44.26 54.69
C CYS N 39 -26.20 -45.47 53.82
N ALA N 40 -25.18 -45.98 53.15
CA ALA N 40 -25.32 -46.97 52.09
C ALA N 40 -23.95 -47.52 51.75
N GLU N 41 -23.96 -48.56 50.92
CA GLU N 41 -22.69 -49.16 50.54
CA GLU N 41 -22.75 -49.24 50.42
C GLU N 41 -21.93 -48.34 49.49
N SER N 42 -22.58 -47.41 48.78
CA SER N 42 -21.80 -46.46 47.92
C SER N 42 -22.17 -45.01 48.23
N ARG N 43 -21.49 -44.10 47.54
CA ARG N 43 -21.75 -42.69 47.69
C ARG N 43 -23.01 -42.26 46.94
N ALA N 44 -23.50 -43.10 46.03
CA ALA N 44 -24.69 -42.74 45.26
C ALA N 44 -25.89 -42.90 46.13
N VAL N 45 -26.65 -41.82 46.28
CA VAL N 45 -27.94 -41.86 46.95
C VAL N 45 -28.98 -41.07 46.18
N VAL N 46 -30.19 -41.61 46.05
CA VAL N 46 -31.27 -40.91 45.36
C VAL N 46 -32.29 -40.31 46.33
N SER N 47 -32.58 -39.03 46.13
CA SER N 47 -33.38 -38.27 47.05
C SER N 47 -34.85 -38.56 46.84
N TYR N 48 -35.65 -38.03 47.73
CA TYR N 48 -37.08 -38.23 47.73
C TYR N 48 -37.72 -37.77 46.42
N HIS N 49 -37.28 -36.63 45.89
CA HIS N 49 -37.77 -36.12 44.63
C HIS N 49 -36.81 -36.44 43.49
N ASP N 50 -36.26 -37.65 43.53
CA ASP N 50 -35.64 -38.31 42.41
C ASP N 50 -34.31 -37.72 41.93
N ILE N 51 -33.52 -37.10 42.82
CA ILE N 51 -32.23 -36.58 42.35
C ILE N 51 -31.14 -37.49 42.82
N PRO N 52 -30.38 -38.12 41.89
CA PRO N 52 -29.24 -38.90 42.29
C PRO N 52 -28.13 -37.94 42.65
N MET N 53 -27.51 -38.19 43.77
CA MET N 53 -26.43 -37.37 44.26
C MET N 53 -25.25 -38.21 44.70
N VAL N 54 -24.04 -37.66 44.64
CA VAL N 54 -22.84 -38.34 45.14
C VAL N 54 -22.43 -37.71 46.49
N ALA N 55 -22.51 -38.50 47.55
CA ALA N 55 -22.05 -38.06 48.86
C ALA N 55 -20.54 -37.96 48.85
N ASP N 56 -20.02 -37.16 49.76
CA ASP N 56 -18.57 -36.98 49.92
C ASP N 56 -17.94 -38.24 50.45
N SER N 57 -18.71 -39.02 51.21
CA SER N 57 -18.22 -40.25 51.76
C SER N 57 -19.41 -41.12 52.20
N THR N 58 -19.12 -42.25 52.83
CA THR N 58 -20.15 -43.18 53.29
C THR N 58 -20.01 -43.23 54.77
N LEU N 59 -21.11 -43.57 55.42
CA LEU N 59 -21.15 -43.62 56.85
C LEU N 59 -20.15 -44.62 57.39
N SER N 60 -19.93 -45.74 56.69
CA SER N 60 -19.03 -46.77 57.22
C SER N 60 -17.58 -46.28 57.24
N GLU N 61 -17.25 -45.31 56.42
CA GLU N 61 -15.92 -44.74 56.46
C GLU N 61 -15.75 -43.73 57.57
N ARG N 62 -16.76 -43.51 58.41
CA ARG N 62 -16.68 -42.48 59.43
C ARG N 62 -17.11 -42.93 60.80
N GLN N 63 -16.90 -44.22 61.10
CA GLN N 63 -17.36 -44.77 62.37
C GLN N 63 -16.66 -44.21 63.60
N GLN N 64 -15.39 -43.81 63.49
CA GLN N 64 -14.69 -43.17 64.61
C GLN N 64 -14.60 -41.67 64.47
N ALA N 65 -15.22 -41.10 63.43
CA ALA N 65 -15.18 -39.65 63.28
C ALA N 65 -16.20 -39.07 64.22
N LEU N 66 -15.79 -38.01 64.92
CA LEU N 66 -16.69 -37.25 65.78
C LEU N 66 -16.92 -35.86 65.20
N PHE N 67 -18.12 -35.62 64.67
CA PHE N 67 -18.50 -34.33 64.13
C PHE N 67 -19.02 -33.42 65.25
N ASP N 68 -19.05 -32.10 65.02
CA ASP N 68 -19.58 -31.16 66.00
C ASP N 68 -21.09 -31.09 65.88
N ALA N 69 -21.62 -31.58 64.76
CA ALA N 69 -23.06 -31.59 64.52
C ALA N 69 -23.37 -32.70 63.52
N VAL N 70 -24.51 -33.33 63.70
CA VAL N 70 -25.02 -34.33 62.78
C VAL N 70 -26.42 -33.89 62.37
N VAL N 71 -26.64 -33.77 61.07
CA VAL N 71 -27.93 -33.32 60.52
C VAL N 71 -28.65 -34.50 59.94
N LEU N 72 -29.91 -34.64 60.35
CA LEU N 72 -30.73 -35.71 59.89
C LEU N 72 -31.91 -35.17 59.09
N PRO N 73 -31.74 -35.11 57.76
CA PRO N 73 -32.86 -34.72 56.90
C PRO N 73 -34.05 -35.65 57.10
N GLY N 74 -35.23 -35.15 56.81
CA GLY N 74 -36.44 -35.97 56.79
C GLY N 74 -36.64 -36.59 55.42
N GLY N 75 -37.89 -36.54 54.93
CA GLY N 75 -38.35 -37.32 53.80
C GLY N 75 -38.94 -38.60 54.35
N PRO N 76 -40.11 -39.05 53.84
CA PRO N 76 -40.78 -40.18 54.47
C PRO N 76 -40.00 -41.49 54.42
N GLN N 77 -39.48 -41.85 53.26
CA GLN N 77 -38.63 -43.04 53.19
C GLN N 77 -37.23 -42.75 53.76
N GLY N 78 -36.72 -41.55 53.55
CA GLY N 78 -35.41 -41.21 54.08
C GLY N 78 -35.29 -41.48 55.57
N SER N 79 -36.25 -40.97 56.35
CA SER N 79 -36.20 -41.14 57.79
C SER N 79 -36.54 -42.59 58.20
N ALA N 80 -37.48 -43.24 57.51
CA ALA N 80 -37.63 -44.70 57.70
C ALA N 80 -36.32 -45.44 57.49
N ASN N 81 -35.63 -45.10 56.42
CA ASN N 81 -34.41 -45.79 56.05
C ASN N 81 -33.27 -45.45 57.01
N LEU N 82 -33.19 -44.20 57.51
CA LEU N 82 -32.29 -43.88 58.63
C LEU N 82 -32.65 -44.71 59.88
N ALA N 83 -33.93 -44.86 60.17
CA ALA N 83 -34.36 -45.55 61.40
C ALA N 83 -34.01 -47.03 61.39
N ALA N 84 -33.99 -47.65 60.21
CA ALA N 84 -33.73 -49.09 60.07
C ALA N 84 -32.24 -49.43 60.01
N ASN N 85 -31.39 -48.41 59.98
CA ASN N 85 -29.98 -48.67 59.79
C ASN N 85 -29.25 -48.67 61.15
N PRO N 86 -28.73 -49.83 61.55
CA PRO N 86 -28.02 -49.95 62.82
C PRO N 86 -26.81 -49.02 62.91
N ALA N 87 -26.11 -48.77 61.80
CA ALA N 87 -24.96 -47.89 61.85
C ALA N 87 -25.37 -46.43 62.10
N VAL N 88 -26.55 -46.04 61.63
CA VAL N 88 -27.06 -44.70 61.83
C VAL N 88 -27.37 -44.50 63.30
N ILE N 89 -28.09 -45.47 63.89
CA ILE N 89 -28.37 -45.42 65.30
C ILE N 89 -27.07 -45.35 66.09
N ALA N 90 -26.10 -46.19 65.77
CA ALA N 90 -24.81 -46.13 66.51
C ALA N 90 -24.17 -44.74 66.47
N PHE N 91 -24.23 -44.13 65.30
CA PHE N 91 -23.48 -42.92 65.00
C PHE N 91 -24.14 -41.73 65.74
N VAL N 92 -25.45 -41.62 65.59
CA VAL N 92 -26.24 -40.66 66.32
C VAL N 92 -26.04 -40.86 67.82
N ALA N 93 -26.25 -42.08 68.29
CA ALA N 93 -26.11 -42.39 69.69
C ALA N 93 -24.78 -41.92 70.30
N ARG N 94 -23.72 -42.26 69.61
CA ARG N 94 -22.39 -41.91 70.07
C ARG N 94 -22.24 -40.39 70.10
N HIS N 95 -22.72 -39.70 69.07
CA HIS N 95 -22.59 -38.23 69.05
C HIS N 95 -23.41 -37.55 70.15
N ASP N 96 -24.61 -38.08 70.39
CA ASP N 96 -25.48 -37.51 71.38
C ASP N 96 -24.88 -37.66 72.78
N ALA N 97 -24.28 -38.80 73.03
CA ALA N 97 -23.61 -39.06 74.31
C ALA N 97 -22.37 -38.20 74.51
N ALA N 98 -21.72 -37.81 73.41
CA ALA N 98 -20.54 -36.93 73.49
C ALA N 98 -20.99 -35.49 73.58
N GLY N 99 -22.30 -35.26 73.61
CA GLY N 99 -22.86 -33.91 73.63
C GLY N 99 -22.73 -33.14 72.34
N LYS N 100 -22.53 -33.81 71.22
CA LYS N 100 -22.42 -33.09 69.97
C LYS N 100 -23.82 -32.72 69.48
N LEU N 101 -23.95 -31.76 68.56
CA LEU N 101 -25.28 -31.33 68.11
C LEU N 101 -26.01 -32.40 67.25
N ILE N 102 -27.22 -32.76 67.66
CA ILE N 102 -28.10 -33.66 66.91
C ILE N 102 -29.20 -32.80 66.31
N CYS N 103 -29.30 -32.80 64.99
CA CYS N 103 -30.07 -31.77 64.29
C CYS N 103 -31.03 -32.37 63.28
N PRO N 104 -32.16 -32.89 63.77
CA PRO N 104 -33.13 -33.46 62.86
C PRO N 104 -34.04 -32.42 62.25
N ILE N 105 -34.51 -32.68 61.05
CA ILE N 105 -35.47 -31.76 60.44
C ILE N 105 -36.66 -32.53 59.88
N ALA N 106 -37.83 -31.91 60.08
CA ALA N 106 -39.09 -32.44 59.56
C ALA N 106 -39.40 -33.76 60.25
N SER N 107 -39.51 -34.86 59.49
CA SER N 107 -39.89 -36.16 60.11
C SER N 107 -38.77 -36.88 60.86
N ALA N 108 -37.51 -36.45 60.70
CA ALA N 108 -36.41 -37.15 61.35
C ALA N 108 -36.57 -37.28 62.86
N ALA N 109 -37.03 -36.23 63.52
CA ALA N 109 -37.05 -36.24 64.99
C ALA N 109 -38.02 -37.30 65.52
N ALA N 110 -39.18 -37.44 64.88
CA ALA N 110 -40.14 -38.50 65.20
C ALA N 110 -39.69 -39.90 64.77
N ARG N 111 -39.17 -40.03 63.56
CA ARG N 111 -38.94 -41.37 62.97
C ARG N 111 -37.62 -42.00 63.38
N VAL N 112 -36.58 -41.19 63.54
CA VAL N 112 -35.27 -41.72 63.85
C VAL N 112 -35.02 -41.75 65.37
N LEU N 113 -35.27 -40.64 66.04
CA LEU N 113 -34.96 -40.52 67.47
C LEU N 113 -36.13 -41.00 68.30
N GLY N 114 -37.30 -40.43 68.04
CA GLY N 114 -38.49 -40.75 68.82
C GLY N 114 -38.87 -42.22 68.74
N ALA N 115 -38.91 -42.76 67.51
CA ALA N 115 -39.23 -44.19 67.29
C ALA N 115 -38.23 -45.12 67.97
N HIS N 116 -37.04 -44.63 68.29
CA HIS N 116 -36.05 -45.44 68.96
C HIS N 116 -35.86 -45.03 70.39
N GLY N 117 -36.82 -44.26 70.88
CA GLY N 117 -36.77 -43.75 72.22
C GLY N 117 -35.43 -43.10 72.52
N LEU N 118 -34.91 -42.25 71.63
CA LEU N 118 -33.63 -41.54 71.88
C LEU N 118 -33.81 -40.02 72.05
N LEU N 119 -35.01 -39.59 72.37
CA LEU N 119 -35.25 -38.17 72.54
C LEU N 119 -34.86 -37.73 73.94
N LYS N 120 -34.70 -38.68 74.87
CA LYS N 120 -34.36 -38.43 76.28
C LYS N 120 -35.24 -37.35 76.91
N GLY N 121 -36.53 -37.40 76.58
CA GLY N 121 -37.50 -36.49 77.18
C GLY N 121 -37.37 -35.06 76.69
N ARG N 122 -36.54 -34.82 75.69
CA ARG N 122 -36.30 -33.45 75.24
C ARG N 122 -37.45 -32.85 74.46
N ARG N 123 -37.49 -31.54 74.44
CA ARG N 123 -38.37 -30.78 73.57
C ARG N 123 -37.82 -30.87 72.15
N TYR N 124 -38.73 -31.01 71.18
CA TYR N 124 -38.39 -31.17 69.77
C TYR N 124 -39.60 -30.77 68.95
N VAL N 125 -39.38 -30.49 67.68
CA VAL N 125 -40.48 -30.29 66.76
C VAL N 125 -40.26 -31.25 65.58
N CYS N 126 -41.36 -31.59 64.90
CA CYS N 126 -41.31 -32.42 63.72
C CYS N 126 -42.43 -31.96 62.84
N SER N 127 -42.53 -32.56 61.66
CA SER N 127 -43.57 -32.24 60.69
C SER N 127 -44.85 -33.07 60.96
N GLY N 128 -45.99 -32.50 60.59
CA GLY N 128 -47.26 -33.20 60.72
C GLY N 128 -47.64 -33.57 62.14
N ASP N 129 -48.37 -34.68 62.26
CA ASP N 129 -48.82 -35.20 63.56
C ASP N 129 -48.04 -36.45 63.98
N LEU N 130 -46.82 -36.58 63.45
CA LEU N 130 -45.92 -37.71 63.76
C LEU N 130 -45.63 -37.78 65.25
N TRP N 131 -45.58 -36.60 65.89
CA TRP N 131 -45.38 -36.50 67.34
C TRP N 131 -46.36 -37.34 68.17
N LYS N 132 -47.60 -37.48 67.70
CA LYS N 132 -48.63 -38.22 68.43
C LYS N 132 -48.23 -39.66 68.72
N ALA N 133 -47.48 -40.27 67.81
CA ALA N 133 -46.98 -41.63 67.98
C ALA N 133 -45.63 -41.75 68.75
N VAL N 134 -45.11 -40.63 69.31
CA VAL N 134 -43.81 -40.65 69.99
C VAL N 134 -43.97 -40.61 71.52
N PRO N 135 -43.56 -41.69 72.20
CA PRO N 135 -43.85 -41.81 73.63
C PRO N 135 -42.96 -41.00 74.59
N GLU N 136 -41.76 -40.56 74.21
CA GLU N 136 -40.87 -39.92 75.20
C GLU N 136 -40.13 -38.64 74.75
N GLY N 137 -40.80 -37.79 73.99
CA GLY N 137 -40.29 -36.43 73.80
C GLY N 137 -41.35 -35.43 74.15
N VAL N 138 -41.02 -34.15 74.15
CA VAL N 138 -42.05 -33.14 74.30
C VAL N 138 -42.15 -32.39 72.99
N TYR N 139 -43.26 -32.62 72.28
CA TYR N 139 -43.49 -31.92 71.03
C TYR N 139 -43.77 -30.47 71.34
N VAL N 140 -43.06 -29.57 70.66
CA VAL N 140 -43.30 -28.14 70.69
C VAL N 140 -43.48 -27.63 69.24
N ASP N 141 -44.60 -26.98 68.98
CA ASP N 141 -44.85 -26.34 67.70
C ASP N 141 -44.12 -24.97 67.55
N ALA N 142 -42.99 -25.00 66.87
CA ALA N 142 -42.20 -23.84 66.62
C ALA N 142 -41.34 -24.14 65.41
N PRO N 143 -40.90 -23.09 64.68
CA PRO N 143 -40.03 -23.29 63.50
C PRO N 143 -38.81 -24.09 63.88
N VAL N 144 -38.22 -23.73 65.02
CA VAL N 144 -37.01 -24.35 65.49
C VAL N 144 -37.10 -24.50 67.01
N VAL N 145 -36.62 -25.63 67.50
CA VAL N 145 -36.66 -25.97 68.90
C VAL N 145 -35.27 -26.44 69.29
N GLU N 146 -34.71 -25.82 70.32
CA GLU N 146 -33.39 -26.20 70.87
C GLU N 146 -33.58 -26.62 72.29
N ASP N 147 -33.16 -27.85 72.60
CA ASP N 147 -33.10 -28.30 73.98
C ASP N 147 -31.73 -28.98 74.18
N GLY N 148 -30.84 -28.31 74.89
CA GLY N 148 -29.46 -28.78 75.03
C GLY N 148 -28.77 -28.94 73.69
N ASN N 149 -28.28 -30.15 73.41
CA ASN N 149 -27.60 -30.39 72.16
C ASN N 149 -28.56 -30.83 71.03
N LEU N 150 -29.86 -30.79 71.28
CA LEU N 150 -30.85 -31.21 70.28
C LEU N 150 -31.43 -29.98 69.62
N ILE N 151 -31.22 -29.85 68.32
CA ILE N 151 -31.73 -28.73 67.56
C ILE N 151 -32.60 -29.25 66.43
N SER N 152 -33.90 -29.07 66.56
CA SER N 152 -34.84 -29.61 65.59
C SER N 152 -35.54 -28.53 64.79
N GLY N 153 -35.78 -28.88 63.53
CA GLY N 153 -36.41 -28.02 62.57
C GLY N 153 -37.73 -28.63 62.14
N LYS N 154 -38.73 -27.78 62.01
CA LYS N 154 -40.11 -28.26 61.86
C LYS N 154 -40.39 -28.86 60.49
N GLY N 155 -39.84 -28.22 59.47
CA GLY N 155 -40.06 -28.63 58.11
C GLY N 155 -39.45 -27.65 57.13
N LEU N 156 -39.58 -28.01 55.87
CA LEU N 156 -38.90 -27.32 54.79
C LEU N 156 -39.03 -25.80 54.78
N GLY N 157 -40.24 -25.30 54.95
CA GLY N 157 -40.49 -23.84 54.99
C GLY N 157 -39.76 -23.10 56.08
N HIS N 158 -39.24 -23.83 57.05
CA HIS N 158 -38.46 -23.24 58.12
C HIS N 158 -36.97 -23.58 58.02
N VAL N 159 -36.55 -24.06 56.86
CA VAL N 159 -35.22 -24.58 56.74
C VAL N 159 -34.13 -23.52 56.92
N PHE N 160 -34.38 -22.30 56.48
CA PHE N 160 -33.36 -21.25 56.67
C PHE N 160 -33.14 -20.96 58.16
N ASP N 161 -34.25 -20.86 58.88
CA ASP N 161 -34.20 -20.61 60.32
CA ASP N 161 -34.19 -20.59 60.34
C ASP N 161 -33.40 -21.72 60.97
N PHE N 162 -33.65 -22.96 60.52
CA PHE N 162 -32.96 -24.12 61.04
C PHE N 162 -31.45 -24.03 60.80
N ALA N 163 -31.08 -23.80 59.55
CA ALA N 163 -29.68 -23.71 59.14
C ALA N 163 -28.89 -22.56 59.80
N LEU N 164 -29.51 -21.39 59.86
CA LEU N 164 -28.86 -20.20 60.44
C LEU N 164 -28.70 -20.37 61.95
N THR N 165 -29.73 -20.90 62.60
CA THR N 165 -29.62 -21.26 64.02
C THR N 165 -28.44 -22.22 64.33
N LEU N 166 -28.36 -23.31 63.55
CA LEU N 166 -27.31 -24.27 63.70
C LEU N 166 -25.97 -23.61 63.52
N SER N 167 -25.85 -22.86 62.44
CA SER N 167 -24.61 -22.15 62.12
C SER N 167 -24.17 -21.18 63.22
N ALA N 168 -25.08 -20.33 63.68
CA ALA N 168 -24.75 -19.41 64.76
C ALA N 168 -24.25 -20.18 65.95
N ARG N 169 -24.92 -21.29 66.20
CA ARG N 169 -24.64 -22.11 67.35
C ARG N 169 -23.26 -22.76 67.19
N LEU N 170 -22.97 -23.29 65.99
CA LEU N 170 -21.66 -23.84 65.75
C LEU N 170 -20.55 -22.77 65.84
N LEU N 171 -20.74 -21.67 65.13
CA LEU N 171 -19.73 -20.62 65.11
C LEU N 171 -19.58 -19.87 66.44
N GLY N 172 -20.65 -19.73 67.21
CA GLY N 172 -20.60 -18.97 68.47
C GLY N 172 -20.54 -17.47 68.25
N ASP N 173 -20.82 -17.02 67.04
CA ASP N 173 -20.70 -15.63 66.70
C ASP N 173 -21.68 -15.40 65.57
N ASP N 174 -22.62 -14.47 65.78
CA ASP N 174 -23.72 -14.22 64.84
C ASP N 174 -23.25 -13.45 63.63
N ALA N 175 -22.15 -12.71 63.77
CA ALA N 175 -21.75 -11.72 62.77
C ALA N 175 -21.51 -12.36 61.39
N PRO N 176 -20.70 -13.40 61.32
CA PRO N 176 -20.54 -14.07 60.01
C PRO N 176 -21.85 -14.62 59.45
N VAL N 177 -22.71 -15.10 60.35
CA VAL N 177 -23.96 -15.72 59.95
C VAL N 177 -24.87 -14.65 59.39
N ARG N 178 -25.03 -13.54 60.10
CA ARG N 178 -25.83 -12.46 59.55
C ARG N 178 -25.26 -11.95 58.24
N GLU N 179 -23.95 -11.82 58.14
CA GLU N 179 -23.36 -11.41 56.87
C GLU N 179 -23.77 -12.33 55.69
N GLN N 180 -23.81 -13.65 55.91
CA GLN N 180 -24.22 -14.54 54.82
C GLN N 180 -25.72 -14.45 54.51
N ALA N 181 -26.50 -14.27 55.57
CA ALA N 181 -27.96 -14.17 55.41
C ALA N 181 -28.28 -12.92 54.64
N GLU N 182 -27.52 -11.84 54.91
CA GLU N 182 -27.73 -10.61 54.16
C GLU N 182 -27.37 -10.78 52.69
N HIS N 183 -26.30 -11.51 52.42
CA HIS N 183 -25.88 -11.76 51.04
C HIS N 183 -26.96 -12.51 50.22
N ILE N 184 -27.74 -13.40 50.85
CA ILE N 184 -28.83 -14.11 50.16
C ILE N 184 -30.20 -13.51 50.35
N TYR N 185 -30.26 -12.35 50.98
CA TYR N 185 -31.50 -11.62 51.19
C TYR N 185 -32.51 -12.40 52.05
N TYR N 186 -32.00 -13.07 53.10
CA TYR N 186 -32.85 -13.72 54.11
C TYR N 186 -32.70 -12.95 55.42
N PRO N 187 -33.80 -12.45 55.97
CA PRO N 187 -33.73 -11.60 57.18
C PRO N 187 -33.26 -12.39 58.43
N TRP N 188 -32.06 -12.06 58.91
CA TRP N 188 -31.51 -12.70 60.12
C TRP N 188 -30.62 -11.73 60.87
ZN ZN O . -18.92 -59.50 37.77
ZN ZN P . -24.31 -50.69 25.92
ZN ZN Q . 4.68 -9.64 26.92
ZN ZN R . 12.39 -9.77 13.18
ZN ZN S . -0.97 31.41 -11.29
ZN ZN T . 12.08 40.40 -11.22
ZN ZN U . 27.54 44.52 -58.15
ZN ZN V . 24.36 59.51 -62.06
ZN ZN W . 28.06 18.20 -31.66
ZN ZN X . 28.80 14.18 -16.33
ZN ZN Y . -16.25 -3.40 -4.34
ZN ZN Z . -13.84 -18.59 -1.09
ZN ZN AA . -25.19 -23.39 47.33
ZN ZN BA . -37.98 -32.64 47.78
#